data_6PZY
#
_entry.id   6PZY
#
loop_
_entity.id
_entity.type
_entity.pdbx_description
1 polymer Neuraminidase
2 polymer 'NA-73 fragment antibody heavy chain'
3 polymer 'NA-73 fragment antibody light chain'
4 branched alpha-D-mannopyranose-(1-2)-alpha-D-mannopyranose-(1-2)-alpha-D-mannopyranose-(1-3)-[alpha-D-mannopyranose-(1-3)-[alpha-D-mannopyranose-(1-6)]alpha-D-mannopyranose-(1-6)]beta-D-mannopyranose-(1-4)-2-acetamido-2-deoxy-beta-D-glucopyranose-(1-4)-2-acetamido-2-deoxy-beta-D-glucopyranose
5 branched 2-acetamido-2-deoxy-beta-D-glucopyranose-(1-4)-2-acetamido-2-deoxy-beta-D-glucopyranose
6 non-polymer 2-acetamido-2-deoxy-beta-D-glucopyranose
#
loop_
_entity_poly.entity_id
_entity_poly.type
_entity_poly.pdbx_seq_one_letter_code
_entity_poly.pdbx_strand_id
1 'polypeptide(L)'
;LKPGCNCSHSQPETTNTSQTIINNYYNETNITNIQMEERTSRNFNNLTKGLCTINSWHIYGKDNAVRIGESSDVLVTREP
YVSCDPDECRFYALSQGTTIRGKHSNGTIHDRSQYRALISWPLSSPPTVYNSRVECIGWSSTSCHDGKSRMSICISGPNN
NASAVVWYNRRPVAEINTWARNILRTQESECVCHNGVCPVVFTDGSATGPADTRIYYFKEGKILKWESLTGTAKHIEECS
CYGERTGITCTCRDNWQGSNRPVIQIDPVAMTHTSQYICSPVLTDNPRPNDPNIGKCNDPYPGNNNNGVKGFSYLDGANT
WLGRTISTASRSGYEMLKVPNALTDDRSKPIQGQTIVLNADWSGYSGSFMDYWAEGDCYRACFYVELIRGRPKEDKVWWT
SNSIVSMCSSTEFLGQWNWPDGAKIEYFL
;
A,B,E,F
2 'polypeptide(L)'
;QVQLEESGPGLVKPSETLSLTCTVSGYTISSGYYWGWIRQPPGKGLEWIGCNNHRGSSYYNPSLKSRVIISVDTTKNKFS
LKLSSVTAADTAVYYCARDPSFWSSTSRTSPYYYGMDVWGQGTLVTVSSASTKGPSVFPLAPSSKSTSGGTAALGCLVKD
YFPEPVTVSWNSGALTSGVHTFPAVLQSSGLYSLSSVVTVPSSSLGTQTYICNVNHKPSNTKVDKRVEPKSC
;
C,G,H,I
3 'polypeptide(L)'
;QSVLTQPPSASGTPGQRVTISCSGSSSNIGINTVNWYQQLPGTAPKLLIYSNNQRPSGVPDRFSGSKSGTSASLAISGLQ
SEDEADYYCAAWDDNLNGWVFGGGTKLTVLGQPKAAPSVTLFPPSSEELQANKATLVCLISDFYPGAVTVAWKADSSPVK
AGVETTTPSKQSNNKYAASSYLSLTPEQWKSHRSYSCQVTHEGSTVEKTVAPTECS
;
D,J,K,L
#
loop_
_chem_comp.id
_chem_comp.type
_chem_comp.name
_chem_comp.formula
BMA D-saccharide, beta linking beta-D-mannopyranose 'C6 H12 O6'
MAN D-saccharide, alpha linking alpha-D-mannopyranose 'C6 H12 O6'
NAG D-saccharide, beta linking 2-acetamido-2-deoxy-beta-D-glucopyranose 'C8 H15 N O6'
#
# COMPACT_ATOMS: atom_id res chain seq x y z
N ARG A 42 -12.87 31.69 11.47
CA ARG A 42 -12.68 32.28 10.16
C ARG A 42 -13.91 33.06 9.74
N ASN A 43 -14.03 33.32 8.45
CA ASN A 43 -15.14 34.07 7.95
C ASN A 43 -15.40 33.62 6.53
N PHE A 44 -16.39 34.17 5.89
CA PHE A 44 -16.67 33.73 4.55
C PHE A 44 -15.80 34.41 3.54
N ASN A 45 -15.47 33.69 2.50
CA ASN A 45 -14.72 34.28 1.41
C ASN A 45 -15.60 35.23 0.63
N ASN A 46 -15.08 36.41 0.30
CA ASN A 46 -15.80 37.37 -0.52
C ASN A 46 -15.11 37.58 -1.86
N LEU A 47 -15.90 37.75 -2.90
CA LEU A 47 -15.35 38.00 -4.22
C LEU A 47 -15.00 39.45 -4.43
N THR A 48 -13.80 39.81 -4.01
CA THR A 48 -13.38 41.21 -4.07
C THR A 48 -12.24 41.56 -5.02
N LYS A 49 -11.45 40.58 -5.45
CA LYS A 49 -10.26 40.88 -6.24
C LYS A 49 -10.54 40.73 -7.73
N GLY A 50 -9.68 41.28 -8.57
CA GLY A 50 -9.94 41.16 -10.02
C GLY A 50 -9.19 40.00 -10.59
N LEU A 51 -9.24 39.79 -11.90
CA LEU A 51 -8.42 38.71 -12.45
C LEU A 51 -7.07 39.26 -12.82
N CYS A 52 -6.06 38.44 -12.71
CA CYS A 52 -4.72 38.84 -13.11
C CYS A 52 -4.62 38.84 -14.63
N THR A 53 -3.71 39.63 -15.16
CA THR A 53 -3.45 39.62 -16.59
C THR A 53 -2.91 38.27 -17.01
N ILE A 54 -3.44 37.68 -18.06
CA ILE A 54 -2.92 36.40 -18.49
C ILE A 54 -2.11 36.52 -19.75
N ASN A 55 -0.81 36.33 -19.63
CA ASN A 55 0.07 36.38 -20.77
C ASN A 55 0.44 34.98 -21.21
N SER A 56 0.52 34.06 -20.26
CA SER A 56 0.85 32.68 -20.57
C SER A 56 0.41 31.74 -19.47
N TRP A 57 0.44 30.44 -19.75
CA TRP A 57 0.08 29.46 -18.73
C TRP A 57 1.28 28.60 -18.31
N HIS A 58 1.33 28.19 -17.04
CA HIS A 58 2.43 27.34 -16.57
C HIS A 58 1.88 26.16 -15.79
N ILE A 59 2.64 25.09 -15.73
CA ILE A 59 2.09 23.94 -15.04
C ILE A 59 1.94 24.13 -13.56
N TYR A 60 0.80 23.68 -13.06
CA TYR A 60 0.43 23.74 -11.67
C TYR A 60 0.54 22.36 -11.05
N GLY A 61 0.01 21.35 -11.73
CA GLY A 61 0.04 19.99 -11.18
C GLY A 61 -0.26 18.91 -12.22
N LYS A 62 0.03 17.66 -11.86
CA LYS A 62 -0.17 16.50 -12.72
C LYS A 62 0.00 15.22 -11.93
N ASP A 63 -0.93 14.28 -12.03
CA ASP A 63 -0.75 13.06 -11.21
C ASP A 63 -0.06 11.86 -11.83
N ASN A 64 -0.11 11.74 -13.14
CA ASN A 64 0.44 10.60 -13.87
C ASN A 64 -0.23 9.34 -13.38
N ALA A 65 -1.52 9.41 -13.12
CA ALA A 65 -2.22 8.26 -12.57
C ALA A 65 -2.12 6.99 -13.37
N VAL A 66 -2.15 7.03 -14.68
CA VAL A 66 -2.13 5.74 -15.36
C VAL A 66 -0.74 5.10 -15.33
N ARG A 67 0.30 5.88 -15.57
CA ARG A 67 1.65 5.33 -15.55
C ARG A 67 1.97 4.63 -14.26
N ILE A 68 1.51 5.20 -13.15
CA ILE A 68 1.70 4.62 -11.84
C ILE A 68 0.81 3.41 -11.69
N GLY A 69 -0.44 3.53 -12.12
CA GLY A 69 -1.45 2.50 -11.99
C GLY A 69 -1.05 1.19 -12.61
N GLU A 70 -0.25 1.22 -13.64
CA GLU A 70 0.16 -0.03 -14.27
C GLU A 70 0.68 -1.03 -13.26
N SER A 71 1.40 -0.61 -12.22
CA SER A 71 1.94 -1.56 -11.28
C SER A 71 1.54 -1.30 -9.85
N SER A 72 0.46 -0.58 -9.61
CA SER A 72 0.12 -0.25 -8.22
C SER A 72 -1.38 -0.08 -7.97
N ASP A 73 -1.76 0.04 -6.70
CA ASP A 73 -3.18 0.09 -6.37
C ASP A 73 -3.82 1.47 -6.49
N VAL A 74 -4.02 1.84 -7.75
CA VAL A 74 -4.57 3.12 -8.18
C VAL A 74 -5.97 2.89 -8.67
N LEU A 75 -6.89 3.73 -8.24
CA LEU A 75 -8.29 3.63 -8.57
C LEU A 75 -8.64 4.10 -9.96
N VAL A 76 -9.68 3.52 -10.49
CA VAL A 76 -10.23 3.95 -11.76
C VAL A 76 -11.18 5.10 -11.53
N THR A 77 -10.94 6.21 -12.22
CA THR A 77 -11.76 7.40 -12.11
C THR A 77 -12.13 8.00 -13.44
N ARG A 78 -13.05 8.96 -13.37
CA ARG A 78 -13.49 9.88 -14.42
C ARG A 78 -13.95 11.21 -13.86
N GLU A 79 -14.08 12.20 -14.73
CA GLU A 79 -14.62 13.50 -14.37
C GLU A 79 -13.88 14.18 -13.24
N PRO A 80 -12.58 14.40 -13.35
CA PRO A 80 -11.80 15.01 -12.34
C PRO A 80 -12.03 16.49 -12.31
N TYR A 81 -11.71 17.11 -11.20
CA TYR A 81 -11.69 18.55 -11.07
C TYR A 81 -10.78 18.98 -9.95
N VAL A 82 -10.51 20.27 -9.87
CA VAL A 82 -9.63 20.76 -8.84
C VAL A 82 -10.35 21.75 -7.97
N SER A 83 -10.15 21.68 -6.67
CA SER A 83 -10.77 22.66 -5.79
C SER A 83 -9.91 22.89 -4.57
N CYS A 84 -9.89 24.12 -4.09
CA CYS A 84 -9.03 24.43 -2.95
C CYS A 84 -9.79 24.88 -1.72
N ASP A 85 -9.28 24.47 -0.57
CA ASP A 85 -9.76 24.93 0.72
C ASP A 85 -8.87 26.13 1.02
N PRO A 86 -9.03 26.89 2.10
CA PRO A 86 -8.20 28.03 2.42
C PRO A 86 -6.72 27.75 2.54
N ASP A 87 -6.34 26.53 2.84
CA ASP A 87 -4.95 26.21 2.98
C ASP A 87 -4.49 24.96 2.24
N GLU A 88 -5.31 24.45 1.33
CA GLU A 88 -4.93 23.21 0.65
C GLU A 88 -5.61 22.98 -0.68
N CYS A 89 -4.89 22.50 -1.67
CA CYS A 89 -5.57 22.14 -2.90
C CYS A 89 -5.55 20.65 -3.12
N ARG A 90 -6.69 20.14 -3.56
CA ARG A 90 -6.86 18.73 -3.80
C ARG A 90 -7.53 18.43 -5.13
N PHE A 91 -7.30 17.23 -5.62
CA PHE A 91 -7.98 16.76 -6.79
C PHE A 91 -9.23 16.06 -6.36
N TYR A 92 -10.25 16.18 -7.15
CA TYR A 92 -11.50 15.50 -6.91
C TYR A 92 -11.84 14.68 -8.13
N ALA A 93 -12.47 13.53 -7.93
CA ALA A 93 -12.91 12.74 -9.10
C ALA A 93 -13.95 11.72 -8.71
N LEU A 94 -14.65 11.18 -9.68
CA LEU A 94 -15.57 10.11 -9.39
C LEU A 94 -14.95 8.77 -9.69
N SER A 95 -14.85 7.94 -8.67
CA SER A 95 -14.24 6.64 -8.81
C SER A 95 -15.25 5.62 -9.23
N GLN A 96 -14.77 4.51 -9.79
CA GLN A 96 -15.60 3.38 -10.20
C GLN A 96 -15.66 2.22 -9.24
N GLY A 97 -15.07 2.37 -8.06
CA GLY A 97 -15.13 1.28 -7.10
C GLY A 97 -14.25 0.10 -7.44
N THR A 98 -13.15 0.36 -8.13
CA THR A 98 -12.21 -0.66 -8.56
C THR A 98 -10.87 -0.10 -8.88
N THR A 99 -9.84 -0.93 -8.81
CA THR A 99 -8.50 -0.55 -9.20
C THR A 99 -8.27 -0.79 -10.67
N ILE A 100 -7.26 -0.16 -11.23
CA ILE A 100 -6.99 -0.26 -12.65
C ILE A 100 -6.67 -1.65 -13.11
N ARG A 101 -5.91 -2.37 -12.33
CA ARG A 101 -5.51 -3.70 -12.74
C ARG A 101 -6.40 -4.79 -12.16
N GLY A 102 -7.51 -4.42 -11.53
CA GLY A 102 -8.32 -5.46 -10.95
C GLY A 102 -9.24 -6.02 -12.00
N LYS A 103 -9.95 -7.08 -11.68
CA LYS A 103 -10.83 -7.65 -12.69
C LYS A 103 -12.14 -6.94 -12.75
N HIS A 104 -12.40 -6.09 -11.77
CA HIS A 104 -13.64 -5.37 -11.79
C HIS A 104 -13.49 -4.13 -12.64
N SER A 105 -12.30 -3.96 -13.22
CA SER A 105 -12.05 -2.80 -14.12
C SER A 105 -12.69 -3.06 -15.49
N ASN A 106 -13.21 -4.26 -15.68
CA ASN A 106 -13.83 -4.65 -16.98
C ASN A 106 -15.20 -3.99 -17.08
N GLY A 107 -15.36 -3.04 -18.00
CA GLY A 107 -16.69 -2.44 -18.25
C GLY A 107 -16.83 -1.08 -17.60
N THR A 108 -15.76 -0.57 -16.98
CA THR A 108 -15.79 0.76 -16.37
C THR A 108 -16.23 1.88 -17.28
N ILE A 109 -16.47 1.58 -18.53
CA ILE A 109 -16.95 2.59 -19.43
C ILE A 109 -18.29 3.18 -19.06
N HIS A 110 -19.16 2.44 -18.37
CA HIS A 110 -20.45 3.02 -18.01
C HIS A 110 -20.30 3.96 -16.83
N ASP A 111 -20.95 5.11 -16.90
CA ASP A 111 -20.86 6.12 -15.85
C ASP A 111 -21.96 6.27 -14.81
N ARG A 112 -22.98 5.44 -14.80
CA ARG A 112 -23.98 5.57 -13.75
C ARG A 112 -24.18 4.27 -13.05
N SER A 113 -23.63 4.15 -11.86
CA SER A 113 -23.75 2.92 -11.13
C SER A 113 -23.70 3.19 -9.66
N GLN A 114 -24.09 2.18 -8.93
CA GLN A 114 -24.12 2.18 -7.50
C GLN A 114 -22.78 1.90 -6.87
N TYR A 115 -21.74 1.87 -7.69
CA TYR A 115 -20.41 1.67 -7.18
C TYR A 115 -19.59 2.93 -7.32
N ARG A 116 -20.21 4.03 -7.76
CA ARG A 116 -19.48 5.28 -7.94
C ARG A 116 -19.51 6.19 -6.75
N ALA A 117 -18.39 6.89 -6.55
CA ALA A 117 -18.30 7.82 -5.44
C ALA A 117 -17.34 8.95 -5.70
N LEU A 118 -17.51 10.03 -4.98
CA LEU A 118 -16.63 11.17 -5.10
C LEU A 118 -15.54 11.10 -4.11
N ILE A 119 -14.32 11.16 -4.61
CA ILE A 119 -13.16 11.06 -3.78
C ILE A 119 -12.31 12.28 -3.93
N SER A 120 -11.42 12.46 -2.97
CA SER A 120 -10.51 13.58 -2.95
C SER A 120 -9.13 13.19 -2.49
N TRP A 121 -8.11 13.69 -3.17
CA TRP A 121 -6.76 13.33 -2.78
C TRP A 121 -5.83 14.52 -3.08
N PRO A 122 -4.63 14.60 -2.49
CA PRO A 122 -3.69 15.70 -2.63
C PRO A 122 -3.22 15.96 -4.04
N LEU A 123 -3.00 17.22 -4.39
CA LEU A 123 -2.54 17.49 -5.74
C LEU A 123 -1.27 16.81 -6.08
N SER A 124 -1.28 16.33 -7.30
CA SER A 124 -0.23 15.64 -8.02
C SER A 124 0.09 14.27 -7.50
N SER A 125 -0.70 13.76 -6.59
CA SER A 125 -0.55 12.39 -6.20
C SER A 125 -1.60 11.65 -7.00
N PRO A 126 -1.41 10.39 -7.32
CA PRO A 126 -2.40 9.57 -7.97
C PRO A 126 -3.50 9.29 -6.98
N PRO A 127 -4.71 8.98 -7.44
CA PRO A 127 -5.87 8.63 -6.66
C PRO A 127 -5.76 7.23 -6.20
N THR A 128 -4.91 7.00 -5.23
CA THR A 128 -4.73 5.64 -4.80
C THR A 128 -5.79 5.26 -3.82
N VAL A 129 -5.90 3.96 -3.62
CA VAL A 129 -6.86 3.41 -2.70
C VAL A 129 -6.50 3.65 -1.26
N TYR A 130 -5.26 4.00 -1.00
CA TYR A 130 -4.82 4.18 0.36
C TYR A 130 -4.64 5.62 0.75
N ASN A 131 -4.95 6.59 -0.10
CA ASN A 131 -4.73 7.96 0.34
C ASN A 131 -5.89 8.85 0.01
N SER A 132 -6.95 8.25 -0.49
CA SER A 132 -8.09 9.01 -0.91
C SER A 132 -9.10 9.08 0.17
N ARG A 133 -9.81 10.18 0.21
CA ARG A 133 -10.90 10.33 1.14
C ARG A 133 -12.18 10.35 0.35
N VAL A 134 -13.20 9.73 0.87
CA VAL A 134 -14.47 9.76 0.18
C VAL A 134 -15.27 10.91 0.71
N GLU A 135 -15.79 11.70 -0.20
CA GLU A 135 -16.56 12.86 0.17
C GLU A 135 -18.03 12.52 0.20
N CYS A 136 -18.47 11.74 -0.78
CA CYS A 136 -19.88 11.38 -0.88
C CYS A 136 -20.07 10.25 -1.87
N ILE A 137 -21.29 9.75 -1.96
CA ILE A 137 -21.64 8.74 -2.95
C ILE A 137 -22.59 9.26 -3.98
N GLY A 138 -22.34 8.90 -5.24
CA GLY A 138 -23.19 9.31 -6.33
C GLY A 138 -22.44 9.29 -7.64
N TRP A 139 -23.17 9.30 -8.73
CA TRP A 139 -22.58 9.27 -10.05
C TRP A 139 -22.32 10.62 -10.68
N SER A 140 -22.75 11.67 -10.03
CA SER A 140 -22.50 13.03 -10.50
C SER A 140 -22.40 13.96 -9.31
N SER A 141 -21.43 14.87 -9.29
CA SER A 141 -21.30 15.71 -8.11
C SER A 141 -20.55 17.00 -8.33
N THR A 142 -20.65 17.90 -7.36
CA THR A 142 -19.92 19.17 -7.32
C THR A 142 -19.59 19.59 -5.91
N SER A 143 -18.54 20.38 -5.73
CA SER A 143 -18.21 20.85 -4.38
C SER A 143 -17.44 22.15 -4.33
N CYS A 144 -17.48 22.82 -3.20
CA CYS A 144 -16.69 24.04 -3.01
C CYS A 144 -16.58 24.47 -1.55
N HIS A 145 -15.66 25.38 -1.28
CA HIS A 145 -15.47 25.83 0.09
C HIS A 145 -15.87 27.27 0.20
N ASP A 146 -16.59 27.61 1.25
CA ASP A 146 -17.06 28.97 1.43
C ASP A 146 -16.24 29.87 2.33
N GLY A 147 -15.12 29.39 2.83
CA GLY A 147 -14.26 30.12 3.74
C GLY A 147 -14.37 29.58 5.17
N LYS A 148 -15.45 28.86 5.47
CA LYS A 148 -15.60 28.27 6.77
C LYS A 148 -15.57 26.76 6.63
N SER A 149 -16.29 26.23 5.65
CA SER A 149 -16.26 24.79 5.42
C SER A 149 -16.63 24.40 4.00
N ARG A 150 -16.60 23.10 3.75
CA ARG A 150 -16.90 22.63 2.41
C ARG A 150 -18.28 22.06 2.23
N MET A 151 -18.85 22.40 1.10
CA MET A 151 -20.13 21.92 0.63
C MET A 151 -19.92 20.90 -0.45
N SER A 152 -20.71 19.85 -0.45
CA SER A 152 -20.61 18.86 -1.50
C SER A 152 -21.96 18.31 -1.89
N ILE A 153 -22.24 18.30 -3.18
CA ILE A 153 -23.53 17.84 -3.64
C ILE A 153 -23.41 16.63 -4.51
N CYS A 154 -24.09 15.56 -4.15
CA CYS A 154 -23.95 14.35 -4.92
C CYS A 154 -25.26 13.71 -5.36
N ILE A 155 -25.28 13.30 -6.61
CA ILE A 155 -26.43 12.69 -7.25
C ILE A 155 -26.26 11.20 -7.43
N SER A 156 -27.28 10.48 -7.01
CA SER A 156 -27.32 9.02 -7.08
C SER A 156 -28.70 8.54 -7.47
N GLY A 157 -28.82 7.24 -7.75
CA GLY A 157 -30.12 6.68 -8.08
C GLY A 157 -30.24 6.23 -9.54
N PRO A 158 -31.43 5.77 -9.94
CA PRO A 158 -31.83 5.26 -11.23
C PRO A 158 -32.00 6.39 -12.18
N ASN A 159 -32.19 6.11 -13.45
CA ASN A 159 -32.36 7.24 -14.34
C ASN A 159 -33.59 8.10 -14.09
N ASN A 160 -34.66 7.55 -13.53
CA ASN A 160 -35.83 8.37 -13.34
C ASN A 160 -36.03 8.88 -11.92
N ASN A 161 -35.97 8.00 -10.96
CA ASN A 161 -36.16 8.32 -9.55
C ASN A 161 -34.84 8.69 -8.89
N ALA A 162 -34.13 9.61 -9.50
CA ALA A 162 -32.82 10.05 -9.03
C ALA A 162 -32.96 11.04 -7.90
N SER A 163 -31.90 11.26 -7.15
CA SER A 163 -31.95 12.26 -6.10
C SER A 163 -30.59 12.84 -5.79
N ALA A 164 -30.55 13.97 -5.08
CA ALA A 164 -29.29 14.56 -4.68
C ALA A 164 -29.24 14.87 -3.22
N VAL A 165 -28.06 14.67 -2.65
CA VAL A 165 -27.84 14.97 -1.25
C VAL A 165 -26.78 16.01 -1.09
N VAL A 166 -27.12 17.03 -0.34
CA VAL A 166 -26.24 18.12 -0.08
C VAL A 166 -25.62 17.93 1.27
N TRP A 167 -24.32 17.88 1.29
CA TRP A 167 -23.50 17.70 2.46
C TRP A 167 -22.83 18.99 2.82
N TYR A 168 -22.61 19.23 4.09
CA TYR A 168 -21.84 20.40 4.49
C TYR A 168 -21.09 20.08 5.72
N ASN A 169 -19.81 20.36 5.70
CA ASN A 169 -18.97 20.11 6.84
C ASN A 169 -19.10 18.66 7.26
N ARG A 170 -19.10 17.78 6.27
CA ARG A 170 -19.18 16.33 6.42
C ARG A 170 -20.50 15.77 6.94
N ARG A 171 -21.54 16.58 7.08
CA ARG A 171 -22.82 16.05 7.49
C ARG A 171 -23.81 16.21 6.36
N PRO A 172 -24.77 15.32 6.18
CA PRO A 172 -25.80 15.52 5.21
C PRO A 172 -26.62 16.65 5.77
N VAL A 173 -27.06 17.56 4.92
CA VAL A 173 -27.88 18.68 5.35
C VAL A 173 -29.23 18.74 4.70
N ALA A 174 -29.26 18.59 3.39
CA ALA A 174 -30.51 18.78 2.66
C ALA A 174 -30.59 17.89 1.45
N GLU A 175 -31.81 17.63 1.00
CA GLU A 175 -31.96 16.77 -0.17
C GLU A 175 -32.88 17.36 -1.21
N ILE A 176 -32.60 17.00 -2.46
CA ILE A 176 -33.36 17.40 -3.63
C ILE A 176 -33.83 16.21 -4.47
N ASN A 177 -35.11 16.17 -4.80
CA ASN A 177 -35.61 15.11 -5.66
C ASN A 177 -35.63 15.65 -7.09
N THR A 178 -36.01 14.85 -8.05
CA THR A 178 -36.08 15.25 -9.44
C THR A 178 -37.34 15.96 -9.79
N TRP A 179 -37.36 16.56 -10.96
CA TRP A 179 -38.55 17.24 -11.39
C TRP A 179 -38.95 16.85 -12.81
N ALA A 180 -38.00 16.44 -13.61
CA ALA A 180 -38.30 16.01 -14.97
C ALA A 180 -38.17 14.50 -15.06
N ARG A 181 -37.51 13.90 -14.06
CA ARG A 181 -37.24 12.47 -13.99
C ARG A 181 -36.41 11.91 -15.12
N ASN A 182 -35.36 12.62 -15.50
CA ASN A 182 -34.49 12.12 -16.54
C ASN A 182 -33.04 12.47 -16.24
N ILE A 183 -32.36 11.56 -15.53
CA ILE A 183 -30.98 11.70 -15.12
C ILE A 183 -30.54 13.06 -14.67
N LEU A 184 -30.84 13.38 -13.43
CA LEU A 184 -30.48 14.65 -12.82
C LEU A 184 -28.98 14.83 -12.95
N ARG A 185 -28.54 16.02 -13.37
CA ARG A 185 -27.13 16.31 -13.61
C ARG A 185 -26.66 17.57 -12.91
N THR A 186 -25.38 17.65 -12.64
CA THR A 186 -24.83 18.88 -12.05
C THR A 186 -23.56 19.33 -12.77
N GLN A 187 -22.88 20.29 -12.17
CA GLN A 187 -21.71 20.94 -12.75
C GLN A 187 -20.41 20.17 -12.90
N GLU A 188 -20.19 19.15 -12.10
CA GLU A 188 -18.95 18.36 -12.08
C GLU A 188 -17.77 19.13 -11.46
N SER A 189 -17.47 20.30 -11.98
CA SER A 189 -16.39 21.15 -11.47
C SER A 189 -16.82 21.90 -10.24
N GLU A 190 -15.90 22.63 -9.62
CA GLU A 190 -16.20 23.33 -8.38
C GLU A 190 -17.18 24.47 -8.51
N CYS A 191 -17.83 24.75 -7.41
CA CYS A 191 -18.73 25.88 -7.26
C CYS A 191 -18.03 27.08 -6.63
N VAL A 192 -18.61 28.26 -6.76
CA VAL A 192 -18.00 29.46 -6.21
C VAL A 192 -18.92 30.10 -5.21
N CYS A 193 -18.41 30.42 -4.04
CA CYS A 193 -19.25 31.01 -3.02
C CYS A 193 -18.92 32.47 -2.78
N HIS A 194 -19.93 33.25 -2.41
CA HIS A 194 -19.73 34.64 -2.01
C HIS A 194 -20.46 34.97 -0.75
N ASN A 195 -19.72 35.28 0.28
CA ASN A 195 -20.30 35.60 1.57
C ASN A 195 -21.21 34.51 2.06
N GLY A 196 -20.82 33.28 1.83
CA GLY A 196 -21.58 32.14 2.28
C GLY A 196 -22.58 31.60 1.28
N VAL A 197 -22.87 32.32 0.20
CA VAL A 197 -23.84 31.80 -0.75
C VAL A 197 -23.19 31.18 -1.94
N CYS A 198 -23.55 29.95 -2.22
CA CYS A 198 -22.96 29.16 -3.27
C CYS A 198 -23.99 28.72 -4.31
N PRO A 199 -24.16 29.43 -5.43
CA PRO A 199 -25.06 29.08 -6.50
C PRO A 199 -24.62 27.77 -7.14
N VAL A 200 -25.56 26.88 -7.42
CA VAL A 200 -25.27 25.61 -8.08
C VAL A 200 -26.21 25.38 -9.25
N VAL A 201 -25.66 24.95 -10.38
CA VAL A 201 -26.49 24.71 -11.55
C VAL A 201 -26.88 23.25 -11.71
N PHE A 202 -28.18 22.99 -11.85
CA PHE A 202 -28.70 21.64 -12.04
C PHE A 202 -29.54 21.48 -13.30
N THR A 203 -29.49 20.29 -13.88
CA THR A 203 -30.32 19.95 -15.03
C THR A 203 -31.08 18.66 -14.86
N ASP A 204 -32.33 18.62 -15.28
CA ASP A 204 -33.13 17.40 -15.27
C ASP A 204 -33.95 17.40 -16.55
N GLY A 205 -33.74 16.43 -17.42
CA GLY A 205 -34.44 16.46 -18.69
C GLY A 205 -33.61 15.90 -19.82
N SER A 206 -34.16 15.93 -21.02
CA SER A 206 -33.46 15.34 -22.15
C SER A 206 -32.13 15.98 -22.43
N ALA A 207 -31.15 15.16 -22.74
CA ALA A 207 -29.84 15.67 -23.08
C ALA A 207 -29.75 15.97 -24.55
N THR A 208 -30.83 15.67 -25.26
CA THR A 208 -30.92 15.84 -26.69
C THR A 208 -32.12 16.66 -27.08
N GLY A 209 -32.58 17.50 -26.17
CA GLY A 209 -33.74 18.34 -26.41
C GLY A 209 -33.79 19.35 -25.29
N PRO A 210 -34.86 20.12 -25.16
CA PRO A 210 -35.03 21.10 -24.14
C PRO A 210 -35.01 20.38 -22.81
N ALA A 211 -34.56 21.05 -21.77
CA ALA A 211 -34.51 20.45 -20.46
C ALA A 211 -34.77 21.51 -19.45
N ASP A 212 -35.21 21.10 -18.27
CA ASP A 212 -35.48 22.03 -17.22
C ASP A 212 -34.26 22.24 -16.38
N THR A 213 -33.77 23.45 -16.34
CA THR A 213 -32.59 23.67 -15.55
C THR A 213 -32.93 24.66 -14.49
N ARG A 214 -32.25 24.52 -13.37
CA ARG A 214 -32.46 25.35 -12.22
C ARG A 214 -31.19 25.80 -11.58
N ILE A 215 -31.23 26.95 -10.97
CA ILE A 215 -30.10 27.37 -10.17
C ILE A 215 -30.51 27.44 -8.76
N TYR A 216 -29.81 26.72 -7.92
CA TYR A 216 -30.10 26.71 -6.51
C TYR A 216 -29.10 27.54 -5.80
N TYR A 217 -29.54 28.27 -4.81
CA TYR A 217 -28.64 29.06 -4.03
C TYR A 217 -28.61 28.48 -2.66
N PHE A 218 -27.42 28.04 -2.27
CA PHE A 218 -27.25 27.40 -0.98
C PHE A 218 -26.45 28.19 0.01
N LYS A 219 -26.76 28.03 1.28
CA LYS A 219 -25.94 28.61 2.33
C LYS A 219 -25.81 27.62 3.46
N GLU A 220 -24.57 27.25 3.76
CA GLU A 220 -24.27 26.26 4.80
C GLU A 220 -25.04 24.99 4.58
N GLY A 221 -25.19 24.60 3.33
CA GLY A 221 -25.87 23.39 2.96
C GLY A 221 -27.39 23.52 2.82
N LYS A 222 -27.97 24.66 3.18
CA LYS A 222 -29.41 24.76 3.09
C LYS A 222 -29.83 25.53 1.87
N ILE A 223 -31.04 25.29 1.40
CA ILE A 223 -31.51 26.01 0.23
C ILE A 223 -32.14 27.31 0.59
N LEU A 224 -31.67 28.39 0.00
CA LEU A 224 -32.24 29.69 0.27
C LEU A 224 -33.34 29.92 -0.72
N LYS A 225 -33.08 29.53 -1.94
CA LYS A 225 -34.01 29.72 -3.04
C LYS A 225 -33.53 29.02 -4.26
N TRP A 226 -34.38 28.97 -5.27
CA TRP A 226 -33.92 28.52 -6.55
C TRP A 226 -34.66 29.24 -7.65
N GLU A 227 -34.07 29.25 -8.83
CA GLU A 227 -34.68 29.89 -9.98
C GLU A 227 -34.71 29.02 -11.20
N SER A 228 -35.76 29.13 -11.99
CA SER A 228 -35.76 28.46 -13.26
C SER A 228 -34.74 29.19 -14.09
N LEU A 229 -34.00 28.51 -14.91
CA LEU A 229 -33.02 29.22 -15.71
C LEU A 229 -33.67 30.16 -16.72
N THR A 230 -33.03 31.30 -16.94
CA THR A 230 -33.52 32.26 -17.94
C THR A 230 -32.45 32.74 -18.90
N GLY A 231 -32.84 33.65 -19.78
CA GLY A 231 -31.95 34.24 -20.78
C GLY A 231 -32.09 33.56 -22.12
N THR A 232 -31.09 33.73 -23.00
CA THR A 232 -31.24 33.24 -24.37
C THR A 232 -30.51 31.95 -24.65
N ALA A 233 -29.85 31.38 -23.66
CA ALA A 233 -29.19 30.11 -23.88
C ALA A 233 -30.26 29.04 -24.04
N LYS A 234 -30.05 28.03 -24.87
CA LYS A 234 -31.09 27.03 -25.04
C LYS A 234 -30.91 25.71 -24.30
N HIS A 235 -29.69 25.32 -23.99
CA HIS A 235 -29.49 24.05 -23.34
C HIS A 235 -28.27 24.12 -22.45
N ILE A 236 -28.43 23.82 -21.16
CA ILE A 236 -27.31 23.94 -20.25
C ILE A 236 -26.89 22.70 -19.50
N GLU A 237 -25.63 22.33 -19.67
CA GLU A 237 -25.05 21.24 -18.91
C GLU A 237 -23.62 21.48 -18.43
N GLU A 238 -23.28 20.88 -17.29
CA GLU A 238 -21.89 20.83 -16.82
C GLU A 238 -21.17 22.17 -16.76
N CYS A 239 -21.76 23.17 -16.16
CA CYS A 239 -21.15 24.50 -16.14
C CYS A 239 -19.89 24.63 -15.30
N SER A 240 -18.87 25.26 -15.88
CA SER A 240 -17.59 25.57 -15.24
C SER A 240 -17.58 27.02 -14.84
N CYS A 241 -17.47 27.30 -13.54
CA CYS A 241 -17.64 28.66 -13.09
C CYS A 241 -16.46 29.21 -12.32
N TYR A 242 -16.30 30.53 -12.39
CA TYR A 242 -15.31 31.24 -11.59
C TYR A 242 -15.88 32.59 -11.19
N GLY A 243 -15.39 33.17 -10.10
CA GLY A 243 -15.89 34.50 -9.75
C GLY A 243 -14.82 35.55 -9.90
N GLU A 244 -15.23 36.82 -9.91
CA GLU A 244 -14.22 37.86 -9.97
C GLU A 244 -14.46 38.88 -8.86
N ARG A 245 -14.82 40.13 -9.19
CA ARG A 245 -15.07 41.15 -8.17
C ARG A 245 -16.53 41.36 -8.00
N THR A 246 -17.29 40.75 -8.87
CA THR A 246 -18.70 40.99 -8.93
C THR A 246 -19.44 39.71 -8.81
N GLY A 247 -19.75 39.14 -9.94
CA GLY A 247 -20.52 37.94 -9.98
C GLY A 247 -19.69 36.74 -10.31
N ILE A 248 -20.42 35.71 -10.68
CA ILE A 248 -19.88 34.44 -11.05
C ILE A 248 -20.20 34.16 -12.49
N THR A 249 -19.19 33.83 -13.25
CA THR A 249 -19.37 33.57 -14.67
C THR A 249 -19.19 32.11 -14.98
N CYS A 250 -20.16 31.54 -15.66
CA CYS A 250 -20.10 30.13 -15.98
C CYS A 250 -20.13 29.80 -17.44
N THR A 251 -19.27 28.89 -17.85
CA THR A 251 -19.25 28.40 -19.23
C THR A 251 -19.84 27.01 -19.25
N CYS A 252 -20.82 26.79 -20.11
CA CYS A 252 -21.53 25.53 -20.08
C CYS A 252 -21.56 24.83 -21.40
N ARG A 253 -21.98 23.57 -21.39
CA ARG A 253 -22.17 22.81 -22.61
C ARG A 253 -23.58 22.90 -23.14
N ASP A 254 -23.71 23.05 -24.46
CA ASP A 254 -24.98 22.96 -25.18
C ASP A 254 -24.91 21.61 -25.82
N ASN A 255 -25.71 20.66 -25.37
CA ASN A 255 -25.55 19.32 -25.90
C ASN A 255 -26.65 19.02 -26.86
N TRP A 256 -27.27 20.04 -27.40
CA TRP A 256 -28.39 19.79 -28.26
C TRP A 256 -28.25 20.35 -29.64
N GLN A 257 -28.08 21.66 -29.74
CA GLN A 257 -28.07 22.32 -31.02
C GLN A 257 -26.73 22.80 -31.52
N GLY A 258 -25.77 23.07 -30.65
CA GLY A 258 -24.56 23.61 -31.29
C GLY A 258 -23.26 23.67 -30.52
N SER A 259 -22.25 24.19 -31.24
CA SER A 259 -20.85 24.24 -30.82
C SER A 259 -20.42 25.54 -30.17
N ASN A 260 -21.41 26.38 -30.03
CA ASN A 260 -21.38 27.71 -29.48
C ASN A 260 -21.66 27.59 -27.99
N ARG A 261 -20.69 27.73 -27.12
CA ARG A 261 -20.98 27.48 -25.72
C ARG A 261 -21.82 28.58 -25.06
N PRO A 262 -22.83 28.24 -24.25
CA PRO A 262 -23.60 29.09 -23.37
C PRO A 262 -22.79 29.66 -22.25
N VAL A 263 -23.15 30.86 -21.84
CA VAL A 263 -22.57 31.54 -20.70
C VAL A 263 -23.64 32.01 -19.73
N ILE A 264 -23.44 31.72 -18.46
CA ILE A 264 -24.38 32.16 -17.45
C ILE A 264 -23.73 33.16 -16.52
N GLN A 265 -24.40 34.27 -16.30
CA GLN A 265 -23.91 35.30 -15.41
C GLN A 265 -24.75 35.35 -14.16
N ILE A 266 -24.14 35.04 -13.02
CA ILE A 266 -24.86 34.97 -11.76
C ILE A 266 -24.46 36.04 -10.79
N ASP A 267 -25.43 36.73 -10.23
CA ASP A 267 -25.22 37.71 -9.20
C ASP A 267 -25.58 37.09 -7.86
N PRO A 268 -24.61 36.67 -7.04
CA PRO A 268 -24.79 35.93 -5.81
C PRO A 268 -25.39 36.73 -4.69
N VAL A 269 -25.44 38.04 -4.85
CA VAL A 269 -25.97 38.86 -3.79
C VAL A 269 -27.43 39.02 -4.03
N ALA A 270 -27.76 39.34 -5.27
CA ALA A 270 -29.13 39.50 -5.65
C ALA A 270 -29.79 38.15 -5.80
N MET A 271 -28.98 37.15 -6.07
CA MET A 271 -29.39 35.81 -6.37
C MET A 271 -30.30 35.80 -7.56
N THR A 272 -29.80 36.42 -8.63
CA THR A 272 -30.44 36.50 -9.93
C THR A 272 -29.45 36.18 -11.02
N HIS A 273 -29.91 35.89 -12.24
CA HIS A 273 -28.98 35.57 -13.30
C HIS A 273 -29.52 35.81 -14.69
N THR A 274 -28.61 35.86 -15.65
CA THR A 274 -28.94 35.89 -17.08
C THR A 274 -28.08 34.96 -17.90
N SER A 275 -28.39 34.83 -19.19
CA SER A 275 -27.59 33.97 -20.05
C SER A 275 -27.58 34.37 -21.53
N GLN A 276 -26.53 33.92 -22.22
CA GLN A 276 -26.33 34.12 -23.65
C GLN A 276 -25.28 33.16 -24.14
N TYR A 277 -24.97 33.17 -25.42
CA TYR A 277 -23.88 32.35 -25.94
C TYR A 277 -22.66 33.22 -26.15
N ILE A 278 -21.49 32.61 -26.32
CA ILE A 278 -20.34 33.44 -26.61
C ILE A 278 -20.40 33.96 -28.04
N CYS A 279 -20.35 35.27 -28.22
CA CYS A 279 -20.47 35.85 -29.55
C CYS A 279 -19.13 35.86 -30.23
N SER A 280 -18.65 34.70 -30.65
CA SER A 280 -17.32 34.65 -31.24
C SER A 280 -17.22 33.54 -32.27
N PRO A 281 -16.62 33.75 -33.44
CA PRO A 281 -16.43 32.78 -34.51
C PRO A 281 -15.23 31.92 -34.22
N VAL A 282 -15.22 31.39 -33.02
CA VAL A 282 -14.26 30.46 -32.53
C VAL A 282 -15.12 29.44 -31.86
N LEU A 283 -15.29 28.30 -32.44
CA LEU A 283 -16.16 27.37 -31.80
C LEU A 283 -15.35 26.61 -30.80
N THR A 284 -15.97 26.24 -29.68
CA THR A 284 -15.17 25.55 -28.68
C THR A 284 -15.68 24.19 -28.28
N ASP A 285 -16.81 23.73 -28.79
CA ASP A 285 -17.24 22.42 -28.36
C ASP A 285 -16.59 21.34 -29.21
N ASN A 286 -16.91 20.09 -28.93
CA ASN A 286 -16.32 18.94 -29.60
C ASN A 286 -17.31 17.79 -29.69
N PRO A 287 -17.74 17.41 -30.87
CA PRO A 287 -17.40 17.83 -32.21
C PRO A 287 -17.89 19.21 -32.54
N ARG A 288 -17.25 19.82 -33.52
CA ARG A 288 -17.67 21.11 -34.00
C ARG A 288 -17.48 21.24 -35.49
N PRO A 289 -18.24 22.07 -36.19
CA PRO A 289 -18.08 22.38 -37.57
C PRO A 289 -16.91 23.29 -37.64
N ASN A 290 -16.43 23.56 -38.83
CA ASN A 290 -15.31 24.47 -38.97
C ASN A 290 -15.67 25.89 -38.64
N ASP A 291 -14.72 26.59 -38.04
CA ASP A 291 -14.93 27.98 -37.66
C ASP A 291 -15.39 28.91 -38.80
N PRO A 292 -16.48 29.65 -38.60
CA PRO A 292 -17.08 30.59 -39.50
C PRO A 292 -16.31 31.88 -39.45
N ASN A 293 -16.60 32.81 -40.34
CA ASN A 293 -16.00 34.12 -40.19
C ASN A 293 -16.73 34.96 -39.15
N ILE A 294 -18.04 34.77 -39.04
CA ILE A 294 -18.86 35.57 -38.14
C ILE A 294 -19.63 34.67 -37.20
N GLY A 295 -19.57 34.94 -35.90
CA GLY A 295 -20.29 34.11 -34.93
C GLY A 295 -21.65 34.70 -34.61
N LYS A 296 -22.37 34.08 -33.70
CA LYS A 296 -23.68 34.57 -33.29
C LYS A 296 -23.88 34.17 -31.85
N CYS A 297 -24.80 34.81 -31.12
CA CYS A 297 -24.93 34.43 -29.73
C CYS A 297 -26.25 34.43 -28.99
N ASN A 298 -27.33 34.43 -29.71
CA ASN A 298 -28.61 34.31 -29.07
C ASN A 298 -29.28 33.13 -29.70
N ASP A 299 -28.42 32.29 -30.24
CA ASP A 299 -28.77 31.10 -30.95
C ASP A 299 -27.50 30.25 -31.06
N PRO A 300 -27.55 28.95 -30.80
CA PRO A 300 -26.44 28.04 -30.89
C PRO A 300 -25.96 27.91 -32.32
N TYR A 301 -24.68 27.72 -32.51
CA TYR A 301 -24.15 27.58 -33.85
C TYR A 301 -24.30 26.12 -34.28
N PRO A 302 -25.06 25.82 -35.34
CA PRO A 302 -25.46 24.52 -35.83
C PRO A 302 -24.40 23.73 -36.55
N GLY A 303 -24.69 22.45 -36.75
CA GLY A 303 -23.86 21.55 -37.55
C GLY A 303 -23.48 20.25 -36.87
N ASN A 304 -23.50 20.25 -35.55
CA ASN A 304 -23.17 19.05 -34.80
C ASN A 304 -24.14 18.89 -33.66
N ASN A 305 -25.06 17.96 -33.83
CA ASN A 305 -26.15 17.78 -32.91
C ASN A 305 -25.91 16.70 -31.89
N ASN A 306 -26.62 16.83 -30.77
CA ASN A 306 -26.67 15.81 -29.73
C ASN A 306 -25.32 15.38 -29.18
N ASN A 307 -24.38 16.30 -29.05
CA ASN A 307 -23.08 15.94 -28.54
C ASN A 307 -22.37 17.16 -27.97
N GLY A 308 -21.17 16.96 -27.46
CA GLY A 308 -20.35 18.03 -26.90
C GLY A 308 -19.66 17.64 -25.61
N VAL A 309 -18.75 18.49 -25.15
CA VAL A 309 -17.97 18.28 -23.94
C VAL A 309 -17.94 19.47 -23.01
N LYS A 310 -17.59 19.22 -21.77
CA LYS A 310 -17.38 20.24 -20.76
C LYS A 310 -16.13 21.01 -21.10
N GLY A 311 -16.16 22.32 -20.87
CA GLY A 311 -15.00 23.15 -21.13
C GLY A 311 -15.12 24.47 -20.39
N PHE A 312 -14.23 25.40 -20.67
CA PHE A 312 -14.26 26.65 -19.93
C PHE A 312 -13.72 27.79 -20.72
N SER A 313 -13.95 28.97 -20.16
CA SER A 313 -13.43 30.18 -20.70
C SER A 313 -13.25 31.17 -19.58
N TYR A 314 -12.38 32.13 -19.80
CA TYR A 314 -12.23 33.27 -18.92
C TYR A 314 -12.57 34.48 -19.71
N LEU A 315 -13.63 35.14 -19.32
CA LEU A 315 -14.09 36.27 -20.08
C LEU A 315 -13.77 37.54 -19.35
N ASP A 316 -12.92 38.37 -19.92
CA ASP A 316 -12.49 39.58 -19.26
C ASP A 316 -12.13 40.67 -20.25
N GLY A 317 -13.02 40.94 -21.18
CA GLY A 317 -12.74 41.96 -22.17
C GLY A 317 -11.53 41.56 -22.96
N ALA A 318 -10.55 42.43 -23.00
CA ALA A 318 -9.34 42.13 -23.75
C ALA A 318 -8.62 40.91 -23.19
N ASN A 319 -8.68 40.68 -21.88
CA ASN A 319 -7.95 39.60 -21.24
C ASN A 319 -8.78 38.34 -21.27
N THR A 320 -9.17 37.94 -22.46
CA THR A 320 -10.04 36.80 -22.65
C THR A 320 -9.39 35.63 -23.31
N TRP A 321 -9.53 34.49 -22.65
CA TRP A 321 -8.98 33.25 -23.13
C TRP A 321 -10.02 32.15 -23.23
N LEU A 322 -9.97 31.36 -24.29
CA LEU A 322 -10.90 30.26 -24.47
C LEU A 322 -10.15 28.95 -24.56
N GLY A 323 -10.71 27.86 -24.02
CA GLY A 323 -10.04 26.58 -24.23
C GLY A 323 -10.82 25.69 -25.20
N ARG A 324 -10.12 24.83 -25.91
CA ARG A 324 -10.78 23.85 -26.80
C ARG A 324 -9.85 22.73 -27.22
N THR A 325 -10.40 21.69 -27.83
CA THR A 325 -9.62 20.57 -28.36
C THR A 325 -9.03 20.97 -29.68
N ILE A 326 -8.11 20.19 -30.21
CA ILE A 326 -7.55 20.56 -31.49
C ILE A 326 -8.41 19.96 -32.55
N SER A 327 -8.74 18.71 -32.36
CA SER A 327 -9.57 18.00 -33.29
C SER A 327 -10.94 18.56 -33.26
N THR A 328 -11.59 18.57 -34.41
CA THR A 328 -12.94 19.02 -34.51
C THR A 328 -13.89 17.85 -34.48
N ALA A 329 -13.33 16.65 -34.55
CA ALA A 329 -14.14 15.44 -34.60
C ALA A 329 -13.94 14.51 -33.42
N SER A 330 -12.96 14.77 -32.58
CA SER A 330 -12.67 13.83 -31.53
C SER A 330 -12.08 14.48 -30.32
N ARG A 331 -12.09 13.80 -29.20
CA ARG A 331 -11.52 14.41 -28.01
C ARG A 331 -10.02 14.26 -27.98
N SER A 332 -9.37 15.04 -28.82
CA SER A 332 -7.94 15.02 -29.03
C SER A 332 -7.28 16.38 -29.07
N GLY A 333 -6.22 16.48 -28.30
CA GLY A 333 -5.42 17.69 -28.20
C GLY A 333 -6.09 18.70 -27.31
N TYR A 334 -5.40 19.81 -27.05
CA TYR A 334 -6.01 20.86 -26.28
C TYR A 334 -5.20 22.13 -26.42
N GLU A 335 -5.88 23.25 -26.61
CA GLU A 335 -5.21 24.54 -26.72
C GLU A 335 -5.93 25.67 -26.05
N MET A 336 -5.16 26.69 -25.72
CA MET A 336 -5.68 27.93 -25.17
C MET A 336 -5.53 29.07 -26.16
N LEU A 337 -6.60 29.81 -26.40
CA LEU A 337 -6.53 30.91 -27.33
C LEU A 337 -6.93 32.22 -26.71
N LYS A 338 -6.13 33.23 -26.96
CA LYS A 338 -6.42 34.58 -26.49
C LYS A 338 -7.20 35.25 -27.57
N VAL A 339 -8.47 35.49 -27.28
CA VAL A 339 -9.46 36.02 -28.21
C VAL A 339 -10.19 37.20 -27.58
N PRO A 340 -9.70 38.42 -27.73
CA PRO A 340 -10.18 39.60 -27.07
C PRO A 340 -11.64 39.81 -27.34
N ASN A 341 -12.34 40.16 -26.29
CA ASN A 341 -13.75 40.46 -26.32
C ASN A 341 -14.60 39.36 -26.91
N ALA A 342 -14.19 38.10 -26.75
CA ALA A 342 -14.95 36.99 -27.31
C ALA A 342 -16.38 36.96 -26.86
N LEU A 343 -16.68 37.38 -25.66
CA LEU A 343 -18.05 37.30 -25.26
C LEU A 343 -18.98 38.12 -26.13
N THR A 344 -18.54 39.29 -26.63
CA THR A 344 -19.44 40.15 -27.39
C THR A 344 -19.07 40.44 -28.84
N ASP A 345 -17.81 40.22 -29.24
CA ASP A 345 -17.36 40.56 -30.60
C ASP A 345 -17.43 39.38 -31.56
N ASP A 346 -18.41 39.40 -32.46
CA ASP A 346 -18.69 38.27 -33.33
C ASP A 346 -17.76 38.14 -34.51
N ARG A 347 -16.76 38.99 -34.58
CA ARG A 347 -15.74 38.87 -35.58
C ARG A 347 -14.37 38.73 -34.95
N SER A 348 -14.31 38.52 -33.64
CA SER A 348 -13.02 38.39 -32.97
C SER A 348 -12.34 37.10 -33.32
N LYS A 349 -11.02 37.15 -33.49
CA LYS A 349 -10.19 36.00 -33.80
C LYS A 349 -9.00 35.99 -32.86
N PRO A 350 -8.34 34.85 -32.62
CA PRO A 350 -7.19 34.72 -31.76
C PRO A 350 -6.04 35.59 -32.15
N ILE A 351 -5.38 36.14 -31.13
CA ILE A 351 -4.20 36.96 -31.33
C ILE A 351 -2.98 36.35 -30.69
N GLN A 352 -3.19 35.37 -29.84
CA GLN A 352 -2.10 34.68 -29.16
C GLN A 352 -2.60 33.32 -28.71
N GLY A 353 -1.74 32.35 -28.53
CA GLY A 353 -2.24 31.11 -27.92
C GLY A 353 -1.15 30.17 -27.42
N GLN A 354 -1.56 29.05 -26.85
CA GLN A 354 -0.64 28.07 -26.30
C GLN A 354 -1.18 26.66 -26.45
N THR A 355 -0.33 25.73 -26.88
CA THR A 355 -0.73 24.34 -27.01
C THR A 355 -0.49 23.63 -25.72
N ILE A 356 -1.46 22.86 -25.25
CA ILE A 356 -1.29 22.18 -23.99
C ILE A 356 -1.06 20.69 -24.25
N VAL A 357 -1.91 20.14 -25.09
CA VAL A 357 -1.91 18.74 -25.44
C VAL A 357 -1.88 18.63 -26.96
N LEU A 358 -1.06 17.75 -27.48
CA LEU A 358 -0.95 17.58 -28.91
C LEU A 358 -2.14 16.83 -29.42
N ASN A 359 -2.48 16.98 -30.68
CA ASN A 359 -3.65 16.27 -31.23
C ASN A 359 -3.38 14.81 -31.44
N ALA A 360 -2.16 14.41 -31.22
CA ALA A 360 -1.80 13.03 -31.30
C ALA A 360 -2.19 12.33 -30.00
N ASP A 361 -2.45 13.11 -28.95
CA ASP A 361 -2.76 12.61 -27.63
C ASP A 361 -4.23 12.73 -27.30
N TRP A 362 -4.73 11.78 -26.56
CA TRP A 362 -6.13 11.88 -26.20
C TRP A 362 -6.33 12.94 -25.16
N SER A 363 -7.44 13.66 -25.28
CA SER A 363 -7.86 14.70 -24.36
C SER A 363 -9.08 14.24 -23.60
N GLY A 364 -9.88 15.20 -23.14
CA GLY A 364 -11.04 14.88 -22.30
C GLY A 364 -11.74 16.12 -21.83
N TYR A 365 -12.43 16.06 -20.71
CA TYR A 365 -13.16 17.21 -20.23
C TYR A 365 -12.21 18.21 -19.65
N SER A 366 -12.55 19.48 -19.73
CA SER A 366 -11.72 20.47 -19.09
C SER A 366 -12.57 21.43 -18.30
N GLY A 367 -11.94 22.22 -17.47
CA GLY A 367 -12.70 23.18 -16.68
C GLY A 367 -11.81 24.15 -15.92
N SER A 368 -12.44 25.13 -15.29
CA SER A 368 -11.71 26.16 -14.55
C SER A 368 -11.72 26.00 -13.05
N PHE A 369 -10.75 26.63 -12.37
CA PHE A 369 -10.72 26.70 -10.92
C PHE A 369 -9.87 27.87 -10.47
N MET A 370 -10.03 28.27 -9.21
CA MET A 370 -9.17 29.31 -8.62
C MET A 370 -8.85 29.15 -7.17
N ASP A 371 -7.71 29.67 -6.76
CA ASP A 371 -7.39 29.75 -5.36
C ASP A 371 -7.82 31.11 -4.89
N TYR A 372 -8.89 31.16 -4.11
CA TYR A 372 -9.48 32.42 -3.72
C TYR A 372 -8.93 32.93 -2.42
N TRP A 373 -7.95 32.22 -1.87
CA TRP A 373 -7.34 32.59 -0.62
C TRP A 373 -5.89 33.01 -0.77
N ALA A 374 -5.40 33.06 -1.99
CA ALA A 374 -4.02 33.42 -2.26
C ALA A 374 -3.77 34.91 -2.03
N GLU A 375 -2.57 35.26 -1.63
CA GLU A 375 -2.19 36.65 -1.44
C GLU A 375 -2.05 37.38 -2.77
N GLY A 376 -2.40 38.67 -2.79
CA GLY A 376 -2.26 39.47 -4.00
C GLY A 376 -3.52 40.28 -4.23
N ASP A 377 -3.52 41.10 -5.26
CA ASP A 377 -4.65 41.95 -5.61
C ASP A 377 -5.53 41.44 -6.74
N CYS A 378 -5.25 40.22 -7.16
CA CYS A 378 -6.00 39.59 -8.22
C CYS A 378 -6.00 38.10 -8.08
N TYR A 379 -6.87 37.44 -8.81
CA TYR A 379 -6.92 36.01 -8.76
C TYR A 379 -6.15 35.43 -9.89
N ARG A 380 -5.39 34.40 -9.60
CA ARG A 380 -4.65 33.75 -10.65
C ARG A 380 -5.56 32.72 -11.25
N ALA A 381 -5.92 32.90 -12.49
CA ALA A 381 -6.80 31.96 -13.15
C ALA A 381 -6.13 30.63 -13.36
N CYS A 382 -6.86 29.52 -13.18
CA CYS A 382 -6.28 28.22 -13.47
C CYS A 382 -7.28 27.31 -14.19
N PHE A 383 -6.79 26.22 -14.77
CA PHE A 383 -7.67 25.28 -15.40
C PHE A 383 -7.11 23.88 -15.41
N TYR A 384 -7.95 22.92 -15.68
CA TYR A 384 -7.49 21.55 -15.77
C TYR A 384 -8.03 20.83 -16.98
N VAL A 385 -7.30 19.80 -17.40
CA VAL A 385 -7.71 18.93 -18.48
C VAL A 385 -7.62 17.45 -18.10
N GLU A 386 -8.70 16.72 -18.37
CA GLU A 386 -8.79 15.28 -18.19
C GLU A 386 -8.18 14.62 -19.39
N LEU A 387 -7.32 13.65 -19.19
CA LEU A 387 -6.77 12.92 -20.32
C LEU A 387 -7.34 11.52 -20.32
N ILE A 388 -8.17 11.18 -21.28
CA ILE A 388 -8.85 9.90 -21.24
C ILE A 388 -8.16 8.80 -21.99
N ARG A 389 -7.96 7.68 -21.32
CA ARG A 389 -7.34 6.51 -21.91
C ARG A 389 -8.28 5.33 -21.81
N GLY A 390 -8.10 4.37 -22.71
CA GLY A 390 -8.92 3.18 -22.68
C GLY A 390 -10.13 3.32 -23.59
N ARG A 391 -11.14 2.53 -23.32
CA ARG A 391 -12.26 2.52 -24.21
C ARG A 391 -12.94 3.86 -24.15
N PRO A 392 -13.60 4.25 -25.20
CA PRO A 392 -13.84 3.63 -26.48
C PRO A 392 -12.77 3.84 -27.52
N LYS A 393 -11.65 4.47 -27.21
CA LYS A 393 -10.71 4.73 -28.29
C LYS A 393 -9.68 3.65 -28.34
N GLU A 394 -9.39 3.07 -27.20
CA GLU A 394 -8.41 2.02 -27.11
C GLU A 394 -9.16 0.77 -26.73
N ASP A 395 -9.33 -0.12 -27.69
CA ASP A 395 -10.15 -1.31 -27.54
C ASP A 395 -9.36 -2.53 -27.15
N LYS A 396 -8.12 -2.33 -26.77
CA LYS A 396 -7.27 -3.43 -26.40
C LYS A 396 -7.45 -3.74 -24.93
N VAL A 397 -8.10 -2.86 -24.23
CA VAL A 397 -8.35 -3.03 -22.83
C VAL A 397 -9.82 -2.94 -22.60
N TRP A 398 -10.29 -3.45 -21.46
CA TRP A 398 -11.75 -3.44 -21.19
C TRP A 398 -12.11 -2.36 -20.17
N TRP A 399 -11.15 -1.51 -19.81
CA TRP A 399 -11.40 -0.43 -18.88
C TRP A 399 -11.29 0.91 -19.51
N THR A 400 -11.62 1.92 -18.71
CA THR A 400 -11.44 3.32 -19.05
C THR A 400 -10.85 4.04 -17.87
N SER A 401 -10.05 5.05 -18.09
CA SER A 401 -9.49 5.81 -16.97
C SER A 401 -8.98 7.14 -17.42
N ASN A 402 -8.57 7.97 -16.49
CA ASN A 402 -8.02 9.24 -16.89
C ASN A 402 -6.86 9.66 -16.04
N SER A 403 -6.02 10.50 -16.62
CA SER A 403 -4.96 11.14 -15.87
C SER A 403 -5.30 12.62 -15.87
N ILE A 404 -4.80 13.37 -14.90
CA ILE A 404 -5.09 14.81 -14.88
C ILE A 404 -3.93 15.75 -14.84
N VAL A 405 -4.01 16.78 -15.67
CA VAL A 405 -3.02 17.84 -15.72
C VAL A 405 -3.67 19.19 -15.54
N SER A 406 -3.03 20.10 -14.80
CA SER A 406 -3.60 21.43 -14.63
C SER A 406 -2.55 22.50 -14.67
N MET A 407 -2.99 23.71 -15.04
CA MET A 407 -2.14 24.86 -15.24
C MET A 407 -2.72 26.15 -14.73
N CYS A 408 -1.83 27.08 -14.39
CA CYS A 408 -2.23 28.40 -13.95
C CYS A 408 -1.63 29.50 -14.77
N SER A 409 -2.29 30.63 -14.78
CA SER A 409 -1.79 31.75 -15.52
C SER A 409 -0.60 32.40 -14.89
N SER A 410 0.08 33.17 -15.70
CA SER A 410 1.23 33.99 -15.39
C SER A 410 1.19 35.27 -16.19
N THR A 411 1.80 36.31 -15.64
CA THR A 411 1.89 37.60 -16.31
C THR A 411 3.15 37.67 -17.16
N GLU A 412 3.96 36.64 -17.09
CA GLU A 412 5.18 36.59 -17.85
C GLU A 412 4.94 35.83 -19.13
N PHE A 413 5.77 36.04 -20.11
CA PHE A 413 5.65 35.24 -21.30
C PHE A 413 6.62 34.11 -21.18
N LEU A 414 6.07 32.93 -20.96
CA LEU A 414 6.77 31.69 -20.72
C LEU A 414 6.68 30.81 -21.94
N GLY A 415 7.55 29.81 -22.03
CA GLY A 415 7.53 28.90 -23.17
C GLY A 415 6.46 27.85 -23.01
N GLN A 416 6.37 26.91 -23.94
CA GLN A 416 5.34 25.89 -23.86
C GLN A 416 5.89 24.50 -24.07
N TRP A 417 5.17 23.53 -23.55
CA TRP A 417 5.61 22.16 -23.65
C TRP A 417 4.38 21.28 -23.79
N ASN A 418 4.56 19.99 -23.92
CA ASN A 418 3.42 19.13 -24.11
C ASN A 418 3.14 18.35 -22.87
N TRP A 419 1.88 18.06 -22.60
CA TRP A 419 1.61 17.28 -21.43
C TRP A 419 0.74 16.03 -21.59
N PRO A 420 1.24 14.97 -22.23
CA PRO A 420 0.65 13.66 -22.41
C PRO A 420 0.66 12.95 -21.08
N ASP A 421 -0.14 11.89 -20.92
CA ASP A 421 -0.07 11.15 -19.67
C ASP A 421 1.15 10.23 -19.61
N GLY A 422 1.59 9.79 -20.77
CA GLY A 422 2.76 8.94 -20.93
C GLY A 422 2.53 7.49 -20.66
N ALA A 423 1.30 7.01 -20.78
CA ALA A 423 1.12 5.60 -20.50
C ALA A 423 1.18 4.76 -21.78
N LYS A 424 1.83 3.60 -21.69
CA LYS A 424 1.92 2.66 -22.80
C LYS A 424 0.80 1.67 -22.70
N ILE A 425 -0.13 1.69 -23.63
CA ILE A 425 -1.28 0.84 -23.45
C ILE A 425 -0.87 -0.61 -23.51
N GLU A 426 0.15 -0.94 -24.28
CA GLU A 426 0.58 -2.30 -24.44
C GLU A 426 1.06 -2.94 -23.17
N TYR A 427 1.41 -2.16 -22.18
CA TYR A 427 1.90 -2.71 -20.94
C TYR A 427 0.78 -3.36 -20.17
N PHE A 428 -0.45 -2.99 -20.49
CA PHE A 428 -1.62 -3.47 -19.80
C PHE A 428 -2.22 -4.65 -20.53
N LEU A 429 -1.56 -5.11 -21.58
CA LEU A 429 -2.10 -6.20 -22.34
C LEU A 429 -1.34 -7.46 -22.04
N GLN B 1 -59.63 4.51 -32.70
CA GLN B 1 -58.31 3.90 -32.68
C GLN B 1 -57.30 4.61 -33.56
N VAL B 2 -56.24 5.08 -32.94
CA VAL B 2 -55.18 5.76 -33.64
C VAL B 2 -54.47 4.85 -34.63
N GLN B 3 -54.26 5.37 -35.81
CA GLN B 3 -53.57 4.66 -36.86
C GLN B 3 -52.25 5.33 -37.15
N LEU B 4 -51.26 4.54 -37.50
CA LEU B 4 -49.99 5.09 -37.89
C LEU B 4 -49.59 4.65 -39.27
N GLU B 5 -49.07 5.56 -40.07
CA GLU B 5 -48.57 5.14 -41.37
C GLU B 5 -47.35 5.88 -41.87
N GLU B 6 -46.33 5.10 -42.20
CA GLU B 6 -45.06 5.59 -42.73
C GLU B 6 -45.11 5.93 -44.21
N SER B 7 -44.42 6.99 -44.58
CA SER B 7 -44.24 7.31 -45.99
C SER B 7 -42.89 7.99 -46.23
N GLY B 8 -42.42 7.93 -47.46
CA GLY B 8 -41.15 8.56 -47.80
C GLY B 8 -40.52 7.74 -48.90
N PRO B 9 -39.33 8.09 -49.35
CA PRO B 9 -38.62 7.43 -50.42
C PRO B 9 -38.19 6.08 -49.94
N GLY B 10 -38.14 5.11 -50.86
CA GLY B 10 -37.64 3.78 -50.51
C GLY B 10 -36.19 3.62 -50.92
N LEU B 11 -35.62 4.69 -51.43
CA LEU B 11 -34.25 4.66 -51.90
C LEU B 11 -33.54 5.95 -51.67
N VAL B 12 -32.41 5.84 -51.02
CA VAL B 12 -31.53 6.94 -50.71
C VAL B 12 -30.13 6.56 -51.17
N LYS B 13 -29.35 7.52 -51.65
CA LYS B 13 -28.01 7.16 -52.06
C LYS B 13 -27.11 7.20 -50.83
N PRO B 14 -25.99 6.50 -50.82
CA PRO B 14 -25.03 6.56 -49.75
C PRO B 14 -24.62 7.98 -49.53
N SER B 15 -24.41 8.33 -48.28
CA SER B 15 -24.01 9.64 -47.77
C SER B 15 -25.13 10.67 -47.65
N GLU B 16 -26.27 10.41 -48.27
CA GLU B 16 -27.40 11.32 -48.24
C GLU B 16 -28.20 11.21 -46.97
N THR B 17 -28.98 12.24 -46.66
CA THR B 17 -29.86 12.15 -45.53
C THR B 17 -31.16 11.47 -45.90
N LEU B 18 -31.56 10.53 -45.08
CA LEU B 18 -32.80 9.82 -45.23
C LEU B 18 -33.87 10.53 -44.48
N SER B 19 -35.04 10.71 -45.06
CA SER B 19 -36.13 11.34 -44.34
C SER B 19 -37.46 10.62 -44.47
N LEU B 20 -37.96 10.13 -43.35
CA LEU B 20 -39.24 9.39 -43.32
C LEU B 20 -40.27 10.10 -42.46
N THR B 21 -41.52 10.07 -42.90
CA THR B 21 -42.57 10.70 -42.12
C THR B 21 -43.68 9.74 -41.74
N CYS B 22 -44.07 9.80 -40.50
CA CYS B 22 -45.18 8.99 -40.03
C CYS B 22 -46.38 9.86 -39.76
N THR B 23 -47.48 9.54 -40.41
CA THR B 23 -48.71 10.30 -40.23
C THR B 23 -49.57 9.65 -39.21
N VAL B 24 -50.06 10.44 -38.27
CA VAL B 24 -50.89 9.91 -37.23
C VAL B 24 -52.30 10.33 -37.49
N SER B 25 -53.24 9.41 -37.42
CA SER B 25 -54.61 9.80 -37.60
C SER B 25 -55.48 9.15 -36.56
N GLY B 26 -56.55 9.84 -36.19
CA GLY B 26 -57.46 9.31 -35.17
C GLY B 26 -57.04 9.76 -33.77
N TYR B 27 -56.01 10.60 -33.68
CA TYR B 27 -55.52 11.09 -32.41
C TYR B 27 -54.77 12.40 -32.59
N THR B 28 -54.93 13.32 -31.66
CA THR B 28 -54.17 14.56 -31.74
C THR B 28 -52.87 14.37 -30.98
N ILE B 29 -51.74 14.52 -31.65
CA ILE B 29 -50.48 14.17 -31.02
C ILE B 29 -50.00 15.21 -30.02
N SER B 30 -50.65 16.34 -30.01
CA SER B 30 -50.32 17.41 -29.08
C SER B 30 -50.72 16.99 -27.67
N SER B 31 -51.50 15.91 -27.57
CA SER B 31 -51.96 15.41 -26.30
C SER B 31 -50.85 14.74 -25.48
N GLY B 32 -49.70 14.40 -26.08
CA GLY B 32 -48.60 13.87 -25.27
C GLY B 32 -48.07 12.45 -25.35
N TYR B 33 -48.62 11.55 -26.11
CA TYR B 33 -47.97 10.23 -26.13
C TYR B 33 -46.65 10.39 -26.84
N TYR B 34 -45.67 9.54 -26.54
CA TYR B 34 -44.41 9.62 -27.27
C TYR B 34 -44.54 8.89 -28.56
N TRP B 35 -43.86 9.39 -29.55
CA TRP B 35 -43.92 8.74 -30.82
C TRP B 35 -42.50 8.48 -31.25
N GLY B 36 -42.25 7.38 -31.92
CA GLY B 36 -40.88 7.12 -32.31
C GLY B 36 -40.69 6.11 -33.38
N TRP B 37 -39.43 5.69 -33.54
CA TRP B 37 -39.07 4.80 -34.62
C TRP B 37 -38.21 3.61 -34.22
N ILE B 38 -38.49 2.50 -34.91
CA ILE B 38 -37.83 1.20 -34.80
C ILE B 38 -37.28 0.74 -36.13
N ARG B 39 -36.08 0.19 -36.12
CA ARG B 39 -35.48 -0.32 -37.32
C ARG B 39 -35.33 -1.83 -37.33
N GLN B 40 -35.52 -2.43 -38.48
CA GLN B 40 -35.31 -3.86 -38.63
C GLN B 40 -34.61 -4.25 -39.92
N PRO B 41 -33.29 -4.47 -39.93
CA PRO B 41 -32.53 -4.84 -41.09
C PRO B 41 -33.24 -6.08 -41.60
N PRO B 42 -33.22 -6.38 -42.90
CA PRO B 42 -33.94 -7.48 -43.51
C PRO B 42 -33.81 -8.85 -42.86
N GLY B 43 -32.64 -9.19 -42.34
CA GLY B 43 -32.45 -10.49 -41.71
C GLY B 43 -32.20 -10.42 -40.23
N LYS B 44 -32.45 -9.28 -39.62
CA LYS B 44 -32.13 -9.11 -38.21
C LYS B 44 -33.31 -8.85 -37.30
N GLY B 45 -33.01 -8.63 -36.03
CA GLY B 45 -34.01 -8.35 -35.03
C GLY B 45 -34.31 -6.87 -34.99
N LEU B 46 -34.91 -6.43 -33.90
CA LEU B 46 -35.33 -5.06 -33.84
C LEU B 46 -34.34 -4.18 -33.13
N GLU B 47 -34.23 -2.94 -33.59
CA GLU B 47 -33.41 -1.93 -32.97
C GLU B 47 -34.18 -0.65 -32.73
N TRP B 48 -34.13 -0.13 -31.53
CA TRP B 48 -34.82 1.12 -31.25
C TRP B 48 -34.01 2.29 -31.72
N ILE B 49 -34.63 3.27 -32.36
CA ILE B 49 -33.89 4.44 -32.77
C ILE B 49 -34.08 5.56 -31.80
N GLY B 50 -35.32 5.83 -31.48
CA GLY B 50 -35.62 6.96 -30.63
C GLY B 50 -37.08 7.31 -30.61
N CYS B 51 -37.41 8.30 -29.78
CA CYS B 51 -38.78 8.79 -29.68
C CYS B 51 -38.80 10.22 -29.20
N ASN B 52 -39.92 10.89 -29.39
CA ASN B 52 -40.08 12.25 -28.92
C ASN B 52 -41.54 12.58 -28.61
N ASN B 53 -41.79 13.78 -28.16
CA ASN B 53 -43.13 14.24 -27.87
C ASN B 53 -43.28 15.68 -28.31
N HIS B 54 -44.38 16.29 -27.97
CA HIS B 54 -44.66 17.62 -28.44
C HIS B 54 -43.88 18.71 -27.73
N ARG B 55 -43.13 18.34 -26.70
CA ARG B 55 -42.35 19.31 -25.99
C ARG B 55 -40.88 19.15 -26.33
N GLY B 56 -40.59 18.21 -27.22
CA GLY B 56 -39.22 17.96 -27.61
C GLY B 56 -38.40 17.13 -26.62
N SER B 57 -39.01 16.42 -25.67
CA SER B 57 -38.21 15.67 -24.70
C SER B 57 -37.78 14.35 -25.26
N SER B 58 -36.87 14.42 -26.20
CA SER B 58 -36.41 13.28 -26.95
C SER B 58 -35.52 12.32 -26.21
N TYR B 59 -35.54 11.09 -26.72
CA TYR B 59 -34.65 10.02 -26.32
C TYR B 59 -34.09 9.38 -27.57
N TYR B 60 -32.81 9.09 -27.59
CA TYR B 60 -32.22 8.45 -28.75
C TYR B 60 -31.29 7.33 -28.40
N ASN B 61 -31.16 6.40 -29.30
CA ASN B 61 -30.20 5.33 -29.20
C ASN B 61 -28.81 5.93 -29.30
N PRO B 62 -27.94 5.79 -28.30
CA PRO B 62 -26.61 6.36 -28.26
C PRO B 62 -25.75 6.03 -29.46
N SER B 63 -26.03 4.95 -30.16
CA SER B 63 -25.20 4.61 -31.30
C SER B 63 -25.56 5.44 -32.52
N LEU B 64 -26.73 6.04 -32.50
CA LEU B 64 -27.21 6.82 -33.60
C LEU B 64 -27.28 8.29 -33.29
N LYS B 65 -27.39 8.64 -32.03
CA LYS B 65 -27.58 10.03 -31.73
C LYS B 65 -26.43 10.78 -32.33
N SER B 66 -26.75 11.95 -32.85
CA SER B 66 -25.87 12.90 -33.54
C SER B 66 -25.94 12.70 -35.04
N ARG B 67 -26.43 11.55 -35.43
CA ARG B 67 -26.66 11.24 -36.82
C ARG B 67 -28.16 11.36 -37.07
N VAL B 68 -28.93 11.05 -36.03
CA VAL B 68 -30.38 11.02 -36.12
C VAL B 68 -31.13 12.10 -35.37
N ILE B 69 -32.14 12.64 -36.05
CA ILE B 69 -33.08 13.61 -35.51
C ILE B 69 -34.53 13.14 -35.62
N ILE B 70 -35.26 13.20 -34.53
CA ILE B 70 -36.68 12.91 -34.53
C ILE B 70 -37.44 14.12 -34.09
N SER B 71 -38.44 14.53 -34.86
CA SER B 71 -39.19 15.72 -34.51
C SER B 71 -40.68 15.53 -34.65
N VAL B 72 -41.42 16.36 -33.91
CA VAL B 72 -42.86 16.30 -33.87
C VAL B 72 -43.57 17.55 -34.34
N ASP B 73 -44.44 17.39 -35.33
CA ASP B 73 -45.24 18.47 -35.89
C ASP B 73 -46.65 18.35 -35.38
N THR B 74 -46.99 19.10 -34.34
CA THR B 74 -48.31 18.89 -33.78
C THR B 74 -49.39 19.45 -34.65
N THR B 75 -49.06 20.48 -35.41
CA THR B 75 -50.04 21.14 -36.26
C THR B 75 -50.65 20.17 -37.24
N LYS B 76 -49.81 19.36 -37.85
CA LYS B 76 -50.29 18.44 -38.85
C LYS B 76 -50.42 16.99 -38.36
N ASN B 77 -50.25 16.74 -37.07
CA ASN B 77 -50.25 15.38 -36.54
C ASN B 77 -49.27 14.45 -37.25
N LYS B 78 -48.06 14.94 -37.46
CA LYS B 78 -47.04 14.13 -38.10
C LYS B 78 -45.76 14.15 -37.33
N PHE B 79 -44.99 13.11 -37.46
CA PHE B 79 -43.68 13.14 -36.86
C PHE B 79 -42.72 12.55 -37.84
N SER B 80 -41.46 12.91 -37.72
CA SER B 80 -40.54 12.41 -38.71
C SER B 80 -39.16 12.13 -38.22
N LEU B 81 -38.51 11.28 -38.99
CA LEU B 81 -37.18 10.80 -38.74
C LEU B 81 -36.18 11.17 -39.80
N LYS B 82 -35.06 11.73 -39.39
CA LYS B 82 -34.02 12.03 -40.34
C LYS B 82 -32.68 11.47 -39.94
N LEU B 83 -31.99 10.82 -40.88
CA LEU B 83 -30.65 10.30 -40.60
C LEU B 83 -29.64 10.69 -41.63
N SER B 84 -28.61 11.39 -41.19
CA SER B 84 -27.59 11.85 -42.09
C SER B 84 -26.64 10.75 -42.43
N SER B 85 -25.90 10.94 -43.51
CA SER B 85 -24.84 10.03 -43.89
C SER B 85 -25.23 8.58 -43.94
N VAL B 86 -26.28 8.24 -44.67
CA VAL B 86 -26.68 6.84 -44.71
C VAL B 86 -25.66 5.94 -45.38
N THR B 87 -25.58 4.71 -44.89
CA THR B 87 -24.69 3.75 -45.50
C THR B 87 -25.38 2.45 -45.82
N ALA B 88 -24.64 1.50 -46.34
CA ALA B 88 -25.25 0.24 -46.75
C ALA B 88 -25.93 -0.48 -45.60
N ALA B 89 -25.36 -0.34 -44.42
CA ALA B 89 -25.82 -0.96 -43.19
C ALA B 89 -27.16 -0.43 -42.73
N ASP B 90 -27.61 0.68 -43.30
CA ASP B 90 -28.85 1.28 -42.88
C ASP B 90 -30.02 0.78 -43.69
N THR B 91 -29.78 -0.17 -44.59
CA THR B 91 -30.92 -0.70 -45.31
C THR B 91 -31.73 -1.47 -44.29
N ALA B 92 -32.99 -1.14 -44.19
CA ALA B 92 -33.82 -1.76 -43.17
C ALA B 92 -35.26 -1.42 -43.33
N VAL B 93 -36.09 -2.14 -42.62
CA VAL B 93 -37.46 -1.75 -42.54
C VAL B 93 -37.58 -0.79 -41.39
N TYR B 94 -38.23 0.32 -41.62
CA TYR B 94 -38.42 1.28 -40.58
C TYR B 94 -39.87 1.27 -40.19
N TYR B 95 -40.13 1.37 -38.90
CA TYR B 95 -41.49 1.41 -38.41
C TYR B 95 -41.66 2.59 -37.51
N CYS B 96 -42.83 3.19 -37.54
CA CYS B 96 -43.11 4.19 -36.56
C CYS B 96 -44.03 3.56 -35.53
N ALA B 97 -43.96 4.04 -34.30
CA ALA B 97 -44.80 3.49 -33.25
C ALA B 97 -45.16 4.46 -32.14
N ARG B 98 -46.24 4.16 -31.44
CA ARG B 98 -46.65 4.94 -30.27
C ARG B 98 -46.17 4.28 -29.00
N ASP B 99 -45.70 5.13 -28.08
CA ASP B 99 -45.19 4.74 -26.78
C ASP B 99 -45.84 5.55 -25.62
N PRO B 100 -46.70 4.95 -24.77
CA PRO B 100 -47.40 5.55 -23.66
C PRO B 100 -46.60 5.61 -22.37
N SER B 101 -45.29 5.43 -22.48
CA SER B 101 -44.40 5.43 -21.33
C SER B 101 -44.25 6.80 -20.75
N PHE B 102 -43.62 6.83 -19.60
CA PHE B 102 -43.28 8.02 -18.86
C PHE B 102 -44.52 8.72 -18.37
N TRP B 103 -45.62 7.98 -18.30
CA TRP B 103 -46.91 8.47 -17.87
C TRP B 103 -47.44 9.55 -18.76
N SER B 104 -46.91 9.62 -19.96
CA SER B 104 -47.25 10.57 -20.99
C SER B 104 -48.64 10.38 -21.52
N SER B 105 -49.21 9.23 -21.25
CA SER B 105 -50.55 8.83 -21.64
C SER B 105 -51.59 9.46 -20.75
N THR B 106 -51.13 10.13 -19.70
CA THR B 106 -51.90 10.78 -18.65
C THR B 106 -52.50 9.75 -17.72
N SER B 107 -51.60 9.01 -17.09
CA SER B 107 -51.94 8.03 -16.08
C SER B 107 -50.76 7.74 -15.22
N ARG B 108 -50.97 7.63 -13.93
CA ARG B 108 -49.88 7.31 -13.02
C ARG B 108 -50.02 5.92 -12.46
N THR B 109 -50.88 5.13 -13.09
CA THR B 109 -51.10 3.77 -12.67
C THR B 109 -50.36 2.86 -13.61
N SER B 110 -49.82 3.45 -14.65
CA SER B 110 -49.11 2.74 -15.68
C SER B 110 -47.68 2.50 -15.24
N PRO B 111 -47.02 1.49 -15.77
CA PRO B 111 -45.62 1.26 -15.63
C PRO B 111 -44.91 2.48 -16.15
N TYR B 112 -43.84 2.88 -15.51
CA TYR B 112 -43.15 4.04 -16.03
C TYR B 112 -42.62 3.72 -17.41
N TYR B 113 -42.00 2.56 -17.55
CA TYR B 113 -41.53 2.17 -18.86
C TYR B 113 -42.56 1.18 -19.33
N TYR B 114 -43.25 1.47 -20.41
CA TYR B 114 -44.35 0.60 -20.80
C TYR B 114 -44.01 -0.32 -21.93
N GLY B 115 -43.83 0.24 -23.12
CA GLY B 115 -43.57 -0.54 -24.32
C GLY B 115 -44.25 0.12 -25.48
N MET B 116 -44.20 -0.47 -26.65
CA MET B 116 -44.80 0.18 -27.80
C MET B 116 -46.04 -0.55 -28.27
N ASP B 117 -47.20 0.04 -28.02
CA ASP B 117 -48.43 -0.65 -28.31
C ASP B 117 -48.99 -0.42 -29.70
N VAL B 118 -48.63 0.68 -30.34
CA VAL B 118 -49.24 0.89 -31.66
C VAL B 118 -48.17 0.98 -32.69
N TRP B 119 -48.26 0.14 -33.68
CA TRP B 119 -47.25 0.11 -34.73
C TRP B 119 -47.85 0.40 -36.08
N GLY B 120 -47.09 1.06 -36.94
CA GLY B 120 -47.53 1.24 -38.31
C GLY B 120 -47.12 -0.01 -39.05
N GLN B 121 -47.41 -0.11 -40.35
CA GLN B 121 -47.00 -1.31 -41.05
C GLN B 121 -45.53 -1.30 -41.43
N GLY B 122 -44.93 -0.11 -41.47
CA GLY B 122 -43.52 -0.01 -41.78
C GLY B 122 -43.26 0.18 -43.25
N THR B 123 -42.02 0.57 -43.54
CA THR B 123 -41.58 0.78 -44.91
C THR B 123 -40.17 0.30 -45.11
N LEU B 124 -39.83 -0.11 -46.31
CA LEU B 124 -38.47 -0.54 -46.57
C LEU B 124 -37.64 0.47 -47.27
N VAL B 125 -36.51 0.78 -46.69
CA VAL B 125 -35.59 1.72 -47.28
C VAL B 125 -34.28 1.09 -47.65
N THR B 126 -33.90 1.27 -48.90
CA THR B 126 -32.66 0.76 -49.44
C THR B 126 -31.63 1.85 -49.60
N VAL B 127 -30.40 1.56 -49.18
CA VAL B 127 -29.35 2.52 -49.42
C VAL B 127 -28.49 1.96 -50.53
N SER B 128 -28.42 2.63 -51.66
CA SER B 128 -27.68 2.07 -52.78
C SER B 128 -27.30 3.06 -53.85
N SER B 129 -26.42 2.66 -54.73
CA SER B 129 -25.99 3.50 -55.84
C SER B 129 -26.93 3.36 -57.03
N VAL C 3 -27.44 -5.33 -25.02
CA VAL C 3 -28.14 -6.35 -25.78
C VAL C 3 -28.56 -7.48 -24.87
N LEU C 4 -29.78 -7.96 -25.04
CA LEU C 4 -30.28 -9.05 -24.24
C LEU C 4 -30.00 -10.35 -24.95
N THR C 5 -29.87 -11.44 -24.24
CA THR C 5 -29.63 -12.72 -24.88
C THR C 5 -30.86 -13.59 -24.98
N GLN C 6 -31.09 -14.13 -26.16
CA GLN C 6 -32.17 -15.06 -26.41
C GLN C 6 -31.61 -16.25 -27.16
N PRO C 7 -32.19 -17.45 -27.05
CA PRO C 7 -31.83 -18.58 -27.84
C PRO C 7 -32.31 -18.27 -29.24
N PRO C 8 -31.70 -18.80 -30.28
CA PRO C 8 -32.14 -18.64 -31.65
C PRO C 8 -33.43 -19.37 -32.01
N SER C 9 -33.80 -20.40 -31.26
CA SER C 9 -34.99 -21.13 -31.63
C SER C 9 -35.62 -21.87 -30.48
N ALA C 10 -36.86 -22.29 -30.71
CA ALA C 10 -37.63 -23.08 -29.78
C ALA C 10 -38.61 -23.92 -30.57
N SER C 11 -39.08 -25.02 -30.00
CA SER C 11 -40.08 -25.81 -30.71
C SER C 11 -40.90 -26.71 -29.82
N GLY C 12 -41.99 -27.20 -30.40
CA GLY C 12 -42.85 -28.18 -29.74
C GLY C 12 -44.00 -28.57 -30.65
N THR C 13 -44.80 -29.52 -30.22
CA THR C 13 -45.92 -29.97 -31.03
C THR C 13 -47.14 -29.22 -30.53
N PRO C 14 -48.24 -29.19 -31.28
CA PRO C 14 -49.45 -28.56 -30.84
C PRO C 14 -49.90 -29.14 -29.54
N GLY C 15 -50.35 -28.25 -28.70
CA GLY C 15 -50.87 -28.57 -27.38
C GLY C 15 -49.82 -28.56 -26.29
N GLN C 16 -48.54 -28.50 -26.66
CA GLN C 16 -47.51 -28.52 -25.65
C GLN C 16 -47.22 -27.17 -25.08
N ARG C 17 -46.65 -27.18 -23.90
CA ARG C 17 -46.21 -25.94 -23.31
C ARG C 17 -44.76 -25.76 -23.64
N VAL C 18 -44.43 -24.60 -24.20
CA VAL C 18 -43.06 -24.33 -24.54
C VAL C 18 -42.64 -23.03 -23.92
N THR C 19 -41.35 -22.83 -23.74
CA THR C 19 -40.91 -21.55 -23.21
C THR C 19 -39.76 -20.97 -23.98
N ILE C 20 -39.68 -19.66 -23.96
CA ILE C 20 -38.57 -18.92 -24.52
C ILE C 20 -37.91 -18.10 -23.45
N SER C 21 -36.61 -18.28 -23.28
CA SER C 21 -35.89 -17.52 -22.28
C SER C 21 -35.28 -16.25 -22.82
N CYS C 22 -34.94 -15.36 -21.90
CA CYS C 22 -34.26 -14.10 -22.16
C CYS C 22 -33.37 -13.72 -21.00
N SER C 23 -32.14 -13.29 -21.26
CA SER C 23 -31.31 -12.96 -20.11
C SER C 23 -30.18 -11.96 -20.29
N GLY C 24 -29.66 -11.51 -19.12
CA GLY C 24 -28.45 -10.71 -19.04
C GLY C 24 -28.56 -9.28 -18.51
N SER C 25 -27.62 -8.99 -17.59
CA SER C 25 -27.33 -7.75 -16.85
C SER C 25 -28.30 -7.31 -15.77
N SER C 26 -27.85 -6.29 -15.05
CA SER C 26 -28.54 -5.74 -13.91
C SER C 26 -29.09 -4.37 -14.20
N SER C 27 -28.71 -3.84 -15.34
CA SER C 27 -29.10 -2.49 -15.75
C SER C 27 -30.40 -2.44 -16.50
N ASN C 28 -30.88 -3.60 -16.85
CA ASN C 28 -32.04 -3.75 -17.71
C ASN C 28 -33.11 -4.63 -17.11
N ILE C 29 -33.31 -5.84 -17.62
CA ILE C 29 -34.30 -6.74 -17.03
C ILE C 29 -33.97 -7.03 -15.59
N GLY C 30 -32.72 -6.83 -15.19
CA GLY C 30 -32.36 -7.06 -13.82
C GLY C 30 -32.91 -5.99 -12.86
N ILE C 31 -33.36 -4.85 -13.38
CA ILE C 31 -33.92 -3.78 -12.56
C ILE C 31 -35.31 -3.33 -13.02
N ASN C 32 -35.48 -3.14 -14.32
CA ASN C 32 -36.69 -2.65 -14.94
C ASN C 32 -37.55 -3.82 -15.33
N THR C 33 -38.71 -3.56 -15.89
CA THR C 33 -39.57 -4.64 -16.32
C THR C 33 -39.19 -5.12 -17.69
N VAL C 34 -39.71 -6.27 -18.07
CA VAL C 34 -39.44 -6.83 -19.38
C VAL C 34 -40.71 -7.00 -20.19
N ASN C 35 -40.60 -6.71 -21.48
CA ASN C 35 -41.68 -6.87 -22.41
C ASN C 35 -41.41 -7.97 -23.41
N TRP C 36 -42.48 -8.54 -23.95
CA TRP C 36 -42.33 -9.49 -25.05
C TRP C 36 -43.18 -9.09 -26.22
N TYR C 37 -42.61 -9.26 -27.41
CA TYR C 37 -43.30 -8.96 -28.65
C TYR C 37 -43.31 -10.15 -29.61
N GLN C 38 -44.36 -10.27 -30.38
CA GLN C 38 -44.45 -11.33 -31.37
C GLN C 38 -44.55 -10.83 -32.77
N GLN C 39 -43.63 -11.26 -33.61
CA GLN C 39 -43.63 -10.84 -34.99
C GLN C 39 -43.93 -11.96 -35.94
N LEU C 40 -44.86 -11.71 -36.82
CA LEU C 40 -45.19 -12.69 -37.82
C LEU C 40 -44.38 -12.29 -39.02
N PRO C 41 -44.03 -13.21 -39.92
CA PRO C 41 -43.22 -12.95 -41.09
C PRO C 41 -43.63 -11.77 -41.96
N GLY C 42 -44.93 -11.47 -42.07
CA GLY C 42 -45.33 -10.38 -42.92
C GLY C 42 -45.63 -9.04 -42.24
N THR C 43 -45.38 -8.90 -40.94
CA THR C 43 -45.80 -7.63 -40.33
C THR C 43 -45.00 -7.12 -39.15
N ALA C 44 -45.50 -6.03 -38.59
CA ALA C 44 -44.94 -5.35 -37.45
C ALA C 44 -45.12 -6.24 -36.25
N PRO C 45 -44.27 -6.20 -35.25
CA PRO C 45 -44.41 -6.95 -34.04
C PRO C 45 -45.57 -6.47 -33.22
N LYS C 46 -46.20 -7.39 -32.50
CA LYS C 46 -47.27 -7.07 -31.58
C LYS C 46 -46.82 -7.22 -30.15
N LEU C 47 -47.22 -6.30 -29.29
CA LEU C 47 -46.87 -6.45 -27.88
C LEU C 47 -47.74 -7.50 -27.24
N LEU C 48 -47.11 -8.47 -26.59
CA LEU C 48 -47.88 -9.51 -25.91
C LEU C 48 -47.85 -9.34 -24.44
N ILE C 49 -46.66 -9.07 -23.93
CA ILE C 49 -46.45 -8.98 -22.51
C ILE C 49 -45.78 -7.70 -22.15
N TYR C 50 -46.25 -7.08 -21.10
CA TYR C 50 -45.60 -5.89 -20.60
C TYR C 50 -45.57 -5.98 -19.11
N SER C 51 -44.69 -5.23 -18.48
CA SER C 51 -44.60 -5.27 -17.04
C SER C 51 -44.38 -6.67 -16.51
N ASN C 52 -43.52 -7.43 -17.17
CA ASN C 52 -43.15 -8.79 -16.80
C ASN C 52 -44.23 -9.82 -17.06
N ASN C 53 -45.41 -9.62 -16.50
CA ASN C 53 -46.47 -10.58 -16.67
C ASN C 53 -47.86 -10.06 -17.02
N GLN C 54 -47.99 -8.85 -17.53
CA GLN C 54 -49.31 -8.35 -17.86
C GLN C 54 -49.51 -8.47 -19.33
N ARG C 55 -50.75 -8.53 -19.79
CA ARG C 55 -50.91 -8.58 -21.22
C ARG C 55 -51.95 -7.56 -21.63
N PRO C 56 -51.83 -6.94 -22.81
CA PRO C 56 -52.77 -6.04 -23.41
C PRO C 56 -54.06 -6.75 -23.69
N SER C 57 -55.15 -6.02 -23.68
CA SER C 57 -56.40 -6.63 -24.02
C SER C 57 -56.30 -7.20 -25.41
N GLY C 58 -56.87 -8.37 -25.59
CA GLY C 58 -56.86 -9.04 -26.88
C GLY C 58 -55.80 -10.11 -26.97
N VAL C 59 -54.86 -10.12 -26.04
CA VAL C 59 -53.84 -11.14 -26.04
C VAL C 59 -54.37 -12.35 -25.30
N PRO C 60 -54.30 -13.55 -25.88
CA PRO C 60 -54.74 -14.78 -25.27
C PRO C 60 -53.99 -15.03 -23.99
N ASP C 61 -54.63 -15.70 -23.06
CA ASP C 61 -54.06 -15.98 -21.77
C ASP C 61 -53.16 -17.19 -21.78
N ARG C 62 -52.94 -17.70 -22.97
CA ARG C 62 -52.03 -18.78 -23.18
C ARG C 62 -50.62 -18.22 -23.12
N PHE C 63 -50.51 -16.90 -23.22
CA PHE C 63 -49.22 -16.23 -23.17
C PHE C 63 -49.01 -15.69 -21.77
N SER C 64 -48.02 -16.24 -21.09
CA SER C 64 -47.74 -15.90 -19.71
C SER C 64 -46.28 -15.56 -19.47
N GLY C 65 -46.05 -14.32 -19.04
CA GLY C 65 -44.68 -13.88 -18.81
C GLY C 65 -44.26 -14.09 -17.37
N SER C 66 -42.96 -14.23 -17.16
CA SER C 66 -42.38 -14.36 -15.84
C SER C 66 -40.96 -13.84 -15.77
N LYS C 67 -40.58 -13.22 -14.66
CA LYS C 67 -39.23 -12.73 -14.48
C LYS C 67 -38.65 -12.96 -13.11
N SER C 68 -37.36 -13.28 -13.06
CA SER C 68 -36.64 -13.44 -11.81
C SER C 68 -35.17 -13.12 -11.98
N GLY C 69 -34.57 -12.45 -11.01
CA GLY C 69 -33.15 -12.21 -11.12
C GLY C 69 -32.83 -11.37 -12.35
N THR C 70 -31.95 -11.92 -13.19
CA THR C 70 -31.47 -11.30 -14.40
C THR C 70 -31.91 -12.07 -15.62
N SER C 71 -32.97 -12.84 -15.47
CA SER C 71 -33.51 -13.60 -16.58
C SER C 71 -35.01 -13.60 -16.58
N ALA C 72 -35.58 -13.88 -17.72
CA ALA C 72 -37.01 -13.87 -17.90
C ALA C 72 -37.44 -14.85 -18.95
N SER C 73 -38.71 -15.18 -18.93
CA SER C 73 -39.21 -16.07 -19.94
C SER C 73 -40.65 -15.85 -20.30
N LEU C 74 -40.99 -16.33 -21.48
CA LEU C 74 -42.33 -16.35 -21.96
C LEU C 74 -42.82 -17.75 -22.14
N ALA C 75 -43.89 -18.10 -21.46
CA ALA C 75 -44.44 -19.42 -21.59
C ALA C 75 -45.64 -19.39 -22.47
N ILE C 76 -45.69 -20.34 -23.38
CA ILE C 76 -46.83 -20.46 -24.26
C ILE C 76 -47.53 -21.78 -24.02
N SER C 77 -48.71 -21.71 -23.46
CA SER C 77 -49.47 -22.90 -23.15
C SER C 77 -50.34 -23.26 -24.32
N GLY C 78 -50.58 -24.56 -24.54
CA GLY C 78 -51.53 -24.88 -25.58
C GLY C 78 -50.99 -24.49 -26.93
N LEU C 79 -49.71 -24.73 -27.21
CA LEU C 79 -49.14 -24.28 -28.45
C LEU C 79 -50.00 -24.58 -29.66
N GLN C 80 -50.23 -23.53 -30.45
CA GLN C 80 -51.02 -23.59 -31.67
C GLN C 80 -50.15 -23.44 -32.88
N SER C 81 -50.64 -23.87 -34.04
CA SER C 81 -49.91 -23.69 -35.29
C SER C 81 -49.73 -22.22 -35.59
N GLU C 82 -50.69 -21.44 -35.16
CA GLU C 82 -50.72 -20.01 -35.34
C GLU C 82 -49.67 -19.29 -34.50
N ASP C 83 -49.03 -19.98 -33.57
CA ASP C 83 -48.05 -19.35 -32.72
C ASP C 83 -46.68 -19.38 -33.35
N GLU C 84 -46.54 -20.00 -34.54
CA GLU C 84 -45.22 -19.97 -35.14
C GLU C 84 -44.89 -18.51 -35.32
N ALA C 85 -43.76 -18.08 -34.80
CA ALA C 85 -43.41 -16.66 -34.89
C ALA C 85 -42.00 -16.37 -34.38
N ASP C 86 -41.56 -15.14 -34.64
CA ASP C 86 -40.34 -14.60 -34.12
C ASP C 86 -40.63 -13.88 -32.80
N TYR C 87 -40.11 -14.37 -31.69
CA TYR C 87 -40.44 -13.72 -30.44
C TYR C 87 -39.28 -12.89 -29.94
N TYR C 88 -39.60 -11.71 -29.44
CA TYR C 88 -38.59 -10.79 -28.96
C TYR C 88 -38.76 -10.37 -27.54
N CYS C 89 -37.64 -10.28 -26.86
CA CYS C 89 -37.52 -9.81 -25.49
C CYS C 89 -37.01 -8.38 -25.49
N ALA C 90 -37.61 -7.50 -24.71
CA ALA C 90 -37.11 -6.14 -24.66
C ALA C 90 -37.21 -5.48 -23.30
N ALA C 91 -36.28 -4.56 -23.01
CA ALA C 91 -36.33 -3.84 -21.74
C ALA C 91 -35.63 -2.50 -21.77
N TRP C 92 -36.00 -1.63 -20.87
CA TRP C 92 -35.29 -0.38 -20.76
C TRP C 92 -33.98 -0.70 -20.10
N ASP C 93 -32.89 -0.13 -20.56
CA ASP C 93 -31.56 -0.34 -20.00
C ASP C 93 -30.95 0.97 -19.65
N ASP C 94 -30.82 1.23 -18.35
CA ASP C 94 -30.41 2.53 -17.85
C ASP C 94 -29.05 3.02 -18.34
N ASN C 95 -28.18 2.12 -18.77
CA ASN C 95 -26.88 2.57 -19.24
C ASN C 95 -27.01 3.26 -20.58
N LEU C 96 -28.00 2.85 -21.35
CA LEU C 96 -28.22 3.43 -22.66
C LEU C 96 -29.38 4.38 -22.59
N ASN C 97 -30.21 4.17 -21.59
CA ASN C 97 -31.40 4.90 -21.33
C ASN C 97 -32.39 4.80 -22.49
N GLY C 98 -32.62 3.58 -22.97
CA GLY C 98 -33.62 3.39 -24.02
C GLY C 98 -33.65 2.08 -24.79
N TRP C 99 -34.75 1.35 -24.55
CA TRP C 99 -35.24 0.14 -25.21
C TRP C 99 -34.28 -0.82 -25.90
N VAL C 100 -33.73 -1.74 -25.15
CA VAL C 100 -32.86 -2.76 -25.67
C VAL C 100 -33.60 -4.02 -26.07
N PHE C 101 -33.30 -4.55 -27.24
CA PHE C 101 -33.91 -5.80 -27.69
C PHE C 101 -32.91 -6.96 -27.63
N GLY C 102 -33.42 -8.16 -27.47
CA GLY C 102 -32.59 -9.37 -27.45
C GLY C 102 -32.43 -10.11 -28.77
N GLY C 103 -32.88 -9.54 -29.86
CA GLY C 103 -32.83 -10.28 -31.10
C GLY C 103 -34.03 -11.17 -30.98
N GLY C 104 -34.16 -12.20 -31.79
CA GLY C 104 -35.39 -12.96 -31.61
C GLY C 104 -35.16 -14.44 -31.58
N THR C 105 -36.20 -15.15 -31.20
CA THR C 105 -36.21 -16.60 -31.14
C THR C 105 -37.23 -17.12 -32.11
N LYS C 106 -36.86 -18.09 -32.94
CA LYS C 106 -37.85 -18.64 -33.85
C LYS C 106 -38.54 -19.84 -33.25
N LEU C 107 -39.83 -19.70 -33.04
CA LEU C 107 -40.62 -20.78 -32.48
C LEU C 107 -41.29 -21.56 -33.56
N THR C 108 -40.96 -22.83 -33.63
CA THR C 108 -41.49 -23.74 -34.63
C THR C 108 -42.48 -24.72 -34.07
N VAL C 109 -43.63 -24.80 -34.71
CA VAL C 109 -44.64 -25.73 -34.28
C VAL C 109 -44.46 -26.95 -35.17
N LEU C 110 -44.32 -28.10 -34.57
CA LEU C 110 -44.02 -29.31 -35.27
C LEU C 110 -45.27 -30.05 -35.71
N GLY C 111 -45.20 -30.68 -36.88
CA GLY C 111 -46.31 -31.46 -37.39
C GLY C 111 -46.33 -31.39 -38.92
N ARG D 42 -14.27 20.04 26.39
CA ARG D 42 -15.62 19.72 25.95
C ARG D 42 -16.48 19.33 27.13
N ASN D 43 -17.58 18.65 26.85
CA ASN D 43 -18.49 18.26 27.89
C ASN D 43 -19.18 16.99 27.44
N PHE D 44 -20.04 16.45 28.26
CA PHE D 44 -20.69 15.23 27.86
C PHE D 44 -21.87 15.49 26.98
N ASN D 45 -22.10 14.58 26.06
CA ASN D 45 -23.28 14.68 25.23
C ASN D 45 -24.52 14.35 26.03
N ASN D 46 -25.57 15.15 25.88
CA ASN D 46 -26.84 14.89 26.54
C ASN D 46 -27.93 14.56 25.53
N LEU D 47 -28.80 13.65 25.89
CA LEU D 47 -29.92 13.29 25.02
C LEU D 47 -31.07 14.24 25.15
N THR D 48 -31.01 15.32 24.39
CA THR D 48 -32.02 16.36 24.50
C THR D 48 -32.93 16.59 23.29
N LYS D 49 -32.54 16.12 22.11
CA LYS D 49 -33.30 16.43 20.90
C LYS D 49 -34.25 15.31 20.55
N GLY D 50 -35.23 15.57 19.70
CA GLY D 50 -36.17 14.50 19.35
C GLY D 50 -35.75 13.81 18.09
N LEU D 51 -36.55 12.87 17.58
CA LEU D 51 -36.16 12.29 16.29
C LEU D 51 -36.80 13.09 15.19
N CYS D 52 -36.12 13.15 14.07
CA CYS D 52 -36.67 13.84 12.91
C CYS D 52 -37.75 12.98 12.27
N THR D 53 -38.67 13.61 11.56
CA THR D 53 -39.67 12.87 10.82
C THR D 53 -39.01 12.06 9.73
N ILE D 54 -39.36 10.80 9.60
CA ILE D 54 -38.76 10.01 8.54
C ILE D 54 -39.73 9.73 7.43
N ASN D 55 -39.49 10.35 6.28
CA ASN D 55 -40.33 10.13 5.12
C ASN D 55 -39.64 9.19 4.16
N SER D 56 -38.33 9.23 4.11
CA SER D 56 -37.57 8.36 3.22
C SER D 56 -36.15 8.21 3.68
N TRP D 57 -35.42 7.25 3.09
CA TRP D 57 -34.01 7.08 3.43
C TRP D 57 -33.09 7.40 2.25
N HIS D 58 -31.90 7.93 2.52
CA HIS D 58 -30.95 8.24 1.45
C HIS D 58 -29.58 7.70 1.79
N ILE D 59 -28.76 7.45 0.79
CA ILE D 59 -27.48 6.88 1.11
C ILE D 59 -26.57 7.81 1.85
N TYR D 60 -25.91 7.25 2.85
CA TYR D 60 -24.97 7.94 3.70
C TYR D 60 -23.55 7.50 3.34
N GLY D 61 -23.34 6.20 3.20
CA GLY D 61 -21.99 5.71 2.90
C GLY D 61 -21.97 4.26 2.40
N LYS D 62 -20.84 3.85 1.85
CA LYS D 62 -20.64 2.52 1.29
C LYS D 62 -19.18 2.28 0.99
N ASP D 63 -18.60 1.17 1.42
CA ASP D 63 -17.16 1.00 1.14
C ASP D 63 -16.75 0.22 -0.10
N ASN D 64 -17.60 -0.66 -0.57
CA ASN D 64 -17.31 -1.53 -1.72
C ASN D 64 -16.08 -2.35 -1.40
N ALA D 65 -15.97 -2.81 -0.17
CA ALA D 65 -14.78 -3.54 0.23
C ALA D 65 -14.46 -4.76 -0.59
N VAL D 66 -15.42 -5.53 -1.02
CA VAL D 66 -14.99 -6.73 -1.75
C VAL D 66 -14.51 -6.41 -3.16
N ARG D 67 -15.21 -5.54 -3.87
CA ARG D 67 -14.79 -5.19 -5.22
C ARG D 67 -13.37 -4.69 -5.27
N ILE D 68 -13.00 -3.91 -4.27
CA ILE D 68 -11.65 -3.38 -4.16
C ILE D 68 -10.70 -4.49 -3.76
N GLY D 69 -11.12 -5.31 -2.80
CA GLY D 69 -10.32 -6.37 -2.24
C GLY D 69 -9.83 -7.36 -3.26
N GLU D 70 -10.57 -7.56 -4.32
CA GLU D 70 -10.14 -8.50 -5.34
C GLU D 70 -8.71 -8.25 -5.78
N SER D 71 -8.26 -7.00 -5.88
CA SER D 71 -6.91 -6.76 -6.33
C SER D 71 -6.07 -5.94 -5.37
N SER D 72 -6.43 -5.89 -4.10
CA SER D 72 -5.68 -5.03 -3.18
C SER D 72 -5.64 -5.53 -1.74
N ASP D 73 -4.83 -4.89 -0.90
CA ASP D 73 -4.65 -5.37 0.46
C ASP D 73 -5.71 -4.91 1.45
N VAL D 74 -6.87 -5.53 1.29
CA VAL D 74 -8.09 -5.29 2.06
C VAL D 74 -8.30 -6.43 3.01
N LEU D 75 -8.60 -6.11 4.25
CA LEU D 75 -8.78 -7.08 5.30
C LEU D 75 -10.11 -7.79 5.26
N VAL D 76 -10.10 -9.01 5.77
CA VAL D 76 -11.31 -9.77 5.93
C VAL D 76 -11.96 -9.40 7.23
N THR D 77 -13.24 -9.01 7.16
CA THR D 77 -14.00 -8.62 8.33
C THR D 77 -15.37 -9.23 8.38
N ARG D 78 -16.02 -9.05 9.53
CA ARG D 78 -17.41 -9.34 9.85
C ARG D 78 -17.96 -8.41 10.92
N GLU D 79 -19.27 -8.38 11.06
CA GLU D 79 -19.94 -7.63 12.12
C GLU D 79 -19.60 -6.16 12.12
N PRO D 80 -19.81 -5.43 11.04
CA PRO D 80 -19.51 -4.05 10.95
C PRO D 80 -20.52 -3.24 11.68
N TYR D 81 -20.16 -2.02 12.02
CA TYR D 81 -21.09 -1.05 12.56
C TYR D 81 -20.58 0.36 12.33
N VAL D 82 -21.42 1.34 12.58
CA VAL D 82 -21.01 2.71 12.36
C VAL D 82 -21.10 3.48 13.65
N SER D 83 -20.13 4.32 13.92
CA SER D 83 -20.20 5.14 15.13
C SER D 83 -19.48 6.45 14.91
N CYS D 84 -19.99 7.52 15.50
CA CYS D 84 -19.40 8.82 15.28
C CYS D 84 -18.84 9.46 16.54
N ASP D 85 -17.72 10.15 16.37
CA ASP D 85 -17.13 10.97 17.42
C ASP D 85 -17.75 12.34 17.18
N PRO D 86 -17.52 13.38 17.97
CA PRO D 86 -18.08 14.70 17.78
C PRO D 86 -17.77 15.34 16.45
N ASP D 87 -16.69 14.96 15.80
CA ASP D 87 -16.35 15.55 14.54
C ASP D 87 -15.99 14.56 13.44
N GLU D 88 -16.30 13.28 13.63
CA GLU D 88 -15.91 12.30 12.62
C GLU D 88 -16.70 11.01 12.65
N CYS D 89 -17.06 10.48 11.49
CA CYS D 89 -17.69 9.18 11.51
C CYS D 89 -16.80 8.14 10.89
N ARG D 90 -16.78 6.98 11.53
CA ARG D 90 -15.96 5.87 11.09
C ARG D 90 -16.70 4.55 11.09
N PHE D 91 -16.21 3.63 10.29
CA PHE D 91 -16.72 2.29 10.29
C PHE D 91 -15.94 1.48 11.27
N TYR D 92 -16.61 0.57 11.91
CA TYR D 92 -15.97 -0.34 12.83
C TYR D 92 -16.28 -1.75 12.41
N ALA D 93 -15.34 -2.67 12.62
CA ALA D 93 -15.61 -4.07 12.29
C ALA D 93 -14.65 -5.00 12.97
N LEU D 94 -14.97 -6.27 13.03
CA LEU D 94 -14.03 -7.23 13.56
C LEU D 94 -13.29 -7.92 12.45
N SER D 95 -11.98 -7.77 12.44
CA SER D 95 -11.15 -8.36 11.41
C SER D 95 -10.76 -9.76 11.77
N GLN D 96 -10.36 -10.54 10.76
CA GLN D 96 -9.88 -11.91 10.93
C GLN D 96 -8.38 -12.08 10.93
N GLY D 97 -7.64 -10.98 10.90
CA GLY D 97 -6.19 -11.11 10.92
C GLY D 97 -5.60 -11.60 9.62
N THR D 98 -6.25 -11.30 8.51
CA THR D 98 -5.82 -11.71 7.19
C THR D 98 -6.42 -10.88 6.11
N THR D 99 -5.77 -10.83 4.96
CA THR D 99 -6.30 -10.15 3.80
C THR D 99 -7.17 -11.07 2.98
N ILE D 100 -8.00 -10.50 2.13
CA ILE D 100 -8.94 -11.29 1.33
C ILE D 100 -8.28 -12.26 0.40
N ARG D 101 -7.21 -11.85 -0.22
CA ARG D 101 -6.56 -12.73 -1.18
C ARG D 101 -5.40 -13.50 -0.58
N GLY D 102 -5.21 -13.45 0.73
CA GLY D 102 -4.09 -14.16 1.28
C GLY D 102 -4.47 -15.60 1.49
N LYS D 103 -3.51 -16.42 1.85
CA LYS D 103 -3.84 -17.83 2.05
C LYS D 103 -4.40 -18.09 3.41
N HIS D 104 -4.30 -17.11 4.29
CA HIS D 104 -4.84 -17.30 5.60
C HIS D 104 -6.31 -16.95 5.59
N SER D 105 -6.83 -16.60 4.42
CA SER D 105 -8.28 -16.30 4.28
C SER D 105 -9.08 -17.60 4.24
N ASN D 106 -8.38 -18.73 4.20
CA ASN D 106 -9.04 -20.06 4.13
C ASN D 106 -9.60 -20.40 5.50
N GLY D 107 -10.92 -20.45 5.64
CA GLY D 107 -11.55 -20.90 6.90
C GLY D 107 -12.04 -19.73 7.73
N THR D 108 -11.94 -18.51 7.22
CA THR D 108 -12.43 -17.33 7.93
C THR D 108 -13.88 -17.40 8.37
N ILE D 109 -14.56 -18.46 8.02
CA ILE D 109 -15.92 -18.62 8.46
C ILE D 109 -16.09 -18.70 9.96
N HIS D 110 -15.09 -19.19 10.70
CA HIS D 110 -15.26 -19.26 12.14
C HIS D 110 -15.08 -17.89 12.78
N ASP D 111 -15.96 -17.55 13.72
CA ASP D 111 -15.91 -16.26 14.38
C ASP D 111 -15.29 -16.10 15.76
N ARG D 112 -14.72 -17.12 16.34
CA ARG D 112 -14.08 -16.91 17.63
C ARG D 112 -12.66 -17.40 17.62
N SER D 113 -11.73 -16.48 17.52
CA SER D 113 -10.34 -16.86 17.47
C SER D 113 -9.49 -15.79 18.05
N GLN D 114 -8.27 -16.17 18.30
CA GLN D 114 -7.24 -15.33 18.85
C GLN D 114 -6.58 -14.45 17.82
N TYR D 115 -7.13 -14.43 16.62
CA TYR D 115 -6.60 -13.59 15.59
C TYR D 115 -7.57 -12.47 15.27
N ARG D 116 -8.67 -12.36 16.03
CA ARG D 116 -9.66 -11.33 15.77
C ARG D 116 -9.46 -10.06 16.55
N ALA D 117 -9.79 -8.95 15.90
CA ALA D 117 -9.65 -7.66 16.55
C ALA D 117 -10.61 -6.63 16.02
N LEU D 118 -10.86 -5.61 16.81
CA LEU D 118 -11.73 -4.53 16.41
C LEU D 118 -10.96 -3.43 15.80
N ILE D 119 -11.34 -3.08 14.59
CA ILE D 119 -10.66 -2.06 13.85
C ILE D 119 -11.61 -0.95 13.49
N SER D 120 -11.04 0.18 13.14
CA SER D 120 -11.79 1.35 12.75
C SER D 120 -11.17 2.08 11.59
N TRP D 121 -11.99 2.49 10.64
CA TRP D 121 -11.44 3.19 9.49
C TRP D 121 -12.47 4.21 8.99
N PRO D 122 -12.09 5.23 8.21
CA PRO D 122 -12.95 6.30 7.73
C PRO D 122 -14.13 5.84 6.90
N LEU D 123 -15.26 6.53 7.02
CA LEU D 123 -16.40 6.12 6.23
C LEU D 123 -16.14 6.14 4.77
N SER D 124 -16.69 5.10 4.17
CA SER D 124 -16.70 4.77 2.76
C SER D 124 -15.36 4.39 2.19
N SER D 125 -14.36 4.23 3.03
CA SER D 125 -13.12 3.69 2.56
C SER D 125 -13.19 2.22 2.91
N PRO D 126 -12.53 1.34 2.19
CA PRO D 126 -12.43 -0.06 2.53
C PRO D 126 -11.54 -0.19 3.73
N PRO D 127 -11.67 -1.27 4.50
CA PRO D 127 -10.89 -1.61 5.66
C PRO D 127 -9.58 -2.15 5.25
N THR D 128 -8.71 -1.27 4.78
CA THR D 128 -7.45 -1.77 4.31
C THR D 128 -6.50 -1.95 5.45
N VAL D 129 -5.45 -2.70 5.16
CA VAL D 129 -4.42 -2.97 6.13
C VAL D 129 -3.56 -1.77 6.43
N TYR D 130 -3.59 -0.78 5.57
CA TYR D 130 -2.75 0.37 5.76
C TYR D 130 -3.49 1.60 6.24
N ASN D 131 -4.78 1.53 6.55
CA ASN D 131 -5.42 2.75 7.00
C ASN D 131 -6.30 2.52 8.19
N SER D 132 -6.25 1.32 8.71
CA SER D 132 -7.10 0.96 9.81
C SER D 132 -6.40 1.14 11.10
N ARG D 133 -7.15 1.49 12.11
CA ARG D 133 -6.61 1.58 13.44
C ARG D 133 -7.20 0.48 14.26
N VAL D 134 -6.42 -0.11 15.12
CA VAL D 134 -6.95 -1.15 15.97
C VAL D 134 -7.39 -0.52 17.26
N GLU D 135 -8.60 -0.83 17.65
CA GLU D 135 -9.16 -0.28 18.86
C GLU D 135 -8.93 -1.22 20.01
N CYS D 136 -9.09 -2.51 19.76
CA CYS D 136 -8.92 -3.51 20.82
C CYS D 136 -8.84 -4.90 20.23
N ILE D 137 -8.57 -5.88 21.07
CA ILE D 137 -8.57 -7.27 20.66
C ILE D 137 -9.68 -8.06 21.29
N GLY D 138 -10.32 -8.90 20.49
CA GLY D 138 -11.41 -9.73 20.97
C GLY D 138 -12.31 -10.16 19.84
N TRP D 139 -13.11 -11.18 20.08
CA TRP D 139 -14.02 -11.68 19.07
C TRP D 139 -15.41 -11.09 19.09
N SER D 140 -15.69 -10.27 20.07
CA SER D 140 -16.97 -9.58 20.16
C SER D 140 -16.78 -8.24 20.83
N SER D 141 -17.39 -7.18 20.32
CA SER D 141 -17.14 -5.88 20.93
C SER D 141 -18.18 -4.83 20.65
N THR D 142 -18.12 -3.74 21.42
CA THR D 142 -18.98 -2.56 21.24
C THR D 142 -18.27 -1.29 21.61
N SER D 143 -18.67 -0.16 21.05
CA SER D 143 -18.04 1.10 21.42
C SER D 143 -18.91 2.33 21.23
N CYS D 144 -18.57 3.41 21.92
CA CYS D 144 -19.27 4.68 21.73
C CYS D 144 -18.54 5.88 22.32
N HIS D 145 -18.97 7.07 21.93
CA HIS D 145 -18.31 8.26 22.43
C HIS D 145 -19.24 9.02 23.32
N ASP D 146 -18.74 9.50 24.44
CA ASP D 146 -19.58 10.21 25.39
C ASP D 146 -19.55 11.73 25.33
N GLY D 147 -18.85 12.29 24.37
CA GLY D 147 -18.68 13.73 24.21
C GLY D 147 -17.30 14.19 24.64
N LYS D 148 -16.60 13.38 25.44
CA LYS D 148 -15.26 13.72 25.83
C LYS D 148 -14.30 12.71 25.23
N SER D 149 -14.64 11.43 25.30
CA SER D 149 -13.79 10.41 24.69
C SER D 149 -14.54 9.14 24.35
N ARG D 150 -13.80 8.19 23.79
CA ARG D 150 -14.43 6.95 23.39
C ARG D 150 -14.17 5.79 24.31
N MET D 151 -15.24 5.03 24.51
CA MET D 151 -15.24 3.81 25.28
C MET D 151 -15.30 2.64 24.35
N SER D 152 -14.58 1.59 24.66
CA SER D 152 -14.62 0.39 23.84
C SER D 152 -14.54 -0.87 24.67
N ILE D 153 -15.45 -1.79 24.44
CA ILE D 153 -15.48 -3.01 25.23
C ILE D 153 -15.25 -4.21 24.38
N CYS D 154 -14.25 -5.01 24.73
CA CYS D 154 -13.95 -6.15 23.90
C CYS D 154 -13.84 -7.47 24.65
N ILE D 155 -14.44 -8.49 24.07
CA ILE D 155 -14.49 -9.83 24.61
C ILE D 155 -13.56 -10.77 23.88
N SER D 156 -12.77 -11.49 24.66
CA SER D 156 -11.80 -12.45 24.16
C SER D 156 -11.76 -13.68 25.03
N GLY D 157 -11.05 -14.72 24.58
CA GLY D 157 -10.91 -15.91 25.39
C GLY D 157 -11.64 -17.13 24.81
N PRO D 158 -11.62 -18.26 25.52
CA PRO D 158 -12.18 -19.55 25.22
C PRO D 158 -13.65 -19.51 25.42
N ASN D 159 -14.37 -20.54 25.03
CA ASN D 159 -15.79 -20.46 25.24
C ASN D 159 -16.24 -20.40 26.70
N ASN D 160 -15.48 -20.94 27.62
CA ASN D 160 -15.93 -20.91 29.00
C ASN D 160 -15.28 -19.84 29.87
N ASN D 161 -13.98 -19.78 29.85
CA ASN D 161 -13.22 -18.83 30.65
C ASN D 161 -12.97 -17.54 29.87
N ALA D 162 -14.03 -16.98 29.36
CA ALA D 162 -14.00 -15.76 28.56
C ALA D 162 -13.89 -14.53 29.44
N SER D 163 -13.49 -13.42 28.87
CA SER D 163 -13.45 -12.19 29.65
C SER D 163 -13.61 -10.96 28.79
N ALA D 164 -13.91 -9.82 29.41
CA ALA D 164 -14.01 -8.57 28.67
C ALA D 164 -13.18 -7.47 29.27
N VAL D 165 -12.62 -6.66 28.39
CA VAL D 165 -11.83 -5.53 28.81
C VAL D 165 -12.43 -4.24 28.32
N VAL D 166 -12.62 -3.34 29.24
CA VAL D 166 -13.19 -2.06 28.96
C VAL D 166 -12.08 -1.05 28.85
N TRP D 167 -12.01 -0.41 27.72
CA TRP D 167 -11.04 0.59 27.37
C TRP D 167 -11.68 1.94 27.38
N TYR D 168 -10.93 2.97 27.74
CA TYR D 168 -11.46 4.31 27.63
C TYR D 168 -10.35 5.24 27.32
N ASN D 169 -10.54 6.05 26.30
CA ASN D 169 -9.54 7.00 25.91
C ASN D 169 -8.22 6.28 25.66
N ARG D 170 -8.30 5.14 24.99
CA ARG D 170 -7.19 4.30 24.61
C ARG D 170 -6.45 3.59 25.75
N ARG D 171 -6.93 3.65 26.97
CA ARG D 171 -6.28 2.92 28.05
C ARG D 171 -7.21 1.85 28.54
N PRO D 172 -6.74 0.70 28.99
CA PRO D 172 -7.58 -0.27 29.60
C PRO D 172 -8.00 0.35 30.91
N VAL D 173 -9.24 0.18 31.29
CA VAL D 173 -9.73 0.72 32.54
C VAL D 173 -10.26 -0.31 33.50
N ALA D 174 -11.08 -1.21 33.00
CA ALA D 174 -11.76 -2.16 33.87
C ALA D 174 -12.00 -3.48 33.20
N GLU D 175 -12.16 -4.53 33.99
CA GLU D 175 -12.39 -5.84 33.40
C GLU D 175 -13.56 -6.56 34.01
N ILE D 176 -14.19 -7.39 33.19
CA ILE D 176 -15.32 -8.23 33.56
C ILE D 176 -15.09 -9.71 33.25
N ASN D 177 -15.31 -10.58 34.22
CA ASN D 177 -15.19 -12.01 33.96
C ASN D 177 -16.58 -12.54 33.65
N THR D 178 -16.72 -13.80 33.35
CA THR D 178 -17.98 -14.42 33.04
C THR D 178 -18.76 -14.83 34.25
N TRP D 179 -20.01 -15.18 34.05
CA TRP D 179 -20.82 -15.61 35.16
C TRP D 179 -21.55 -16.91 34.86
N ALA D 180 -21.83 -17.16 33.60
CA ALA D 180 -22.49 -18.39 33.21
C ALA D 180 -21.49 -19.32 32.53
N ARG D 181 -20.35 -18.76 32.12
CA ARG D 181 -19.29 -19.47 31.41
C ARG D 181 -19.69 -20.07 30.09
N ASN D 182 -20.45 -19.33 29.29
CA ASN D 182 -20.82 -19.83 27.98
C ASN D 182 -20.83 -18.70 26.97
N ILE D 183 -19.68 -18.49 26.32
CA ILE D 183 -19.46 -17.46 25.33
C ILE D 183 -20.09 -16.12 25.59
N LEU D 184 -19.44 -15.33 26.41
CA LEU D 184 -19.89 -14.00 26.77
C LEU D 184 -20.09 -13.21 25.49
N ARG D 185 -21.21 -12.50 25.37
CA ARG D 185 -21.57 -11.75 24.17
C ARG D 185 -21.95 -10.31 24.46
N THR D 186 -21.79 -9.45 23.48
CA THR D 186 -22.21 -8.06 23.65
C THR D 186 -23.03 -7.57 22.45
N GLN D 187 -23.27 -6.27 22.42
CA GLN D 187 -24.12 -5.63 21.43
C GLN D 187 -23.67 -5.54 19.98
N GLU D 188 -22.38 -5.58 19.72
CA GLU D 188 -21.78 -5.43 18.39
C GLU D 188 -21.86 -3.98 17.86
N SER D 189 -23.05 -3.42 17.82
CA SER D 189 -23.27 -2.05 17.38
C SER D 189 -22.92 -1.06 18.46
N GLU D 190 -22.98 0.23 18.14
CA GLU D 190 -22.60 1.26 19.10
C GLU D 190 -23.50 1.39 20.30
N CYS D 191 -22.93 1.90 21.36
CA CYS D 191 -23.63 2.23 22.59
C CYS D 191 -24.01 3.71 22.64
N VAL D 192 -24.94 4.07 23.50
CA VAL D 192 -25.38 5.45 23.59
C VAL D 192 -25.13 5.99 24.98
N CYS D 193 -24.51 7.15 25.07
CA CYS D 193 -24.22 7.70 26.38
C CYS D 193 -25.06 8.92 26.69
N HIS D 194 -25.36 9.11 27.97
CA HIS D 194 -26.05 10.31 28.43
C HIS D 194 -25.39 10.91 29.63
N ASN D 195 -24.87 12.09 29.48
CA ASN D 195 -24.19 12.77 30.56
C ASN D 195 -23.09 11.93 31.14
N GLY D 196 -22.38 11.22 30.29
CA GLY D 196 -21.27 10.40 30.71
C GLY D 196 -21.61 8.97 31.02
N VAL D 197 -22.89 8.62 31.12
CA VAL D 197 -23.22 7.23 31.44
C VAL D 197 -23.63 6.46 30.22
N CYS D 198 -22.96 5.35 30.01
CA CYS D 198 -23.15 4.53 28.84
C CYS D 198 -23.60 3.11 29.19
N PRO D 199 -24.90 2.80 29.18
CA PRO D 199 -25.42 1.48 29.45
C PRO D 199 -24.95 0.51 28.38
N VAL D 200 -24.55 -0.69 28.78
CA VAL D 200 -24.12 -1.73 27.84
C VAL D 200 -24.80 -3.05 28.14
N VAL D 201 -25.30 -3.71 27.10
CA VAL D 201 -25.98 -4.98 27.31
C VAL D 201 -25.08 -6.18 27.08
N PHE D 202 -25.01 -7.08 28.06
CA PHE D 202 -24.21 -8.30 27.96
C PHE D 202 -25.01 -9.58 28.17
N THR D 203 -24.59 -10.64 27.50
CA THR D 203 -25.18 -11.96 27.68
C THR D 203 -24.16 -13.04 27.94
N ASP D 204 -24.46 -13.95 28.86
CA ASP D 204 -23.61 -15.10 29.13
C ASP D 204 -24.53 -16.29 29.37
N GLY D 205 -24.46 -17.31 28.53
CA GLY D 205 -25.40 -18.40 28.68
C GLY D 205 -25.80 -19.01 27.36
N SER D 206 -26.68 -19.98 27.40
CA SER D 206 -27.06 -20.67 26.19
C SER D 206 -27.69 -19.77 25.16
N ALA D 207 -27.33 -19.98 23.91
CA ALA D 207 -27.90 -19.21 22.84
C ALA D 207 -29.16 -19.85 22.33
N THR D 208 -29.47 -21.01 22.89
CA THR D 208 -30.60 -21.81 22.51
C THR D 208 -31.48 -22.14 23.69
N GLY D 209 -31.43 -21.30 24.71
CA GLY D 209 -32.20 -21.52 25.92
C GLY D 209 -32.12 -20.24 26.73
N PRO D 210 -32.58 -20.23 27.97
CA PRO D 210 -32.54 -19.09 28.83
C PRO D 210 -31.10 -18.73 29.04
N ALA D 211 -30.82 -17.46 29.27
CA ALA D 211 -29.46 -17.02 29.50
C ALA D 211 -29.49 -15.89 30.46
N ASP D 212 -28.37 -15.66 31.12
CA ASP D 212 -28.28 -14.59 32.07
C ASP D 212 -27.80 -13.34 31.39
N THR D 213 -28.63 -12.31 31.41
CA THR D 213 -28.20 -11.11 30.75
C THR D 213 -28.14 -10.03 31.78
N ARG D 214 -27.24 -9.10 31.55
CA ARG D 214 -27.00 -8.00 32.45
C ARG D 214 -26.84 -6.70 31.74
N ILE D 215 -27.21 -5.64 32.40
CA ILE D 215 -26.93 -4.33 31.86
C ILE D 215 -25.97 -3.64 32.76
N TYR D 216 -24.86 -3.23 32.20
CA TYR D 216 -23.85 -2.54 32.96
C TYR D 216 -23.91 -1.09 32.65
N TYR D 217 -23.73 -0.27 33.65
CA TYR D 217 -23.71 1.14 33.42
C TYR D 217 -22.33 1.62 33.70
N PHE D 218 -21.72 2.18 32.66
CA PHE D 218 -20.35 2.64 32.76
C PHE D 218 -20.19 4.13 32.70
N LYS D 219 -19.18 4.64 33.38
CA LYS D 219 -18.82 6.04 33.26
C LYS D 219 -17.32 6.18 33.21
N GLU D 220 -16.82 6.75 32.12
CA GLU D 220 -15.39 6.91 31.89
C GLU D 220 -14.66 5.60 32.03
N GLY D 221 -15.30 4.53 31.57
CA GLY D 221 -14.71 3.22 31.60
C GLY D 221 -14.93 2.45 32.90
N LYS D 222 -15.48 3.08 33.93
CA LYS D 222 -15.64 2.36 35.18
C LYS D 222 -17.05 1.89 35.37
N ILE D 223 -17.24 0.85 36.15
CA ILE D 223 -18.58 0.36 36.38
C ILE D 223 -19.24 1.06 37.52
N LEU D 224 -20.42 1.61 37.27
CA LEU D 224 -21.15 2.29 38.32
C LEU D 224 -22.03 1.30 38.99
N LYS D 225 -22.63 0.45 38.18
CA LYS D 225 -23.55 -0.57 38.66
C LYS D 225 -23.92 -1.49 37.55
N TRP D 226 -24.62 -2.55 37.90
CA TRP D 226 -25.21 -3.37 36.87
C TRP D 226 -26.51 -3.96 37.37
N GLU D 227 -27.35 -4.36 36.44
CA GLU D 227 -28.62 -4.96 36.76
C GLU D 227 -28.88 -6.25 36.04
N SER D 228 -29.54 -7.18 36.70
CA SER D 228 -29.97 -8.36 36.00
C SER D 228 -31.06 -7.89 35.08
N LEU D 229 -31.15 -8.44 33.90
CA LEU D 229 -32.21 -7.98 33.02
C LEU D 229 -33.59 -8.33 33.53
N THR D 230 -34.55 -7.43 33.31
CA THR D 230 -35.93 -7.68 33.70
C THR D 230 -36.94 -7.42 32.59
N GLY D 231 -38.21 -7.58 32.92
CA GLY D 231 -39.33 -7.37 32.00
C GLY D 231 -39.81 -8.66 31.39
N THR D 232 -40.54 -8.59 30.27
CA THR D 232 -41.17 -9.78 29.73
C THR D 232 -40.45 -10.39 28.55
N ALA D 233 -39.34 -9.80 28.14
CA ALA D 233 -38.60 -10.40 27.04
C ALA D 233 -37.97 -11.69 27.53
N LYS D 234 -37.85 -12.71 26.69
CA LYS D 234 -37.29 -13.96 27.18
C LYS D 234 -35.83 -14.24 26.83
N HIS D 235 -35.32 -13.68 25.76
CA HIS D 235 -33.96 -13.98 25.38
C HIS D 235 -33.35 -12.79 24.67
N ILE D 236 -32.23 -12.28 25.17
CA ILE D 236 -31.64 -11.09 24.58
C ILE D 236 -30.24 -11.20 24.05
N GLU D 237 -30.08 -10.89 22.78
CA GLU D 237 -28.77 -10.82 22.17
C GLU D 237 -28.57 -9.66 21.20
N GLU D 238 -27.33 -9.18 21.11
CA GLU D 238 -26.94 -8.23 20.07
C GLU D 238 -27.83 -7.00 19.93
N CYS D 239 -28.11 -6.31 21.01
CA CYS D 239 -29.02 -5.17 20.96
C CYS D 239 -28.49 -3.95 20.23
N SER D 240 -29.33 -3.39 19.35
CA SER D 240 -29.07 -2.17 18.59
C SER D 240 -29.80 -1.02 19.23
N CYS D 241 -29.07 -0.02 19.71
CA CYS D 241 -29.71 1.01 20.50
C CYS D 241 -29.53 2.41 19.95
N TYR D 242 -30.50 3.26 20.25
CA TYR D 242 -30.42 4.69 19.93
C TYR D 242 -31.08 5.48 21.05
N GLY D 243 -30.71 6.74 21.22
CA GLY D 243 -31.40 7.52 22.24
C GLY D 243 -32.23 8.62 21.64
N GLU D 244 -33.14 9.20 22.44
CA GLU D 244 -33.90 10.32 21.90
C GLU D 244 -33.82 11.50 22.87
N ARG D 245 -34.94 11.89 23.50
CA ARG D 245 -34.93 13.01 24.45
C ARG D 245 -34.99 12.50 25.84
N THR D 246 -35.19 11.22 25.96
CA THR D 246 -35.42 10.62 27.24
C THR D 246 -34.44 9.53 27.48
N GLY D 247 -34.86 8.34 27.13
CA GLY D 247 -34.05 7.18 27.36
C GLY D 247 -33.43 6.66 26.11
N ILE D 248 -32.99 5.43 26.24
CA ILE D 248 -32.35 4.69 25.19
C ILE D 248 -33.19 3.49 24.85
N THR D 249 -33.48 3.34 23.58
CA THR D 249 -34.31 2.24 23.14
C THR D 249 -33.50 1.24 22.35
N CYS D 250 -33.61 -0.01 22.74
CA CYS D 250 -32.84 -1.05 22.08
C CYS D 250 -33.65 -2.15 21.46
N THR D 251 -33.29 -2.53 20.25
CA THR D 251 -33.92 -3.64 19.56
C THR D 251 -32.98 -4.82 19.57
N CYS D 252 -33.45 -5.96 20.03
CA CYS D 252 -32.55 -7.09 20.21
C CYS D 252 -33.00 -8.33 19.51
N ARG D 253 -32.12 -9.32 19.44
CA ARG D 253 -32.45 -10.62 18.89
C ARG D 253 -32.93 -11.59 19.95
N ASP D 254 -33.97 -12.35 19.63
CA ASP D 254 -34.44 -13.48 20.43
C ASP D 254 -33.94 -14.67 19.67
N ASN D 255 -32.97 -15.39 20.19
CA ASN D 255 -32.40 -16.46 19.38
C ASN D 255 -32.89 -17.78 19.88
N TRP D 256 -34.01 -17.78 20.58
CA TRP D 256 -34.45 -19.02 21.14
C TRP D 256 -35.83 -19.43 20.72
N GLN D 257 -36.82 -18.60 20.99
CA GLN D 257 -38.21 -18.95 20.75
C GLN D 257 -38.87 -18.28 19.57
N GLY D 258 -38.42 -17.10 19.16
CA GLY D 258 -39.24 -16.54 18.07
C GLY D 258 -38.71 -15.38 17.25
N SER D 259 -39.57 -14.98 16.30
CA SER D 259 -39.28 -13.99 15.26
C SER D 259 -39.73 -12.58 15.58
N ASN D 260 -40.24 -12.47 16.78
CA ASN D 260 -40.78 -11.30 17.42
C ASN D 260 -39.64 -10.63 18.16
N ARG D 261 -39.10 -9.52 17.69
CA ARG D 261 -37.93 -8.98 18.37
C ARG D 261 -38.25 -8.33 19.72
N PRO D 262 -37.44 -8.57 20.77
CA PRO D 262 -37.43 -7.90 22.05
C PRO D 262 -37.02 -6.47 21.96
N VAL D 263 -37.57 -5.65 22.84
CA VAL D 263 -37.22 -4.26 22.99
C VAL D 263 -36.89 -3.92 24.43
N ILE D 264 -35.78 -3.24 24.62
CA ILE D 264 -35.38 -2.83 25.95
C ILE D 264 -35.41 -1.33 26.08
N GLN D 265 -36.04 -0.85 27.13
CA GLN D 265 -36.13 0.57 27.39
C GLN D 265 -35.28 0.93 28.59
N ILE D 266 -34.24 1.73 28.36
CA ILE D 266 -33.31 2.08 29.42
C ILE D 266 -33.36 3.53 29.80
N ASP D 267 -33.46 3.80 31.09
CA ASP D 267 -33.41 5.13 31.63
C ASP D 267 -32.02 5.37 32.20
N PRO D 268 -31.13 6.10 31.52
CA PRO D 268 -29.75 6.28 31.87
C PRO D 268 -29.52 7.14 33.07
N VAL D 269 -30.55 7.84 33.51
CA VAL D 269 -30.37 8.71 34.64
C VAL D 269 -30.68 7.93 35.88
N ALA D 270 -31.79 7.22 35.82
CA ALA D 270 -32.20 6.40 36.92
C ALA D 270 -31.37 5.14 36.96
N MET D 271 -30.85 4.76 35.81
CA MET D 271 -30.12 3.55 35.58
C MET D 271 -30.98 2.37 35.94
N THR D 272 -32.17 2.36 35.33
CA THR D 272 -33.17 1.31 35.44
C THR D 272 -33.70 0.95 34.07
N HIS D 273 -34.37 -0.19 33.93
CA HIS D 273 -34.89 -0.55 32.63
C HIS D 273 -36.05 -1.51 32.67
N THR D 274 -36.75 -1.60 31.55
CA THR D 274 -37.80 -2.60 31.33
C THR D 274 -37.72 -3.24 29.96
N SER D 275 -38.56 -4.25 29.71
CA SER D 275 -38.55 -4.90 28.41
C SER D 275 -39.88 -5.53 28.01
N GLN D 276 -40.04 -5.70 26.69
CA GLN D 276 -41.19 -6.33 26.06
C GLN D 276 -40.86 -6.69 24.65
N TYR D 277 -41.77 -7.30 23.91
CA TYR D 277 -41.55 -7.56 22.50
C TYR D 277 -42.29 -6.53 21.67
N ILE D 278 -41.97 -6.42 20.39
CA ILE D 278 -42.74 -5.50 19.58
C ILE D 278 -44.12 -6.07 19.29
N CYS D 279 -45.17 -5.34 19.64
CA CYS D 279 -46.52 -5.84 19.46
C CYS D 279 -46.99 -5.56 18.06
N SER D 280 -46.47 -6.28 17.09
CA SER D 280 -46.84 -6.00 15.71
C SER D 280 -46.79 -7.26 14.86
N PRO D 281 -47.77 -7.53 13.99
CA PRO D 281 -47.84 -8.67 13.10
C PRO D 281 -47.01 -8.43 11.87
N VAL D 282 -45.79 -8.03 12.11
CA VAL D 282 -44.77 -7.83 11.13
C VAL D 282 -43.58 -8.49 11.76
N LEU D 283 -43.21 -9.64 11.29
CA LEU D 283 -42.11 -10.27 11.95
C LEU D 283 -40.85 -9.73 11.35
N THR D 284 -39.80 -9.60 12.16
CA THR D 284 -38.60 -9.03 11.60
C THR D 284 -37.35 -9.88 11.71
N ASP D 285 -37.42 -11.04 12.34
CA ASP D 285 -36.21 -11.82 12.41
C ASP D 285 -36.04 -12.68 11.16
N ASN D 286 -34.97 -13.44 11.09
CA ASN D 286 -34.63 -14.26 9.94
C ASN D 286 -33.91 -15.52 10.36
N PRO D 287 -34.48 -16.69 10.17
CA PRO D 287 -35.73 -17.06 9.53
C PRO D 287 -36.94 -16.65 10.32
N ARG D 288 -38.05 -16.53 9.63
CA ARG D 288 -39.31 -16.23 10.27
C ARG D 288 -40.46 -16.96 9.60
N PRO D 289 -41.54 -17.24 10.29
CA PRO D 289 -42.74 -17.80 9.76
C PRO D 289 -43.42 -16.69 9.04
N ASN D 290 -44.45 -16.98 8.29
CA ASN D 290 -45.17 -15.94 7.59
C ASN D 290 -45.94 -15.05 8.52
N ASP D 291 -45.98 -13.77 8.17
CA ASP D 291 -46.69 -12.78 8.97
C ASP D 291 -48.15 -13.12 9.28
N PRO D 292 -48.56 -13.10 10.56
CA PRO D 292 -49.87 -13.36 11.07
C PRO D 292 -50.73 -12.14 10.88
N ASN D 293 -52.02 -12.24 11.13
CA ASN D 293 -52.82 -11.04 11.13
C ASN D 293 -52.68 -10.26 12.43
N ILE D 294 -52.49 -10.97 13.53
CA ILE D 294 -52.42 -10.35 14.85
C ILE D 294 -51.13 -10.74 15.54
N GLY D 295 -50.39 -9.75 16.06
CA GLY D 295 -49.13 -10.05 16.74
C GLY D 295 -49.34 -10.18 18.23
N LYS D 296 -48.27 -10.38 18.97
CA LYS D 296 -48.34 -10.49 20.42
C LYS D 296 -47.04 -9.98 20.98
N CYS D 297 -46.98 -9.60 22.27
CA CYS D 297 -45.73 -9.08 22.75
C CYS D 297 -45.22 -9.30 24.16
N ASN D 298 -45.75 -10.28 24.83
CA ASN D 298 -45.23 -10.61 26.12
C ASN D 298 -44.86 -12.06 26.06
N ASP D 299 -44.64 -12.48 24.83
CA ASP D 299 -44.32 -13.82 24.46
C ASP D 299 -43.78 -13.77 23.02
N PRO D 300 -42.68 -14.44 22.70
CA PRO D 300 -42.09 -14.49 21.39
C PRO D 300 -43.01 -15.20 20.41
N TYR D 301 -43.00 -14.78 19.17
CA TYR D 301 -43.84 -15.41 18.18
C TYR D 301 -43.12 -16.64 17.64
N PRO D 302 -43.68 -17.85 17.80
CA PRO D 302 -43.12 -19.15 17.52
C PRO D 302 -43.06 -19.54 16.06
N GLY D 303 -42.31 -20.60 15.79
CA GLY D 303 -42.24 -21.22 14.47
C GLY D 303 -40.84 -21.42 13.94
N ASN D 304 -39.90 -20.64 14.43
CA ASN D 304 -38.51 -20.77 13.99
C ASN D 304 -37.60 -20.68 15.19
N ASN D 305 -37.09 -21.82 15.60
CA ASN D 305 -36.32 -21.93 16.81
C ASN D 305 -34.84 -21.86 16.60
N ASN D 306 -34.14 -21.47 17.66
CA ASN D 306 -32.69 -21.50 17.73
C ASN D 306 -31.97 -20.76 16.61
N ASN D 307 -32.51 -19.64 16.17
CA ASN D 307 -31.87 -18.89 15.11
C ASN D 307 -32.31 -17.44 15.13
N GLY D 308 -31.79 -16.65 14.21
CA GLY D 308 -32.14 -15.24 14.08
C GLY D 308 -30.93 -14.35 13.82
N VAL D 309 -31.18 -13.09 13.50
CA VAL D 309 -30.16 -12.10 13.19
C VAL D 309 -30.34 -10.80 13.93
N LYS D 310 -29.26 -10.03 13.99
CA LYS D 310 -29.26 -8.69 14.53
C LYS D 310 -30.03 -7.78 13.60
N GLY D 311 -30.78 -6.85 14.17
CA GLY D 311 -31.54 -5.90 13.37
C GLY D 311 -31.93 -4.69 14.20
N PHE D 312 -32.77 -3.84 13.66
CA PHE D 312 -33.12 -2.64 14.38
C PHE D 312 -34.47 -2.12 14.03
N SER D 313 -34.90 -1.18 14.84
CA SER D 313 -36.13 -0.48 14.62
C SER D 313 -36.03 0.89 15.22
N TYR D 314 -36.84 1.79 14.73
CA TYR D 314 -37.02 3.10 15.32
C TYR D 314 -38.43 3.21 15.75
N LEU D 315 -38.63 3.32 17.03
CA LEU D 315 -39.97 3.33 17.55
C LEU D 315 -40.34 4.72 17.99
N ASP D 316 -41.32 5.32 17.34
CA ASP D 316 -41.69 6.68 17.63
C ASP D 316 -43.16 6.95 17.34
N GLY D 317 -44.02 6.11 17.87
CA GLY D 317 -45.43 6.28 17.63
C GLY D 317 -45.70 6.18 16.15
N ALA D 318 -46.32 7.18 15.59
CA ALA D 318 -46.63 7.16 14.18
C ALA D 318 -45.36 7.10 13.32
N ASN D 319 -44.27 7.72 13.78
CA ASN D 319 -43.04 7.80 13.01
C ASN D 319 -42.19 6.58 13.27
N THR D 320 -42.76 5.42 13.02
CA THR D 320 -42.11 4.16 13.31
C THR D 320 -41.75 3.37 12.10
N TRP D 321 -40.49 2.99 12.06
CA TRP D 321 -39.95 2.21 10.97
C TRP D 321 -39.26 0.95 11.45
N LEU D 322 -39.46 -0.15 10.74
CA LEU D 322 -38.83 -1.42 11.10
C LEU D 322 -37.96 -1.91 9.96
N GLY D 323 -36.83 -2.54 10.26
CA GLY D 323 -36.07 -3.12 9.15
C GLY D 323 -36.15 -4.65 9.16
N ARG D 324 -36.04 -5.26 7.99
CA ARG D 324 -36.00 -6.73 7.90
C ARG D 324 -35.49 -7.21 6.55
N THR D 325 -35.20 -8.50 6.44
CA THR D 325 -34.79 -9.12 5.18
C THR D 325 -36.00 -9.36 4.33
N ILE D 326 -35.81 -9.71 3.07
CA ILE D 326 -36.98 -9.96 2.25
C ILE D 326 -37.32 -11.40 2.40
N SER D 327 -36.32 -12.23 2.32
CA SER D 327 -36.49 -13.65 2.44
C SER D 327 -36.88 -13.97 3.83
N THR D 328 -37.72 -14.98 3.98
CA THR D 328 -38.13 -15.45 5.27
C THR D 328 -37.31 -16.63 5.69
N ALA D 329 -36.49 -17.14 4.76
CA ALA D 329 -35.70 -18.33 5.01
C ALA D 329 -34.21 -18.10 4.94
N SER D 330 -33.77 -16.94 4.49
CA SER D 330 -32.35 -16.74 4.30
C SER D 330 -31.95 -15.31 4.46
N ARG D 331 -30.67 -15.07 4.64
CA ARG D 331 -30.24 -13.69 4.80
C ARG D 331 -30.09 -13.01 3.46
N SER D 332 -31.23 -12.70 2.86
CA SER D 332 -31.34 -12.12 1.54
C SER D 332 -32.32 -10.97 1.44
N GLY D 333 -31.82 -9.90 0.83
CA GLY D 333 -32.58 -8.69 0.61
C GLY D 333 -32.67 -7.87 1.87
N TYR D 334 -33.25 -6.67 1.75
CA TYR D 334 -33.45 -5.87 2.92
C TYR D 334 -34.43 -4.75 2.62
N GLU D 335 -35.36 -4.52 3.53
CA GLU D 335 -36.33 -3.45 3.36
C GLU D 335 -36.66 -2.71 4.63
N MET D 336 -37.13 -1.48 4.44
CA MET D 336 -37.62 -0.65 5.53
C MET D 336 -39.12 -0.46 5.43
N LEU D 337 -39.81 -0.68 6.52
CA LEU D 337 -41.25 -0.53 6.52
C LEU D 337 -41.74 0.45 7.54
N LYS D 338 -42.62 1.33 7.12
CA LYS D 338 -43.23 2.31 8.01
C LYS D 338 -44.49 1.68 8.52
N VAL D 339 -44.47 1.36 9.81
CA VAL D 339 -45.52 0.63 10.52
C VAL D 339 -45.91 1.37 11.79
N PRO D 340 -46.86 2.30 11.73
CA PRO D 340 -47.23 3.17 12.80
C PRO D 340 -47.59 2.41 14.04
N ASN D 341 -47.10 2.90 15.15
CA ASN D 341 -47.35 2.36 16.46
C ASN D 341 -47.02 0.89 16.59
N ALA D 342 -46.01 0.41 15.86
CA ALA D 342 -45.65 -1.00 15.92
C ALA D 342 -45.32 -1.47 17.31
N LEU D 343 -44.77 -0.63 18.14
CA LEU D 343 -44.46 -1.14 19.45
C LEU D 343 -45.66 -1.62 20.21
N THR D 344 -46.83 -0.97 20.07
CA THR D 344 -47.98 -1.35 20.87
C THR D 344 -49.22 -1.85 20.12
N ASP D 345 -49.33 -1.60 18.82
CA ASP D 345 -50.52 -1.97 18.05
C ASP D 345 -50.38 -3.32 17.35
N ASP D 346 -51.05 -4.34 17.87
CA ASP D 346 -50.89 -5.71 17.40
C ASP D 346 -51.62 -6.02 16.12
N ARG D 347 -52.25 -5.03 15.53
CA ARG D 347 -52.87 -5.19 14.24
C ARG D 347 -52.29 -4.21 13.24
N SER D 348 -51.21 -3.52 13.60
CA SER D 348 -50.63 -2.55 12.68
C SER D 348 -49.95 -3.22 11.51
N LYS D 349 -50.10 -2.62 10.34
CA LYS D 349 -49.49 -3.10 9.10
C LYS D 349 -48.80 -1.94 8.41
N PRO D 350 -47.82 -2.17 7.52
CA PRO D 350 -47.10 -1.16 6.81
C PRO D 350 -47.97 -0.26 5.98
N ILE D 351 -47.62 1.01 5.97
CA ILE D 351 -48.32 2.00 5.17
C ILE D 351 -47.42 2.62 4.13
N GLN D 352 -46.13 2.42 4.28
CA GLN D 352 -45.13 2.95 3.35
C GLN D 352 -43.87 2.13 3.47
N GLY D 353 -43.05 2.07 2.44
CA GLY D 353 -41.75 1.41 2.66
C GLY D 353 -40.72 1.68 1.58
N GLN D 354 -39.54 1.11 1.75
CA GLN D 354 -38.45 1.30 0.81
C GLN D 354 -37.57 0.07 0.73
N THR D 355 -37.21 -0.33 -0.49
CA THR D 355 -36.33 -1.49 -0.68
C THR D 355 -34.91 -1.03 -0.66
N ILE D 356 -34.05 -1.71 0.07
CA ILE D 356 -32.67 -1.29 0.15
C ILE D 356 -31.81 -2.26 -0.67
N VAL D 357 -32.04 -3.53 -0.43
CA VAL D 357 -31.30 -4.61 -1.04
C VAL D 357 -32.30 -5.57 -1.66
N LEU D 358 -32.04 -6.01 -2.88
CA LEU D 358 -32.95 -6.93 -3.55
C LEU D 358 -32.80 -8.30 -2.97
N ASN D 359 -33.81 -9.13 -3.08
CA ASN D 359 -33.72 -10.49 -2.52
C ASN D 359 -32.84 -11.40 -3.34
N ALA D 360 -32.38 -10.89 -4.45
CA ALA D 360 -31.46 -11.61 -5.28
C ALA D 360 -30.04 -11.46 -4.72
N ASP D 361 -29.86 -10.48 -3.83
CA ASP D 361 -28.57 -10.16 -3.26
C ASP D 361 -28.44 -10.62 -1.83
N TRP D 362 -27.25 -11.03 -1.46
CA TRP D 362 -27.09 -11.45 -0.09
C TRP D 362 -27.10 -10.27 0.84
N SER D 363 -27.70 -10.46 2.00
CA SER D 363 -27.79 -9.47 3.06
C SER D 363 -26.95 -9.91 4.23
N GLY D 364 -27.30 -9.45 5.42
CA GLY D 364 -26.50 -9.73 6.62
C GLY D 364 -27.05 -9.03 7.83
N TYR D 365 -26.21 -8.75 8.81
CA TYR D 365 -26.69 -8.11 10.02
C TYR D 365 -26.97 -6.66 9.76
N SER D 366 -27.92 -6.10 10.47
CA SER D 366 -28.15 -4.68 10.34
C SER D 366 -28.27 -4.04 11.69
N GLY D 367 -28.22 -2.73 11.73
CA GLY D 367 -28.36 -2.05 13.01
C GLY D 367 -28.47 -0.54 12.86
N SER D 368 -28.73 0.13 13.97
CA SER D 368 -28.91 1.59 13.97
C SER D 368 -27.72 2.38 14.47
N PHE D 369 -27.67 3.66 14.10
CA PHE D 369 -26.69 4.59 14.63
C PHE D 369 -27.17 6.02 14.47
N MET D 370 -26.56 6.94 15.21
CA MET D 370 -26.86 8.37 15.05
C MET D 370 -25.70 9.31 15.24
N ASP D 371 -25.76 10.45 14.59
CA ASP D 371 -24.81 11.51 14.85
C ASP D 371 -25.44 12.41 15.87
N TYR D 372 -24.93 12.37 17.09
CA TYR D 372 -25.54 13.09 18.18
C TYR D 372 -24.96 14.47 18.36
N TRP D 373 -24.07 14.85 17.46
CA TRP D 373 -23.43 16.14 17.52
C TRP D 373 -23.81 17.04 16.37
N ALA D 374 -24.70 16.58 15.52
CA ALA D 374 -25.13 17.34 14.36
C ALA D 374 -26.00 18.53 14.75
N GLU D 375 -25.95 19.60 13.98
CA GLU D 375 -26.79 20.77 14.20
C GLU D 375 -28.24 20.49 13.86
N GLY D 376 -29.16 21.10 14.61
CA GLY D 376 -30.58 20.94 14.33
C GLY D 376 -31.34 20.67 15.60
N ASP D 377 -32.65 20.56 15.52
CA ASP D 377 -33.51 20.31 16.67
C ASP D 377 -33.97 18.87 16.84
N CYS D 378 -33.41 18.00 16.01
CA CYS D 378 -33.74 16.59 16.05
C CYS D 378 -32.58 15.75 15.59
N TYR D 379 -32.66 14.47 15.84
CA TYR D 379 -31.62 13.59 15.40
C TYR D 379 -32.01 12.93 14.11
N ARG D 380 -31.06 12.85 13.20
CA ARG D 380 -31.34 12.20 11.96
C ARG D 380 -31.06 10.74 12.16
N ALA D 381 -32.08 9.92 12.08
CA ALA D 381 -31.90 8.50 12.28
C ALA D 381 -31.11 7.88 11.16
N CYS D 382 -30.21 6.94 11.46
CA CYS D 382 -29.50 6.25 10.40
C CYS D 382 -29.39 4.75 10.68
N PHE D 383 -29.03 3.97 9.67
CA PHE D 383 -28.83 2.56 9.87
C PHE D 383 -27.85 1.98 8.89
N TYR D 384 -27.38 0.79 9.18
CA TYR D 384 -26.48 0.12 8.27
C TYR D 384 -26.84 -1.33 8.04
N VAL D 385 -26.40 -1.84 6.90
CA VAL D 385 -26.56 -3.24 6.55
C VAL D 385 -25.25 -3.89 6.10
N GLU D 386 -24.96 -5.05 6.67
CA GLU D 386 -23.82 -5.87 6.32
C GLU D 386 -24.20 -6.71 5.12
N LEU D 387 -23.36 -6.75 4.11
CA LEU D 387 -23.64 -7.60 2.97
C LEU D 387 -22.67 -8.75 2.97
N ILE D 388 -23.13 -9.96 3.22
CA ILE D 388 -22.21 -11.07 3.37
C ILE D 388 -21.96 -11.86 2.12
N ARG D 389 -20.70 -12.05 1.80
CA ARG D 389 -20.29 -12.82 0.64
C ARG D 389 -19.40 -13.96 1.07
N GLY D 390 -19.37 -15.01 0.25
CA GLY D 390 -18.52 -16.15 0.55
C GLY D 390 -19.28 -17.21 1.31
N ARG D 391 -18.56 -18.05 2.00
CA ARG D 391 -19.20 -19.15 2.65
C ARG D 391 -20.11 -18.64 3.72
N PRO D 392 -21.15 -19.36 4.05
CA PRO D 392 -21.62 -20.63 3.58
C PRO D 392 -22.50 -20.59 2.34
N LYS D 393 -22.70 -19.44 1.71
CA LYS D 393 -23.63 -19.46 0.60
C LYS D 393 -22.89 -19.63 -0.69
N GLU D 394 -21.68 -19.16 -0.73
CA GLU D 394 -20.85 -19.27 -1.91
C GLU D 394 -19.71 -20.19 -1.56
N ASP D 395 -19.78 -21.41 -2.07
CA ASP D 395 -18.85 -22.46 -1.73
C ASP D 395 -17.71 -22.59 -2.70
N LYS D 396 -17.56 -21.61 -3.55
CA LYS D 396 -16.51 -21.64 -4.54
C LYS D 396 -15.24 -21.04 -3.96
N VAL D 397 -15.38 -20.40 -2.83
CA VAL D 397 -14.26 -19.79 -2.17
C VAL D 397 -14.19 -20.35 -0.79
N TRP D 398 -13.03 -20.22 -0.14
CA TRP D 398 -12.86 -20.79 1.22
C TRP D 398 -12.90 -19.69 2.28
N TRP D 399 -13.22 -18.45 1.88
CA TRP D 399 -13.32 -17.36 2.81
C TRP D 399 -14.71 -16.85 2.95
N THR D 400 -14.86 -15.91 3.88
CA THR D 400 -16.08 -15.15 4.10
C THR D 400 -15.72 -13.70 4.26
N SER D 401 -16.59 -12.80 3.86
CA SER D 401 -16.31 -11.37 4.04
C SER D 401 -17.56 -10.56 3.90
N ASN D 402 -17.48 -9.28 4.19
CA ASN D 402 -18.64 -8.46 4.01
C ASN D 402 -18.31 -7.10 3.46
N SER D 403 -19.30 -6.51 2.82
CA SER D 403 -19.20 -5.12 2.40
C SER D 403 -20.24 -4.37 3.22
N ILE D 404 -20.07 -3.07 3.40
CA ILE D 404 -21.08 -2.32 4.17
C ILE D 404 -21.68 -1.12 3.50
N VAL D 405 -22.99 -1.02 3.63
CA VAL D 405 -23.76 0.11 3.13
C VAL D 405 -24.59 0.73 4.24
N SER D 406 -24.70 2.05 4.27
CA SER D 406 -25.51 2.69 5.29
C SER D 406 -26.28 3.87 4.74
N MET D 407 -27.40 4.17 5.41
CA MET D 407 -28.34 5.19 5.00
C MET D 407 -28.89 6.01 6.15
N CYS D 408 -29.28 7.23 5.83
CA CYS D 408 -29.90 8.12 6.79
C CYS D 408 -31.25 8.61 6.36
N SER D 409 -32.06 8.97 7.33
CA SER D 409 -33.36 9.48 7.02
C SER D 409 -33.35 10.86 6.45
N SER D 410 -34.46 11.19 5.83
CA SER D 410 -34.80 12.47 5.24
C SER D 410 -36.27 12.76 5.43
N THR D 411 -36.59 14.04 5.47
CA THR D 411 -37.97 14.48 5.60
C THR D 411 -38.61 14.66 4.23
N GLU D 412 -37.83 14.47 3.20
CA GLU D 412 -38.31 14.60 1.85
C GLU D 412 -38.69 13.24 1.33
N PHE D 413 -39.52 13.20 0.32
CA PHE D 413 -39.81 11.93 -0.28
C PHE D 413 -38.92 11.79 -1.47
N LEU D 414 -37.95 10.91 -1.33
CA LEU D 414 -36.89 10.64 -2.28
C LEU D 414 -37.15 9.31 -2.96
N GLY D 415 -36.49 9.08 -4.09
CA GLY D 415 -36.67 7.82 -4.81
C GLY D 415 -35.83 6.73 -4.20
N GLN D 416 -35.83 5.54 -4.79
CA GLN D 416 -35.08 4.43 -4.23
C GLN D 416 -34.25 3.73 -5.26
N TRP D 417 -33.21 3.07 -4.80
CA TRP D 417 -32.30 2.38 -5.69
C TRP D 417 -31.81 1.14 -4.99
N ASN D 418 -31.00 0.35 -5.64
CA ASN D 418 -30.54 -0.88 -5.03
C ASN D 418 -29.12 -0.76 -4.61
N TRP D 419 -28.75 -1.41 -3.53
CA TRP D 419 -27.36 -1.33 -3.14
C TRP D 419 -26.61 -2.64 -2.89
N PRO D 420 -26.32 -3.43 -3.92
CA PRO D 420 -25.54 -4.65 -3.93
C PRO D 420 -24.10 -4.28 -3.70
N ASP D 421 -23.24 -5.25 -3.33
CA ASP D 421 -21.83 -4.92 -3.20
C ASP D 421 -21.13 -4.84 -4.55
N GLY D 422 -21.64 -5.59 -5.50
CA GLY D 422 -21.14 -5.62 -6.87
C GLY D 422 -19.93 -6.47 -7.08
N ALA D 423 -19.70 -7.46 -6.23
CA ALA D 423 -18.51 -8.27 -6.47
C ALA D 423 -18.83 -9.52 -7.28
N LYS D 424 -17.94 -9.86 -8.21
CA LYS D 424 -18.08 -11.06 -9.02
C LYS D 424 -17.33 -12.18 -8.37
N ILE D 425 -18.02 -13.20 -7.90
CA ILE D 425 -17.31 -14.20 -7.14
C ILE D 425 -16.33 -14.93 -8.02
N GLU D 426 -16.63 -15.08 -9.30
CA GLU D 426 -15.78 -15.80 -10.20
C GLU D 426 -14.42 -15.20 -10.38
N TYR D 427 -14.26 -13.94 -10.05
CA TYR D 427 -12.98 -13.29 -10.21
C TYR D 427 -11.99 -13.79 -9.19
N PHE D 428 -12.50 -14.37 -8.12
CA PHE D 428 -11.69 -14.85 -7.03
C PHE D 428 -11.40 -16.32 -7.19
N LEU D 429 -11.81 -16.91 -8.30
CA LEU D 429 -11.60 -18.31 -8.50
C LEU D 429 -10.48 -18.53 -9.49
N GLN E 1 -27.39 -46.94 41.13
CA GLN E 1 -26.92 -46.64 39.79
C GLN E 1 -28.03 -46.22 38.85
N VAL E 2 -27.90 -45.02 38.32
CA VAL E 2 -28.86 -44.48 37.39
C VAL E 2 -28.92 -45.28 36.10
N GLN E 3 -30.12 -45.56 35.67
CA GLN E 3 -30.36 -46.29 34.44
C GLN E 3 -31.01 -45.38 33.44
N LEU E 4 -30.69 -45.58 32.17
CA LEU E 4 -31.34 -44.83 31.13
C LEU E 4 -32.00 -45.73 30.13
N GLU E 5 -33.21 -45.38 29.70
CA GLU E 5 -33.83 -46.17 28.65
C GLU E 5 -34.68 -45.40 27.68
N GLU E 6 -34.36 -45.56 26.40
CA GLU E 6 -35.06 -44.93 25.29
C GLU E 6 -36.35 -45.63 24.91
N SER E 7 -37.35 -44.85 24.55
CA SER E 7 -38.57 -45.41 23.99
C SER E 7 -39.20 -44.45 22.98
N GLY E 8 -40.03 -44.99 22.11
CA GLY E 8 -40.69 -44.16 21.11
C GLY E 8 -40.89 -45.01 19.88
N PRO E 9 -41.44 -44.47 18.80
CA PRO E 9 -41.73 -45.16 17.57
C PRO E 9 -40.43 -45.49 16.90
N GLY E 10 -40.40 -46.61 16.18
CA GLY E 10 -39.21 -46.98 15.41
C GLY E 10 -39.37 -46.59 13.96
N LEU E 11 -40.47 -45.94 13.66
CA LEU E 11 -40.77 -45.56 12.29
C LEU E 11 -41.50 -44.25 12.21
N VAL E 12 -40.94 -43.37 11.44
CA VAL E 12 -41.48 -42.06 11.18
C VAL E 12 -41.52 -41.86 9.67
N LYS E 13 -42.52 -41.16 9.16
CA LYS E 13 -42.54 -40.95 7.72
C LYS E 13 -41.68 -39.74 7.41
N PRO E 14 -41.16 -39.59 6.20
CA PRO E 14 -40.43 -38.44 5.79
C PRO E 14 -41.26 -37.21 6.01
N SER E 15 -40.61 -36.13 6.41
CA SER E 15 -41.16 -34.81 6.70
C SER E 15 -41.82 -34.67 8.08
N GLU E 16 -42.09 -35.78 8.74
CA GLU E 16 -42.73 -35.77 10.05
C GLU E 16 -41.75 -35.48 11.16
N THR E 17 -42.28 -35.05 12.30
CA THR E 17 -41.42 -34.87 13.45
C THR E 17 -41.22 -36.17 14.19
N LEU E 18 -39.99 -36.46 14.50
CA LEU E 18 -39.62 -37.62 15.28
C LEU E 18 -39.60 -37.27 16.73
N SER E 19 -40.16 -38.10 17.59
CA SER E 19 -40.11 -37.82 19.01
C SER E 19 -39.71 -39.02 19.86
N LEU E 20 -38.57 -38.91 20.53
CA LEU E 20 -38.06 -39.99 21.38
C LEU E 20 -37.96 -39.56 22.82
N THR E 21 -38.26 -40.47 23.73
CA THR E 21 -38.17 -40.14 25.15
C THR E 21 -37.25 -41.07 25.90
N CYS E 22 -36.41 -40.48 26.72
CA CYS E 22 -35.52 -41.27 27.57
C CYS E 22 -35.96 -41.17 29.01
N THR E 23 -36.21 -42.32 29.61
CA THR E 23 -36.65 -42.35 30.99
C THR E 23 -35.47 -42.58 31.88
N VAL E 24 -35.36 -41.77 32.92
CA VAL E 24 -34.27 -41.90 33.84
C VAL E 24 -34.76 -42.50 35.11
N SER E 25 -34.09 -43.51 35.62
CA SER E 25 -34.52 -44.07 36.87
C SER E 25 -33.32 -44.28 37.77
N GLY E 26 -33.56 -44.17 39.07
CA GLY E 26 -32.48 -44.35 40.04
C GLY E 26 -31.79 -43.02 40.34
N TYR E 27 -32.30 -41.93 39.79
CA TYR E 27 -31.73 -40.61 39.99
C TYR E 27 -32.77 -39.53 39.74
N THR E 28 -32.75 -38.48 40.54
CA THR E 28 -33.67 -37.37 40.29
C THR E 28 -32.97 -36.38 39.38
N ILE E 29 -33.54 -36.12 38.21
CA ILE E 29 -32.82 -35.32 37.23
C ILE E 29 -32.83 -33.83 37.55
N SER E 30 -33.63 -33.45 38.50
CA SER E 30 -33.71 -32.06 38.93
C SER E 30 -32.43 -31.68 39.64
N SER E 31 -31.60 -32.68 39.98
CA SER E 31 -30.36 -32.46 40.66
C SER E 31 -29.29 -31.83 39.77
N GLY E 32 -29.45 -31.82 38.44
CA GLY E 32 -28.49 -31.11 37.60
C GLY E 32 -27.54 -31.77 36.61
N TYR E 33 -27.46 -33.06 36.50
CA TYR E 33 -26.54 -33.56 35.46
C TYR E 33 -27.13 -33.22 34.13
N TYR E 34 -26.31 -33.08 33.09
CA TYR E 34 -26.86 -32.83 31.77
C TYR E 34 -27.27 -34.12 31.15
N TRP E 35 -28.32 -34.06 30.37
CA TRP E 35 -28.77 -35.26 29.74
C TRP E 35 -28.87 -34.96 28.27
N GLY E 36 -28.58 -35.92 27.42
CA GLY E 36 -28.65 -35.62 26.01
C GLY E 36 -28.69 -36.80 25.10
N TRP E 37 -28.50 -36.51 23.81
CA TRP E 37 -28.63 -37.53 22.79
C TRP E 37 -27.50 -37.59 21.78
N ILE E 38 -27.22 -38.84 21.38
CA ILE E 38 -26.22 -39.25 20.39
C ILE E 38 -26.83 -40.05 19.28
N ARG E 39 -26.42 -39.79 18.06
CA ARG E 39 -26.91 -40.52 16.92
C ARG E 39 -25.85 -41.38 16.26
N GLN E 40 -26.25 -42.54 15.79
CA GLN E 40 -25.35 -43.41 15.05
C GLN E 40 -25.99 -44.07 13.85
N PRO E 41 -25.82 -43.55 12.62
CA PRO E 41 -26.38 -44.09 11.42
C PRO E 41 -25.88 -45.52 11.41
N PRO E 42 -26.59 -46.48 10.81
CA PRO E 42 -26.27 -47.89 10.83
C PRO E 42 -24.84 -48.29 10.47
N GLY E 43 -24.22 -47.59 9.53
CA GLY E 43 -22.85 -47.93 9.14
C GLY E 43 -21.84 -46.87 9.49
N LYS E 44 -22.21 -45.92 10.33
CA LYS E 44 -21.32 -44.81 10.62
C LYS E 44 -20.88 -44.70 12.06
N GLY E 45 -20.12 -43.64 12.35
CA GLY E 45 -19.62 -43.38 13.67
C GLY E 45 -20.63 -42.59 14.46
N LEU E 46 -20.18 -41.97 15.53
CA LEU E 46 -21.10 -41.29 16.40
C LEU E 46 -21.20 -39.82 16.11
N GLU E 47 -22.39 -39.27 16.28
CA GLU E 47 -22.64 -37.85 16.15
C GLU E 47 -23.39 -37.30 17.35
N TRP E 48 -22.90 -36.24 17.92
CA TRP E 48 -23.58 -35.65 19.06
C TRP E 48 -24.73 -34.79 18.60
N ILE E 49 -25.88 -34.88 19.25
CA ILE E 49 -26.99 -34.02 18.87
C ILE E 49 -27.08 -32.84 19.78
N GLY E 50 -27.06 -33.11 21.06
CA GLY E 50 -27.26 -32.05 22.02
C GLY E 50 -27.51 -32.56 23.41
N CYS E 51 -27.62 -31.62 24.34
CA CYS E 51 -27.92 -31.94 25.74
C CYS E 51 -28.57 -30.78 26.43
N ASN E 52 -29.19 -31.04 27.56
CA ASN E 52 -29.82 -29.99 28.35
C ASN E 52 -29.85 -30.35 29.83
N ASN E 53 -30.38 -29.46 30.63
CA ASN E 53 -30.51 -29.67 32.07
C ASN E 53 -31.84 -29.12 32.53
N HIS E 54 -32.05 -29.09 33.83
CA HIS E 54 -33.32 -28.69 34.36
C HIS E 54 -33.57 -27.20 34.32
N ARG E 55 -32.57 -26.43 33.92
CA ARG E 55 -32.71 -25.00 33.85
C ARG E 55 -32.83 -24.57 32.40
N GLY E 56 -32.80 -25.53 31.49
CA GLY E 56 -32.88 -25.24 30.08
C GLY E 56 -31.58 -24.75 29.44
N SER E 57 -30.42 -24.93 30.07
CA SER E 57 -29.19 -24.40 29.47
C SER E 57 -28.65 -25.33 28.43
N SER E 58 -29.35 -25.40 27.33
CA SER E 58 -29.08 -26.32 26.26
C SER E 58 -27.87 -26.03 25.42
N TYR E 59 -27.37 -27.11 24.83
CA TYR E 59 -26.32 -27.08 23.83
C TYR E 59 -26.76 -27.95 22.67
N TYR E 60 -26.54 -27.49 21.45
CA TYR E 60 -26.91 -28.29 20.30
C TYR E 60 -25.86 -28.30 19.23
N ASN E 61 -25.85 -29.35 18.46
CA ASN E 61 -25.00 -29.47 17.30
C ASN E 61 -25.48 -28.46 16.27
N PRO E 62 -24.65 -27.50 15.83
CA PRO E 62 -25.00 -26.45 14.90
C PRO E 62 -25.62 -26.94 13.61
N SER E 63 -25.36 -28.18 13.21
CA SER E 63 -25.92 -28.66 11.97
C SER E 63 -27.37 -29.05 12.12
N LEU E 64 -27.80 -29.25 13.35
CA LEU E 64 -29.14 -29.67 13.64
C LEU E 64 -29.96 -28.61 14.32
N LYS E 65 -29.30 -27.69 15.00
CA LYS E 65 -30.07 -26.75 15.76
C LYS E 65 -31.01 -26.07 14.81
N SER E 66 -32.20 -25.81 15.31
CA SER E 66 -33.35 -25.20 14.63
C SER E 66 -34.27 -26.25 14.08
N ARG E 67 -33.76 -27.45 13.96
CA ARG E 67 -34.53 -28.59 13.54
C ARG E 67 -34.81 -29.43 14.78
N VAL E 68 -33.87 -29.38 15.72
CA VAL E 68 -33.93 -30.18 16.93
C VAL E 68 -34.17 -29.44 18.22
N ILE E 69 -35.04 -30.02 19.04
CA ILE E 69 -35.36 -29.58 20.38
C ILE E 69 -35.13 -30.66 21.43
N ILE E 70 -34.41 -30.34 22.48
CA ILE E 70 -34.22 -31.24 23.60
C ILE E 70 -34.77 -30.61 24.85
N SER E 71 -35.63 -31.32 25.57
CA SER E 71 -36.22 -30.75 26.76
C SER E 71 -36.21 -31.70 27.93
N VAL E 72 -36.28 -31.12 29.13
CA VAL E 72 -36.23 -31.86 30.36
C VAL E 72 -37.45 -31.73 31.24
N ASP E 73 -38.06 -32.86 31.57
CA ASP E 73 -39.23 -32.93 32.44
C ASP E 73 -38.81 -33.41 33.81
N THR E 74 -38.59 -32.49 34.74
CA THR E 74 -38.07 -32.95 36.01
C THR E 74 -39.10 -33.67 36.82
N THR E 75 -40.36 -33.33 36.62
CA THR E 75 -41.44 -33.92 37.39
C THR E 75 -41.46 -35.42 37.22
N LYS E 76 -41.33 -35.86 35.98
CA LYS E 76 -41.39 -37.28 35.71
C LYS E 76 -40.03 -37.95 35.49
N ASN E 77 -38.94 -37.24 35.73
CA ASN E 77 -37.60 -37.77 35.45
C ASN E 77 -37.44 -38.27 34.02
N LYS E 78 -37.92 -37.48 33.07
CA LYS E 78 -37.79 -37.85 31.68
C LYS E 78 -37.23 -36.74 30.85
N PHE E 79 -36.58 -37.07 29.78
CA PHE E 79 -36.16 -36.03 28.88
C PHE E 79 -36.43 -36.50 27.49
N SER E 80 -36.57 -35.57 26.57
CA SER E 80 -36.91 -36.00 25.23
C SER E 80 -36.34 -35.19 24.12
N LEU E 81 -36.28 -35.85 22.99
CA LEU E 81 -35.75 -35.33 21.76
C LEU E 81 -36.75 -35.23 20.64
N LYS E 82 -36.83 -34.07 20.02
CA LYS E 82 -37.70 -33.93 18.88
C LYS E 82 -37.01 -33.36 17.67
N LEU E 83 -37.21 -33.98 16.52
CA LEU E 83 -36.62 -33.46 15.27
C LEU E 83 -37.61 -33.32 14.16
N SER E 84 -37.77 -32.11 13.69
CA SER E 84 -38.72 -31.85 12.64
C SER E 84 -38.17 -32.25 11.30
N SER E 85 -39.06 -32.40 10.34
CA SER E 85 -38.69 -32.66 8.97
C SER E 85 -37.71 -33.80 8.78
N VAL E 86 -38.00 -34.97 9.31
CA VAL E 86 -37.06 -36.06 9.14
C VAL E 86 -36.89 -36.51 7.70
N THR E 87 -35.68 -36.93 7.38
CA THR E 87 -35.42 -37.45 6.05
C THR E 87 -34.74 -38.79 6.07
N ALA E 88 -34.44 -39.32 4.92
CA ALA E 88 -33.86 -40.66 4.85
C ALA E 88 -32.54 -40.75 5.61
N ALA E 89 -31.80 -39.68 5.60
CA ALA E 89 -30.49 -39.56 6.22
C ALA E 89 -30.56 -39.63 7.73
N ASP E 90 -31.75 -39.50 8.30
CA ASP E 90 -31.89 -39.51 9.73
C ASP E 90 -32.13 -40.90 10.27
N THR E 91 -32.10 -41.91 9.41
CA THR E 91 -32.26 -43.24 9.94
C THR E 91 -31.00 -43.52 10.74
N ALA E 92 -31.19 -43.89 11.98
CA ALA E 92 -30.04 -44.08 12.85
C ALA E 92 -30.42 -44.69 14.15
N VAL E 93 -29.42 -45.14 14.87
CA VAL E 93 -29.65 -45.53 16.22
C VAL E 93 -29.51 -44.31 17.09
N TYR E 94 -30.46 -44.09 17.95
CA TYR E 94 -30.40 -42.96 18.82
C TYR E 94 -30.13 -43.47 20.22
N TYR E 95 -29.29 -42.76 20.95
CA TYR E 95 -29.00 -43.13 22.31
C TYR E 95 -29.18 -41.95 23.20
N CYS E 96 -29.64 -42.18 24.41
CA CYS E 96 -29.65 -41.11 25.36
C CYS E 96 -28.49 -41.35 26.31
N ALA E 97 -27.96 -40.28 26.87
CA ALA E 97 -26.83 -40.41 27.77
C ALA E 97 -26.72 -39.33 28.83
N ARG E 98 -26.03 -39.64 29.91
CA ARG E 98 -25.75 -38.67 30.97
C ARG E 98 -24.38 -38.07 30.78
N ASP E 99 -24.31 -36.75 31.01
CA ASP E 99 -23.11 -35.95 30.91
C ASP E 99 -22.86 -35.08 32.17
N PRO E 100 -21.84 -35.38 33.01
CA PRO E 100 -21.49 -34.69 34.24
C PRO E 100 -20.60 -33.48 34.03
N SER E 101 -20.53 -33.00 32.80
CA SER E 101 -19.70 -31.86 32.45
C SER E 101 -20.24 -30.59 33.02
N PHE E 102 -19.43 -29.56 32.90
CA PHE E 102 -19.74 -28.21 33.29
C PHE E 102 -19.89 -28.10 34.79
N TRP E 103 -19.34 -29.07 35.50
CA TRP E 103 -19.40 -29.16 36.94
C TRP E 103 -20.80 -29.29 37.46
N SER E 104 -21.70 -29.71 36.59
CA SER E 104 -23.10 -29.90 36.83
C SER E 104 -23.37 -31.04 37.78
N SER E 105 -22.38 -31.88 37.96
CA SER E 105 -22.39 -33.04 38.83
C SER E 105 -22.22 -32.64 40.29
N THR E 106 -21.93 -31.36 40.50
CA THR E 106 -21.66 -30.72 41.78
C THR E 106 -20.28 -31.10 42.28
N SER E 107 -19.30 -30.72 41.46
CA SER E 107 -17.90 -30.90 41.78
C SER E 107 -17.06 -29.97 40.97
N ARG E 108 -16.07 -29.37 41.58
CA ARG E 108 -15.18 -28.47 40.87
C ARG E 108 -13.81 -29.07 40.70
N THR E 109 -13.72 -30.37 40.94
CA THR E 109 -12.47 -31.07 40.81
C THR E 109 -12.48 -31.83 39.51
N SER E 110 -13.63 -31.81 38.86
CA SER E 110 -13.86 -32.51 37.63
C SER E 110 -13.35 -31.67 36.47
N PRO E 111 -13.02 -32.29 35.36
CA PRO E 111 -12.73 -31.63 34.12
C PRO E 111 -13.94 -30.83 33.75
N TYR E 112 -13.75 -29.66 33.19
CA TYR E 112 -14.93 -28.90 32.81
C TYR E 112 -15.67 -29.66 31.75
N TYR E 113 -14.95 -30.16 30.75
CA TYR E 113 -15.60 -30.95 29.73
C TYR E 113 -15.26 -32.37 30.10
N TYR E 114 -16.24 -33.19 30.41
CA TYR E 114 -15.92 -34.51 30.91
C TYR E 114 -16.08 -35.59 29.88
N GLY E 115 -17.31 -35.86 29.49
CA GLY E 115 -17.62 -36.94 28.56
C GLY E 115 -18.92 -37.56 28.95
N MET E 116 -19.34 -38.61 28.28
CA MET E 116 -20.63 -39.20 28.60
C MET E 116 -20.47 -40.56 29.25
N ASP E 117 -20.73 -40.63 30.54
CA ASP E 117 -20.46 -41.86 31.26
C ASP E 117 -21.62 -42.82 31.32
N VAL E 118 -22.85 -42.35 31.16
CA VAL E 118 -23.94 -43.31 31.28
C VAL E 118 -24.72 -43.34 30.01
N TRP E 119 -24.84 -44.50 29.43
CA TRP E 119 -25.55 -44.64 28.17
C TRP E 119 -26.72 -45.57 28.30
N GLY E 120 -27.78 -45.29 27.56
CA GLY E 120 -28.90 -46.22 27.50
C GLY E 120 -28.54 -47.25 26.44
N GLN E 121 -29.40 -48.23 26.18
CA GLN E 121 -29.05 -49.18 25.16
C GLN E 121 -29.31 -48.67 23.75
N GLY E 122 -30.15 -47.65 23.63
CA GLY E 122 -30.43 -47.06 22.34
C GLY E 122 -31.61 -47.69 21.64
N THR E 123 -32.07 -47.01 20.61
CA THR E 123 -33.18 -47.47 19.81
C THR E 123 -32.96 -47.17 18.35
N LEU E 124 -33.53 -47.97 17.48
CA LEU E 124 -33.38 -47.71 16.06
C LEU E 124 -34.59 -47.09 15.44
N VAL E 125 -34.37 -45.97 14.78
CA VAL E 125 -35.43 -45.28 14.10
C VAL E 125 -35.23 -45.23 12.61
N THR E 126 -36.25 -45.68 11.90
CA THR E 126 -36.26 -45.69 10.45
C THR E 126 -37.11 -44.59 9.89
N VAL E 127 -36.60 -43.90 8.88
CA VAL E 127 -37.43 -42.92 8.22
C VAL E 127 -37.80 -43.50 6.87
N SER E 128 -39.09 -43.73 6.64
CA SER E 128 -39.46 -44.36 5.39
C SER E 128 -40.93 -44.21 5.03
N SER E 129 -41.26 -44.54 3.80
CA SER E 129 -42.63 -44.47 3.33
C SER E 129 -43.39 -45.74 3.65
N VAL F 3 -14.51 -32.18 12.70
CA VAL F 3 -14.35 -33.62 12.68
C VAL F 3 -12.91 -33.99 12.97
N LEU F 4 -12.72 -35.01 13.79
CA LEU F 4 -11.37 -35.45 14.13
C LEU F 4 -10.98 -36.54 13.18
N THR F 5 -9.70 -36.74 12.94
CA THR F 5 -9.26 -37.79 12.06
C THR F 5 -8.73 -39.00 12.77
N GLN F 6 -9.20 -40.16 12.35
CA GLN F 6 -8.75 -41.44 12.87
C GLN F 6 -8.44 -42.35 11.70
N PRO F 7 -7.52 -43.31 11.82
CA PRO F 7 -7.29 -44.31 10.82
C PRO F 7 -8.50 -45.20 10.84
N PRO F 8 -8.87 -45.85 9.75
CA PRO F 8 -9.96 -46.78 9.68
C PRO F 8 -9.73 -48.10 10.41
N SER F 9 -8.48 -48.49 10.64
CA SER F 9 -8.24 -49.76 11.27
C SER F 9 -6.91 -49.85 11.98
N ALA F 10 -6.80 -50.87 12.82
CA ALA F 10 -5.60 -51.20 13.55
C ALA F 10 -5.59 -52.68 13.81
N SER F 11 -4.41 -53.26 14.03
CA SER F 11 -4.39 -54.68 14.36
C SER F 11 -3.13 -55.12 15.08
N GLY F 12 -3.21 -56.32 15.64
CA GLY F 12 -2.08 -56.97 16.28
C GLY F 12 -2.47 -58.34 16.80
N THR F 13 -1.51 -59.07 17.32
CA THR F 13 -1.78 -60.40 17.83
C THR F 13 -1.97 -60.26 19.33
N PRO F 14 -2.54 -61.24 20.01
CA PRO F 14 -2.70 -61.20 21.43
C PRO F 14 -1.37 -61.00 22.10
N GLY F 15 -1.39 -60.17 23.10
CA GLY F 15 -0.25 -59.85 23.92
C GLY F 15 0.54 -58.66 23.41
N GLN F 16 0.26 -58.19 22.20
CA GLN F 16 1.01 -57.08 21.66
C GLN F 16 0.47 -55.76 22.10
N ARG F 17 1.32 -54.76 22.03
CA ARG F 17 0.88 -53.41 22.31
C ARG F 17 0.54 -52.77 21.00
N VAL F 18 -0.66 -52.23 20.91
CA VAL F 18 -1.08 -51.56 19.70
C VAL F 18 -1.54 -50.17 20.02
N THR F 19 -1.53 -49.29 19.04
CA THR F 19 -2.04 -47.96 19.31
C THR F 19 -2.99 -47.48 18.23
N ILE F 20 -3.89 -46.61 18.63
CA ILE F 20 -4.79 -45.93 17.73
C ILE F 20 -4.59 -44.45 17.84
N SER F 21 -4.32 -43.80 16.71
CA SER F 21 -4.13 -42.36 16.72
C SER F 21 -5.40 -41.59 16.45
N CYS F 22 -5.36 -40.32 16.80
CA CYS F 22 -6.43 -39.36 16.56
C CYS F 22 -5.85 -37.97 16.35
N SER F 23 -6.32 -37.23 15.34
CA SER F 23 -5.72 -35.92 15.16
C SER F 23 -6.53 -34.83 14.47
N GLY F 24 -6.00 -33.60 14.60
CA GLY F 24 -6.50 -32.44 13.87
C GLY F 24 -7.12 -31.29 14.65
N SER F 25 -6.65 -30.09 14.28
CA SER F 25 -6.99 -28.73 14.74
C SER F 25 -6.55 -28.29 16.12
N SER F 26 -6.74 -27.00 16.35
CA SER F 26 -6.32 -26.32 17.55
C SER F 26 -7.50 -25.93 18.40
N SER F 27 -8.68 -26.08 17.85
CA SER F 27 -9.92 -25.69 18.50
C SER F 27 -10.51 -26.77 19.37
N ASN F 28 -9.96 -27.95 19.25
CA ASN F 28 -10.48 -29.14 19.89
C ASN F 28 -9.45 -29.86 20.72
N ILE F 29 -8.97 -31.02 20.28
CA ILE F 29 -7.94 -31.72 21.04
C ILE F 29 -6.70 -30.87 21.17
N GLY F 30 -6.53 -29.88 20.32
CA GLY F 30 -5.38 -29.02 20.42
C GLY F 30 -5.47 -28.06 21.62
N ILE F 31 -6.64 -27.89 22.22
CA ILE F 31 -6.82 -27.02 23.38
C ILE F 31 -7.48 -27.71 24.57
N ASN F 32 -8.55 -28.46 24.30
CA ASN F 32 -9.35 -29.14 25.30
C ASN F 32 -8.81 -30.53 25.48
N THR F 33 -9.42 -31.30 26.37
CA THR F 33 -8.98 -32.65 26.58
C THR F 33 -9.62 -33.58 25.59
N VAL F 34 -9.09 -34.79 25.50
CA VAL F 34 -9.62 -35.79 24.59
C VAL F 34 -10.10 -37.02 25.33
N ASN F 35 -11.22 -37.55 24.87
CA ASN F 35 -11.79 -38.77 25.40
C ASN F 35 -11.72 -39.91 24.42
N TRP F 36 -11.73 -41.12 24.95
CA TRP F 36 -11.84 -42.30 24.09
C TRP F 36 -12.97 -43.18 24.53
N TYR F 37 -13.69 -43.71 23.55
CA TYR F 37 -14.79 -44.63 23.80
C TYR F 37 -14.64 -45.94 23.04
N GLN F 38 -15.12 -47.01 23.62
CA GLN F 38 -15.08 -48.31 22.97
C GLN F 38 -16.44 -48.89 22.72
N GLN F 39 -16.72 -49.19 21.47
CA GLN F 39 -17.99 -49.75 21.11
C GLN F 39 -17.88 -51.17 20.63
N LEU F 40 -18.71 -52.02 21.20
CA LEU F 40 -18.73 -53.39 20.78
C LEU F 40 -19.86 -53.45 19.79
N PRO F 41 -19.85 -54.39 18.84
CA PRO F 41 -20.85 -54.52 17.80
C PRO F 41 -22.30 -54.52 18.25
N GLY F 42 -22.61 -55.05 19.43
CA GLY F 42 -23.99 -55.09 19.86
C GLY F 42 -24.45 -54.01 20.83
N THR F 43 -23.62 -53.02 21.14
CA THR F 43 -24.08 -52.07 22.16
C THR F 43 -23.59 -50.64 22.08
N ALA F 44 -23.98 -49.88 23.10
CA ALA F 44 -23.62 -48.49 23.27
C ALA F 44 -22.14 -48.41 23.56
N PRO F 45 -21.45 -47.36 23.20
CA PRO F 45 -20.06 -47.17 23.49
C PRO F 45 -19.83 -46.97 24.96
N LYS F 46 -18.68 -47.42 25.44
CA LYS F 46 -18.26 -47.21 26.82
C LYS F 46 -17.13 -46.22 26.90
N LEU F 47 -17.17 -45.34 27.88
CA LEU F 47 -16.06 -44.41 28.03
C LEU F 47 -14.89 -45.11 28.65
N LEU F 48 -13.73 -45.01 28.01
CA LEU F 48 -12.53 -45.63 28.56
C LEU F 48 -11.60 -44.62 29.13
N ILE F 49 -11.41 -43.55 28.38
CA ILE F 49 -10.46 -42.53 28.74
C ILE F 49 -11.08 -41.19 28.75
N TYR F 50 -10.78 -40.41 29.75
CA TYR F 50 -11.25 -39.05 29.78
C TYR F 50 -10.12 -38.19 30.27
N SER F 51 -10.19 -36.91 30.01
CA SER F 51 -9.13 -36.02 30.44
C SER F 51 -7.78 -36.46 29.95
N ASN F 52 -7.69 -36.89 28.70
CA ASN F 52 -6.47 -37.33 28.04
C ASN F 52 -5.95 -38.66 28.52
N ASN F 53 -5.72 -38.80 29.81
CA ASN F 53 -5.17 -40.04 30.33
C ASN F 53 -5.81 -40.62 31.58
N GLN F 54 -7.02 -40.25 31.94
CA GLN F 54 -7.63 -40.80 33.13
C GLN F 54 -8.60 -41.86 32.72
N ARG F 55 -8.90 -42.80 33.60
CA ARG F 55 -9.89 -43.76 33.20
C ARG F 55 -10.91 -43.91 34.30
N PRO F 56 -12.19 -44.17 33.99
CA PRO F 56 -13.26 -44.45 34.90
C PRO F 56 -12.98 -45.71 35.66
N SER F 57 -13.50 -45.80 36.86
CA SER F 57 -13.33 -47.01 37.61
C SER F 57 -13.92 -48.14 36.81
N GLY F 58 -13.24 -49.27 36.83
CA GLY F 58 -13.69 -50.46 36.11
C GLY F 58 -12.98 -50.64 34.79
N VAL F 59 -12.31 -49.61 34.32
CA VAL F 59 -11.57 -49.73 33.08
C VAL F 59 -10.20 -50.30 33.38
N PRO F 60 -9.77 -51.36 32.69
CA PRO F 60 -8.48 -51.98 32.86
C PRO F 60 -7.38 -50.99 32.59
N ASP F 61 -6.27 -51.17 33.26
CA ASP F 61 -5.13 -50.28 33.13
C ASP F 61 -4.28 -50.58 31.92
N ARG F 62 -4.77 -51.50 31.12
CA ARG F 62 -4.14 -51.84 29.88
C ARG F 62 -4.47 -50.74 28.88
N PHE F 63 -5.47 -49.92 29.21
CA PHE F 63 -5.88 -48.83 28.35
C PHE F 63 -5.26 -47.55 28.87
N SER F 64 -4.37 -46.98 28.07
CA SER F 64 -3.63 -45.80 28.45
C SER F 64 -3.67 -44.71 27.40
N GLY F 65 -4.23 -43.57 27.79
CA GLY F 65 -4.35 -42.46 26.85
C GLY F 65 -3.17 -41.52 26.94
N SER F 66 -2.91 -40.82 25.84
CA SER F 66 -1.86 -39.81 25.78
C SER F 66 -2.17 -38.74 24.76
N LYS F 67 -1.79 -37.49 25.05
CA LYS F 67 -1.99 -36.39 24.12
C LYS F 67 -0.84 -35.43 24.04
N SER F 68 -0.57 -34.94 22.84
CA SER F 68 0.45 -33.93 22.61
C SER F 68 0.13 -33.09 21.39
N GLY F 69 0.37 -31.79 21.46
CA GLY F 69 0.13 -30.99 20.28
C GLY F 69 -1.33 -31.05 19.85
N THR F 70 -1.53 -31.44 18.60
CA THR F 70 -2.82 -31.55 17.95
C THR F 70 -3.15 -32.98 17.62
N SER F 71 -2.52 -33.90 18.32
CA SER F 71 -2.79 -35.31 18.12
C SER F 71 -2.81 -36.07 19.41
N ALA F 72 -3.44 -37.21 19.39
CA ALA F 72 -3.60 -38.03 20.56
C ALA F 72 -3.66 -39.49 20.21
N SER F 73 -3.43 -40.33 21.20
CA SER F 73 -3.54 -41.74 20.95
C SER F 73 -3.97 -42.54 22.14
N LEU F 74 -4.47 -43.72 21.83
CA LEU F 74 -4.83 -44.70 22.81
C LEU F 74 -3.97 -45.92 22.67
N ALA F 75 -3.27 -46.27 23.72
CA ALA F 75 -2.44 -47.45 23.69
C ALA F 75 -3.11 -48.56 24.41
N ILE F 76 -3.09 -49.73 23.79
CA ILE F 76 -3.65 -50.90 24.42
C ILE F 76 -2.56 -51.93 24.64
N SER F 77 -2.23 -52.15 25.89
CA SER F 77 -1.19 -53.09 26.24
C SER F 77 -1.78 -54.45 26.44
N GLY F 78 -1.03 -55.51 26.11
CA GLY F 78 -1.56 -56.80 26.44
C GLY F 78 -2.79 -57.11 25.62
N LEU F 79 -2.80 -56.78 24.33
CA LEU F 79 -4.00 -56.95 23.54
C LEU F 79 -4.66 -58.30 23.74
N GLN F 80 -5.96 -58.24 24.02
CA GLN F 80 -6.80 -59.40 24.24
C GLN F 80 -7.75 -59.60 23.09
N SER F 81 -8.28 -60.81 22.94
CA SER F 81 -9.29 -61.08 21.92
C SER F 81 -10.53 -60.25 22.17
N GLU F 82 -10.79 -60.00 23.43
CA GLU F 82 -11.92 -59.24 23.89
C GLU F 82 -11.81 -57.76 23.54
N ASP F 83 -10.65 -57.31 23.09
CA ASP F 83 -10.48 -55.91 22.77
C ASP F 83 -10.89 -55.62 21.35
N GLU F 84 -11.29 -56.64 20.58
CA GLU F 84 -11.72 -56.31 19.23
C GLU F 84 -12.87 -55.35 19.40
N ALA F 85 -12.78 -54.20 18.76
CA ALA F 85 -13.83 -53.19 18.92
C ALA F 85 -13.66 -52.00 17.99
N ASP F 86 -14.69 -51.18 17.95
CA ASP F 86 -14.68 -49.90 17.27
C ASP F 86 -14.25 -48.82 18.26
N TYR F 87 -13.12 -48.20 18.05
CA TYR F 87 -12.68 -47.20 19.01
C TYR F 87 -12.89 -45.80 18.48
N TYR F 88 -13.37 -44.93 19.36
CA TYR F 88 -13.66 -43.56 18.98
C TYR F 88 -12.94 -42.53 19.79
N CYS F 89 -12.50 -41.51 19.11
CA CYS F 89 -11.86 -40.33 19.66
C CYS F 89 -12.85 -39.19 19.72
N ALA F 90 -12.92 -38.48 20.83
CA ALA F 90 -13.83 -37.35 20.89
C ALA F 90 -13.33 -36.18 21.71
N ALA F 91 -13.75 -34.97 21.33
CA ALA F 91 -13.36 -33.78 22.08
C ALA F 91 -14.31 -32.62 21.94
N TRP F 92 -14.28 -31.72 22.90
CA TRP F 92 -15.07 -30.52 22.76
C TRP F 92 -14.35 -29.66 21.76
N ASP F 93 -15.07 -29.03 20.85
CA ASP F 93 -14.50 -28.16 19.83
C ASP F 93 -15.16 -26.83 19.90
N ASP F 94 -14.41 -25.81 20.35
CA ASP F 94 -14.96 -24.50 20.63
C ASP F 94 -15.63 -23.81 19.45
N ASN F 95 -15.29 -24.18 18.22
CA ASN F 95 -15.93 -23.53 17.09
C ASN F 95 -17.37 -23.97 16.95
N LEU F 96 -17.65 -25.19 17.39
CA LEU F 96 -18.98 -25.73 17.30
C LEU F 96 -19.63 -25.67 18.66
N ASN F 97 -18.77 -25.63 19.67
CA ASN F 97 -19.13 -25.62 21.05
C ASN F 97 -19.89 -26.87 21.44
N GLY F 98 -19.38 -28.04 21.04
CA GLY F 98 -20.01 -29.29 21.45
C GLY F 98 -19.64 -30.58 20.74
N TRP F 99 -18.98 -31.44 21.52
CA TRP F 99 -18.60 -32.84 21.28
C TRP F 99 -18.40 -33.36 19.87
N VAL F 100 -17.22 -33.21 19.35
CA VAL F 100 -16.86 -33.71 18.04
C VAL F 100 -16.27 -35.11 18.10
N PHE F 101 -16.73 -35.99 17.23
CA PHE F 101 -16.18 -37.34 17.15
C PHE F 101 -15.31 -37.52 15.90
N GLY F 102 -14.35 -38.42 15.98
CA GLY F 102 -13.48 -38.75 14.85
C GLY F 102 -13.90 -39.92 13.97
N GLY F 103 -15.08 -40.44 14.16
CA GLY F 103 -15.45 -41.62 13.41
C GLY F 103 -14.76 -42.71 14.18
N GLY F 104 -14.61 -43.90 13.63
CA GLY F 104 -13.96 -44.88 14.49
C GLY F 104 -12.91 -45.67 13.79
N THR F 105 -12.15 -46.41 14.57
CA THR F 105 -11.10 -47.27 14.09
C THR F 105 -11.43 -48.70 14.44
N LYS F 106 -11.34 -49.61 13.48
CA LYS F 106 -11.61 -50.99 13.81
C LYS F 106 -10.37 -51.73 14.20
N LEU F 107 -10.33 -52.17 15.44
CA LEU F 107 -9.19 -52.90 15.95
C LEU F 107 -9.41 -54.37 15.86
N THR F 108 -8.56 -55.03 15.10
CA THR F 108 -8.65 -56.46 14.88
C THR F 108 -7.58 -57.23 15.60
N VAL F 109 -8.00 -58.25 16.32
CA VAL F 109 -7.05 -59.08 17.02
C VAL F 109 -6.83 -60.27 16.12
N LEU F 110 -5.59 -60.56 15.82
CA LEU F 110 -5.23 -61.58 14.87
C LEU F 110 -5.05 -62.93 15.53
N GLY F 111 -5.44 -63.99 14.83
CA GLY F 111 -5.27 -65.35 15.32
C GLY F 111 -6.41 -66.23 14.82
N ARG G 42 4.51 21.06 28.94
CA ARG G 42 4.40 19.92 29.84
C ARG G 42 5.50 19.95 30.87
N ASN G 43 5.76 18.81 31.49
CA ASN G 43 6.76 18.73 32.51
C ASN G 43 7.32 17.33 32.50
N PHE G 44 8.27 17.04 33.34
CA PHE G 44 8.83 15.72 33.33
C PHE G 44 8.00 14.75 34.13
N ASN G 45 7.98 13.52 33.67
CA ASN G 45 7.30 12.49 34.42
C ASN G 45 8.09 12.14 35.66
N ASN G 46 7.40 12.01 36.80
CA ASN G 46 8.04 11.60 38.04
C ASN G 46 7.53 10.24 38.50
N LEU G 47 8.41 9.46 39.06
CA LEU G 47 8.03 8.15 39.58
C LEU G 47 7.44 8.24 40.95
N THR G 48 6.14 8.48 41.01
CA THR G 48 5.47 8.68 42.29
C THR G 48 4.43 7.64 42.71
N LYS G 49 3.93 6.83 41.78
CA LYS G 49 2.84 5.92 42.10
C LYS G 49 3.36 4.53 42.40
N GLY G 50 2.55 3.69 43.03
CA GLY G 50 3.04 2.34 43.34
C GLY G 50 2.63 1.37 42.28
N LEU G 51 2.92 0.08 42.45
CA LEU G 51 2.41 -0.86 41.45
C LEU G 51 1.06 -1.35 41.87
N CYS G 52 0.22 -1.64 40.90
CA CYS G 52 -1.09 -2.19 41.20
C CYS G 52 -0.96 -3.65 41.59
N THR G 53 -1.92 -4.14 42.35
CA THR G 53 -1.95 -5.56 42.68
C THR G 53 -2.15 -6.39 41.43
N ILE G 54 -1.36 -7.42 41.24
CA ILE G 54 -1.55 -8.24 40.06
C ILE G 54 -2.16 -9.57 40.40
N ASN G 55 -3.41 -9.76 39.99
CA ASN G 55 -4.09 -11.01 40.22
C ASN G 55 -4.11 -11.83 38.95
N SER G 56 -4.15 -11.16 37.80
CA SER G 56 -4.15 -11.86 36.52
C SER G 56 -3.70 -10.96 35.41
N TRP G 57 -3.44 -11.53 34.23
CA TRP G 57 -3.05 -10.73 33.07
C TRP G 57 -4.11 -10.77 31.97
N HIS G 58 -4.27 -9.68 31.22
CA HIS G 58 -5.23 -9.65 30.12
C HIS G 58 -4.59 -9.09 28.87
N ILE G 59 -5.12 -9.43 27.72
CA ILE G 59 -4.46 -8.95 26.53
C ILE G 59 -4.58 -7.47 26.33
N TYR G 60 -3.47 -6.87 25.94
CA TYR G 60 -3.33 -5.47 25.67
C TYR G 60 -3.25 -5.23 24.17
N GLY G 61 -2.44 -6.02 23.48
CA GLY G 61 -2.29 -5.83 22.03
C GLY G 61 -1.62 -7.01 21.33
N LYS G 62 -1.71 -7.03 20.01
CA LYS G 62 -1.17 -8.09 19.16
C LYS G 62 -1.20 -7.68 17.71
N ASP G 63 -0.09 -7.82 16.98
CA ASP G 63 -0.15 -7.36 15.58
C ASP G 63 -0.49 -8.38 14.50
N ASN G 64 -0.22 -9.64 14.75
CA ASN G 64 -0.42 -10.72 13.78
C ASN G 64 0.40 -10.42 12.54
N ALA G 65 1.60 -9.91 12.74
CA ALA G 65 2.42 -9.52 11.60
C ALA G 65 2.69 -10.61 10.59
N VAL G 66 2.92 -11.84 11.00
CA VAL G 66 3.24 -12.79 9.95
C VAL G 66 2.02 -13.20 9.12
N ARG G 67 0.90 -13.44 9.77
CA ARG G 67 -0.30 -13.82 9.05
C ARG G 67 -0.67 -12.82 7.98
N ILE G 68 -0.50 -11.55 8.29
CA ILE G 68 -0.77 -10.48 7.35
C ILE G 68 0.30 -10.45 6.29
N GLY G 69 1.56 -10.59 6.72
CA GLY G 69 2.72 -10.50 5.86
C GLY G 69 2.69 -11.49 4.71
N GLU G 70 2.06 -12.62 4.90
CA GLU G 70 2.00 -13.60 3.83
C GLU G 70 1.54 -12.99 2.52
N SER G 71 0.60 -12.04 2.53
CA SER G 71 0.13 -11.48 1.29
C SER G 71 0.25 -9.97 1.20
N SER G 72 1.12 -9.36 1.99
CA SER G 72 1.18 -7.90 1.98
C SER G 72 2.56 -7.32 2.30
N ASP G 73 2.71 -6.01 2.13
CA ASP G 73 4.02 -5.40 2.30
C ASP G 73 4.39 -5.06 3.74
N VAL G 74 4.70 -6.13 4.46
CA VAL G 74 5.05 -6.13 5.88
C VAL G 74 6.52 -6.37 6.00
N LEU G 75 7.18 -5.58 6.83
CA LEU G 75 8.61 -5.65 7.03
C LEU G 75 9.06 -6.78 7.91
N VAL G 76 10.27 -7.22 7.66
CA VAL G 76 10.90 -8.22 8.49
C VAL G 76 11.56 -7.54 9.66
N THR G 77 11.22 -7.97 10.87
CA THR G 77 11.76 -7.42 12.10
C THR G 77 12.20 -8.46 13.09
N ARG G 78 12.89 -7.99 14.12
CA ARG G 78 13.30 -8.68 15.34
C ARG G 78 13.40 -7.73 16.53
N GLU G 79 13.46 -8.29 17.72
CA GLU G 79 13.68 -7.53 18.95
C GLU G 79 12.65 -6.44 19.17
N PRO G 80 11.37 -6.75 19.21
CA PRO G 80 10.33 -5.79 19.40
C PRO G 80 10.27 -5.36 20.83
N TYR G 81 9.66 -4.22 21.07
CA TYR G 81 9.35 -3.76 22.41
C TYR G 81 8.21 -2.77 22.37
N VAL G 82 7.68 -2.44 23.53
CA VAL G 82 6.57 -1.51 23.58
C VAL G 82 6.95 -0.31 24.40
N SER G 83 6.57 0.87 23.95
CA SER G 83 6.85 2.07 24.74
C SER G 83 5.78 3.11 24.50
N CYS G 84 5.45 3.87 25.53
CA CYS G 84 4.39 4.85 25.39
C CYS G 84 4.85 6.28 25.59
N ASP G 85 4.26 7.18 24.81
CA ASP G 85 4.44 8.61 24.97
C ASP G 85 3.30 9.00 25.89
N PRO G 86 3.14 10.24 26.35
CA PRO G 86 2.07 10.66 27.22
C PRO G 86 0.67 10.42 26.70
N ASP G 87 0.49 10.33 25.40
CA ASP G 87 -0.81 10.11 24.85
C ASP G 87 -0.89 9.02 23.79
N GLU G 88 0.14 8.19 23.68
CA GLU G 88 0.11 7.17 22.63
C GLU G 88 1.02 5.99 22.87
N CYS G 89 0.56 4.78 22.58
CA CYS G 89 1.48 3.67 22.68
C CYS G 89 1.78 3.10 21.31
N ARG G 90 3.06 2.78 21.12
CA ARG G 90 3.53 2.24 19.87
C ARG G 90 4.44 1.04 20.05
N PHE G 91 4.53 0.24 19.00
CA PHE G 91 5.46 -0.85 18.98
C PHE G 91 6.74 -0.37 18.38
N TYR G 92 7.83 -0.89 18.87
CA TYR G 92 9.13 -0.57 18.33
C TYR G 92 9.81 -1.86 17.95
N ALA G 93 10.62 -1.83 16.90
CA ALA G 93 11.37 -3.03 16.52
C ALA G 93 12.52 -2.71 15.61
N LEU G 94 13.45 -3.63 15.46
CA LEU G 94 14.51 -3.43 14.51
C LEU G 94 14.22 -4.16 13.22
N SER G 95 14.13 -3.40 12.14
CA SER G 95 13.82 -3.97 10.85
C SER G 95 15.06 -4.42 10.15
N GLN G 96 14.90 -5.31 9.17
CA GLN G 96 15.99 -5.82 8.33
C GLN G 96 16.13 -5.17 6.98
N GLY G 97 15.35 -4.13 6.71
CA GLY G 97 15.48 -3.47 5.43
C GLY G 97 14.91 -4.25 4.28
N THR G 98 13.89 -5.06 4.54
CA THR G 98 13.25 -5.89 3.54
C THR G 98 11.88 -6.33 3.96
N THR G 99 11.04 -6.66 2.99
CA THR G 99 9.73 -7.20 3.26
C THR G 99 9.78 -8.70 3.39
N ILE G 100 8.76 -9.28 4.00
CA ILE G 100 8.73 -10.72 4.24
C ILE G 100 8.76 -11.54 3.00
N ARG G 101 8.05 -11.13 1.99
CA ARG G 101 7.99 -11.92 0.77
C ARG G 101 8.97 -11.45 -0.28
N GLY G 102 9.87 -10.54 0.06
CA GLY G 102 10.79 -10.08 -0.96
C GLY G 102 11.94 -11.04 -1.07
N LYS G 103 12.79 -10.85 -2.05
CA LYS G 103 13.91 -11.77 -2.19
C LYS G 103 15.05 -11.39 -1.30
N HIS G 104 14.99 -10.21 -0.73
CA HIS G 104 16.05 -9.81 0.15
C HIS G 104 15.79 -10.35 1.54
N SER G 105 14.69 -11.10 1.69
CA SER G 105 14.35 -11.72 2.99
C SER G 105 15.23 -12.96 3.21
N ASN G 106 16.00 -13.33 2.20
CA ASN G 106 16.87 -14.53 2.28
C ASN G 106 18.09 -14.20 3.14
N GLY G 107 18.20 -14.82 4.31
CA GLY G 107 19.40 -14.65 5.16
C GLY G 107 19.18 -13.67 6.29
N THR G 108 17.94 -13.18 6.45
CA THR G 108 17.61 -12.27 7.54
C THR G 108 17.96 -12.78 8.93
N ILE G 109 18.44 -13.99 9.02
CA ILE G 109 18.84 -14.51 10.29
C ILE G 109 19.97 -13.75 10.96
N HIS G 110 20.85 -13.10 10.20
CA HIS G 110 21.93 -12.37 10.84
C HIS G 110 21.42 -11.05 11.40
N ASP G 111 21.84 -10.71 12.62
CA ASP G 111 21.40 -9.49 13.27
C ASP G 111 22.28 -8.25 13.29
N ARG G 112 23.42 -8.24 12.66
CA ARG G 112 24.21 -7.02 12.64
C ARG G 112 24.56 -6.61 11.25
N SER G 113 23.86 -5.63 10.73
CA SER G 113 24.12 -5.20 9.38
C SER G 113 23.79 -3.75 9.23
N GLN G 114 24.25 -3.22 8.13
CA GLN G 114 24.07 -1.86 7.74
C GLN G 114 22.73 -1.59 7.11
N TYR G 115 21.85 -2.58 7.15
CA TYR G 115 20.53 -2.41 6.61
C TYR G 115 19.51 -2.39 7.73
N ARG G 116 19.95 -2.43 8.99
CA ARG G 116 19.03 -2.44 10.11
C ARG G 116 18.70 -1.09 10.66
N ALA G 117 17.45 -0.95 11.10
CA ALA G 117 17.01 0.31 11.67
C ALA G 117 15.90 0.14 12.67
N LEU G 118 15.74 1.12 13.53
CA LEU G 118 14.68 1.12 14.51
C LEU G 118 13.49 1.82 14.00
N ILE G 119 12.38 1.12 14.02
CA ILE G 119 11.14 1.65 13.52
C ILE G 119 10.09 1.64 14.60
N SER G 120 9.06 2.42 14.37
CA SER G 120 7.95 2.54 15.29
C SER G 120 6.62 2.61 14.59
N TRP G 121 5.64 1.87 15.10
CA TRP G 121 4.34 1.90 14.45
C TRP G 121 3.25 1.71 15.51
N PRO G 122 1.99 2.06 15.25
CA PRO G 122 0.88 2.00 16.19
C PRO G 122 0.59 0.63 16.75
N LEU G 123 0.18 0.56 18.01
CA LEU G 123 -0.11 -0.74 18.56
C LEU G 123 -1.16 -1.48 17.82
N SER G 124 -0.87 -2.76 17.71
CA SER G 124 -1.64 -3.81 17.09
C SER G 124 -1.76 -3.71 15.59
N SER G 125 -1.03 -2.81 14.98
CA SER G 125 -0.97 -2.80 13.55
C SER G 125 0.31 -3.54 13.22
N PRO G 126 0.43 -4.18 12.08
CA PRO G 126 1.65 -4.80 11.63
C PRO G 126 2.62 -3.71 11.25
N PRO G 127 3.91 -3.99 11.27
CA PRO G 127 4.99 -3.10 10.90
C PRO G 127 5.10 -3.02 9.42
N THR G 128 4.16 -2.32 8.81
CA THR G 128 4.20 -2.27 7.38
C THR G 128 5.15 -1.23 6.91
N VAL G 129 5.48 -1.33 5.64
CA VAL G 129 6.38 -0.40 5.01
C VAL G 129 5.77 0.96 4.80
N TYR G 130 4.46 1.05 4.86
CA TYR G 130 3.80 2.29 4.60
C TYR G 130 3.27 2.98 5.84
N ASN G 131 3.52 2.46 7.04
CA ASN G 131 2.97 3.17 8.19
C ASN G 131 3.96 3.29 9.30
N SER G 132 5.18 2.88 9.03
CA SER G 132 6.20 2.89 10.04
C SER G 132 7.01 4.14 9.96
N ARG G 133 7.47 4.58 11.10
CA ARG G 133 8.35 5.71 11.15
C ARG G 133 9.70 5.21 11.58
N VAL G 134 10.74 5.77 11.00
CA VAL G 134 12.07 5.36 11.41
C VAL G 134 12.54 6.30 12.48
N GLU G 135 13.02 5.73 13.56
CA GLU G 135 13.49 6.52 14.67
C GLU G 135 14.97 6.75 14.56
N CYS G 136 15.70 5.71 14.16
CA CYS G 136 17.15 5.81 14.05
C CYS G 136 17.71 4.63 13.28
N ILE G 137 19.00 4.67 13.01
CA ILE G 137 19.69 3.56 12.37
C ILE G 137 20.66 2.89 13.28
N GLY G 138 20.68 1.56 13.25
CA GLY G 138 21.59 0.78 14.07
C GLY G 138 21.06 -0.61 14.29
N TRP G 139 21.94 -1.50 14.71
CA TRP G 139 21.56 -2.88 14.95
C TRP G 139 21.14 -3.20 16.36
N SER G 140 21.26 -2.25 17.25
CA SER G 140 20.81 -2.42 18.63
C SER G 140 20.36 -1.08 19.18
N SER G 141 19.24 -1.04 19.89
CA SER G 141 18.76 0.26 20.35
C SER G 141 17.82 0.22 21.52
N THR G 142 17.59 1.38 22.13
CA THR G 142 16.63 1.57 23.22
C THR G 142 16.01 2.95 23.18
N SER G 143 14.81 3.10 23.72
CA SER G 143 14.20 4.43 23.75
C SER G 143 13.19 4.64 24.86
N CYS G 144 12.92 5.89 25.20
CA CYS G 144 11.89 6.21 26.18
C CYS G 144 11.48 7.68 26.18
N HIS G 145 10.37 7.97 26.83
CA HIS G 145 9.89 9.34 26.86
C HIS G 145 9.98 9.87 28.26
N ASP G 146 10.45 11.10 28.40
CA ASP G 146 10.62 11.69 29.72
C ASP G 146 9.50 12.60 30.20
N GLY G 147 8.43 12.73 29.45
CA GLY G 147 7.32 13.62 29.75
C GLY G 147 7.32 14.86 28.87
N LYS G 148 8.47 15.18 28.28
CA LYS G 148 8.53 16.31 27.38
C LYS G 148 8.82 15.80 25.98
N SER G 149 9.77 14.88 25.85
CA SER G 149 10.05 14.31 24.54
C SER G 149 10.70 12.95 24.61
N ARG G 150 10.98 12.39 23.44
CA ARG G 150 11.55 11.06 23.40
C ARG G 150 13.03 11.02 23.11
N MET G 151 13.69 10.14 23.84
CA MET G 151 15.10 9.84 23.70
C MET G 151 15.25 8.52 22.99
N SER G 152 16.22 8.42 22.11
CA SER G 152 16.48 7.17 21.44
C SER G 152 17.95 6.93 21.22
N ILE G 153 18.42 5.76 21.60
CA ILE G 153 19.84 5.46 21.49
C ILE G 153 20.08 4.32 20.56
N CYS G 154 20.91 4.54 19.55
CA CYS G 154 21.12 3.49 18.58
C CYS G 154 22.58 3.17 18.30
N ILE G 155 22.87 1.89 18.25
CA ILE G 155 24.20 1.36 18.02
C ILE G 155 24.36 0.80 16.63
N SER G 156 25.43 1.23 15.97
CA SER G 156 25.76 0.82 14.62
C SER G 156 27.25 0.60 14.47
N GLY G 157 27.66 0.04 13.33
CA GLY G 157 29.08 -0.14 13.09
C GLY G 157 29.51 -1.62 13.07
N PRO G 158 30.81 -1.88 12.92
CA PRO G 158 31.49 -3.14 12.84
C PRO G 158 31.58 -3.74 14.21
N ASN G 159 32.02 -4.98 14.32
CA ASN G 159 32.08 -5.52 15.65
C ASN G 159 33.08 -4.84 16.59
N ASN G 160 34.13 -4.23 16.08
CA ASN G 160 35.08 -3.61 16.98
C ASN G 160 34.96 -2.10 17.11
N ASN G 161 34.92 -1.42 16.01
CA ASN G 161 34.84 0.04 15.97
C ASN G 161 33.38 0.50 15.92
N ALA G 162 32.61 0.00 16.85
CA ALA G 162 31.18 0.29 16.96
C ALA G 162 30.95 1.64 17.61
N SER G 163 29.77 2.19 17.46
CA SER G 163 29.46 3.44 18.13
C SER G 163 27.98 3.60 18.39
N ALA G 164 27.62 4.54 19.27
CA ALA G 164 26.22 4.82 19.53
C ALA G 164 25.89 6.27 19.41
N VAL G 165 24.71 6.54 18.89
CA VAL G 165 24.21 7.89 18.76
C VAL G 165 22.96 8.09 19.55
N VAL G 166 22.97 9.11 20.37
CA VAL G 166 21.87 9.44 21.20
C VAL G 166 21.10 10.56 20.56
N TRP G 167 19.84 10.31 20.31
CA TRP G 167 18.91 11.22 19.70
C TRP G 167 17.95 11.74 20.73
N TYR G 168 17.51 12.97 20.57
CA TYR G 168 16.47 13.47 21.46
C TYR G 168 15.62 14.42 20.71
N ASN G 169 14.33 14.22 20.79
CA ASN G 169 13.40 15.08 20.11
C ASN G 169 13.74 15.14 18.64
N ARG G 170 14.06 14.00 18.07
CA ARG G 170 14.40 13.80 16.67
C ARG G 170 15.71 14.42 16.20
N ARG G 171 16.54 14.95 17.08
CA ARG G 171 17.82 15.47 16.65
C ARG G 171 18.92 14.63 17.27
N PRO G 172 20.05 14.43 16.62
CA PRO G 172 21.15 13.77 17.22
C PRO G 172 21.64 14.73 18.27
N VAL G 173 22.01 14.23 19.43
CA VAL G 173 22.52 15.07 20.50
C VAL G 173 23.92 14.73 20.94
N ALA G 174 24.18 13.45 21.15
CA ALA G 174 25.46 13.05 21.73
C ALA G 174 25.90 11.70 21.22
N GLU G 175 27.20 11.45 21.28
CA GLU G 175 27.69 10.17 20.80
C GLU G 175 28.62 9.49 21.79
N ILE G 176 28.61 8.17 21.74
CA ILE G 176 29.44 7.30 22.56
C ILE G 176 30.26 6.31 21.72
N ASN G 177 31.56 6.24 21.97
CA ASN G 177 32.38 5.26 21.27
C ASN G 177 32.51 4.04 22.17
N THR G 178 33.19 3.01 21.73
CA THR G 178 33.37 1.80 22.49
C THR G 178 34.51 1.88 23.46
N TRP G 179 34.59 0.91 24.35
CA TRP G 179 35.67 0.90 25.30
C TRP G 179 36.35 -0.45 25.37
N ALA G 180 35.63 -1.51 25.05
CA ALA G 180 36.21 -2.84 25.06
C ALA G 180 36.39 -3.31 23.63
N ARG G 181 35.72 -2.64 22.69
CA ARG G 181 35.73 -2.97 21.27
C ARG G 181 35.21 -4.34 20.92
N ASN G 182 34.11 -4.74 21.54
CA ASN G 182 33.52 -6.02 21.21
C ASN G 182 32.01 -5.93 21.25
N ILE G 183 31.42 -5.61 20.09
CA ILE G 183 29.99 -5.46 19.90
C ILE G 183 29.22 -4.79 21.01
N LEU G 184 29.27 -3.47 21.02
CA LEU G 184 28.58 -2.67 22.01
C LEU G 184 27.11 -3.04 21.99
N ARG G 185 26.51 -3.24 23.16
CA ARG G 185 25.12 -3.68 23.29
C ARG G 185 24.32 -2.80 24.23
N THR G 186 23.02 -2.77 24.04
CA THR G 186 22.16 -2.02 24.96
C THR G 186 20.95 -2.86 25.40
N GLN G 187 20.00 -2.19 26.04
CA GLN G 187 18.84 -2.81 26.64
C GLN G 187 17.75 -3.40 25.76
N GLU G 188 17.61 -2.93 24.53
CA GLU G 188 16.57 -3.33 23.59
C GLU G 188 15.17 -2.79 23.98
N SER G 189 14.73 -3.06 25.18
CA SER G 189 13.45 -2.59 25.69
C SER G 189 13.53 -1.15 26.13
N GLU G 190 12.40 -0.57 26.52
CA GLU G 190 12.36 0.83 26.90
C GLU G 190 13.11 1.18 28.16
N CYS G 191 13.53 2.42 28.23
CA CYS G 191 14.16 3.01 29.40
C CYS G 191 13.14 3.76 30.26
N VAL G 192 13.49 4.03 31.50
CA VAL G 192 12.58 4.73 32.40
C VAL G 192 13.19 6.02 32.88
N CYS G 193 12.46 7.10 32.78
CA CYS G 193 13.01 8.38 33.20
C CYS G 193 12.36 8.90 34.47
N HIS G 194 13.13 9.63 35.26
CA HIS G 194 12.60 10.30 36.45
C HIS G 194 13.05 11.72 36.52
N ASN G 195 12.12 12.64 36.43
CA ASN G 195 12.42 14.05 36.47
C ASN G 195 13.45 14.43 35.44
N GLY G 196 13.35 13.84 34.27
CA GLY G 196 14.24 14.14 33.18
C GLY G 196 15.46 13.26 33.09
N VAL G 197 15.76 12.47 34.11
CA VAL G 197 16.95 11.63 34.02
C VAL G 197 16.62 10.22 33.66
N CYS G 198 17.26 9.73 32.62
CA CYS G 198 17.00 8.42 32.06
C CYS G 198 18.24 7.53 32.08
N PRO G 199 18.43 6.67 33.09
CA PRO G 199 19.54 5.75 33.18
C PRO G 199 19.47 4.74 32.04
N VAL G 200 20.59 4.45 31.42
CA VAL G 200 20.66 3.45 30.35
C VAL G 200 21.79 2.47 30.58
N VAL G 201 21.52 1.19 30.40
CA VAL G 201 22.54 0.18 30.62
C VAL G 201 23.23 -0.25 29.33
N PHE G 202 24.57 -0.18 29.32
CA PHE G 202 25.36 -0.59 28.17
C PHE G 202 26.40 -1.66 28.48
N THR G 203 26.67 -2.51 27.51
CA THR G 203 27.71 -3.52 27.62
C THR G 203 28.67 -3.52 26.46
N ASP G 204 29.95 -3.69 26.73
CA ASP G 204 30.97 -3.81 25.69
C ASP G 204 31.97 -4.86 26.16
N GLY G 205 32.09 -5.97 25.43
CA GLY G 205 32.94 -7.03 25.92
C GLY G 205 32.42 -8.40 25.57
N SER G 206 33.12 -9.42 26.00
CA SER G 206 32.74 -10.78 25.65
C SER G 206 31.37 -11.15 26.13
N ALA G 207 30.62 -11.84 25.29
CA ALA G 207 29.31 -12.29 25.66
C ALA G 207 29.38 -13.64 26.34
N THR G 208 30.59 -14.17 26.41
CA THR G 208 30.86 -15.47 26.97
C THR G 208 31.92 -15.41 28.04
N GLY G 209 32.06 -14.26 28.66
CA GLY G 209 33.06 -14.05 29.69
C GLY G 209 32.75 -12.73 30.36
N PRO G 210 33.61 -12.21 31.22
CA PRO G 210 33.42 -10.97 31.90
C PRO G 210 33.34 -9.89 30.85
N ALA G 211 32.62 -8.83 31.14
CA ALA G 211 32.50 -7.74 30.20
C ALA G 211 32.38 -6.47 30.97
N ASP G 212 32.71 -5.36 30.33
CA ASP G 212 32.64 -4.09 30.97
C ASP G 212 31.28 -3.48 30.75
N THR G 213 30.56 -3.24 31.83
CA THR G 213 29.26 -2.68 31.64
C THR G 213 29.24 -1.36 32.34
N ARG G 214 28.43 -0.47 31.80
CA ARG G 214 28.30 0.88 32.31
C ARG G 214 26.89 1.34 32.37
N ILE G 215 26.61 2.20 33.31
CA ILE G 215 25.31 2.84 33.32
C ILE G 215 25.48 4.28 33.06
N TYR G 216 24.81 4.77 32.04
CA TYR G 216 24.89 6.16 31.70
C TYR G 216 23.64 6.84 32.14
N TYR G 217 23.78 8.04 32.63
CA TYR G 217 22.63 8.79 33.03
C TYR G 217 22.51 9.95 32.11
N PHE G 218 21.39 9.99 31.40
CA PHE G 218 21.16 11.02 30.42
C PHE G 218 20.08 12.00 30.78
N LYS G 219 20.22 13.22 30.33
CA LYS G 219 19.15 14.20 30.47
C LYS G 219 19.04 15.02 29.20
N GLU G 220 17.88 14.97 28.58
CA GLU G 220 17.62 15.65 27.32
C GLU G 220 18.65 15.29 26.28
N GLY G 221 19.06 14.03 26.29
CA GLY G 221 20.02 13.53 25.33
C GLY G 221 21.48 13.73 25.72
N LYS G 222 21.76 14.45 26.79
CA LYS G 222 23.16 14.68 27.13
C LYS G 222 23.60 13.79 28.25
N ILE G 223 24.88 13.52 28.34
CA ILE G 223 25.37 12.67 29.41
C ILE G 223 25.68 13.46 30.64
N LEU G 224 25.09 13.06 31.75
CA LEU G 224 25.35 13.74 33.00
C LEU G 224 26.52 13.08 33.66
N LYS G 225 26.52 11.77 33.59
CA LYS G 225 27.56 10.96 34.20
C LYS G 225 27.41 9.53 33.79
N TRP G 226 28.40 8.73 34.15
CA TRP G 226 28.24 7.30 34.00
C TRP G 226 28.98 6.58 35.09
N GLU G 227 28.58 5.35 35.34
CA GLU G 227 29.22 4.53 36.35
C GLU G 227 29.61 3.16 35.86
N SER G 228 30.72 2.65 36.34
CA SER G 228 31.04 1.28 36.04
C SER G 228 30.04 0.47 36.81
N LEU G 229 29.58 -0.62 36.27
CA LEU G 229 28.61 -1.41 37.03
C LEU G 229 29.20 -2.01 38.28
N THR G 230 28.40 -2.07 39.34
CA THR G 230 28.83 -2.69 40.59
C THR G 230 27.84 -3.70 41.14
N GLY G 231 28.18 -4.24 42.31
CA GLY G 231 27.35 -5.22 43.01
C GLY G 231 27.82 -6.64 42.75
N THR G 232 26.95 -7.63 43.00
CA THR G 232 27.40 -9.02 42.93
C THR G 232 26.99 -9.74 41.66
N ALA G 233 26.31 -9.06 40.76
CA ALA G 233 25.95 -9.71 39.51
C ALA G 233 27.22 -9.90 38.70
N LYS G 234 27.34 -10.98 37.93
CA LYS G 234 28.58 -11.18 37.18
C LYS G 234 28.55 -10.83 35.70
N HIS G 235 27.40 -10.86 35.07
CA HIS G 235 27.36 -10.59 33.64
C HIS G 235 26.03 -9.97 33.28
N ILE G 236 26.04 -8.79 32.68
CA ILE G 236 24.80 -8.11 32.37
C ILE G 236 24.52 -7.78 30.93
N GLU G 237 23.40 -8.28 30.44
CA GLU G 237 22.94 -7.93 29.11
C GLU G 237 21.43 -7.70 28.99
N GLU G 238 21.05 -6.83 28.05
CA GLU G 238 19.65 -6.67 27.67
C GLU G 238 18.67 -6.43 28.82
N CYS G 239 18.95 -5.50 29.70
CA CYS G 239 18.11 -5.28 30.86
C CYS G 239 16.73 -4.70 30.56
N SER G 240 15.71 -5.30 31.17
CA SER G 240 14.30 -4.87 31.10
C SER G 240 13.95 -4.14 32.36
N CYS G 241 13.60 -2.86 32.26
CA CYS G 241 13.43 -2.07 33.46
C CYS G 241 12.06 -1.44 33.59
N TYR G 242 11.66 -1.23 34.84
CA TYR G 242 10.43 -0.49 35.15
C TYR G 242 10.66 0.33 36.41
N GLY G 243 9.90 1.41 36.59
CA GLY G 243 10.07 2.16 37.83
C GLY G 243 8.86 2.05 38.71
N GLU G 244 9.01 2.43 39.99
CA GLU G 244 7.83 2.43 40.84
C GLU G 244 7.69 3.78 41.54
N ARG G 245 7.85 3.84 42.87
CA ARG G 245 7.74 5.10 43.60
C ARG G 245 9.09 5.59 43.99
N THR G 246 10.07 4.77 43.75
CA THR G 246 11.39 5.05 44.21
C THR G 246 12.35 5.01 43.07
N GLY G 247 12.93 3.85 42.88
CA GLY G 247 13.92 3.68 41.86
C GLY G 247 13.40 2.92 40.69
N ILE G 248 14.35 2.45 39.93
CA ILE G 248 14.15 1.70 38.73
C ILE G 248 14.73 0.32 38.91
N THR G 249 13.93 -0.68 38.65
CA THR G 249 14.37 -2.05 38.81
C THR G 249 14.53 -2.73 37.48
N CYS G 250 15.68 -3.33 37.28
CA CYS G 250 15.95 -3.98 36.01
C CYS G 250 16.27 -5.45 36.10
N THR G 251 15.68 -6.22 35.22
CA THR G 251 15.95 -7.65 35.12
C THR G 251 16.81 -7.90 33.89
N CYS G 252 17.92 -8.57 34.07
CA CYS G 252 18.86 -8.71 32.97
C CYS G 252 19.23 -10.13 32.66
N ARG G 253 19.88 -10.34 31.53
CA ARG G 253 20.40 -11.64 31.16
C ARG G 253 21.83 -11.85 31.62
N ASP G 254 22.12 -13.03 32.13
CA ASP G 254 23.48 -13.49 32.43
C ASP G 254 23.78 -14.44 31.31
N ASN G 255 24.67 -14.08 30.41
CA ASN G 255 24.85 -14.94 29.25
C ASN G 255 26.12 -15.71 29.39
N TRP G 256 26.60 -15.86 30.61
CA TRP G 256 27.87 -16.51 30.77
C TRP G 256 27.83 -17.72 31.66
N GLN G 257 27.43 -17.53 32.90
CA GLN G 257 27.48 -18.60 33.89
C GLN G 257 26.16 -19.22 34.26
N GLY G 258 25.04 -18.51 34.14
CA GLY G 258 23.86 -19.23 34.65
C GLY G 258 22.48 -18.74 34.30
N SER G 259 21.51 -19.49 34.83
CA SER G 259 20.07 -19.36 34.56
C SER G 259 19.30 -18.52 35.56
N ASN G 260 20.08 -17.99 36.47
CA ASN G 260 19.70 -17.14 37.58
C ASN G 260 19.78 -15.71 37.09
N ARG G 261 18.67 -15.04 36.85
CA ARG G 261 18.79 -13.70 36.28
C ARG G 261 19.30 -12.64 37.27
N PRO G 262 20.22 -11.76 36.87
CA PRO G 262 20.67 -10.57 37.56
C PRO G 262 19.60 -9.53 37.68
N VAL G 263 19.65 -8.78 38.76
CA VAL G 263 18.78 -7.64 39.00
C VAL G 263 19.58 -6.40 39.36
N ILE G 264 19.25 -5.31 38.70
CA ILE G 264 19.93 -4.04 38.99
C ILE G 264 18.95 -3.06 39.58
N GLN G 265 19.35 -2.45 40.68
CA GLN G 265 18.54 -1.45 41.35
C GLN G 265 19.16 -0.08 41.18
N ILE G 266 18.45 0.80 40.48
CA ILE G 266 18.98 2.12 40.19
C ILE G 266 18.23 3.23 40.88
N ASP G 267 18.96 4.12 41.52
CA ASP G 267 18.40 5.29 42.15
C ASP G 267 18.67 6.48 41.24
N PRO G 268 17.68 6.98 40.48
CA PRO G 268 17.82 8.00 39.47
C PRO G 268 18.08 9.37 40.02
N VAL G 269 17.89 9.54 41.31
CA VAL G 269 18.08 10.86 41.88
C VAL G 269 19.51 10.96 42.32
N ALA G 270 19.94 9.92 43.00
CA ALA G 270 21.30 9.87 43.47
C ALA G 270 22.23 9.53 42.33
N MET G 271 21.68 8.87 41.33
CA MET G 271 22.38 8.34 40.20
C MET G 271 23.45 7.39 40.65
N THR G 272 23.00 6.42 41.46
CA THR G 272 23.81 5.33 41.99
C THR G 272 23.07 4.02 41.82
N HIS G 273 23.76 2.89 41.95
CA HIS G 273 23.08 1.62 41.79
C HIS G 273 23.76 0.46 42.48
N THR G 274 23.02 -0.62 42.65
CA THR G 274 23.55 -1.90 43.12
C THR G 274 23.02 -3.07 42.32
N SER G 275 23.54 -4.27 42.60
CA SER G 275 23.07 -5.46 41.89
C SER G 275 23.20 -6.76 42.68
N GLN G 276 22.38 -7.74 42.27
CA GLN G 276 22.36 -9.09 42.82
C GLN G 276 21.61 -9.99 41.89
N TYR G 277 21.50 -11.27 42.20
CA TYR G 277 20.68 -12.17 41.40
C TYR G 277 19.36 -12.41 42.10
N ILE G 278 18.37 -12.94 41.39
CA ILE G 278 17.14 -13.25 42.08
C ILE G 278 17.31 -14.47 42.97
N CYS G 279 17.03 -14.33 44.26
CA CYS G 279 17.23 -15.43 45.19
C CYS G 279 16.03 -16.34 45.18
N SER G 280 15.86 -17.11 44.13
CA SER G 280 14.67 -17.95 44.03
C SER G 280 14.95 -19.22 43.24
N PRO G 281 14.50 -20.40 43.68
CA PRO G 281 14.67 -21.68 43.02
C PRO G 281 13.64 -21.85 41.93
N VAL G 282 13.54 -20.84 41.11
CA VAL G 282 12.72 -20.79 39.94
C VAL G 282 13.65 -20.22 38.92
N LEU G 283 14.13 -21.02 38.02
CA LEU G 283 15.06 -20.47 37.09
C LEU G 283 14.28 -19.85 35.97
N THR G 284 14.78 -18.76 35.41
CA THR G 284 14.00 -18.13 34.37
C THR G 284 14.69 -17.96 33.04
N ASP G 285 15.95 -18.35 32.92
CA ASP G 285 16.57 -18.17 31.62
C ASP G 285 16.28 -19.37 30.72
N ASN G 286 16.79 -19.34 29.51
CA ASN G 286 16.55 -20.37 28.51
C ASN G 286 17.74 -20.53 27.59
N PRO G 287 18.42 -21.66 27.61
CA PRO G 287 18.20 -22.91 28.33
C PRO G 287 18.46 -22.79 29.80
N ARG G 288 17.86 -23.70 30.55
CA ARG G 288 18.09 -23.76 31.97
C ARG G 288 18.10 -25.19 32.47
N PRO G 289 18.78 -25.50 33.56
CA PRO G 289 18.79 -26.77 34.20
C PRO G 289 17.47 -26.85 34.92
N ASN G 290 17.13 -28.00 35.43
CA ASN G 290 15.89 -28.14 36.16
C ASN G 290 15.91 -27.42 37.47
N ASP G 291 14.77 -26.86 37.83
CA ASP G 291 14.63 -26.12 39.08
C ASP G 291 15.06 -26.89 40.33
N PRO G 292 15.95 -26.31 41.16
CA PRO G 292 16.48 -26.83 42.39
C PRO G 292 15.48 -26.62 43.48
N ASN G 293 15.71 -27.19 44.65
CA ASN G 293 14.85 -26.85 45.77
C ASN G 293 15.23 -25.51 46.39
N ILE G 294 16.52 -25.19 46.38
CA ILE G 294 17.02 -23.98 47.02
C ILE G 294 17.81 -23.15 46.02
N GLY G 295 17.49 -21.86 45.91
CA GLY G 295 18.21 -21.00 44.97
C GLY G 295 19.36 -20.29 45.65
N LYS G 296 20.05 -19.43 44.93
CA LYS G 296 21.15 -18.66 45.48
C LYS G 296 21.21 -17.35 44.74
N CYS G 297 21.87 -16.32 45.28
CA CYS G 297 21.86 -15.07 44.56
C CYS G 297 23.03 -14.11 44.56
N ASN G 298 24.18 -14.58 44.92
CA ASN G 298 25.34 -13.74 44.83
C ASN G 298 26.32 -14.49 43.97
N ASP G 299 25.74 -15.38 43.19
CA ASP G 299 26.42 -16.28 42.31
C ASP G 299 25.37 -16.83 41.34
N PRO G 300 25.63 -16.89 40.04
CA PRO G 300 24.75 -17.41 39.03
C PRO G 300 24.53 -18.90 39.22
N TYR G 301 23.35 -19.38 38.91
CA TYR G 301 23.07 -20.79 39.05
C TYR G 301 23.57 -21.52 37.80
N PRO G 302 24.53 -22.45 37.92
CA PRO G 302 25.24 -23.14 36.88
C PRO G 302 24.48 -24.23 36.16
N GLY G 303 25.04 -24.67 35.05
CA GLY G 303 24.53 -25.82 34.29
C GLY G 303 24.32 -25.55 32.81
N ASN G 304 24.14 -24.30 32.45
CA ASN G 304 23.94 -23.93 31.06
C ASN G 304 24.74 -22.70 30.74
N ASN G 305 25.84 -22.91 30.04
CA ASN G 305 26.80 -21.86 29.78
C ASN G 305 26.63 -21.19 28.45
N ASN G 306 27.12 -19.96 28.37
CA ASN G 306 27.21 -19.20 27.13
C ASN G 306 25.90 -19.05 26.36
N ASN G 307 24.79 -18.90 27.06
CA ASN G 307 23.53 -18.75 26.39
C ASN G 307 22.52 -18.06 27.28
N GLY G 308 21.31 -17.85 26.77
CA GLY G 308 20.22 -17.23 27.52
C GLY G 308 19.43 -16.23 26.69
N VAL G 309 18.32 -15.76 27.24
CA VAL G 309 17.42 -14.82 26.59
C VAL G 309 17.02 -13.66 27.47
N LYS G 310 16.54 -12.60 26.83
CA LYS G 310 15.99 -11.45 27.50
C LYS G 310 14.68 -11.83 28.14
N GLY G 311 14.41 -11.29 29.32
CA GLY G 311 13.17 -11.57 30.02
C GLY G 311 12.91 -10.52 31.08
N PHE G 312 11.91 -10.74 31.91
CA PHE G 312 11.58 -9.73 32.89
C PHE G 312 10.93 -10.31 34.11
N SER G 313 10.85 -9.45 35.11
CA SER G 313 10.19 -9.77 36.34
C SER G 313 9.65 -8.50 36.94
N TYR G 314 8.66 -8.66 37.79
CA TYR G 314 8.15 -7.58 38.61
C TYR G 314 8.37 -7.97 40.03
N LEU G 315 9.20 -7.23 40.71
CA LEU G 315 9.54 -7.59 42.05
C LEU G 315 8.87 -6.65 43.01
N ASP G 316 7.97 -7.16 43.83
CA ASP G 316 7.22 -6.33 44.74
C ASP G 316 6.80 -7.07 45.99
N GLY G 317 7.75 -7.72 46.63
CA GLY G 317 7.43 -8.47 47.83
C GLY G 317 6.45 -9.55 47.48
N ALA G 318 5.34 -9.58 48.17
CA ALA G 318 4.34 -10.60 47.91
C ALA G 318 3.80 -10.51 46.49
N ASN G 319 3.71 -9.30 45.92
CA ASN G 319 3.11 -9.09 44.61
C ASN G 319 4.17 -9.26 43.55
N THR G 320 4.80 -10.42 43.54
CA THR G 320 5.90 -10.70 42.64
C THR G 320 5.60 -11.73 41.61
N TRP G 321 5.86 -11.35 40.38
CA TRP G 321 5.64 -12.22 39.24
C TRP G 321 6.88 -12.37 38.38
N LEU G 322 7.15 -13.58 37.91
CA LEU G 322 8.29 -13.83 37.05
C LEU G 322 7.84 -14.38 35.72
N GLY G 323 8.51 -14.02 34.62
CA GLY G 323 8.15 -14.66 33.37
C GLY G 323 9.22 -15.64 32.90
N ARG G 324 8.82 -16.67 32.16
CA ARG G 324 9.79 -17.62 31.58
C ARG G 324 9.17 -18.46 30.49
N THR G 325 10.00 -19.19 29.75
CA THR G 325 9.55 -20.11 28.71
C THR G 325 9.09 -21.38 29.36
N ILE G 326 8.44 -22.27 28.62
CA ILE G 326 8.02 -23.50 29.24
C ILE G 326 9.13 -24.48 29.09
N SER G 327 9.67 -24.54 27.90
CA SER G 327 10.74 -25.43 27.60
C SER G 327 11.96 -24.99 28.33
N THR G 328 12.76 -25.96 28.75
CA THR G 328 14.00 -25.68 29.41
C THR G 328 15.14 -25.75 28.44
N ALA G 329 14.85 -26.21 27.22
CA ALA G 329 15.87 -26.39 26.21
C ALA G 329 15.69 -25.54 24.98
N SER G 330 14.56 -24.87 24.85
CA SER G 330 14.31 -24.14 23.62
C SER G 330 13.43 -22.96 23.83
N ARG G 331 13.40 -22.05 22.87
CA ARG G 331 12.55 -20.89 23.05
C ARG G 331 11.12 -21.19 22.67
N SER G 332 10.46 -21.94 23.54
CA SER G 332 9.12 -22.42 23.36
C SER G 332 8.22 -22.26 24.58
N GLY G 333 7.05 -21.71 24.30
CA GLY G 333 6.03 -21.48 25.29
C GLY G 333 6.34 -20.26 26.11
N TYR G 334 5.41 -19.88 26.99
CA TYR G 334 5.68 -18.78 27.88
C TYR G 334 4.66 -18.76 29.00
N GLU G 335 5.14 -18.54 30.22
CA GLU G 335 4.25 -18.47 31.37
C GLU G 335 4.62 -17.42 32.37
N MET G 336 3.63 -17.01 33.14
CA MET G 336 3.81 -16.09 34.25
C MET G 336 3.58 -16.79 35.58
N LEU G 337 4.50 -16.62 36.49
CA LEU G 337 4.37 -17.25 37.79
C LEU G 337 4.40 -16.27 38.93
N LYS G 338 3.47 -16.43 39.84
CA LYS G 338 3.41 -15.59 41.03
C LYS G 338 4.20 -16.31 42.08
N VAL G 339 5.34 -15.72 42.43
CA VAL G 339 6.33 -16.29 43.33
C VAL G 339 6.71 -15.26 44.40
N PRO G 340 6.01 -15.20 45.51
CA PRO G 340 6.16 -14.20 46.53
C PRO G 340 7.57 -14.12 47.02
N ASN G 341 8.01 -12.89 47.18
CA ASN G 341 9.33 -12.57 47.68
C ASN G 341 10.46 -13.24 46.92
N ALA G 342 10.28 -13.46 45.62
CA ALA G 342 11.33 -14.12 44.84
C ALA G 342 12.65 -13.41 44.90
N LEU G 343 12.66 -12.12 45.02
CA LEU G 343 13.95 -11.49 45.04
C LEU G 343 14.82 -11.94 46.19
N THR G 344 14.24 -12.21 47.38
CA THR G 344 15.06 -12.55 48.53
C THR G 344 14.86 -13.93 49.15
N ASP G 345 13.75 -14.61 48.86
CA ASP G 345 13.45 -15.91 49.48
C ASP G 345 13.90 -17.09 48.63
N ASP G 346 14.98 -17.75 49.04
CA ASP G 346 15.60 -18.80 48.25
C ASP G 346 14.90 -20.13 48.30
N ARG G 347 13.78 -20.19 48.99
CA ARG G 347 12.96 -21.37 48.99
C ARG G 347 11.57 -21.07 48.47
N SER G 348 11.35 -19.89 47.91
CA SER G 348 10.03 -19.54 47.42
C SER G 348 9.67 -20.32 46.17
N LYS G 349 8.42 -20.72 46.08
CA LYS G 349 7.89 -21.46 44.94
C LYS G 349 6.59 -20.80 44.49
N PRO G 350 6.14 -20.98 43.24
CA PRO G 350 4.93 -20.42 42.72
C PRO G 350 3.69 -20.80 43.48
N ILE G 351 2.80 -19.84 43.62
CA ILE G 351 1.52 -20.06 44.28
C ILE G 351 0.36 -19.84 43.34
N GLN G 352 0.63 -19.23 42.21
CA GLN G 352 -0.39 -18.96 41.20
C GLN G 352 0.29 -18.75 39.87
N GLY G 353 -0.38 -18.99 38.76
CA GLY G 353 0.26 -18.62 37.49
C GLY G 353 -0.69 -18.58 36.31
N GLN G 354 -0.15 -18.23 35.15
CA GLN G 354 -0.94 -18.12 33.93
C GLN G 354 -0.11 -18.49 32.71
N THR G 355 -0.70 -19.29 31.81
CA THR G 355 0.00 -19.68 30.59
C THR G 355 -0.30 -18.67 29.52
N ILE G 356 0.72 -18.21 28.81
CA ILE G 356 0.50 -17.21 27.79
C ILE G 356 0.61 -17.87 26.41
N VAL G 357 1.67 -18.63 26.25
CA VAL G 357 2.00 -19.29 25.02
C VAL G 357 2.22 -20.77 25.32
N LEU G 358 1.67 -21.64 24.49
CA LEU G 358 1.82 -23.07 24.72
C LEU G 358 3.19 -23.50 24.32
N ASN G 359 3.69 -24.59 24.86
CA ASN G 359 5.04 -25.05 24.51
C ASN G 359 5.10 -25.66 23.13
N ALA G 360 3.97 -25.78 22.51
CA ALA G 360 3.90 -26.26 21.16
C ALA G 360 4.21 -25.11 20.19
N ASP G 361 4.16 -23.88 20.70
CA ASP G 361 4.36 -22.69 19.91
C ASP G 361 5.71 -22.05 20.15
N TRP G 362 6.27 -21.48 19.12
CA TRP G 362 7.55 -20.84 19.34
C TRP G 362 7.38 -19.55 20.09
N SER G 363 8.34 -19.27 20.97
CA SER G 363 8.39 -18.07 21.78
C SER G 363 9.55 -17.22 21.32
N GLY G 364 10.07 -16.40 22.23
CA GLY G 364 11.13 -15.45 21.87
C GLY G 364 11.48 -14.57 23.03
N TYR G 365 12.01 -13.38 22.76
CA TYR G 365 12.41 -12.50 23.83
C TYR G 365 11.21 -11.89 24.49
N SER G 366 11.30 -11.60 25.77
CA SER G 366 10.20 -10.91 26.42
C SER G 366 10.72 -9.77 27.23
N GLY G 367 9.83 -8.91 27.67
CA GLY G 367 10.26 -7.78 28.49
C GLY G 367 9.09 -6.99 29.06
N SER G 368 9.40 -6.05 29.92
CA SER G 368 8.39 -5.23 30.59
C SER G 368 8.21 -3.84 30.03
N PHE G 369 7.04 -3.24 30.30
CA PHE G 369 6.78 -1.85 29.97
C PHE G 369 5.66 -1.30 30.83
N MET G 370 5.54 0.02 30.89
CA MET G 370 4.42 0.66 31.59
C MET G 370 3.92 1.94 30.99
N ASP G 371 2.65 2.23 31.20
CA ASP G 371 2.11 3.52 30.85
C ASP G 371 2.20 4.38 32.08
N TYR G 372 3.10 5.34 32.07
CA TYR G 372 3.37 6.13 33.25
C TYR G 372 2.53 7.39 33.29
N TRP G 373 1.64 7.54 32.33
CA TRP G 373 0.79 8.69 32.25
C TRP G 373 -0.67 8.37 32.47
N ALA G 374 -0.97 7.12 32.78
CA ALA G 374 -2.34 6.68 32.99
C ALA G 374 -2.90 7.22 34.30
N GLU G 375 -4.20 7.44 34.35
CA GLU G 375 -4.88 7.88 35.56
C GLU G 375 -4.95 6.77 36.59
N GLY G 376 -4.86 7.12 37.87
CA GLY G 376 -4.97 6.14 38.95
C GLY G 376 -3.88 6.36 39.97
N ASP G 377 -3.89 5.58 41.03
CA ASP G 377 -2.91 5.68 42.10
C ASP G 377 -1.78 4.65 42.05
N CYS G 378 -1.74 3.90 40.97
CA CYS G 378 -0.74 2.89 40.77
C CYS G 378 -0.46 2.67 39.31
N TYR G 379 0.62 1.99 39.02
CA TYR G 379 0.94 1.70 37.65
C TYR G 379 0.47 0.33 37.29
N ARG G 380 -0.10 0.21 36.11
CA ARG G 380 -0.53 -1.08 35.68
C ARG G 380 0.64 -1.72 35.00
N ALA G 381 1.15 -2.79 35.56
CA ALA G 381 2.28 -3.47 34.98
C ALA G 381 1.93 -4.12 33.67
N CYS G 382 2.82 -4.08 32.67
CA CYS G 382 2.56 -4.78 31.43
C CYS G 382 3.81 -5.48 30.91
N PHE G 383 3.64 -6.39 29.96
CA PHE G 383 4.78 -7.05 29.37
C PHE G 383 4.51 -7.50 27.96
N TYR G 384 5.56 -7.83 27.24
CA TYR G 384 5.39 -8.34 25.90
C TYR G 384 6.24 -9.55 25.62
N VAL G 385 5.80 -10.34 24.65
CA VAL G 385 6.54 -11.49 24.17
C VAL G 385 6.68 -11.51 22.65
N GLU G 386 7.90 -11.73 22.20
CA GLU G 386 8.25 -11.88 20.80
C GLU G 386 7.98 -13.31 20.40
N LEU G 387 7.30 -13.52 19.29
CA LEU G 387 7.08 -14.87 18.82
C LEU G 387 7.90 -15.09 17.58
N ILE G 388 8.92 -15.92 17.64
CA ILE G 388 9.82 -16.06 16.51
C ILE G 388 9.49 -17.18 15.57
N ARG G 389 9.42 -16.85 14.30
CA ARG G 389 9.14 -17.82 13.25
C ARG G 389 10.26 -17.82 12.24
N GLY G 390 10.41 -18.94 11.55
CA GLY G 390 11.44 -19.04 10.53
C GLY G 390 12.71 -19.62 11.09
N ARG G 391 13.81 -19.37 10.42
CA ARG G 391 15.03 -19.99 10.82
C ARG G 391 15.42 -19.48 12.18
N PRO G 392 16.14 -20.26 12.94
CA PRO G 392 16.69 -21.57 12.73
C PRO G 392 15.76 -22.72 13.05
N LYS G 393 14.50 -22.49 13.40
CA LYS G 393 13.71 -23.64 13.80
C LYS G 393 12.93 -24.15 12.63
N GLU G 394 12.59 -23.27 11.73
CA GLU G 394 11.84 -23.63 10.55
C GLU G 394 12.75 -23.42 9.37
N ASP G 395 13.24 -24.51 8.81
CA ASP G 395 14.24 -24.49 7.77
C ASP G 395 13.66 -24.58 6.39
N LYS G 396 12.36 -24.40 6.29
CA LYS G 396 11.70 -24.48 5.01
C LYS G 396 11.71 -23.13 4.34
N VAL G 397 12.06 -22.12 5.09
CA VAL G 397 12.12 -20.78 4.58
C VAL G 397 13.50 -20.26 4.83
N TRP G 398 13.88 -19.20 4.11
CA TRP G 398 15.26 -18.66 4.26
C TRP G 398 15.24 -17.36 5.06
N TRP G 399 14.08 -17.00 5.63
CA TRP G 399 13.98 -15.81 6.44
C TRP G 399 13.70 -16.11 7.87
N THR G 400 13.70 -15.04 8.66
CA THR G 400 13.30 -15.06 10.06
C THR G 400 12.41 -13.87 10.32
N SER G 401 11.47 -14.00 11.24
CA SER G 401 10.61 -12.87 11.56
C SER G 401 9.92 -13.08 12.88
N ASN G 402 9.22 -12.07 13.35
CA ASN G 402 8.50 -12.25 14.58
C ASN G 402 7.16 -11.58 14.57
N SER G 403 6.27 -12.09 15.40
CA SER G 403 5.00 -11.43 15.65
C SER G 403 5.04 -11.00 17.11
N ILE G 404 4.27 -10.00 17.48
CA ILE G 404 4.27 -9.59 18.90
C ILE G 404 2.94 -9.54 19.59
N VAL G 405 2.94 -10.07 20.81
CA VAL G 405 1.77 -10.06 21.68
C VAL G 405 2.13 -9.43 23.02
N SER G 406 1.21 -8.63 23.59
CA SER G 406 1.48 -8.04 24.88
C SER G 406 0.25 -8.03 25.76
N MET G 407 0.50 -8.00 27.07
CA MET G 407 -0.52 -8.09 28.10
C MET G 407 -0.29 -7.17 29.27
N CYS G 408 -1.38 -6.80 29.92
CA CYS G 408 -1.33 -5.99 31.12
C CYS G 408 -2.00 -6.62 32.30
N SER G 409 -1.58 -6.23 33.48
CA SER G 409 -2.18 -6.76 34.67
C SER G 409 -3.55 -6.24 34.93
N SER G 410 -4.24 -6.96 35.79
CA SER G 410 -5.56 -6.70 36.31
C SER G 410 -5.65 -7.14 37.75
N THR G 411 -6.53 -6.49 38.49
CA THR G 411 -6.77 -6.83 39.88
C THR G 411 -7.87 -7.87 40.00
N GLU G 412 -8.47 -8.21 38.88
CA GLU G 412 -9.53 -9.18 38.85
C GLU G 412 -8.95 -10.53 38.51
N PHE G 413 -9.65 -11.58 38.85
CA PHE G 413 -9.20 -12.88 38.44
C PHE G 413 -9.93 -13.22 37.18
N LEU G 414 -9.20 -13.20 36.09
CA LEU G 414 -9.67 -13.40 34.73
C LEU G 414 -9.22 -14.76 34.24
N GLY G 415 -9.85 -15.25 33.18
CA GLY G 415 -9.49 -16.55 32.63
C GLY G 415 -8.27 -16.44 31.75
N GLN G 416 -7.86 -17.53 31.12
CA GLN G 416 -6.67 -17.51 30.28
C GLN G 416 -6.90 -18.14 28.94
N TRP G 417 -6.09 -17.75 27.98
CA TRP G 417 -6.22 -18.25 26.64
C TRP G 417 -4.84 -18.35 26.04
N ASN G 418 -4.75 -18.83 24.82
CA ASN G 418 -3.44 -18.99 24.22
C ASN G 418 -3.21 -17.94 23.19
N TRP G 419 -1.97 -17.51 23.03
CA TRP G 419 -1.73 -16.53 22.01
C TRP G 419 -0.62 -16.81 20.99
N PRO G 420 -0.80 -17.78 20.09
CA PRO G 420 0.06 -18.14 18.98
C PRO G 420 -0.01 -17.05 17.94
N ASP G 421 0.94 -16.99 17.01
CA ASP G 421 0.84 -16.00 15.95
C ASP G 421 -0.17 -16.41 14.88
N GLY G 422 -0.33 -17.70 14.71
CA GLY G 422 -1.27 -18.28 13.77
C GLY G 422 -0.81 -18.33 12.35
N ALA G 423 0.49 -18.32 12.11
CA ALA G 423 0.91 -18.36 10.72
C ALA G 423 1.20 -19.79 10.27
N LYS G 424 0.79 -20.11 9.04
CA LYS G 424 1.06 -21.41 8.45
C LYS G 424 2.32 -21.33 7.64
N ILE G 425 3.35 -22.03 8.05
CA ILE G 425 4.61 -21.83 7.36
C ILE G 425 4.51 -22.32 5.94
N GLU G 426 3.70 -23.33 5.69
CA GLU G 426 3.58 -23.89 4.37
C GLU G 426 3.05 -22.94 3.34
N TYR G 427 2.40 -21.88 3.76
CA TYR G 427 1.85 -20.93 2.83
C TYR G 427 2.95 -20.13 2.17
N PHE G 428 4.11 -20.10 2.80
CA PHE G 428 5.23 -19.34 2.33
C PHE G 428 6.16 -20.19 1.50
N LEU G 429 5.77 -21.43 1.25
CA LEU G 429 6.62 -22.31 0.50
C LEU G 429 6.09 -22.48 -0.90
N GLN H 1 61.81 -18.26 22.17
CA GLN H 1 60.65 -18.65 21.38
C GLN H 1 59.67 -19.51 22.14
N VAL H 2 58.45 -19.02 22.26
CA VAL H 2 57.40 -19.73 22.93
C VAL H 2 57.03 -21.03 22.23
N GLN H 3 56.91 -22.07 23.02
CA GLN H 3 56.54 -23.38 22.53
C GLN H 3 55.18 -23.74 23.04
N LEU H 4 54.42 -24.46 22.23
CA LEU H 4 53.14 -24.95 22.67
C LEU H 4 53.05 -26.45 22.56
N GLU H 5 52.49 -27.10 23.58
CA GLU H 5 52.28 -28.53 23.45
C GLU H 5 51.03 -29.06 24.10
N GLU H 6 50.24 -29.77 23.31
CA GLU H 6 49.00 -30.40 23.72
C GLU H 6 49.20 -31.72 24.45
N SER H 7 48.38 -31.96 25.46
CA SER H 7 48.35 -33.25 26.11
C SER H 7 46.95 -33.57 26.63
N GLY H 8 46.69 -34.85 26.84
CA GLY H 8 45.39 -35.27 27.33
C GLY H 8 45.11 -36.64 26.75
N PRO H 9 43.95 -37.23 27.03
CA PRO H 9 43.55 -38.54 26.59
C PRO H 9 43.33 -38.49 25.11
N GLY H 10 43.61 -39.60 24.43
CA GLY H 10 43.33 -39.69 22.99
C GLY H 10 42.03 -40.40 22.74
N LEU H 11 41.34 -40.74 23.80
CA LEU H 11 40.09 -41.47 23.70
C LEU H 11 39.11 -41.08 24.76
N VAL H 12 37.94 -40.71 24.30
CA VAL H 12 36.83 -40.33 25.13
C VAL H 12 35.61 -41.13 24.68
N LYS H 13 34.74 -41.51 25.61
CA LYS H 13 33.58 -42.25 25.17
C LYS H 13 32.52 -41.25 24.74
N PRO H 14 31.56 -41.62 23.90
CA PRO H 14 30.46 -40.78 23.53
C PRO H 14 29.75 -40.32 24.76
N SER H 15 29.29 -39.08 24.72
CA SER H 15 28.56 -38.36 25.77
C SER H 15 29.43 -37.78 26.88
N GLU H 16 30.69 -38.20 26.97
CA GLU H 16 31.59 -37.74 28.00
C GLU H 16 32.19 -36.39 27.67
N THR H 17 32.70 -35.71 28.68
CA THR H 17 33.40 -34.47 28.43
C THR H 17 34.85 -34.73 28.07
N LEU H 18 35.30 -34.11 27.01
CA LEU H 18 36.67 -34.17 26.57
C LEU H 18 37.45 -33.07 27.21
N SER H 19 38.64 -33.36 27.71
CA SER H 19 39.45 -32.31 28.28
C SER H 19 40.91 -32.34 27.83
N LEU H 20 41.32 -31.30 27.13
CA LEU H 20 42.70 -31.19 26.62
C LEU H 20 43.42 -30.01 27.21
N THR H 21 44.71 -30.18 27.49
CA THR H 21 45.49 -29.08 28.04
C THR H 21 46.69 -28.74 27.19
N CYS H 22 46.88 -27.46 26.97
CA CYS H 22 48.04 -26.99 26.24
C CYS H 22 48.99 -26.29 27.17
N THR H 23 50.22 -26.77 27.20
CA THR H 23 51.22 -26.18 28.07
C THR H 23 52.04 -25.19 27.30
N VAL H 24 52.21 -24.01 27.86
CA VAL H 24 52.98 -22.98 27.21
C VAL H 24 54.29 -22.85 27.89
N SER H 25 55.37 -22.83 27.14
CA SER H 25 56.65 -22.64 27.77
C SER H 25 57.46 -21.63 27.00
N GLY H 26 58.30 -20.90 27.71
CA GLY H 26 59.13 -19.88 27.07
C GLY H 26 58.43 -18.53 27.05
N TYR H 27 57.26 -18.44 27.67
CA TYR H 27 56.49 -17.21 27.72
C TYR H 27 55.53 -17.22 28.90
N THR H 28 55.36 -16.08 29.55
CA THR H 28 54.40 -16.01 30.63
C THR H 28 53.07 -15.58 30.05
N ILE H 29 52.04 -16.41 30.20
CA ILE H 29 50.79 -16.14 29.51
C ILE H 29 49.97 -15.03 30.15
N SER H 30 50.37 -14.62 31.32
CA SER H 30 49.71 -13.55 32.03
C SER H 30 49.96 -12.24 31.32
N SER H 31 50.91 -12.24 30.38
CA SER H 31 51.27 -11.06 29.63
C SER H 31 50.21 -10.66 28.60
N GLY H 32 49.25 -11.55 28.27
CA GLY H 32 48.17 -11.12 27.38
C GLY H 32 47.94 -11.64 25.97
N TYR H 33 48.77 -12.48 25.40
CA TYR H 33 48.40 -12.94 24.06
C TYR H 33 47.19 -13.83 24.20
N TYR H 34 46.37 -13.95 23.16
CA TYR H 34 45.24 -14.86 23.25
C TYR H 34 45.70 -16.24 22.92
N TRP H 35 45.09 -17.20 23.57
CA TRP H 35 45.47 -18.55 23.30
C TRP H 35 44.22 -19.30 22.96
N GLY H 36 44.29 -20.25 22.06
CA GLY H 36 43.07 -20.95 21.71
C GLY H 36 43.25 -22.25 21.01
N TRP H 37 42.14 -22.75 20.47
CA TRP H 37 42.12 -24.06 19.86
C TRP H 37 41.47 -24.13 18.49
N ILE H 38 42.06 -25.01 17.67
CA ILE H 38 41.66 -25.35 16.30
C ILE H 38 41.42 -26.83 16.14
N ARG H 39 40.37 -27.19 15.44
CA ARG H 39 40.07 -28.57 15.19
C ARG H 39 40.21 -28.97 13.73
N GLN H 40 40.69 -30.17 13.50
CA GLN H 40 40.79 -30.70 12.15
C GLN H 40 40.39 -32.16 12.03
N PRO H 41 39.15 -32.48 11.62
CA PRO H 41 38.66 -33.82 11.47
C PRO H 41 39.67 -34.46 10.53
N PRO H 42 39.90 -35.77 10.60
CA PRO H 42 40.91 -36.47 9.84
C PRO H 42 40.96 -36.21 8.33
N GLY H 43 39.81 -36.03 7.69
CA GLY H 43 39.79 -35.79 6.26
C GLY H 43 39.31 -34.41 5.88
N LYS H 44 39.24 -33.50 6.84
CA LYS H 44 38.68 -32.19 6.56
C LYS H 44 39.64 -31.04 6.75
N GLY H 45 39.10 -29.83 6.57
CA GLY H 45 39.88 -28.62 6.71
C GLY H 45 39.87 -28.16 8.15
N LEU H 46 40.20 -26.90 8.37
CA LEU H 46 40.33 -26.43 9.72
C LEU H 46 39.09 -25.73 10.21
N GLU H 47 38.80 -25.90 11.49
CA GLU H 47 37.71 -25.22 12.16
C GLU H 47 38.17 -24.54 13.43
N TRP H 48 37.84 -23.29 13.59
CA TRP H 48 38.22 -22.59 14.80
C TRP H 48 37.28 -22.91 15.92
N ILE H 49 37.79 -23.15 17.13
CA ILE H 49 36.89 -23.41 18.24
C ILE H 49 36.71 -22.18 19.07
N GLY H 50 37.82 -21.57 19.42
CA GLY H 50 37.75 -20.43 20.31
C GLY H 50 39.10 -20.04 20.86
N CYS H 51 39.09 -18.95 21.63
CA CYS H 51 40.31 -18.47 22.27
C CYS H 51 39.98 -17.67 23.50
N ASN H 52 40.96 -17.46 24.35
CA ASN H 52 40.77 -16.65 25.55
C ASN H 52 42.08 -16.00 25.99
N ASN H 53 42.02 -15.23 27.05
CA ASN H 53 43.19 -14.57 27.61
C ASN H 53 43.11 -14.62 29.12
N HIS H 54 44.01 -13.93 29.78
CA HIS H 54 44.09 -14.00 31.21
C HIS H 54 43.01 -13.23 31.93
N ARG H 55 42.20 -12.49 31.20
CA ARG H 55 41.14 -11.71 31.80
C ARG H 55 39.81 -12.37 31.52
N GLY H 56 39.85 -13.50 30.83
CA GLY H 56 38.62 -14.21 30.48
C GLY H 56 37.84 -13.63 29.30
N SER H 57 38.43 -12.78 28.46
CA SER H 57 37.66 -12.19 27.37
C SER H 57 37.58 -13.12 26.20
N SER H 58 36.84 -14.18 26.38
CA SER H 58 36.72 -15.25 25.44
C SER H 58 35.94 -14.96 24.19
N TYR H 59 36.28 -15.74 23.16
CA TYR H 59 35.57 -15.79 21.90
C TYR H 59 35.34 -17.24 21.55
N TYR H 60 34.15 -17.58 21.09
CA TYR H 60 33.89 -18.96 20.70
C TYR H 60 33.15 -19.07 19.41
N ASN H 61 33.34 -20.18 18.75
CA ASN H 61 32.61 -20.53 17.55
C ASN H 61 31.16 -20.75 17.94
N PRO H 62 30.19 -20.01 17.40
CA PRO H 62 28.79 -20.09 17.73
C PRO H 62 28.20 -21.48 17.62
N SER H 63 28.79 -22.36 16.83
CA SER H 63 28.23 -23.68 16.69
C SER H 63 28.59 -24.57 17.86
N LEU H 64 29.61 -24.17 18.61
CA LEU H 64 30.09 -24.94 19.72
C LEU H 64 29.81 -24.28 21.04
N LYS H 65 29.65 -22.97 21.04
CA LYS H 65 29.53 -22.32 22.32
C LYS H 65 28.36 -22.94 23.02
N SER H 66 28.51 -23.08 24.32
CA SER H 66 27.59 -23.69 25.28
C SER H 66 27.92 -25.14 25.50
N ARG H 67 28.68 -25.70 24.60
CA ARG H 67 29.17 -27.04 24.71
C ARG H 67 30.63 -26.97 25.11
N VAL H 68 31.29 -25.89 24.66
CA VAL H 68 32.71 -25.70 24.87
C VAL H 68 33.11 -24.58 25.81
N ILE H 69 34.08 -24.89 26.66
CA ILE H 69 34.73 -23.97 27.57
C ILE H 69 36.23 -23.90 27.38
N ILE H 70 36.76 -22.70 27.25
CA ILE H 70 38.20 -22.50 27.18
C ILE H 70 38.64 -21.64 28.33
N SER H 71 39.63 -22.08 29.08
CA SER H 71 40.08 -21.31 30.23
C SER H 71 41.58 -21.19 30.31
N VAL H 72 42.02 -20.14 31.01
CA VAL H 72 43.42 -19.84 31.15
C VAL H 72 43.94 -19.85 32.58
N ASP H 73 44.95 -20.65 32.83
CA ASP H 73 45.60 -20.77 34.13
C ASP H 73 46.92 -20.04 34.09
N THR H 74 46.94 -18.80 34.57
CA THR H 74 48.17 -18.06 34.42
C THR H 74 49.25 -18.54 35.35
N THR H 75 48.84 -19.08 36.49
CA THR H 75 49.79 -19.53 37.49
C THR H 75 50.72 -20.58 36.92
N LYS H 76 50.15 -21.52 36.20
CA LYS H 76 50.95 -22.59 35.66
C LYS H 76 51.29 -22.45 34.17
N ASN H 77 50.98 -21.32 33.56
CA ASN H 77 51.17 -21.14 32.13
C ASN H 77 50.50 -22.24 31.29
N LYS H 78 49.27 -22.55 31.63
CA LYS H 78 48.54 -23.55 30.88
C LYS H 78 47.18 -23.08 30.49
N PHE H 79 46.65 -23.60 29.42
CA PHE H 79 45.29 -23.28 29.09
C PHE H 79 44.62 -24.54 28.66
N SER H 80 43.31 -24.58 28.78
CA SER H 80 42.66 -25.83 28.42
C SER H 80 41.31 -25.71 27.82
N LEU H 81 40.97 -26.76 27.12
CA LEU H 81 39.74 -26.91 26.40
C LEU H 81 38.85 -28.02 26.89
N LYS H 82 37.60 -27.72 27.14
CA LYS H 82 36.67 -28.75 27.52
C LYS H 82 35.42 -28.78 26.68
N LEU H 83 35.03 -29.96 26.22
CA LEU H 83 33.78 -30.08 25.44
C LEU H 83 32.89 -31.17 25.94
N SER H 84 31.69 -30.78 26.33
CA SER H 84 30.75 -31.72 26.86
C SER H 84 30.09 -32.50 25.76
N SER H 85 29.49 -33.62 26.12
CA SER H 85 28.70 -34.42 25.21
C SER H 85 29.38 -34.74 23.90
N VAL H 86 30.58 -35.30 23.93
CA VAL H 86 31.24 -35.60 22.67
C VAL H 86 30.53 -36.65 21.85
N THR H 87 30.62 -36.50 20.54
CA THR H 87 30.04 -37.48 19.65
C THR H 87 31.01 -37.97 18.60
N ALA H 88 30.56 -38.83 17.74
CA ALA H 88 31.47 -39.41 16.74
C ALA H 88 32.09 -38.35 15.84
N ALA H 89 31.33 -37.31 15.58
CA ALA H 89 31.72 -36.20 14.72
C ALA H 89 32.84 -35.38 15.30
N ASP H 90 33.14 -35.56 16.58
CA ASP H 90 34.16 -34.77 17.22
C ASP H 90 35.51 -35.43 17.14
N THR H 91 35.61 -36.56 16.45
CA THR H 91 36.93 -37.15 16.31
C THR H 91 37.70 -36.21 15.42
N ALA H 92 38.85 -35.78 15.90
CA ALA H 92 39.62 -34.80 15.16
C ALA H 92 40.97 -34.59 15.74
N VAL H 93 41.81 -33.93 14.99
CA VAL H 93 43.05 -33.48 15.54
C VAL H 93 42.80 -32.13 16.17
N TYR H 94 43.25 -31.96 17.38
CA TYR H 94 43.08 -30.70 18.04
C TYR H 94 44.43 -30.05 18.14
N TYR H 95 44.47 -28.74 17.92
CA TYR H 95 45.71 -28.00 18.04
C TYR H 95 45.51 -26.83 18.93
N CYS H 96 46.52 -26.49 19.69
CA CYS H 96 46.45 -25.25 20.42
C CYS H 96 47.31 -24.25 19.68
N ALA H 97 46.96 -22.98 19.80
CA ALA H 97 47.72 -21.95 19.10
C ALA H 97 47.72 -20.59 19.78
N ARG H 98 48.72 -19.78 19.46
CA ARG H 98 48.79 -18.40 19.95
C ARG H 98 48.26 -17.45 18.91
N ASP H 99 47.50 -16.47 19.40
CA ASP H 99 46.88 -15.42 18.60
C ASP H 99 47.17 -13.99 19.15
N PRO H 100 48.00 -13.17 18.47
CA PRO H 100 48.40 -11.82 18.86
C PRO H 100 47.41 -10.75 18.44
N SER H 101 46.20 -11.15 18.10
CA SER H 101 45.17 -10.23 17.65
C SER H 101 44.66 -9.38 18.77
N PHE H 102 43.87 -8.40 18.39
CA PHE H 102 43.20 -7.48 19.27
C PHE H 102 44.19 -6.60 19.99
N TRP H 103 45.37 -6.50 19.44
CA TRP H 103 46.47 -5.71 19.98
C TRP H 103 46.91 -6.20 21.33
N SER H 104 46.56 -7.43 21.64
CA SER H 104 46.86 -8.11 22.87
C SER H 104 48.33 -8.38 23.05
N SER H 105 49.06 -8.30 21.96
CA SER H 105 50.49 -8.50 21.89
C SER H 105 51.25 -7.29 22.41
N THR H 106 50.51 -6.22 22.69
CA THR H 106 50.97 -4.92 23.14
C THR H 106 51.62 -4.16 22.00
N SER H 107 50.79 -3.92 20.99
CA SER H 107 51.16 -3.13 19.83
C SER H 107 49.94 -2.62 19.14
N ARG H 108 49.98 -1.37 18.72
CA ARG H 108 48.84 -0.80 18.01
C ARG H 108 49.18 -0.58 16.55
N THR H 109 50.25 -1.19 16.11
CA THR H 109 50.67 -1.08 14.73
C THR H 109 50.28 -2.34 14.01
N SER H 110 49.79 -3.29 14.77
CA SER H 110 49.40 -4.58 14.27
C SER H 110 48.00 -4.50 13.71
N PRO H 111 47.64 -5.38 12.79
CA PRO H 111 46.30 -5.58 12.32
C PRO H 111 45.46 -5.91 13.51
N TYR H 112 44.24 -5.43 13.56
CA TYR H 112 43.42 -5.77 14.70
C TYR H 112 43.18 -7.26 14.69
N TYR H 113 42.84 -7.80 13.53
CA TYR H 113 42.65 -9.24 13.45
C TYR H 113 43.92 -9.71 12.79
N TYR H 114 44.70 -10.54 13.46
CA TYR H 114 45.99 -10.90 12.91
C TYR H 114 46.00 -12.26 12.29
N GLY H 115 45.90 -13.29 13.11
CA GLY H 115 45.99 -14.68 12.67
C GLY H 115 46.68 -15.48 13.71
N MET H 116 46.93 -16.75 13.46
CA MET H 116 47.56 -17.57 14.48
C MET H 116 48.98 -17.94 14.10
N ASP H 117 49.94 -17.34 14.77
CA ASP H 117 51.32 -17.54 14.37
C ASP H 117 52.02 -18.69 15.06
N VAL H 118 51.56 -19.11 16.22
CA VAL H 118 52.30 -20.19 16.88
C VAL H 118 51.41 -21.36 17.08
N TRP H 119 51.80 -22.49 16.56
CA TRP H 119 50.99 -23.69 16.67
C TRP H 119 51.72 -24.78 17.40
N GLY H 120 50.98 -25.59 18.15
CA GLY H 120 51.58 -26.76 18.76
C GLY H 120 51.54 -27.85 17.71
N GLN H 121 52.04 -29.05 18.01
CA GLN H 121 51.98 -30.08 17.00
C GLN H 121 50.62 -30.74 16.89
N GLY H 122 49.80 -30.60 17.94
CA GLY H 122 48.46 -31.15 17.91
C GLY H 122 48.38 -32.56 18.45
N THR H 123 47.17 -32.98 18.71
CA THR H 123 46.90 -34.31 19.22
C THR H 123 45.65 -34.89 18.60
N LEU H 124 45.59 -36.20 18.49
CA LEU H 124 44.40 -36.82 17.94
C LEU H 124 43.50 -37.41 18.97
N VAL H 125 42.24 -37.01 18.93
CA VAL H 125 41.27 -37.52 19.85
C VAL H 125 40.17 -38.28 19.15
N THR H 126 39.97 -39.50 19.61
CA THR H 126 38.94 -40.38 19.09
C THR H 126 37.76 -40.47 20.01
N VAL H 127 36.56 -40.39 19.43
CA VAL H 127 35.39 -40.59 20.26
C VAL H 127 34.83 -41.95 19.89
N SER H 128 34.81 -42.88 20.83
CA SER H 128 34.36 -44.22 20.48
C SER H 128 33.97 -45.07 21.66
N SER H 129 33.32 -46.18 21.39
CA SER H 129 32.91 -47.11 22.42
C SER H 129 34.02 -48.10 22.75
N VAL I 3 31.40 -19.67 5.87
CA VAL I 3 32.40 -20.49 5.22
C VAL I 3 32.89 -19.82 3.96
N LEU I 4 34.19 -19.86 3.73
CA LEU I 4 34.77 -19.25 2.54
C LEU I 4 34.86 -20.30 1.47
N THR I 5 34.85 -19.92 0.22
CA THR I 5 34.96 -20.88 -0.86
C THR I 5 36.33 -20.94 -1.48
N GLN I 6 36.84 -22.15 -1.63
CA GLN I 6 38.11 -22.40 -2.29
C GLN I 6 37.92 -23.51 -3.30
N PRO I 7 38.70 -23.57 -4.38
CA PRO I 7 38.69 -24.67 -5.30
C PRO I 7 39.31 -25.83 -4.55
N PRO I 8 38.98 -27.07 -4.86
CA PRO I 8 39.57 -28.24 -4.27
C PRO I 8 41.02 -28.50 -4.67
N SER I 9 41.47 -27.97 -5.80
CA SER I 9 42.82 -28.26 -6.22
C SER I 9 43.41 -27.22 -7.14
N ALA I 10 44.72 -27.30 -7.28
CA ALA I 10 45.49 -26.46 -8.17
C ALA I 10 46.72 -27.21 -8.60
N SER I 11 47.30 -26.85 -9.74
CA SER I 11 48.53 -27.52 -10.14
C SER I 11 49.38 -26.72 -11.11
N GLY I 12 50.60 -27.18 -11.26
CA GLY I 12 51.54 -26.62 -12.24
C GLY I 12 52.87 -27.35 -12.19
N THR I 13 53.77 -27.01 -13.09
CA THR I 13 55.06 -27.66 -13.13
C THR I 13 56.02 -26.78 -12.37
N PRO I 14 57.19 -27.26 -11.98
CA PRO I 14 58.17 -26.46 -11.31
C PRO I 14 58.53 -25.27 -12.15
N GLY I 15 58.66 -24.17 -11.47
CA GLY I 15 59.03 -22.89 -12.04
C GLY I 15 57.85 -22.06 -12.49
N GLN I 16 56.65 -22.64 -12.53
CA GLN I 16 55.50 -21.90 -12.98
C GLN I 16 54.88 -21.09 -11.89
N ARG I 17 54.14 -20.08 -12.30
CA ARG I 17 53.39 -19.30 -11.35
C ARG I 17 52.00 -19.86 -11.31
N VAL I 18 51.54 -20.18 -10.11
CA VAL I 18 50.20 -20.71 -9.96
C VAL I 18 49.44 -19.88 -8.96
N THR I 19 48.13 -19.92 -9.02
CA THR I 19 47.38 -19.19 -8.01
C THR I 19 46.26 -20.02 -7.42
N ILE I 20 45.92 -19.69 -6.19
CA ILE I 20 44.79 -20.27 -5.50
C ILE I 20 43.82 -19.19 -5.11
N SER I 21 42.57 -19.32 -5.53
CA SER I 21 41.57 -18.33 -5.19
C SER I 21 40.82 -18.66 -3.92
N CYS I 22 40.18 -17.63 -3.38
CA CYS I 22 39.31 -17.72 -2.21
C CYS I 22 38.20 -16.70 -2.30
N SER I 23 36.96 -17.08 -2.00
CA SER I 23 35.91 -16.07 -2.13
C SER I 23 34.65 -16.22 -1.30
N GLY I 24 33.88 -15.11 -1.27
CA GLY I 24 32.54 -15.08 -0.71
C GLY I 24 32.28 -14.21 0.52
N SER I 25 31.18 -13.45 0.40
CA SER I 25 30.55 -12.51 1.34
C SER I 25 31.24 -11.18 1.61
N SER I 26 30.49 -10.34 2.31
CA SER I 26 30.88 -8.98 2.62
C SER I 26 31.18 -8.82 4.09
N SER I 27 30.88 -9.85 4.85
CA SER I 27 31.05 -9.84 6.30
C SER I 27 32.42 -10.29 6.75
N ASN I 28 33.17 -10.81 5.81
CA ASN I 28 34.45 -11.43 6.08
C ASN I 28 35.57 -10.86 5.24
N ILE I 29 36.07 -11.60 4.26
CA ILE I 29 37.12 -11.06 3.40
C ILE I 29 36.64 -9.82 2.67
N GLY I 30 35.34 -9.64 2.57
CA GLY I 30 34.82 -8.46 1.91
C GLY I 30 35.00 -7.19 2.76
N ILE I 31 35.30 -7.32 4.05
CA ILE I 31 35.50 -6.17 4.93
C ILE I 31 36.83 -6.23 5.69
N ASN I 32 37.15 -7.38 6.26
CA ASN I 32 38.32 -7.62 7.07
C ASN I 32 39.44 -8.09 6.18
N THR I 33 40.60 -8.34 6.77
CA THR I 33 41.70 -8.84 5.99
C THR I 33 41.64 -10.34 5.86
N VAL I 34 42.43 -10.87 4.94
CA VAL I 34 42.48 -12.30 4.72
C VAL I 34 43.86 -12.86 4.97
N ASN I 35 43.89 -14.04 5.58
CA ASN I 35 45.11 -14.75 5.84
C ASN I 35 45.22 -16.02 5.03
N TRP I 36 46.44 -16.46 4.80
CA TRP I 36 46.65 -17.76 4.17
C TRP I 36 47.57 -18.62 5.00
N TYR I 37 47.24 -19.90 5.07
CA TYR I 37 48.04 -20.87 5.80
C TYR I 37 48.41 -22.06 4.93
N GLN I 38 49.59 -22.61 5.18
CA GLN I 38 50.03 -23.79 4.46
C GLN I 38 50.23 -24.99 5.33
N GLN I 39 49.56 -26.07 5.01
CA GLN I 39 49.67 -27.28 5.78
C GLN I 39 50.33 -28.39 5.02
N LEU I 40 51.31 -28.99 5.64
CA LEU I 40 51.98 -30.11 5.03
C LEU I 40 51.29 -31.31 5.62
N PRO I 41 51.27 -32.45 4.93
CA PRO I 41 50.62 -33.66 5.38
C PRO I 41 50.91 -34.13 6.79
N GLY I 42 52.12 -33.91 7.30
CA GLY I 42 52.43 -34.37 8.63
C GLY I 42 52.36 -33.35 9.77
N THR I 43 51.89 -32.13 9.51
CA THR I 43 51.95 -31.16 10.61
C THR I 43 50.90 -30.07 10.66
N ALA I 44 51.09 -29.18 11.63
CA ALA I 44 50.23 -28.04 11.87
C ALA I 44 50.41 -27.08 10.73
N PRO I 45 49.42 -26.28 10.37
CA PRO I 45 49.52 -25.29 9.34
C PRO I 45 50.43 -24.16 9.75
N LYS I 46 51.11 -23.58 8.77
CA LYS I 46 51.95 -22.41 8.98
C LYS I 46 51.32 -21.18 8.39
N LEU I 47 51.40 -20.06 9.09
CA LEU I 47 50.88 -18.83 8.51
C LEU I 47 51.83 -18.30 7.47
N LEU I 48 51.32 -18.04 6.28
CA LEU I 48 52.17 -17.49 5.23
C LEU I 48 51.88 -16.06 4.98
N ILE I 49 50.59 -15.74 4.92
CA ILE I 49 50.16 -14.42 4.59
C ILE I 49 49.21 -13.89 5.60
N TYR I 50 49.38 -12.66 5.98
CA TYR I 50 48.44 -12.03 6.87
C TYR I 50 48.21 -10.63 6.37
N SER I 51 47.11 -10.03 6.79
CA SER I 51 46.81 -8.68 6.34
C SER I 51 46.80 -8.57 4.84
N ASN I 52 46.21 -9.55 4.16
CA ASN I 52 46.06 -9.59 2.71
C ASN I 52 47.35 -9.87 1.97
N ASN I 53 48.37 -9.07 2.20
CA ASN I 53 49.62 -9.25 1.48
C ASN I 53 50.91 -9.18 2.28
N GLN I 54 50.88 -9.34 3.59
CA GLN I 54 52.11 -9.28 4.35
C GLN I 54 52.55 -10.66 4.66
N ARG I 55 53.83 -10.87 4.92
CA ARG I 55 54.20 -12.21 5.29
C ARG I 55 55.07 -12.16 6.53
N PRO I 56 55.01 -13.16 7.42
CA PRO I 56 55.85 -13.32 8.58
C PRO I 56 57.27 -13.51 8.17
N SER I 57 58.18 -13.11 9.03
CA SER I 57 59.57 -13.33 8.73
C SER I 57 59.78 -14.80 8.55
N GLY I 58 60.60 -15.15 7.57
CA GLY I 58 60.92 -16.54 7.29
C GLY I 58 60.11 -17.09 6.13
N VAL I 59 59.07 -16.39 5.73
CA VAL I 59 58.28 -16.84 4.61
C VAL I 59 58.91 -16.32 3.34
N PRO I 60 59.17 -17.18 2.34
CA PRO I 60 59.75 -16.80 1.08
C PRO I 60 58.88 -15.80 0.38
N ASP I 61 59.50 -14.95 -0.41
CA ASP I 61 58.80 -13.90 -1.12
C ASP I 61 58.17 -14.38 -2.40
N ARG I 62 58.23 -15.68 -2.60
CA ARG I 62 57.60 -16.31 -3.71
C ARG I 62 56.11 -16.40 -3.41
N PHE I 63 55.75 -16.20 -2.14
CA PHE I 63 54.37 -16.25 -1.71
C PHE I 63 53.85 -14.82 -1.61
N SER I 64 52.90 -14.51 -2.47
CA SER I 64 52.35 -13.17 -2.55
C SER I 64 50.83 -13.14 -2.52
N GLY I 65 50.30 -12.49 -1.50
CA GLY I 65 48.85 -12.42 -1.35
C GLY I 65 48.27 -11.19 -2.00
N SER I 66 47.00 -11.28 -2.39
CA SER I 66 46.27 -10.17 -2.95
C SER I 66 44.78 -10.27 -2.68
N LYS I 67 44.13 -9.13 -2.47
CA LYS I 67 42.68 -9.11 -2.25
C LYS I 67 41.97 -7.97 -2.93
N SER I 68 40.78 -8.26 -3.44
CA SER I 68 39.92 -7.25 -4.04
C SER I 68 38.46 -7.62 -3.92
N GLY I 69 37.60 -6.65 -3.64
CA GLY I 69 36.19 -6.99 -3.59
C GLY I 69 35.90 -8.02 -2.51
N THR I 70 35.29 -9.11 -2.92
CA THR I 70 34.88 -10.22 -2.08
C THR I 70 35.64 -11.48 -2.42
N SER I 71 36.80 -11.31 -3.03
CA SER I 71 37.64 -12.44 -3.37
C SER I 71 39.09 -12.14 -3.14
N ALA I 72 39.87 -13.18 -3.01
CA ALA I 72 41.28 -13.07 -2.73
C ALA I 72 42.05 -14.21 -3.32
N SER I 73 43.35 -14.02 -3.45
CA SER I 73 44.15 -15.10 -3.94
C SER I 73 45.56 -15.10 -3.42
N LEU I 74 46.16 -16.28 -3.51
CA LEU I 74 47.55 -16.48 -3.18
C LEU I 74 48.31 -16.88 -4.41
N ALA I 75 49.32 -16.12 -4.75
CA ALA I 75 50.13 -16.45 -5.89
C ALA I 75 51.42 -17.05 -5.44
N ILE I 76 51.79 -18.13 -6.09
CA ILE I 76 53.05 -18.76 -5.79
C ILE I 76 53.95 -18.71 -7.01
N SER I 77 55.00 -17.94 -6.91
CA SER I 77 55.92 -17.78 -8.02
C SER I 77 57.01 -18.81 -7.91
N GLY I 78 57.53 -19.28 -9.04
CA GLY I 78 58.67 -20.16 -8.93
C GLY I 78 58.28 -21.46 -8.27
N LEU I 79 57.14 -22.03 -8.62
CA LEU I 79 56.67 -23.22 -7.93
C LEU I 79 57.74 -24.27 -7.76
N GLN I 80 57.88 -24.72 -6.51
CA GLN I 80 58.85 -25.73 -6.12
C GLN I 80 58.16 -27.03 -5.78
N SER I 81 58.89 -28.14 -5.81
CA SER I 81 58.33 -29.42 -5.40
C SER I 81 57.91 -29.39 -3.95
N GLU I 82 58.63 -28.60 -3.18
CA GLU I 82 58.40 -28.43 -1.77
C GLU I 82 57.11 -27.66 -1.47
N ASP I 83 56.50 -27.06 -2.48
CA ASP I 83 55.29 -26.30 -2.25
C ASP I 83 54.07 -27.18 -2.31
N GLU I 84 54.23 -28.48 -2.61
CA GLU I 84 53.04 -29.31 -2.61
C GLU I 84 52.45 -29.19 -1.22
N ALA I 85 51.19 -28.82 -1.13
CA ALA I 85 50.59 -28.63 0.19
C ALA I 85 49.10 -28.35 0.12
N ASP I 86 48.47 -28.39 1.29
CA ASP I 86 47.09 -28.00 1.47
C ASP I 86 47.04 -26.52 1.85
N TYR I 87 46.47 -25.69 1.01
CA TYR I 87 46.46 -24.28 1.33
C TYR I 87 45.10 -23.83 1.81
N TYR I 88 45.11 -23.01 2.84
CA TYR I 88 43.87 -22.53 3.44
C TYR I 88 43.74 -21.04 3.47
N CYS I 89 42.54 -20.59 3.21
CA CYS I 89 42.12 -19.21 3.26
C CYS I 89 41.34 -18.96 4.54
N ALA I 90 41.64 -17.89 5.25
CA ALA I 90 40.87 -17.61 6.46
C ALA I 90 40.64 -16.14 6.73
N ALA I 91 39.52 -15.83 7.39
CA ALA I 91 39.23 -14.44 7.73
C ALA I 91 38.30 -14.29 8.91
N TRP I 92 38.35 -13.15 9.55
CA TRP I 92 37.40 -12.88 10.60
C TRP I 92 36.09 -12.59 9.92
N ASP I 93 34.99 -13.10 10.42
CA ASP I 93 33.66 -12.89 9.87
C ASP I 93 32.76 -12.35 10.92
N ASP I 94 32.38 -11.08 10.81
CA ASP I 94 31.65 -10.37 11.84
C ASP I 94 30.32 -10.99 12.23
N ASN I 95 29.71 -11.79 11.36
CA ASN I 95 28.43 -12.38 11.72
C ASN I 95 28.62 -13.46 12.76
N LEU I 96 29.78 -14.10 12.74
CA LEU I 96 30.08 -15.16 13.67
C LEU I 96 31.00 -14.64 14.74
N ASN I 97 31.70 -13.57 14.39
CA ASN I 97 32.67 -12.92 15.19
C ASN I 97 33.81 -13.85 15.56
N GLY I 98 34.36 -14.56 14.56
CA GLY I 98 35.52 -15.40 14.82
C GLY I 98 35.93 -16.44 13.78
N TRP I 99 37.10 -16.17 13.19
CA TRP I 99 37.91 -16.99 12.29
C TRP I 99 37.27 -18.07 11.43
N VAL I 100 36.81 -17.68 10.27
CA VAL I 100 36.25 -18.60 9.31
C VAL I 100 37.28 -19.13 8.33
N PHE I 101 37.27 -20.43 8.10
CA PHE I 101 38.17 -21.04 7.12
C PHE I 101 37.42 -21.46 5.86
N GLY I 102 38.12 -21.50 4.74
CA GLY I 102 37.56 -21.93 3.47
C GLY I 102 37.75 -23.39 3.10
N GLY I 103 38.23 -24.20 4.01
CA GLY I 103 38.52 -25.57 3.63
C GLY I 103 39.84 -25.44 2.94
N GLY I 104 40.30 -26.42 2.19
CA GLY I 104 41.60 -26.20 1.60
C GLY I 104 41.66 -26.58 0.16
N THR I 105 42.76 -26.18 -0.46
CA THR I 105 43.04 -26.47 -1.85
C THR I 105 44.28 -27.31 -1.93
N LYS I 106 44.24 -28.41 -2.68
CA LYS I 106 45.43 -29.21 -2.81
C LYS I 106 46.25 -28.80 -4.01
N LEU I 107 47.45 -28.31 -3.74
CA LEU I 107 48.34 -27.88 -4.79
C LEU I 107 49.31 -28.96 -5.15
N THR I 108 49.24 -29.40 -6.39
CA THR I 108 50.08 -30.46 -6.89
C THR I 108 51.16 -29.97 -7.83
N VAL I 109 52.38 -30.37 -7.56
CA VAL I 109 53.48 -29.99 -8.41
C VAL I 109 53.67 -31.16 -9.35
N LEU I 110 53.68 -30.89 -10.63
CA LEU I 110 53.73 -31.91 -11.64
C LEU I 110 55.15 -32.26 -12.03
N GLY I 111 55.38 -33.54 -12.33
CA GLY I 111 56.69 -34.00 -12.76
C GLY I 111 56.93 -35.43 -12.27
N ARG J 42 5.90 32.71 14.03
CA ARG J 42 7.34 32.48 14.04
C ARG J 42 8.07 33.68 13.48
N ASN J 43 9.32 33.47 13.08
CA ASN J 43 10.11 34.54 12.56
C ASN J 43 11.10 33.95 11.59
N PHE J 44 11.92 34.76 10.97
CA PHE J 44 12.85 34.22 10.02
C PHE J 44 14.08 33.67 10.69
N ASN J 45 14.61 32.63 10.11
CA ASN J 45 15.86 32.09 10.61
C ASN J 45 17.01 33.02 10.26
N ASN J 46 17.89 33.27 11.22
CA ASN J 46 19.07 34.09 10.98
C ASN J 46 20.35 33.26 11.11
N LEU J 47 21.32 33.56 10.28
CA LEU J 47 22.60 32.87 10.34
C LEU J 47 23.51 33.45 11.38
N THR J 48 23.35 32.97 12.61
CA THR J 48 24.11 33.53 13.72
C THR J 48 25.12 32.61 14.40
N LYS J 49 25.02 31.30 14.21
CA LYS J 49 25.87 30.37 14.95
C LYS J 49 27.07 29.95 14.13
N GLY J 50 28.10 29.40 14.76
CA GLY J 50 29.27 29.00 13.97
C GLY J 50 29.19 27.55 13.60
N LEU J 51 30.22 27.00 12.96
CA LEU J 51 30.16 25.56 12.71
C LEU J 51 30.78 24.83 13.86
N CYS J 52 30.29 23.64 14.13
CA CYS J 52 30.86 22.82 15.17
C CYS J 52 32.17 22.21 14.69
N THR J 53 33.04 21.88 15.63
CA THR J 53 34.27 21.18 15.27
C THR J 53 33.96 19.82 14.70
N ILE J 54 34.56 19.46 13.59
CA ILE J 54 34.29 18.15 13.04
C ILE J 54 35.45 17.22 13.22
N ASN J 55 35.28 16.22 14.08
CA ASN J 55 36.30 15.24 14.32
C ASN J 55 35.97 13.96 13.59
N SER J 56 34.69 13.67 13.44
CA SER J 56 34.27 12.47 12.73
C SER J 56 32.84 12.58 12.25
N TRP J 57 32.42 11.65 11.39
CA TRP J 57 31.04 11.65 10.92
C TRP J 57 30.27 10.43 11.41
N HIS J 58 28.96 10.58 11.66
CA HIS J 58 28.14 9.45 12.10
C HIS J 58 26.87 9.37 11.29
N ILE J 59 26.28 8.20 11.21
CA ILE J 59 25.11 8.12 10.38
C ILE J 59 23.92 8.86 10.92
N TYR J 60 23.24 9.55 10.03
CA TYR J 60 22.07 10.33 10.30
C TYR J 60 20.84 9.62 9.78
N GLY J 61 20.91 9.13 8.54
CA GLY J 61 19.75 8.45 7.95
C GLY J 61 20.09 7.63 6.71
N LYS J 62 19.15 6.78 6.30
CA LYS J 62 19.31 5.90 5.15
C LYS J 62 17.98 5.26 4.80
N ASP J 63 17.58 5.29 3.53
CA ASP J 63 16.26 4.70 3.23
C ASP J 63 16.20 3.26 2.76
N ASN J 64 17.27 2.76 2.18
CA ASN J 64 17.33 1.41 1.62
C ASN J 64 16.26 1.27 0.57
N ALA J 65 16.05 2.31 -0.22
CA ALA J 65 14.98 2.28 -1.20
C ALA J 65 15.03 1.14 -2.18
N VAL J 66 16.19 0.73 -2.66
CA VAL J 66 16.12 -0.33 -3.66
C VAL J 66 15.79 -1.69 -3.05
N ARG J 67 16.41 -2.02 -1.92
CA ARG J 67 16.14 -3.30 -1.29
C ARG J 67 14.67 -3.50 -1.01
N ILE J 68 14.00 -2.44 -0.60
CA ILE J 68 12.58 -2.47 -0.33
C ILE J 68 11.82 -2.55 -1.63
N GLY J 69 12.24 -1.75 -2.61
CA GLY J 69 11.58 -1.63 -3.90
C GLY J 69 11.46 -2.94 -4.63
N GLU J 70 12.38 -3.85 -4.42
CA GLU J 70 12.30 -5.12 -5.10
C GLU J 70 10.94 -5.77 -4.96
N SER J 71 10.26 -5.64 -3.81
CA SER J 71 8.98 -6.28 -3.66
C SER J 71 7.86 -5.34 -3.27
N SER J 72 8.00 -4.04 -3.52
CA SER J 72 6.97 -3.12 -3.06
C SER J 72 6.82 -1.87 -3.93
N ASP J 73 5.78 -1.08 -3.67
CA ASP J 73 5.49 0.06 -4.53
C ASP J 73 6.28 1.32 -4.20
N VAL J 74 7.55 1.25 -4.57
CA VAL J 74 8.56 2.28 -4.36
C VAL J 74 8.85 2.95 -5.68
N LEU J 75 8.89 4.26 -5.66
CA LEU J 75 9.10 5.06 -6.85
C LEU J 75 10.53 5.12 -7.32
N VAL J 76 10.68 5.30 -8.61
CA VAL J 76 11.99 5.51 -9.20
C VAL J 76 12.35 6.96 -9.10
N THR J 77 13.51 7.25 -8.52
CA THR J 77 14.00 8.60 -8.34
C THR J 77 15.45 8.77 -8.73
N ARG J 78 15.86 10.03 -8.78
CA ARG J 78 17.22 10.54 -8.93
C ARG J 78 17.40 11.89 -8.25
N GLU J 79 18.65 12.29 -8.07
CA GLU J 79 18.99 13.60 -7.54
C GLU J 79 18.37 13.90 -6.20
N PRO J 80 18.60 13.09 -5.18
CA PRO J 80 18.04 13.27 -3.89
C PRO J 80 18.76 14.36 -3.16
N TYR J 81 18.12 14.91 -2.15
CA TYR J 81 18.74 15.83 -1.23
C TYR J 81 18.01 15.85 0.09
N VAL J 82 18.59 16.49 1.09
CA VAL J 82 17.96 16.54 2.39
C VAL J 82 17.70 17.96 2.78
N SER J 83 16.55 18.23 3.36
CA SER J 83 16.27 19.59 3.82
C SER J 83 15.35 19.55 5.02
N CYS J 84 15.56 20.47 5.95
CA CYS J 84 14.74 20.46 7.16
C CYS J 84 13.90 21.70 7.33
N ASP J 85 12.70 21.49 7.87
CA ASP J 85 11.81 22.57 8.27
C ASP J 85 12.18 22.79 9.74
N PRO J 86 11.63 23.75 10.47
CA PRO J 86 11.94 23.99 11.86
C PRO J 86 11.71 22.82 12.79
N ASP J 87 10.85 21.90 12.44
CA ASP J 87 10.59 20.78 13.29
C ASP J 87 10.60 19.42 12.59
N GLU J 88 11.12 19.36 11.37
CA GLU J 88 11.09 18.09 10.66
C GLU J 88 12.10 17.96 9.55
N CYS J 89 12.73 16.80 9.41
CA CYS J 89 13.60 16.63 8.27
C CYS J 89 13.03 15.62 7.31
N ARG J 90 13.14 15.94 6.03
CA ARG J 90 12.63 15.10 4.97
C ARG J 90 13.62 14.92 3.83
N PHE J 91 13.44 13.84 3.10
CA PHE J 91 14.20 13.62 1.90
C PHE J 91 13.45 14.21 0.75
N TYR J 92 14.19 14.73 -0.19
CA TYR J 92 13.61 15.26 -1.40
C TYR J 92 14.24 14.57 -2.58
N ALA J 93 13.49 14.37 -3.65
CA ALA J 93 14.08 13.78 -4.86
C ALA J 93 13.22 14.01 -6.07
N LEU J 94 13.77 13.82 -7.25
CA LEU J 94 12.97 13.91 -8.44
C LEU J 94 12.56 12.54 -8.91
N SER J 95 11.26 12.31 -8.96
CA SER J 95 10.73 11.03 -9.37
C SER J 95 10.57 10.96 -10.85
N GLN J 96 10.49 9.73 -11.38
CA GLN J 96 10.27 9.47 -12.80
C GLN J 96 8.85 9.13 -13.18
N GLY J 97 7.92 9.22 -12.25
CA GLY J 97 6.54 8.92 -12.60
C GLY J 97 6.25 7.46 -12.79
N THR J 98 7.00 6.60 -12.11
CA THR J 98 6.86 5.16 -12.21
C THR J 98 7.45 4.45 -11.02
N THR J 99 6.98 3.24 -10.77
CA THR J 99 7.53 2.40 -9.73
C THR J 99 8.68 1.57 -10.25
N ILE J 100 9.50 1.07 -9.36
CA ILE J 100 10.68 0.31 -9.74
C ILE J 100 10.37 -0.94 -10.52
N ARG J 101 9.35 -1.65 -10.12
CA ARG J 101 9.04 -2.89 -10.79
C ARG J 101 7.97 -2.74 -11.86
N GLY J 102 7.60 -1.52 -12.19
CA GLY J 102 6.56 -1.38 -13.19
C GLY J 102 7.17 -1.46 -14.56
N LYS J 103 6.35 -1.50 -15.58
CA LYS J 103 6.92 -1.59 -16.93
C LYS J 103 7.30 -0.25 -17.45
N HIS J 104 6.88 0.80 -16.78
CA HIS J 104 7.25 2.11 -17.23
C HIS J 104 8.61 2.48 -16.69
N SER J 105 9.22 1.55 -15.95
CA SER J 105 10.58 1.77 -15.40
C SER J 105 11.62 1.58 -16.52
N ASN J 106 11.17 1.14 -17.68
CA ASN J 106 12.09 0.87 -18.82
C ASN J 106 12.48 2.21 -19.44
N GLY J 107 13.76 2.59 -19.32
CA GLY J 107 14.26 3.81 -20.00
C GLY J 107 14.37 4.98 -19.05
N THR J 108 14.12 4.75 -17.75
CA THR J 108 14.27 5.82 -16.75
C THR J 108 15.61 6.50 -16.73
N ILE J 109 16.53 6.05 -17.53
CA ILE J 109 17.81 6.69 -17.59
C ILE J 109 17.77 8.13 -18.06
N HIS J 110 16.78 8.52 -18.87
CA HIS J 110 16.75 9.91 -19.31
C HIS J 110 16.20 10.81 -18.21
N ASP J 111 16.84 11.96 -18.00
CA ASP J 111 16.44 12.88 -16.96
C ASP J 111 15.60 14.11 -17.28
N ARG J 112 15.16 14.31 -18.49
CA ARG J 112 14.31 15.46 -18.74
C ARG J 112 13.04 15.05 -19.41
N SER J 113 11.96 15.00 -18.66
CA SER J 113 10.70 14.58 -19.22
C SER J 113 9.58 15.22 -18.48
N GLN J 114 8.43 15.13 -19.10
CA GLN J 114 7.19 15.65 -18.60
C GLN J 114 6.53 14.76 -17.58
N TYR J 115 7.24 13.72 -17.16
CA TYR J 115 6.72 12.85 -16.15
C TYR J 115 7.49 13.00 -14.86
N ARG J 116 8.42 13.97 -14.79
CA ARG J 116 9.21 14.16 -13.59
C ARG J 116 8.65 15.17 -12.63
N ALA J 117 8.84 14.89 -11.35
CA ALA J 117 8.36 15.78 -10.32
C ALA J 117 9.17 15.72 -9.06
N LEU J 118 9.09 16.76 -8.26
CA LEU J 118 9.78 16.82 -7.00
C LEU J 118 8.91 16.35 -5.90
N ILE J 119 9.39 15.35 -5.19
CA ILE J 119 8.65 14.77 -4.11
C ILE J 119 9.40 14.87 -2.82
N SER J 120 8.68 14.71 -1.74
CA SER J 120 9.24 14.77 -0.41
C SER J 120 8.67 13.72 0.51
N TRP J 121 9.53 13.07 1.29
CA TRP J 121 9.03 12.04 2.18
C TRP J 121 9.90 12.01 3.44
N PRO J 122 9.45 11.44 4.56
CA PRO J 122 10.14 11.41 5.84
C PRO J 122 11.50 10.74 5.81
N LEU J 123 12.44 11.25 6.60
CA LEU J 123 13.74 10.62 6.60
C LEU J 123 13.71 9.19 6.97
N SER J 124 14.52 8.47 6.23
CA SER J 124 14.82 7.06 6.30
C SER J 124 13.68 6.16 5.89
N SER J 125 12.63 6.72 5.36
CA SER J 125 11.60 5.90 4.79
C SER J 125 11.90 5.89 3.31
N PRO J 126 11.55 4.87 2.56
CA PRO J 126 11.68 4.83 1.13
C PRO J 126 10.66 5.78 0.53
N PRO J 127 10.88 6.27 -0.67
CA PRO J 127 10.01 7.14 -1.42
C PRO J 127 8.91 6.36 -2.03
N THR J 128 7.97 5.95 -1.20
CA THR J 128 6.92 5.14 -1.73
C THR J 128 5.86 5.99 -2.36
N VAL J 129 5.04 5.33 -3.14
CA VAL J 129 3.95 5.98 -3.82
C VAL J 129 2.83 6.39 -2.89
N TYR J 130 2.80 5.82 -1.71
CA TYR J 130 1.73 6.10 -0.80
C TYR J 130 2.12 7.00 0.35
N ASN J 131 3.34 7.53 0.39
CA ASN J 131 3.65 8.38 1.53
C ASN J 131 4.37 9.63 1.12
N SER J 132 4.49 9.82 -0.17
CA SER J 132 5.21 10.95 -0.68
C SER J 132 4.30 12.08 -0.97
N ARG J 133 4.81 13.27 -0.80
CA ARG J 133 4.07 14.45 -1.15
C ARG J 133 4.74 15.08 -2.33
N VAL J 134 3.96 15.61 -3.24
CA VAL J 134 4.55 16.27 -4.38
C VAL J 134 4.66 17.73 -4.07
N GLU J 135 5.83 18.27 -4.29
CA GLU J 135 6.09 19.66 -4.01
C GLU J 135 5.87 20.49 -5.25
N CYS J 136 6.32 19.97 -6.39
CA CYS J 136 6.20 20.69 -7.65
C CYS J 136 6.48 19.79 -8.82
N ILE J 137 6.28 20.30 -10.03
CA ILE J 137 6.62 19.58 -11.24
C ILE J 137 7.76 20.20 -11.98
N GLY J 138 8.67 19.36 -12.47
CA GLY J 138 9.81 19.83 -13.23
C GLY J 138 10.93 18.84 -13.19
N TRP J 139 11.87 18.97 -14.10
CA TRP J 139 13.00 18.08 -14.17
C TRP J 139 14.23 18.51 -13.41
N SER J 140 14.20 19.69 -12.85
CA SER J 140 15.29 20.20 -12.02
C SER J 140 14.73 21.12 -10.96
N SER J 141 15.19 21.01 -9.72
CA SER J 141 14.61 21.85 -8.69
C SER J 141 15.45 22.05 -7.46
N THR J 142 15.07 23.02 -6.64
CA THR J 142 15.69 23.31 -5.34
C THR J 142 14.69 23.83 -4.34
N SER J 143 14.95 23.65 -3.06
CA SER J 143 14.03 24.18 -2.05
C SER J 143 14.66 24.46 -0.70
N CYS J 144 14.01 25.30 0.08
CA CYS J 144 14.47 25.57 1.44
C CYS J 144 13.44 26.27 2.31
N HIS J 145 13.68 26.28 3.61
CA HIS J 145 12.73 26.91 4.52
C HIS J 145 13.35 28.12 5.14
N ASP J 146 12.60 29.21 5.21
CA ASP J 146 13.13 30.45 5.75
C ASP J 146 12.82 30.74 7.21
N GLY J 147 12.17 29.83 7.90
CA GLY J 147 11.76 30.00 9.29
C GLY J 147 10.25 30.24 9.40
N LYS J 148 9.62 30.66 8.31
CA LYS J 148 8.19 30.86 8.32
C LYS J 148 7.55 29.85 7.38
N SER J 149 8.12 29.68 6.19
CA SER J 149 7.59 28.68 5.28
C SER J 149 8.61 28.21 4.26
N ARG J 150 8.17 27.30 3.40
CA ARG J 150 9.09 26.74 2.43
C ARG J 150 8.93 27.29 1.03
N MET J 151 10.07 27.51 0.42
CA MET J 151 10.21 27.95 -0.96
C MET J 151 10.63 26.79 -1.80
N SER J 152 10.09 26.69 -3.00
CA SER J 152 10.50 25.63 -3.91
C SER J 152 10.53 26.10 -5.34
N ILE J 153 11.63 25.84 -6.02
CA ILE J 153 11.78 26.30 -7.38
C ILE J 153 11.93 25.16 -8.33
N CYS J 154 11.06 25.11 -9.33
CA CYS J 154 11.12 23.98 -10.24
C CYS J 154 11.16 24.35 -11.71
N ILE J 155 12.03 23.67 -12.43
CA ILE J 155 12.26 23.88 -13.85
C ILE J 155 11.66 22.78 -14.68
N SER J 156 10.91 23.19 -15.69
CA SER J 156 10.24 22.29 -16.62
C SER J 156 10.31 22.82 -18.04
N GLY J 157 9.89 22.00 -19.00
CA GLY J 157 9.88 22.45 -20.38
C GLY J 157 10.91 21.75 -21.27
N PRO J 158 11.00 22.15 -22.54
CA PRO J 158 11.85 21.66 -23.60
C PRO J 158 13.23 22.16 -23.39
N ASN J 159 14.19 21.68 -24.16
CA ASN J 159 15.52 22.17 -23.92
C ASN J 159 15.72 23.66 -24.20
N ASN J 160 14.95 24.26 -25.08
CA ASN J 160 15.18 25.67 -25.36
C ASN J 160 14.20 26.62 -24.68
N ASN J 161 12.94 26.36 -24.80
CA ASN J 161 11.88 27.20 -24.24
C ASN J 161 11.51 26.73 -22.84
N ALA J 162 12.52 26.59 -22.00
CA ALA J 162 12.36 26.11 -20.63
C ALA J 162 11.88 27.22 -19.72
N SER J 163 11.36 26.87 -18.57
CA SER J 163 10.96 27.89 -17.61
C SER J 163 11.00 27.40 -16.19
N ALA J 164 10.96 28.33 -15.23
CA ALA J 164 10.94 27.95 -13.83
C ALA J 164 9.83 28.61 -13.07
N VAL J 165 9.25 27.87 -12.16
CA VAL J 165 8.21 28.38 -11.30
C VAL J 165 8.60 28.34 -9.86
N VAL J 166 8.47 29.47 -9.22
CA VAL J 166 8.82 29.63 -7.84
C VAL J 166 7.56 29.55 -7.02
N TRP J 167 7.54 28.61 -6.11
CA TRP J 167 6.45 28.33 -5.22
C TRP J 167 6.80 28.79 -3.83
N TYR J 168 5.82 29.23 -3.07
CA TYR J 168 6.09 29.55 -1.68
C TYR J 168 4.87 29.26 -0.89
N ASN J 169 5.05 28.53 0.19
CA ASN J 169 3.95 28.19 1.04
C ASN J 169 2.86 27.52 0.24
N ARG J 170 3.27 26.63 -0.65
CA ARG J 170 2.41 25.84 -1.52
C ARG J 170 1.66 26.60 -2.61
N ARG J 171 1.93 27.88 -2.81
CA ARG J 171 1.28 28.60 -3.90
C ARG J 171 2.32 28.99 -4.91
N PRO J 172 2.02 29.05 -6.19
CA PRO J 172 2.94 29.56 -7.16
C PRO J 172 3.02 31.03 -6.87
N VAL J 173 4.20 31.60 -6.94
CA VAL J 173 4.39 33.02 -6.70
C VAL J 173 4.95 33.79 -7.86
N ALA J 174 6.00 33.25 -8.45
CA ALA J 174 6.71 33.99 -9.48
C ALA J 174 7.31 33.08 -10.52
N GLU J 175 7.54 33.61 -11.71
CA GLU J 175 8.11 32.78 -12.76
C GLU J 175 9.30 33.42 -13.44
N ILE J 176 10.20 32.56 -13.91
CA ILE J 176 11.40 32.93 -14.64
C ILE J 176 11.51 32.23 -15.99
N ASN J 177 11.76 32.99 -17.05
CA ASN J 177 11.96 32.38 -18.36
C ASN J 177 13.46 32.23 -18.56
N THR J 178 13.88 31.67 -19.67
CA THR J 178 15.28 31.47 -19.98
C THR J 178 15.93 32.68 -20.58
N TRP J 179 17.24 32.65 -20.67
CA TRP J 179 17.94 33.76 -21.25
C TRP J 179 18.95 33.30 -22.29
N ALA J 180 19.46 32.10 -22.15
CA ALA J 180 20.40 31.56 -23.12
C ALA J 180 19.72 30.50 -23.96
N ARG J 181 18.57 30.02 -23.49
CA ARG J 181 17.79 28.96 -24.13
C ARG J 181 18.49 27.64 -24.28
N ASN J 182 19.20 27.21 -23.25
CA ASN J 182 19.85 25.92 -23.31
C ASN J 182 19.80 25.24 -21.96
N ILE J 183 18.74 24.44 -21.76
CA ILE J 183 18.47 23.70 -20.55
C ILE J 183 18.78 24.39 -19.25
N LEU J 184 17.86 25.24 -18.83
CA LEU J 184 17.99 25.99 -17.58
C LEU J 184 18.21 25.00 -16.45
N ARG J 185 19.19 25.28 -15.58
CA ARG J 185 19.56 24.39 -14.49
C ARG J 185 19.60 25.09 -13.14
N THR J 186 19.42 24.33 -12.08
CA THR J 186 19.54 24.91 -10.74
C THR J 186 20.42 24.05 -9.83
N GLN J 187 20.39 24.37 -8.55
CA GLN J 187 21.24 23.76 -7.54
C GLN J 187 21.00 22.31 -7.13
N GLU J 188 19.80 21.81 -7.29
CA GLU J 188 19.40 20.46 -6.88
C GLU J 188 19.27 20.32 -5.34
N SER J 189 20.31 20.65 -4.62
CA SER J 189 20.32 20.60 -3.16
C SER J 189 19.63 21.80 -2.57
N GLU J 190 19.48 21.82 -1.24
CA GLU J 190 18.77 22.90 -0.59
C GLU J 190 19.43 24.25 -0.65
N CYS J 191 18.62 25.27 -0.55
CA CYS J 191 19.04 26.66 -0.46
C CYS J 191 19.12 27.13 0.99
N VAL J 192 19.82 28.22 1.24
CA VAL J 192 19.95 28.73 2.60
C VAL J 192 19.40 30.13 2.69
N CYS J 193 18.56 30.37 3.67
CA CYS J 193 17.96 31.70 3.79
C CYS J 193 18.50 32.45 5.00
N HIS J 194 18.56 33.76 4.88
CA HIS J 194 18.92 34.63 6.00
C HIS J 194 17.99 35.78 6.14
N ASN J 195 17.27 35.82 7.23
CA ASN J 195 16.31 36.88 7.48
C ASN J 195 15.32 37.01 6.36
N GLY J 196 14.90 35.89 5.81
CA GLY J 196 13.93 35.88 4.75
C GLY J 196 14.50 35.89 3.35
N VAL J 197 15.80 36.16 3.18
CA VAL J 197 16.33 36.19 1.83
C VAL J 197 17.06 34.93 1.49
N CYS J 198 16.67 34.33 0.39
CA CYS J 198 17.19 33.05 -0.04
C CYS J 198 17.85 33.14 -1.42
N PRO J 199 19.17 33.31 -1.52
CA PRO J 199 19.90 33.35 -2.77
C PRO J 199 19.80 32.00 -3.47
N VAL J 200 19.58 32.02 -4.77
CA VAL J 200 19.51 30.79 -5.57
C VAL J 200 20.39 30.90 -6.80
N VAL J 201 21.15 29.85 -7.08
CA VAL J 201 22.03 29.87 -8.24
C VAL J 201 21.43 29.18 -9.46
N PHE J 202 21.40 29.89 -10.59
CA PHE J 202 20.87 29.35 -11.84
C PHE J 202 21.86 29.39 -12.99
N THR J 203 21.77 28.42 -13.88
CA THR J 203 22.58 28.39 -15.09
C THR J 203 21.76 28.18 -16.34
N ASP J 204 22.09 28.88 -17.41
CA ASP J 204 21.45 28.70 -18.71
C ASP J 204 22.54 28.82 -19.76
N GLY J 205 22.80 27.77 -20.52
CA GLY J 205 23.91 27.83 -21.45
C GLY J 205 24.61 26.50 -21.61
N SER J 206 25.65 26.49 -22.42
CA SER J 206 26.34 25.24 -22.69
C SER J 206 26.92 24.61 -21.46
N ALA J 207 26.80 23.30 -21.37
CA ALA J 207 27.36 22.58 -20.26
C ALA J 207 28.79 22.19 -20.55
N THR J 208 29.23 22.51 -21.75
CA THR J 208 30.55 22.17 -22.23
C THR J 208 31.28 23.39 -22.74
N GLY J 209 30.92 24.55 -22.23
CA GLY J 209 31.52 25.80 -22.64
C GLY J 209 31.07 26.86 -21.66
N PRO J 210 31.33 28.13 -21.92
CA PRO J 210 30.94 29.22 -21.07
C PRO J 210 29.43 29.22 -21.01
N ALA J 211 28.88 29.68 -19.90
CA ALA J 211 27.45 29.74 -19.76
C ALA J 211 27.10 30.93 -18.93
N ASP J 212 25.87 31.39 -19.07
CA ASP J 212 25.44 32.53 -18.32
C ASP J 212 24.83 32.10 -17.02
N THR J 213 25.42 32.52 -15.92
CA THR J 213 24.86 32.10 -14.66
C THR J 213 24.44 33.33 -13.93
N ARG J 214 23.42 33.16 -13.12
CA ARG J 214 22.84 34.23 -12.35
C ARG J 214 22.53 33.84 -10.95
N ILE J 215 22.59 34.79 -10.06
CA ILE J 215 22.14 34.54 -8.72
C ILE J 215 20.94 35.37 -8.45
N TYR J 216 19.86 34.72 -8.08
CA TYR J 216 18.64 35.41 -7.78
C TYR J 216 18.46 35.47 -6.30
N TYR J 217 17.97 36.58 -5.83
CA TYR J 217 17.71 36.71 -4.42
C TYR J 217 16.24 36.81 -4.25
N PHE J 218 15.69 35.84 -3.53
CA PHE J 218 14.26 35.78 -3.32
C PHE J 218 13.81 36.05 -1.92
N LYS J 219 12.64 36.62 -1.77
CA LYS J 219 12.03 36.77 -0.46
C LYS J 219 10.56 36.46 -0.54
N GLU J 220 10.13 35.47 0.22
CA GLU J 220 8.75 35.00 0.22
C GLU J 220 8.27 34.68 -1.17
N GLY J 221 9.16 34.10 -1.96
CA GLY J 221 8.85 33.70 -3.31
C GLY J 221 9.02 34.80 -4.36
N LYS J 222 9.28 36.03 -3.96
CA LYS J 222 9.38 37.08 -4.96
C LYS J 222 10.81 37.43 -5.25
N ILE J 223 11.09 37.96 -6.42
CA ILE J 223 12.45 38.33 -6.74
C ILE J 223 12.78 39.70 -6.29
N LEU J 224 13.84 39.83 -5.52
CA LEU J 224 14.26 41.14 -5.05
C LEU J 224 15.21 41.71 -6.05
N LYS J 225 16.08 40.85 -6.54
CA LYS J 225 17.10 41.24 -7.50
C LYS J 225 17.81 40.03 -8.01
N TRP J 226 18.64 40.25 -9.02
CA TRP J 226 19.53 39.19 -9.43
C TRP J 226 20.82 39.78 -9.93
N GLU J 227 21.86 38.97 -9.92
CA GLU J 227 23.16 39.38 -10.40
C GLU J 227 23.78 38.43 -11.39
N SER J 228 24.50 38.97 -12.35
CA SER J 228 25.25 38.10 -13.21
C SER J 228 26.35 37.55 -12.35
N LEU J 229 26.73 36.32 -12.53
CA LEU J 229 27.80 35.80 -11.70
C LEU J 229 29.13 36.48 -11.97
N THR J 230 29.91 36.67 -10.91
CA THR J 230 31.25 37.25 -11.04
C THR J 230 32.34 36.46 -10.34
N GLY J 231 33.54 36.99 -10.40
CA GLY J 231 34.72 36.38 -9.77
C GLY J 231 35.54 35.58 -10.77
N THR J 232 36.40 34.69 -10.28
CA THR J 232 37.33 34.01 -11.17
C THR J 232 36.93 32.60 -11.53
N ALA J 233 35.80 32.12 -11.04
CA ALA J 233 35.36 30.80 -11.41
C ALA J 233 34.94 30.83 -12.87
N LYS J 234 35.15 29.76 -13.63
CA LYS J 234 34.77 29.81 -15.04
C LYS J 234 33.47 29.13 -15.43
N HIS J 235 33.03 28.14 -14.68
CA HIS J 235 31.82 27.44 -15.07
C HIS J 235 31.11 26.94 -13.84
N ILE J 236 29.85 27.31 -13.66
CA ILE J 236 29.14 26.92 -12.45
C ILE J 236 27.87 26.12 -12.62
N GLU J 237 27.85 24.95 -12.01
CA GLU J 237 26.65 24.13 -11.97
C GLU J 237 26.38 23.45 -10.64
N GLU J 238 25.10 23.23 -10.35
CA GLU J 238 24.69 22.39 -9.22
C GLU J 238 25.33 22.73 -7.87
N CYS J 239 25.31 23.98 -7.47
CA CYS J 239 25.97 24.39 -6.24
C CYS J 239 25.33 23.88 -4.96
N SER J 240 26.17 23.35 -4.06
CA SER J 240 25.79 22.86 -2.72
C SER J 240 26.17 23.90 -1.71
N CYS J 241 25.20 24.45 -0.99
CA CYS J 241 25.49 25.58 -0.13
C CYS J 241 25.12 25.36 1.32
N TYR J 242 25.86 26.03 2.20
CA TYR J 242 25.54 26.06 3.63
C TYR J 242 25.86 27.44 4.17
N GLY J 243 25.23 27.84 5.27
CA GLY J 243 25.59 29.13 5.84
C GLY J 243 26.27 28.98 7.17
N GLU J 244 26.91 30.06 7.64
CA GLU J 244 27.51 29.97 8.97
C GLU J 244 27.05 31.16 9.81
N ARG J 245 27.97 32.07 10.18
CA ARG J 245 27.59 33.24 10.99
C ARG J 245 27.54 34.45 10.14
N THR J 246 27.97 34.30 8.91
CA THR J 246 28.12 35.42 8.03
C THR J 246 27.35 35.19 6.78
N GLY J 247 28.04 34.65 5.80
CA GLY J 247 27.45 34.44 4.52
C GLY J 247 27.14 33.00 4.27
N ILE J 248 26.94 32.73 3.01
CA ILE J 248 26.61 31.45 2.48
C ILE J 248 27.72 30.99 1.57
N THR J 249 28.22 29.80 1.81
CA THR J 249 29.31 29.28 1.01
C THR J 249 28.84 28.14 0.15
N CYS J 250 29.13 28.23 -1.13
CA CYS J 250 28.70 27.20 -2.05
C CYS J 250 29.79 26.50 -2.80
N THR J 251 29.69 25.19 -2.89
CA THR J 251 30.64 24.39 -3.67
C THR J 251 29.95 23.93 -4.93
N CYS J 252 30.56 24.18 -6.07
CA CYS J 252 29.89 23.91 -7.32
C CYS J 252 30.67 23.03 -8.25
N ARG J 253 30.02 22.55 -9.30
CA ARG J 253 30.68 21.79 -10.33
C ARG J 253 31.17 22.65 -11.48
N ASP J 254 32.38 22.37 -11.96
CA ASP J 254 32.93 22.95 -13.18
C ASP J 254 32.80 21.84 -14.18
N ASN J 255 31.92 21.98 -15.15
CA ASN J 255 31.70 20.84 -16.03
C ASN J 255 32.37 21.09 -17.34
N TRP J 256 33.35 21.97 -17.36
CA TRP J 256 33.94 22.30 -18.63
C TRP J 256 35.42 22.07 -18.70
N GLN J 257 36.17 22.73 -17.83
CA GLN J 257 37.61 22.68 -17.88
C GLN J 257 38.30 21.85 -16.83
N GLY J 258 37.70 21.65 -15.67
CA GLY J 258 38.54 20.92 -14.71
C GLY J 258 37.93 20.31 -13.47
N SER J 259 38.82 19.68 -12.71
CA SER J 259 38.51 18.87 -11.52
C SER J 259 38.62 19.60 -10.20
N ASN J 260 38.91 20.87 -10.35
CA ASN J 260 39.10 21.87 -9.32
C ASN J 260 37.75 22.51 -9.06
N ARG J 261 37.09 22.22 -7.96
CA ARG J 261 35.74 22.76 -7.81
C ARG J 261 35.72 24.27 -7.51
N PRO J 262 34.83 25.05 -8.15
CA PRO J 262 34.49 26.42 -7.86
C PRO J 262 33.83 26.60 -6.54
N VAL J 263 34.07 27.74 -5.92
CA VAL J 263 33.43 28.15 -4.68
C VAL J 263 32.83 29.54 -4.81
N ILE J 264 31.59 29.66 -4.38
CA ILE J 264 30.92 30.95 -4.42
C ILE J 264 30.63 31.43 -3.01
N GLN J 265 31.00 32.67 -2.75
CA GLN J 265 30.76 33.28 -1.45
C GLN J 265 29.69 34.34 -1.57
N ILE J 266 28.56 34.11 -0.91
CA ILE J 266 27.43 35.02 -1.00
C ILE J 266 27.13 35.74 0.28
N ASP J 267 26.98 37.05 0.20
CA ASP J 267 26.59 37.87 1.32
C ASP J 267 25.11 38.20 1.18
N PRO J 268 24.21 37.55 1.92
CA PRO J 268 22.78 37.65 1.79
C PRO J 268 22.21 38.96 2.25
N VAL J 269 23.00 39.75 2.95
CA VAL J 269 22.49 41.00 3.45
C VAL J 269 22.75 42.05 2.42
N ALA J 270 23.98 42.03 1.92
CA ALA J 270 24.37 42.97 0.90
C ALA J 270 23.81 42.54 -0.43
N MET J 271 23.55 41.25 -0.56
CA MET J 271 23.12 40.60 -1.76
C MET J 271 24.13 40.83 -2.85
N THR J 272 25.38 40.48 -2.50
CA THR J 272 26.53 40.53 -3.39
C THR J 272 27.32 39.24 -3.27
N HIS J 273 28.22 38.97 -4.22
CA HIS J 273 28.99 37.74 -4.13
C HIS J 273 30.30 37.78 -4.88
N THR J 274 31.17 36.84 -4.56
CA THR J 274 32.41 36.59 -5.29
C THR J 274 32.66 35.12 -5.54
N SER J 275 33.71 34.81 -6.30
CA SER J 275 34.03 33.41 -6.56
C SER J 275 35.51 33.14 -6.85
N GLN J 276 35.89 31.88 -6.63
CA GLN J 276 37.22 31.36 -6.89
C GLN J 276 37.19 29.86 -6.89
N TYR J 277 38.30 29.19 -7.14
CA TYR J 277 38.35 27.74 -7.04
C TYR J 277 38.99 27.34 -5.72
N ILE J 278 38.85 26.09 -5.32
CA ILE J 278 39.54 25.69 -4.11
C ILE J 278 41.03 25.55 -4.36
N CYS J 279 41.85 26.27 -3.60
CA CYS J 279 43.28 26.25 -3.82
C CYS J 279 43.89 25.08 -3.11
N SER J 280 43.68 23.88 -3.61
CA SER J 280 44.19 22.70 -2.91
C SER J 280 44.52 21.58 -3.89
N PRO J 281 45.65 20.88 -3.76
CA PRO J 281 46.08 19.78 -4.59
C PRO J 281 45.41 18.50 -4.15
N VAL J 282 44.11 18.58 -4.02
CA VAL J 282 43.24 17.50 -3.72
C VAL J 282 42.12 17.71 -4.70
N LEU J 283 42.05 16.92 -5.72
CA LEU J 283 41.01 17.17 -6.66
C LEU J 283 39.77 16.49 -6.17
N THR J 284 38.62 17.08 -6.43
CA THR J 284 37.42 16.45 -5.92
C THR J 284 36.37 16.11 -6.95
N ASP J 285 36.57 16.43 -8.21
CA ASP J 285 35.53 16.08 -9.15
C ASP J 285 35.73 14.65 -9.65
N ASN J 286 34.85 14.19 -10.51
CA ASN J 286 34.86 12.83 -11.04
C ASN J 286 34.34 12.78 -12.46
N PRO J 287 35.16 12.44 -13.43
CA PRO J 287 36.54 11.98 -13.42
C PRO J 287 37.51 13.08 -13.06
N ARG J 288 38.67 12.66 -12.59
CA ARG J 288 39.73 13.59 -12.29
C ARG J 288 41.08 13.00 -12.63
N PRO J 289 42.09 13.81 -12.92
CA PRO J 289 43.44 13.41 -13.14
C PRO J 289 43.98 13.13 -11.77
N ASN J 290 45.15 12.54 -11.70
CA ASN J 290 45.75 12.27 -10.41
C ASN J 290 46.18 13.52 -9.69
N ASP J 291 46.03 13.50 -8.38
CA ASP J 291 46.40 14.64 -7.55
C ASP J 291 47.84 15.14 -7.73
N PRO J 292 48.03 16.44 -8.00
CA PRO J 292 49.27 17.12 -8.19
C PRO J 292 49.89 17.40 -6.85
N ASN J 293 51.13 17.87 -6.82
CA ASN J 293 51.66 18.31 -5.55
C ASN J 293 51.18 19.71 -5.19
N ILE J 294 50.97 20.55 -6.20
CA ILE J 294 50.58 21.94 -5.97
C ILE J 294 49.30 22.25 -6.72
N GLY J 295 48.32 22.83 -6.04
CA GLY J 295 47.06 23.16 -6.70
C GLY J 295 47.05 24.59 -7.19
N LYS J 296 45.95 25.03 -7.75
CA LYS J 296 45.82 26.40 -8.23
C LYS J 296 44.37 26.80 -8.10
N CYS J 297 44.05 28.10 -8.10
CA CYS J 297 42.66 28.44 -7.92
C CYS J 297 42.00 29.62 -8.59
N ASN J 298 42.60 30.13 -9.62
CA ASN J 298 41.97 31.18 -10.36
C ASN J 298 41.90 30.69 -11.78
N ASP J 299 41.96 29.38 -11.88
CA ASP J 299 41.97 28.64 -13.10
C ASP J 299 41.65 27.19 -12.74
N PRO J 300 40.77 26.50 -13.46
CA PRO J 300 40.40 25.13 -13.25
C PRO J 300 41.58 24.21 -13.51
N TYR J 301 41.67 23.13 -12.78
CA TYR J 301 42.76 22.20 -12.98
C TYR J 301 42.39 21.24 -14.11
N PRO J 302 43.14 21.22 -15.22
CA PRO J 302 42.90 20.52 -16.47
C PRO J 302 43.14 19.04 -16.44
N GLY J 303 42.66 18.38 -17.49
CA GLY J 303 42.92 16.95 -17.73
C GLY J 303 41.68 16.13 -17.99
N ASN J 304 40.54 16.59 -17.53
CA ASN J 304 39.29 15.88 -17.74
C ASN J 304 38.21 16.87 -18.11
N ASN J 305 37.88 16.87 -19.39
CA ASN J 305 36.97 17.85 -19.94
C ASN J 305 35.55 17.38 -20.04
N ASN J 306 34.64 18.34 -20.06
CA ASN J 306 33.22 18.12 -20.33
C ASN J 306 32.55 17.09 -19.42
N ASN J 307 32.92 17.04 -18.16
CA ASN J 307 32.32 16.09 -17.26
C ASN J 307 32.46 16.55 -15.82
N GLY J 308 31.93 15.76 -14.90
CA GLY J 308 32.01 16.04 -13.46
C GLY J 308 30.70 15.77 -12.73
N VAL J 309 30.75 15.82 -11.41
CA VAL J 309 29.61 15.56 -10.54
C VAL J 309 29.41 16.61 -9.47
N LYS J 310 28.21 16.64 -8.92
CA LYS J 310 27.87 17.48 -7.80
C LYS J 310 28.57 16.96 -6.56
N GLY J 311 29.03 17.87 -5.72
CA GLY J 311 29.69 17.49 -4.48
C GLY J 311 29.72 18.65 -3.51
N PHE J 312 30.45 18.50 -2.42
CA PHE J 312 30.43 19.55 -1.42
C PHE J 312 31.70 19.60 -0.63
N SER J 313 31.81 20.69 0.11
CA SER J 313 32.89 20.89 1.02
C SER J 313 32.43 21.77 2.14
N TYR J 314 33.12 21.68 3.25
CA TYR J 314 32.94 22.59 4.37
C TYR J 314 34.23 23.30 4.56
N LEU J 315 34.21 24.59 4.35
CA LEU J 315 35.42 25.35 4.42
C LEU J 315 35.44 26.17 5.68
N ASP J 316 36.37 25.89 6.57
CA ASP J 316 36.42 26.57 7.84
C ASP J 316 37.83 26.65 8.40
N GLY J 317 38.75 27.11 7.58
CA GLY J 317 40.12 27.20 8.03
C GLY J 317 40.62 25.83 8.37
N ALA J 318 41.11 25.66 9.57
CA ALA J 318 41.62 24.37 9.98
C ALA J 318 40.54 23.30 9.97
N ASN J 319 39.30 23.66 10.26
CA ASN J 319 38.20 22.71 10.37
C ASN J 319 37.58 22.49 9.01
N THR J 320 38.40 22.10 8.06
CA THR J 320 37.97 21.94 6.69
C THR J 320 37.96 20.52 6.21
N TRP J 321 36.82 20.15 5.67
CA TRP J 321 36.61 18.82 5.14
C TRP J 321 36.13 18.84 3.70
N LEU J 322 36.64 17.94 2.88
CA LEU J 322 36.23 17.85 1.49
C LEU J 322 35.65 16.48 1.20
N GLY J 323 34.63 16.39 0.35
CA GLY J 323 34.18 15.05 -0.02
C GLY J 323 34.55 14.70 -1.46
N ARG J 324 34.74 13.42 -1.74
CA ARG J 324 35.01 12.97 -3.12
C ARG J 324 34.82 11.48 -3.28
N THR J 325 34.81 11.00 -4.52
CA THR J 325 34.71 9.58 -4.83
C THR J 325 36.06 8.95 -4.65
N ILE J 326 36.14 7.63 -4.66
CA ILE J 326 37.44 7.02 -4.51
C ILE J 326 38.04 6.88 -5.86
N SER J 327 37.24 6.40 -6.78
CA SER J 327 37.67 6.21 -8.13
C SER J 327 37.90 7.54 -8.76
N THR J 328 38.89 7.60 -9.64
CA THR J 328 39.19 8.79 -10.37
C THR J 328 38.56 8.74 -11.73
N ALA J 329 38.01 7.58 -12.08
CA ALA J 329 37.44 7.38 -13.40
C ALA J 329 35.95 7.07 -13.39
N SER J 330 35.37 6.84 -12.23
CA SER J 330 33.99 6.43 -12.21
C SER J 330 33.29 6.84 -10.95
N ARG J 331 31.97 6.82 -10.96
CA ARG J 331 31.27 7.22 -9.76
C ARG J 331 31.19 6.08 -8.77
N SER J 332 32.32 5.80 -8.14
CA SER J 332 32.52 4.72 -7.21
C SER J 332 33.25 5.09 -5.94
N GLY J 333 32.65 4.67 -4.84
CA GLY J 333 33.18 4.90 -3.52
C GLY J 333 32.91 6.31 -3.06
N TYR J 334 33.26 6.60 -1.81
CA TYR J 334 33.12 7.95 -1.33
C TYR J 334 33.90 8.12 -0.04
N GLU J 335 34.62 9.23 0.08
CA GLU J 335 35.37 9.52 1.28
C GLU J 335 35.35 10.96 1.70
N MET J 336 35.59 11.17 2.98
CA MET J 336 35.74 12.50 3.55
C MET J 336 37.17 12.75 3.98
N LEU J 337 37.73 13.87 3.58
CA LEU J 337 39.09 14.18 3.95
C LEU J 337 39.21 15.49 4.67
N LYS J 338 39.96 15.47 5.76
CA LYS J 338 40.22 16.68 6.53
C LYS J 338 41.48 17.26 5.98
N VAL J 339 41.33 18.40 5.33
CA VAL J 339 42.39 19.10 4.61
C VAL J 339 42.43 20.57 5.02
N PRO J 340 43.18 20.92 6.06
CA PRO J 340 43.20 22.22 6.65
C PRO J 340 43.51 23.29 5.65
N ASN J 341 42.77 24.36 5.74
CA ASN J 341 42.93 25.53 4.90
C ASN J 341 42.87 25.23 3.42
N ALA J 342 42.10 24.22 3.02
CA ALA J 342 42.02 23.87 1.60
C ALA J 342 41.59 25.02 0.74
N LEU J 343 40.77 25.90 1.22
CA LEU J 343 40.36 26.96 0.33
C LEU J 343 41.51 27.80 -0.15
N THR J 344 42.53 28.05 0.68
CA THR J 344 43.61 28.95 0.28
C THR J 344 45.02 28.36 0.19
N ASP J 345 45.27 27.21 0.81
CA ASP J 345 46.61 26.62 0.84
C ASP J 345 46.85 25.61 -0.27
N ASP J 346 47.62 25.99 -1.29
CA ASP J 346 47.80 25.18 -2.48
C ASP J 346 48.76 24.03 -2.32
N ARG J 347 49.27 23.84 -1.13
CA ARG J 347 50.09 22.69 -0.84
C ARG J 347 49.49 21.86 0.29
N SER J 348 48.26 22.15 0.68
CA SER J 348 47.64 21.40 1.76
C SER J 348 47.30 20.00 1.34
N LYS J 349 47.49 19.05 2.25
CA LYS J 349 47.18 17.64 2.04
C LYS J 349 46.39 17.12 3.23
N PRO J 350 45.62 16.04 3.10
CA PRO J 350 44.83 15.46 4.15
C PRO J 350 45.62 15.06 5.36
N ILE J 351 45.03 15.29 6.52
CA ILE J 351 45.64 14.90 7.78
C ILE J 351 44.80 13.88 8.52
N GLN J 352 43.57 13.72 8.09
CA GLN J 352 42.64 12.77 8.70
C GLN J 352 41.56 12.44 7.69
N GLY J 353 40.93 11.29 7.79
CA GLY J 353 39.77 11.08 6.91
C GLY J 353 38.89 9.92 7.30
N GLN J 354 37.82 9.71 6.54
CA GLN J 354 36.86 8.65 6.82
C GLN J 354 36.27 8.10 5.53
N THR J 355 36.19 6.78 5.43
CA THR J 355 35.59 6.15 4.25
C THR J 355 34.12 5.99 4.47
N ILE J 356 33.31 6.36 3.49
CA ILE J 356 31.88 6.26 3.65
C ILE J 356 31.36 5.08 2.83
N VAL J 357 31.80 5.04 1.59
CA VAL J 357 31.39 4.06 0.62
C VAL J 357 32.64 3.43 0.02
N LEU J 358 32.66 2.12 -0.11
CA LEU J 358 33.82 1.44 -0.65
C LEU J 358 33.86 1.63 -2.13
N ASN J 359 35.02 1.53 -2.75
CA ASN J 359 35.11 1.72 -4.20
C ASN J 359 34.56 0.54 -4.97
N ALA J 360 34.18 -0.48 -4.26
CA ALA J 360 33.56 -1.62 -4.86
C ALA J 360 32.08 -1.33 -5.08
N ASP J 361 31.57 -0.29 -4.42
CA ASP J 361 30.17 0.08 -4.46
C ASP J 361 29.93 1.30 -5.31
N TRP J 362 28.79 1.32 -5.97
CA TRP J 362 28.51 2.49 -6.78
C TRP J 362 28.15 3.66 -5.91
N SER J 363 28.59 4.84 -6.32
CA SER J 363 28.32 6.10 -5.65
C SER J 363 27.42 6.94 -6.51
N GLY J 364 27.49 8.25 -6.34
CA GLY J 364 26.59 9.16 -7.05
C GLY J 364 26.80 10.58 -6.62
N TYR J 365 25.79 11.43 -6.76
CA TYR J 365 25.95 12.82 -6.41
C TYR J 365 25.97 12.98 -4.92
N SER J 366 26.67 13.98 -4.44
CA SER J 366 26.63 14.24 -3.01
C SER J 366 26.42 15.70 -2.76
N GLY J 367 26.11 16.04 -1.53
CA GLY J 367 25.91 17.45 -1.20
C GLY J 367 25.75 17.69 0.28
N SER J 368 25.70 18.96 0.66
CA SER J 368 25.59 19.35 2.07
C SER J 368 24.21 19.78 2.51
N PHE J 369 23.96 19.73 3.82
CA PHE J 369 22.75 20.26 4.41
C PHE J 369 22.95 20.55 5.89
N MET J 370 22.07 21.35 6.47
CA MET J 370 22.10 21.60 7.92
C MET J 370 20.77 21.78 8.58
N ASP J 371 20.70 21.45 9.85
CA ASP J 371 19.54 21.76 10.64
C ASP J 371 19.81 23.08 11.31
N TYR J 372 19.14 24.13 10.87
CA TYR J 372 19.43 25.46 11.35
C TYR J 372 18.58 25.85 12.52
N TRP J 373 17.76 24.91 13.00
CA TRP J 373 16.88 25.15 14.11
C TRP J 373 17.24 24.34 15.34
N ALA J 374 18.33 23.60 15.27
CA ALA J 374 18.77 22.76 16.37
C ALA J 374 19.32 23.60 17.52
N GLU J 375 19.18 23.11 18.74
CA GLU J 375 19.72 23.77 19.91
C GLU J 375 21.24 23.66 19.97
N GLY J 376 21.90 24.69 20.48
CA GLY J 376 23.35 24.67 20.62
C GLY J 376 23.94 25.97 20.13
N ASP J 377 25.24 26.12 20.25
CA ASP J 377 25.96 27.32 19.83
C ASP J 377 26.66 27.22 18.48
N CYS J 378 26.41 26.13 17.78
CA CYS J 378 27.00 25.89 16.50
C CYS J 378 26.11 25.01 15.65
N TYR J 379 26.40 24.96 14.37
CA TYR J 379 25.64 24.12 13.50
C TYR J 379 26.33 22.82 13.28
N ARG J 380 25.57 21.75 13.31
CA ARG J 380 26.16 20.47 13.07
C ARG J 380 26.14 20.26 11.59
N ALA J 381 27.30 20.18 10.98
CA ALA J 381 27.38 19.99 9.55
C ALA J 381 26.91 18.63 9.15
N CYS J 382 26.17 18.50 8.03
CA CYS J 382 25.78 17.19 7.56
C CYS J 382 25.92 17.08 6.04
N PHE J 383 25.88 15.86 5.53
CA PHE J 383 25.94 15.67 4.10
C PHE J 383 25.25 14.41 3.66
N TYR J 384 24.98 14.30 2.38
CA TYR J 384 24.38 13.10 1.86
C TYR J 384 25.05 12.61 0.60
N VAL J 385 24.90 11.31 0.35
CA VAL J 385 25.38 10.68 -0.86
C VAL J 385 24.31 9.83 -1.55
N GLU J 386 24.16 10.04 -2.85
CA GLU J 386 23.28 9.28 -3.71
C GLU J 386 23.99 8.01 -4.12
N LEU J 387 23.34 6.88 -4.01
CA LEU J 387 23.95 5.65 -4.47
C LEU J 387 23.23 5.18 -5.71
N ILE J 388 23.88 5.22 -6.85
CA ILE J 388 23.19 4.91 -8.09
C ILE J 388 23.29 3.48 -8.54
N ARG J 389 22.16 2.88 -8.82
CA ARG J 389 22.08 1.51 -9.30
C ARG J 389 21.38 1.47 -10.64
N GLY J 390 21.68 0.44 -11.41
CA GLY J 390 21.04 0.29 -12.71
C GLY J 390 21.88 0.91 -13.81
N ARG J 391 21.23 1.21 -14.90
CA ARG J 391 21.97 1.68 -16.03
C ARG J 391 22.59 3.01 -15.69
N PRO J 392 23.69 3.36 -16.31
CA PRO J 392 24.47 2.69 -17.32
C PRO J 392 25.49 1.70 -16.81
N LYS J 393 25.55 1.42 -15.52
CA LYS J 393 26.63 0.54 -15.09
C LYS J 393 26.14 -0.87 -15.02
N GLU J 394 24.88 -1.04 -14.74
CA GLU J 394 24.28 -2.34 -14.65
C GLU J 394 23.31 -2.46 -15.79
N ASP J 395 23.69 -3.23 -16.80
CA ASP J 395 22.95 -3.34 -18.04
C ASP J 395 22.01 -4.52 -18.07
N LYS J 396 21.80 -5.12 -16.93
CA LYS J 396 20.94 -6.27 -16.85
C LYS J 396 19.51 -5.83 -16.63
N VAL J 397 19.34 -4.58 -16.31
CA VAL J 397 18.03 -4.02 -16.08
C VAL J 397 17.87 -2.85 -16.99
N TRP J 398 16.62 -2.43 -17.21
CA TRP J 398 16.37 -1.31 -18.15
C TRP J 398 16.02 -0.03 -17.39
N TRP J 399 16.15 -0.05 -16.06
CA TRP J 399 15.90 1.12 -15.25
C TRP J 399 17.12 1.65 -14.60
N THR J 400 16.94 2.79 -13.93
CA THR J 400 17.94 3.42 -13.09
C THR J 400 17.29 3.86 -11.82
N SER J 401 18.00 3.85 -10.71
CA SER J 401 17.43 4.32 -9.45
C SER J 401 18.50 4.63 -8.45
N ASN J 402 18.12 5.19 -7.33
CA ASN J 402 19.12 5.45 -6.32
C ASN J 402 18.61 5.18 -4.93
N SER J 403 19.55 4.91 -4.04
CA SER J 403 19.24 4.83 -2.62
C SER J 403 19.98 5.99 -1.98
N ILE J 404 19.53 6.44 -0.82
CA ILE J 404 20.25 7.55 -0.16
C ILE J 404 20.69 7.33 1.25
N VAL J 405 21.93 7.73 1.51
CA VAL J 405 22.53 7.67 2.84
C VAL J 405 23.04 9.04 3.25
N SER J 406 22.88 9.41 4.52
CA SER J 406 23.39 10.70 4.97
C SER J 406 23.98 10.61 6.35
N MET J 407 24.91 11.54 6.62
CA MET J 407 25.68 11.58 7.85
C MET J 407 25.88 12.97 8.40
N CYS J 408 26.06 13.04 9.71
CA CYS J 408 26.35 14.29 10.38
C CYS J 408 27.62 14.27 11.16
N SER J 409 28.19 15.43 11.37
CA SER J 409 29.40 15.51 12.14
C SER J 409 29.20 15.30 13.60
N SER J 410 30.31 15.02 14.25
CA SER J 410 30.47 14.83 15.68
C SER J 410 31.81 15.37 16.12
N THR J 411 31.87 15.78 17.37
CA THR J 411 33.09 16.28 17.97
C THR J 411 33.88 15.15 18.60
N GLU J 412 33.32 13.96 18.59
CA GLU J 412 33.97 12.81 19.15
C GLU J 412 34.68 12.06 18.06
N PHE J 413 35.64 11.26 18.42
CA PHE J 413 36.27 10.44 17.42
C PHE J 413 35.60 9.10 17.47
N LEU J 414 34.82 8.83 16.45
CA LEU J 414 33.99 7.65 16.30
C LEU J 414 34.60 6.74 15.26
N GLY J 415 34.19 5.48 15.24
CA GLY J 415 34.71 4.53 14.27
C GLY J 415 34.02 4.68 12.93
N GLN J 416 34.34 3.83 11.97
CA GLN J 416 33.75 3.95 10.65
C GLN J 416 33.24 2.63 10.14
N TRP J 417 32.29 2.71 9.23
CA TRP J 417 31.68 1.53 8.67
C TRP J 417 31.35 1.79 7.23
N ASN J 418 30.81 0.82 6.54
CA ASN J 418 30.52 1.02 5.14
C ASN J 418 29.06 1.17 4.92
N TRP J 419 28.66 1.97 3.95
CA TRP J 419 27.24 2.08 3.72
C TRP J 419 26.74 1.86 2.28
N PRO J 420 26.77 0.63 1.78
CA PRO J 420 26.25 0.17 0.50
C PRO J 420 24.75 0.19 0.57
N ASP J 421 24.05 0.14 -0.58
CA ASP J 421 22.60 0.07 -0.52
C ASP J 421 22.11 -1.33 -0.18
N GLY J 422 22.89 -2.32 -0.56
CA GLY J 422 22.62 -3.72 -0.29
C GLY J 422 21.65 -4.36 -1.23
N ALA J 423 21.49 -3.85 -2.43
CA ALA J 423 20.53 -4.49 -3.31
C ALA J 423 21.22 -5.50 -4.23
N LYS J 424 20.56 -6.65 -4.43
CA LYS J 424 21.05 -7.68 -5.33
C LYS J 424 20.44 -7.47 -6.69
N ILE J 425 21.24 -7.14 -7.68
CA ILE J 425 20.64 -6.80 -8.95
C ILE J 425 19.97 -8.00 -9.55
N GLU J 426 20.48 -9.19 -9.30
CA GLU J 426 19.94 -10.39 -9.87
C GLU J 426 18.53 -10.68 -9.45
N TYR J 427 18.07 -10.10 -8.37
CA TYR J 427 16.73 -10.35 -7.90
C TYR J 427 15.72 -9.69 -8.80
N PHE J 428 16.16 -8.72 -9.57
CA PHE J 428 15.31 -7.95 -10.44
C PHE J 428 15.34 -8.52 -11.85
N LEU J 429 16.02 -9.63 -12.03
CA LEU J 429 16.12 -10.20 -13.35
C LEU J 429 15.23 -11.41 -13.46
N GLN K 1 29.57 33.19 -51.67
CA GLN K 1 29.26 31.90 -51.09
C GLN K 1 30.39 31.32 -50.26
N VAL K 2 30.11 31.08 -49.00
CA VAL K 2 31.08 30.51 -48.09
C VAL K 2 31.48 29.10 -48.49
N GLN K 3 32.77 28.87 -48.46
CA GLN K 3 33.33 27.57 -48.78
C GLN K 3 33.93 26.96 -47.54
N LEU K 4 33.85 25.65 -47.44
CA LEU K 4 34.49 24.97 -46.34
C LEU K 4 35.46 23.93 -46.83
N GLU K 5 36.63 23.85 -46.20
CA GLU K 5 37.54 22.78 -46.57
C GLU K 5 38.36 22.21 -45.44
N GLU K 6 38.28 20.89 -45.30
CA GLU K 6 38.99 20.13 -44.30
C GLU K 6 40.44 19.85 -44.66
N SER K 7 41.31 19.89 -43.67
CA SER K 7 42.69 19.47 -43.87
C SER K 7 43.26 18.87 -42.58
N GLY K 8 44.30 18.07 -42.73
CA GLY K 8 44.93 17.45 -41.58
C GLY K 8 45.47 16.11 -42.02
N PRO K 9 46.06 15.32 -41.13
CA PRO K 9 46.66 14.05 -41.40
C PRO K 9 45.57 13.07 -41.73
N GLY K 10 45.87 12.12 -42.61
CA GLY K 10 44.91 11.06 -42.93
C GLY K 10 45.20 9.81 -42.14
N LEU K 11 46.20 9.89 -41.28
CA LEU K 11 46.61 8.75 -40.50
C LEU K 11 47.07 9.13 -39.12
N VAL K 12 46.47 8.49 -38.16
CA VAL K 12 46.77 8.67 -36.76
C VAL K 12 47.00 7.29 -36.16
N LYS K 13 47.91 7.16 -35.19
CA LYS K 13 48.10 5.86 -34.61
C LYS K 13 47.08 5.68 -33.50
N PRO K 14 46.73 4.47 -33.11
CA PRO K 14 45.86 4.21 -32.01
C PRO K 14 46.39 4.88 -30.78
N SER K 15 45.49 5.39 -29.96
CA SER K 15 45.72 6.10 -28.70
C SER K 15 46.12 7.56 -28.85
N GLU K 16 46.50 7.98 -30.05
CA GLU K 16 46.92 9.35 -30.28
C GLU K 16 45.76 10.29 -30.46
N THR K 17 46.00 11.58 -30.28
CA THR K 17 44.96 12.55 -30.55
C THR K 17 44.91 12.90 -32.02
N LEU K 18 43.73 12.88 -32.57
CA LEU K 18 43.48 13.27 -33.94
C LEU K 18 43.17 14.73 -34.00
N SER K 19 43.75 15.45 -34.94
CA SER K 19 43.43 16.86 -35.07
C SER K 19 43.16 17.30 -36.50
N LEU K 20 41.93 17.74 -36.75
CA LEU K 20 41.52 18.19 -38.08
C LEU K 20 41.11 19.65 -38.08
N THR K 21 41.45 20.35 -39.14
CA THR K 21 41.09 21.76 -39.23
C THR K 21 40.26 22.07 -40.46
N CYS K 22 39.21 22.83 -40.25
CA CYS K 22 38.38 23.26 -41.36
C CYS K 22 38.57 24.74 -41.59
N THR K 23 38.94 25.08 -42.81
CA THR K 23 39.16 26.48 -43.16
C THR K 23 37.93 27.04 -43.79
N VAL K 24 37.52 28.20 -43.32
CA VAL K 24 36.34 28.83 -43.86
C VAL K 24 36.75 29.98 -44.70
N SER K 25 36.22 30.09 -45.90
CA SER K 25 36.54 31.23 -46.70
C SER K 25 35.30 31.80 -47.33
N GLY K 26 35.32 33.11 -47.54
CA GLY K 26 34.16 33.78 -48.14
C GLY K 26 33.18 34.25 -47.06
N TYR K 27 33.54 34.08 -45.80
CA TYR K 27 32.70 34.49 -44.69
C TYR K 27 33.53 34.71 -43.43
N THR K 28 33.19 35.72 -42.65
CA THR K 28 33.90 35.93 -41.40
C THR K 28 33.16 35.17 -40.31
N ILE K 29 33.84 34.23 -39.66
CA ILE K 29 33.14 33.35 -38.74
C ILE K 29 32.80 34.01 -37.41
N SER K 30 33.36 35.17 -37.19
CA SER K 30 33.10 35.92 -35.98
C SER K 30 31.67 36.44 -36.00
N SER K 31 31.02 36.35 -37.16
CA SER K 31 29.67 36.81 -37.33
C SER K 31 28.64 35.91 -36.65
N GLY K 32 29.00 34.67 -36.25
CA GLY K 32 28.05 33.86 -35.49
C GLY K 32 27.41 32.57 -36.00
N TYR K 33 27.61 32.14 -37.21
CA TYR K 33 26.97 30.85 -37.54
C TYR K 33 27.68 29.78 -36.76
N TYR K 34 27.01 28.67 -36.47
CA TYR K 34 27.70 27.58 -35.79
C TYR K 34 28.44 26.76 -36.78
N TRP K 35 29.56 26.25 -36.36
CA TRP K 35 30.33 25.44 -37.25
C TRP K 35 30.59 24.14 -36.56
N GLY K 36 30.62 23.05 -37.28
CA GLY K 36 30.84 21.79 -36.60
C GLY K 36 31.26 20.65 -37.47
N TRP K 37 31.21 19.46 -36.88
CA TRP K 37 31.68 18.27 -37.55
C TRP K 37 30.75 17.07 -37.51
N ILE K 38 30.79 16.33 -38.62
CA ILE K 38 30.05 15.10 -38.89
C ILE K 38 30.97 13.96 -39.26
N ARG K 39 30.70 12.79 -38.74
CA ARG K 39 31.49 11.63 -39.05
C ARG K 39 30.74 10.58 -39.85
N GLN K 40 31.43 9.93 -40.77
CA GLN K 40 30.83 8.85 -41.53
C GLN K 40 31.77 7.67 -41.74
N PRO K 41 31.68 6.60 -40.94
CA PRO K 41 32.51 5.44 -41.03
C PRO K 41 32.31 4.98 -42.47
N PRO K 42 33.28 4.33 -43.10
CA PRO K 42 33.24 3.94 -44.50
C PRO K 42 31.98 3.22 -45.00
N GLY K 43 31.39 2.37 -44.18
CA GLY K 43 30.19 1.65 -44.59
C GLY K 43 28.95 2.04 -43.83
N LYS K 44 28.99 3.14 -43.11
CA LYS K 44 27.87 3.51 -42.26
C LYS K 44 27.20 4.82 -42.62
N GLY K 45 26.22 5.19 -41.80
CA GLY K 45 25.48 6.42 -41.99
C GLY K 45 26.19 7.56 -41.30
N LEU K 46 25.46 8.64 -41.07
CA LEU K 46 26.10 9.80 -40.52
C LEU K 46 25.94 9.90 -39.03
N GLU K 47 26.97 10.43 -38.38
CA GLU K 47 26.96 10.70 -36.96
C GLU K 47 27.39 12.12 -36.64
N TRP K 48 26.61 12.82 -35.87
CA TRP K 48 26.99 14.18 -35.51
C TRP K 48 28.00 14.17 -34.40
N ILE K 49 29.04 15.00 -34.48
CA ILE K 49 29.99 15.06 -33.40
C ILE K 49 29.72 16.22 -32.51
N GLY K 50 29.56 17.38 -33.12
CA GLY K 50 29.39 18.58 -32.34
C GLY K 50 29.53 19.83 -33.17
N CYS K 51 29.31 20.97 -32.50
CA CYS K 51 29.45 22.27 -33.15
C CYS K 51 29.76 23.33 -32.14
N ASN K 52 30.24 24.48 -32.60
CA ASN K 52 30.52 25.60 -31.72
C ASN K 52 30.39 26.93 -32.45
N ASN K 53 30.61 28.01 -31.74
CA ASN K 53 30.57 29.34 -32.32
C ASN K 53 31.67 30.18 -31.72
N HIS K 54 31.67 31.46 -32.02
CA HIS K 54 32.74 32.31 -31.59
C HIS K 54 32.70 32.68 -30.12
N ARG K 55 31.64 32.29 -29.43
CA ARG K 55 31.52 32.60 -28.03
C ARG K 55 31.75 31.35 -27.21
N GLY K 56 32.05 30.25 -27.89
CA GLY K 56 32.29 28.99 -27.21
C GLY K 56 31.02 28.24 -26.76
N SER K 57 29.84 28.57 -27.28
CA SER K 57 28.64 27.89 -26.81
C SER K 57 28.45 26.56 -27.49
N SER K 58 29.32 25.64 -27.15
CA SER K 58 29.39 24.35 -27.77
C SER K 58 28.29 23.38 -27.45
N TYR K 59 28.10 22.46 -28.39
CA TYR K 59 27.24 21.32 -28.25
C TYR K 59 28.00 20.09 -28.69
N TYR K 60 27.89 19.00 -27.95
CA TYR K 60 28.58 17.78 -28.35
C TYR K 60 27.72 16.56 -28.22
N ASN K 61 28.04 15.57 -29.02
CA ASN K 61 27.42 14.27 -28.94
C ASN K 61 27.83 13.63 -27.63
N PRO K 62 26.91 13.28 -26.73
CA PRO K 62 27.18 12.72 -25.43
C PRO K 62 28.07 11.49 -25.44
N SER K 63 28.12 10.77 -26.55
CA SER K 63 28.95 9.58 -26.58
C SER K 63 30.41 9.92 -26.78
N LEU K 64 30.68 11.12 -27.24
CA LEU K 64 32.02 11.56 -27.52
C LEU K 64 32.49 12.63 -26.57
N LYS K 65 31.58 13.36 -25.98
CA LYS K 65 32.02 14.46 -25.17
C LYS K 65 32.93 13.91 -24.13
N SER K 66 33.96 14.67 -23.84
CA SER K 66 35.06 14.41 -22.90
C SER K 66 36.24 13.81 -23.61
N ARG K 67 36.00 13.30 -24.79
CA ARG K 67 37.03 12.79 -25.65
C ARG K 67 37.29 13.82 -26.74
N VAL K 68 36.22 14.54 -27.09
CA VAL K 68 36.26 15.50 -28.18
C VAL K 68 36.15 16.96 -27.78
N ILE K 69 36.99 17.77 -28.43
CA ILE K 69 37.00 19.22 -28.32
C ILE K 69 36.84 19.91 -29.67
N ILE K 70 35.91 20.84 -29.76
CA ILE K 70 35.75 21.65 -30.95
C ILE K 70 35.97 23.10 -30.61
N SER K 71 36.83 23.78 -31.35
CA SER K 71 37.11 25.16 -31.04
C SER K 71 37.11 26.05 -32.27
N VAL K 72 36.88 27.34 -32.02
CA VAL K 72 36.79 28.32 -33.08
C VAL K 72 37.82 29.43 -33.01
N ASP K 73 38.58 29.60 -34.07
CA ASP K 73 39.59 30.63 -34.20
C ASP K 73 39.07 31.73 -35.10
N THR K 74 38.54 32.79 -34.51
CA THR K 74 37.94 33.78 -35.36
C THR K 74 38.96 34.59 -36.12
N THR K 75 40.14 34.73 -35.55
CA THR K 75 41.18 35.53 -36.16
C THR K 75 41.53 35.01 -37.53
N LYS K 76 41.67 33.70 -37.64
CA LYS K 76 42.05 33.12 -38.90
C LYS K 76 40.90 32.48 -39.68
N ASN K 77 39.66 32.66 -39.24
CA ASN K 77 38.52 32.00 -39.87
C ASN K 77 38.68 30.49 -39.98
N LYS K 78 39.12 29.88 -38.90
CA LYS K 78 39.28 28.44 -38.89
C LYS K 78 38.65 27.81 -37.69
N PHE K 79 38.25 26.58 -37.81
CA PHE K 79 37.76 25.89 -36.65
C PHE K 79 38.33 24.51 -36.67
N SER K 80 38.42 23.89 -35.51
CA SER K 80 39.04 22.58 -35.52
C SER K 80 38.50 21.61 -34.53
N LEU K 81 38.74 20.37 -34.85
CA LEU K 81 38.31 19.22 -34.11
C LEU K 81 39.42 18.38 -33.56
N LYS K 82 39.36 18.08 -32.27
CA LYS K 82 40.35 17.20 -31.70
C LYS K 82 39.75 16.05 -30.94
N LEU K 83 40.25 14.84 -31.18
CA LEU K 83 39.76 13.67 -30.43
C LEU K 83 40.86 12.85 -29.85
N SER K 84 40.85 12.72 -28.54
CA SER K 84 41.87 11.97 -27.87
C SER K 84 41.62 10.50 -27.97
N SER K 85 42.67 9.72 -27.72
CA SER K 85 42.56 8.28 -27.65
C SER K 85 41.86 7.63 -28.82
N VAL K 86 42.30 7.91 -30.04
CA VAL K 86 41.62 7.30 -31.17
C VAL K 86 41.76 5.79 -31.23
N THR K 87 40.72 5.15 -31.73
CA THR K 87 40.77 3.71 -31.90
C THR K 87 40.38 3.27 -33.29
N ALA K 88 40.36 1.99 -33.52
CA ALA K 88 40.07 1.49 -34.87
C ALA K 88 38.71 1.93 -35.36
N ALA K 89 37.77 2.03 -34.44
CA ALA K 89 36.39 2.40 -34.69
C ALA K 89 36.24 3.83 -35.16
N ASP K 90 37.28 4.63 -35.02
CA ASP K 90 37.20 6.02 -35.39
C ASP K 90 37.63 6.24 -36.82
N THR K 91 37.93 5.17 -37.55
CA THR K 91 38.26 5.39 -38.94
C THR K 91 36.98 5.84 -39.60
N ALA K 92 37.04 6.97 -40.27
CA ALA K 92 35.84 7.52 -40.86
C ALA K 92 36.13 8.68 -41.74
N VAL K 93 35.14 9.06 -42.51
CA VAL K 93 35.24 10.30 -43.22
C VAL K 93 34.73 11.39 -42.31
N TYR K 94 35.48 12.45 -42.19
CA TYR K 94 35.06 13.54 -41.37
C TYR K 94 34.70 14.69 -42.27
N TYR K 95 33.63 15.38 -41.92
CA TYR K 95 33.21 16.54 -42.69
C TYR K 95 33.02 17.70 -41.78
N CYS K 96 33.34 18.88 -42.26
CA CYS K 96 32.99 20.05 -41.50
C CYS K 96 31.77 20.67 -42.16
N ALA K 97 30.96 21.34 -41.37
CA ALA K 97 29.75 21.95 -41.92
C ALA K 97 29.28 23.20 -41.19
N ARG K 98 28.51 24.01 -41.88
CA ARG K 98 27.89 25.20 -41.29
C ARG K 98 26.47 24.90 -40.87
N ASP K 99 26.11 25.41 -39.70
CA ASP K 99 24.80 25.27 -39.09
C ASP K 99 24.20 26.64 -38.64
N PRO K 100 23.15 27.16 -39.31
CA PRO K 100 22.48 28.43 -39.04
C PRO K 100 21.41 28.35 -37.97
N SER K 101 21.44 27.28 -37.18
CA SER K 101 20.46 27.06 -36.13
C SER K 101 20.65 28.00 -34.99
N PHE K 102 19.68 27.98 -34.11
CA PHE K 102 19.65 28.74 -32.88
C PHE K 102 19.56 30.22 -33.17
N TRP K 103 19.11 30.55 -34.36
CA TRP K 103 18.96 31.91 -34.83
C TRP K 103 20.27 32.65 -34.89
N SER K 104 21.36 31.89 -34.90
CA SER K 104 22.71 32.36 -34.95
C SER K 104 23.06 33.04 -36.25
N SER K 105 22.23 32.81 -37.25
CA SER K 105 22.34 33.37 -38.58
C SER K 105 21.88 34.81 -38.62
N THR K 106 21.32 35.27 -37.51
CA THR K 106 20.73 36.58 -37.29
C THR K 106 19.39 36.69 -37.99
N SER K 107 18.50 35.81 -37.56
CA SER K 107 17.12 35.80 -38.03
C SER K 107 16.25 35.09 -37.05
N ARG K 108 15.07 35.62 -36.79
CA ARG K 108 14.15 34.97 -35.88
C ARG K 108 12.96 34.41 -36.61
N THR K 109 13.09 34.31 -37.92
CA THR K 109 12.04 33.76 -38.74
C THR K 109 12.40 32.35 -39.11
N SER K 110 13.61 31.97 -38.74
CA SER K 110 14.15 30.67 -39.04
C SER K 110 13.67 29.67 -38.01
N PRO K 111 13.63 28.40 -38.34
CA PRO K 111 13.41 27.32 -37.42
C PRO K 111 14.48 27.40 -36.38
N TYR K 112 14.16 27.11 -35.14
CA TYR K 112 15.20 27.17 -34.14
C TYR K 112 16.23 26.12 -34.46
N TYR K 113 15.78 24.92 -34.77
CA TYR K 113 16.72 23.88 -35.15
C TYR K 113 16.61 23.83 -36.65
N TYR K 114 17.68 24.12 -37.37
CA TYR K 114 17.56 24.21 -38.80
C TYR K 114 18.07 23.00 -39.52
N GLY K 115 19.39 22.81 -39.50
CA GLY K 115 20.04 21.72 -40.21
C GLY K 115 21.36 22.20 -40.72
N MET K 116 22.07 21.39 -41.47
CA MET K 116 23.39 21.81 -41.93
C MET K 116 23.40 22.07 -43.41
N ASP K 117 23.47 23.33 -43.79
CA ASP K 117 23.35 23.67 -45.20
C ASP K 117 24.65 23.72 -45.96
N VAL K 118 25.77 23.92 -45.28
CA VAL K 118 27.00 24.02 -46.06
C VAL K 118 27.95 22.96 -45.63
N TRP K 119 28.38 22.15 -46.55
CA TRP K 119 29.29 21.06 -46.23
C TRP K 119 30.59 21.19 -46.98
N GLY K 120 31.67 20.77 -46.35
CA GLY K 120 32.95 20.71 -47.05
C GLY K 120 32.96 19.38 -47.79
N GLN K 121 34.03 19.07 -48.52
CA GLN K 121 34.03 17.79 -49.21
C GLN K 121 34.39 16.63 -48.30
N GLY K 122 35.03 16.93 -47.17
CA GLY K 122 35.37 15.90 -46.21
C GLY K 122 36.74 15.31 -46.44
N THR K 123 37.21 14.59 -45.45
CA THR K 123 38.50 13.93 -45.50
C THR K 123 38.45 12.58 -44.85
N LEU K 124 39.28 11.67 -45.29
CA LEU K 124 39.31 10.35 -44.68
C LEU K 124 40.45 10.15 -43.74
N VAL K 125 40.12 9.74 -42.53
CA VAL K 125 41.11 9.48 -41.53
C VAL K 125 41.13 8.04 -41.11
N THR K 126 42.31 7.45 -41.19
CA THR K 126 42.54 6.08 -40.80
C THR K 126 43.24 5.97 -39.48
N VAL K 127 42.76 5.07 -38.62
CA VAL K 127 43.47 4.85 -37.39
C VAL K 127 44.14 3.50 -37.51
N SER K 128 45.47 3.48 -37.47
CA SER K 128 46.16 2.22 -37.69
C SER K 128 47.59 2.20 -37.22
N SER K 129 48.16 1.02 -37.14
CA SER K 129 49.54 0.85 -36.74
C SER K 129 50.49 1.01 -37.93
N VAL L 3 18.47 7.18 -31.85
CA VAL L 3 18.60 6.78 -33.24
C VAL L 3 17.24 6.69 -33.88
N LEU L 4 17.13 7.19 -35.11
CA LEU L 4 15.87 7.15 -35.82
C LEU L 4 15.84 5.89 -36.66
N THR L 5 14.68 5.37 -36.97
CA THR L 5 14.59 4.19 -37.80
C THR L 5 14.21 4.48 -39.23
N GLN L 6 14.96 3.89 -40.15
CA GLN L 6 14.69 3.98 -41.57
C GLN L 6 14.74 2.59 -42.16
N PRO L 7 14.03 2.29 -43.25
CA PRO L 7 14.15 1.06 -43.96
C PRO L 7 15.50 1.10 -44.63
N PRO L 8 16.14 -0.02 -44.89
CA PRO L 8 17.39 -0.09 -45.60
C PRO L 8 17.32 0.23 -47.08
N SER L 9 16.15 0.11 -47.70
CA SER L 9 16.08 0.36 -49.12
C SER L 9 14.70 0.75 -49.60
N ALA L 10 14.67 1.28 -50.81
CA ALA L 10 13.46 1.66 -51.50
C ALA L 10 13.70 1.55 -52.99
N SER L 11 12.64 1.39 -53.77
CA SER L 11 12.85 1.35 -55.21
C SER L 11 11.61 1.69 -56.02
N GLY L 12 11.84 1.94 -57.29
CA GLY L 12 10.76 2.17 -58.26
C GLY L 12 11.34 2.42 -59.64
N THR L 13 10.47 2.54 -60.63
CA THR L 13 10.92 2.77 -61.99
C THR L 13 10.86 4.26 -62.23
N PRO L 14 11.49 4.79 -63.26
CA PRO L 14 11.42 6.18 -63.59
C PRO L 14 10.00 6.60 -63.78
N GLY L 15 9.71 7.75 -63.26
CA GLY L 15 8.41 8.39 -63.35
C GLY L 15 7.49 8.03 -62.20
N GLN L 16 7.85 7.05 -61.38
CA GLN L 16 6.99 6.66 -60.29
C GLN L 16 7.19 7.50 -59.08
N ARG L 17 6.17 7.50 -58.23
CA ARG L 17 6.29 8.18 -56.97
C ARG L 17 6.70 7.16 -55.95
N VAL L 18 7.76 7.44 -55.22
CA VAL L 18 8.22 6.53 -54.20
C VAL L 18 8.35 7.26 -52.89
N THR L 19 8.31 6.54 -51.79
CA THR L 19 8.50 7.21 -50.53
C THR L 19 9.49 6.50 -49.64
N ILE L 20 10.13 7.26 -48.78
CA ILE L 20 11.01 6.74 -47.76
C ILE L 20 10.51 7.16 -46.40
N SER L 21 10.29 6.20 -45.52
CA SER L 21 9.82 6.51 -44.19
C SER L 21 10.94 6.69 -43.19
N CYS L 22 10.59 7.32 -42.08
CA CYS L 22 11.47 7.53 -40.94
C CYS L 22 10.67 7.55 -39.65
N SER L 23 11.14 6.87 -38.61
CA SER L 23 10.32 6.89 -37.40
C SER L 23 11.00 6.65 -36.06
N GLY L 24 10.23 6.98 -35.00
CA GLY L 24 10.58 6.65 -33.62
C GLY L 24 10.84 7.80 -32.65
N SER L 25 10.21 7.64 -31.48
CA SER L 25 10.20 8.47 -30.26
C SER L 25 9.48 9.80 -30.29
N SER L 26 9.37 10.37 -29.09
CA SER L 26 8.65 11.59 -28.84
C SER L 26 9.59 12.73 -28.51
N SER L 27 10.85 12.39 -28.33
CA SER L 27 11.88 13.36 -27.95
C SER L 27 12.53 14.04 -29.12
N ASN L 28 12.24 13.53 -30.29
CA ASN L 28 12.89 13.95 -31.52
C ASN L 28 11.91 14.37 -32.59
N ILE L 29 11.73 13.58 -33.64
CA ILE L 29 10.76 13.92 -34.67
C ILE L 29 9.37 14.02 -34.09
N GLY L 30 9.15 13.41 -32.94
CA GLY L 30 7.86 13.49 -32.32
C GLY L 30 7.56 14.87 -31.72
N ILE L 31 8.57 15.72 -31.55
CA ILE L 31 8.40 17.06 -31.00
C ILE L 31 9.00 18.15 -31.89
N ASN L 32 10.22 17.93 -32.36
CA ASN L 32 10.98 18.87 -33.17
C ASN L 32 10.71 18.61 -34.62
N THR L 33 11.31 19.39 -35.49
CA THR L 33 11.12 19.17 -36.91
C THR L 33 12.07 18.13 -37.42
N VAL L 34 11.80 17.65 -38.63
CA VAL L 34 12.66 16.65 -39.25
C VAL L 34 13.25 17.16 -40.55
N ASN L 35 14.51 16.81 -40.76
CA ASN L 35 15.22 17.14 -41.97
C ASN L 35 15.53 15.92 -42.80
N TRP L 36 15.69 16.12 -44.10
CA TRP L 36 16.16 15.05 -44.96
C TRP L 36 17.37 15.48 -45.76
N TYR L 37 18.32 14.56 -45.89
CA TYR L 37 19.52 14.79 -46.65
C TYR L 37 19.75 13.72 -47.71
N GLN L 38 20.33 14.12 -48.83
CA GLN L 38 20.65 13.18 -49.88
C GLN L 38 22.12 13.07 -50.16
N GLN L 39 22.63 11.86 -50.07
CA GLN L 39 24.04 11.64 -50.32
C GLN L 39 24.28 10.82 -51.55
N LEU L 40 25.16 11.32 -52.38
CA LEU L 40 25.52 10.59 -53.57
C LEU L 40 26.78 9.85 -53.19
N PRO L 41 27.09 8.72 -53.82
CA PRO L 41 28.24 7.91 -53.51
C PRO L 41 29.58 8.62 -53.42
N GLY L 42 29.81 9.67 -54.20
CA GLY L 42 31.09 10.34 -54.14
C GLY L 42 31.18 11.62 -53.31
N THR L 43 30.13 11.98 -52.57
CA THR L 43 30.24 13.28 -51.89
C THR L 43 29.49 13.45 -50.57
N ALA L 44 29.55 14.67 -50.07
CA ALA L 44 28.92 15.10 -48.85
C ALA L 44 27.43 15.10 -49.08
N PRO L 45 26.60 14.88 -48.08
CA PRO L 45 25.17 14.93 -48.20
C PRO L 45 24.69 16.33 -48.44
N LYS L 46 23.59 16.45 -49.17
CA LYS L 46 22.94 17.72 -49.41
C LYS L 46 21.64 17.82 -48.66
N LEU L 47 21.36 18.97 -48.08
CA LEU L 47 20.07 19.12 -47.40
C LEU L 47 18.98 19.31 -48.42
N LEU L 48 17.93 18.50 -48.32
CA LEU L 48 16.81 18.63 -49.24
C LEU L 48 15.63 19.23 -48.58
N ILE L 49 15.34 18.74 -47.38
CA ILE L 49 14.17 19.14 -46.66
C ILE L 49 14.51 19.60 -45.29
N TYR L 50 13.91 20.68 -44.87
CA TYR L 50 14.09 21.12 -43.51
C TYR L 50 12.75 21.58 -43.00
N SER L 51 12.61 21.65 -41.70
CA SER L 51 11.34 22.06 -41.13
C SER L 51 10.19 21.23 -41.62
N ASN L 52 10.38 19.91 -41.71
CA ASN L 52 9.38 18.94 -42.12
C ASN L 52 9.07 18.98 -43.60
N ASN L 53 8.68 20.12 -44.12
CA ASN L 53 8.31 20.21 -45.52
C ASN L 53 8.86 21.39 -46.32
N GLN L 54 9.91 22.05 -45.87
CA GLN L 54 10.42 23.17 -46.63
C GLN L 54 11.63 22.72 -47.39
N ARG L 55 11.98 23.39 -48.47
CA ARG L 55 13.18 22.97 -49.13
C ARG L 55 14.04 24.19 -49.41
N PRO L 56 15.37 24.07 -49.38
CA PRO L 56 16.33 25.09 -49.73
C PRO L 56 16.19 25.45 -51.18
N SER L 57 16.54 26.67 -51.51
CA SER L 57 16.50 27.06 -52.90
C SER L 57 17.42 26.14 -53.67
N GLY L 58 16.97 25.75 -54.84
CA GLY L 58 17.75 24.88 -55.71
C GLY L 58 17.29 23.44 -55.63
N VAL L 59 16.51 23.10 -54.63
CA VAL L 59 16.01 21.75 -54.51
C VAL L 59 14.75 21.63 -55.34
N PRO L 60 14.64 20.63 -56.23
CA PRO L 60 13.49 20.40 -57.06
C PRO L 60 12.27 20.16 -56.21
N ASP L 61 11.12 20.53 -56.72
CA ASP L 61 9.87 20.40 -56.02
C ASP L 61 9.28 19.01 -56.11
N ARG L 62 10.06 18.13 -56.69
CA ARG L 62 9.71 16.74 -56.77
C ARG L 62 9.96 16.12 -55.41
N PHE L 63 10.72 16.83 -54.57
CA PHE L 63 11.03 16.35 -53.23
C PHE L 63 10.10 17.04 -52.25
N SER L 64 9.25 16.24 -51.63
CA SER L 64 8.24 16.74 -50.71
C SER L 64 8.22 16.01 -49.39
N GLY L 65 8.48 16.76 -48.33
CA GLY L 65 8.52 16.16 -47.00
C GLY L 65 7.18 16.24 -46.30
N SER L 66 6.95 15.31 -45.39
CA SER L 66 5.75 15.29 -44.57
C SER L 66 5.98 14.63 -43.22
N LYS L 67 5.34 15.14 -42.18
CA LYS L 67 5.46 14.56 -40.84
C LYS L 67 4.16 14.49 -40.08
N SER L 68 3.98 13.41 -39.33
CA SER L 68 2.83 13.24 -38.46
C SER L 68 3.16 12.35 -37.29
N GLY L 69 2.67 12.68 -36.10
CA GLY L 69 2.91 11.79 -34.99
C GLY L 69 4.40 11.66 -34.70
N THR L 70 4.86 10.41 -34.71
CA THR L 70 6.23 10.03 -34.44
C THR L 70 6.89 9.43 -35.66
N SER L 71 6.35 9.75 -36.82
CA SER L 71 6.92 9.27 -38.06
C SER L 71 6.90 10.33 -39.13
N ALA L 72 7.73 10.15 -40.12
CA ALA L 72 7.87 11.10 -41.20
C ALA L 72 8.27 10.43 -42.48
N SER L 73 8.06 11.12 -43.57
CA SER L 73 8.48 10.56 -44.83
C SER L 73 8.88 11.59 -45.85
N LEU L 74 9.65 11.11 -46.81
CA LEU L 74 10.03 11.88 -47.96
C LEU L 74 9.47 11.28 -49.21
N ALA L 75 8.70 12.06 -49.94
CA ALA L 75 8.13 11.58 -51.16
C ALA L 75 8.89 12.13 -52.32
N ILE L 76 9.19 11.26 -53.26
CA ILE L 76 9.87 11.68 -54.47
C ILE L 76 8.98 11.43 -55.67
N SER L 77 8.52 12.50 -56.27
CA SER L 77 7.64 12.40 -57.41
C SER L 77 8.45 12.38 -58.67
N GLY L 78 7.99 11.67 -59.70
CA GLY L 78 8.70 11.77 -60.94
C GLY L 78 10.08 11.16 -60.82
N LEU L 79 10.21 10.02 -60.16
CA LEU L 79 11.52 9.46 -59.93
C LEU L 79 12.40 9.45 -61.16
N GLN L 80 13.61 9.99 -60.98
CA GLN L 80 14.62 10.08 -62.02
C GLN L 80 15.76 9.14 -61.76
N SER L 81 16.53 8.80 -62.79
CA SER L 81 17.71 7.97 -62.61
C SER L 81 18.71 8.65 -61.71
N GLU L 82 18.72 9.96 -61.77
CA GLU L 82 19.60 10.80 -61.00
C GLU L 82 19.26 10.80 -59.51
N ASP L 83 18.11 10.26 -59.14
CA ASP L 83 17.72 10.26 -57.75
C ASP L 83 18.26 9.05 -57.02
N GLU L 84 18.98 8.15 -57.72
CA GLU L 84 19.54 7.04 -56.98
C GLU L 84 20.43 7.65 -55.94
N ALA L 85 20.22 7.30 -54.68
CA ALA L 85 21.01 7.91 -53.61
C ALA L 85 20.75 7.28 -52.26
N ASP L 86 21.60 7.64 -51.30
CA ASP L 86 21.44 7.30 -49.91
C ASP L 86 20.66 8.41 -49.21
N TYR L 87 19.47 8.14 -48.73
CA TYR L 87 18.71 9.21 -48.11
C TYR L 87 18.72 9.08 -46.61
N TYR L 88 18.87 10.22 -45.95
CA TYR L 88 18.94 10.25 -44.50
C TYR L 88 17.92 11.13 -43.86
N CYS L 89 17.40 10.63 -42.76
CA CYS L 89 16.46 11.32 -41.89
C CYS L 89 17.18 11.84 -40.67
N ALA L 90 16.95 13.09 -40.29
CA ALA L 90 17.60 13.59 -39.09
C ALA L 90 16.76 14.55 -38.28
N ALA L 91 16.99 14.57 -36.96
CA ALA L 91 16.25 15.50 -36.10
C ALA L 91 16.97 15.83 -34.81
N TRP L 92 16.63 16.95 -34.22
CA TRP L 92 17.17 17.26 -32.92
C TRP L 92 16.46 16.37 -31.94
N ASP L 93 17.16 15.80 -30.99
CA ASP L 93 16.60 14.93 -29.97
C ASP L 93 16.96 15.44 -28.62
N ASP L 94 15.98 15.97 -27.89
CA ASP L 94 16.21 16.66 -26.64
C ASP L 94 16.89 15.84 -25.56
N ASN L 95 16.83 14.51 -25.63
CA ASN L 95 17.48 13.71 -24.61
C ASN L 95 18.99 13.76 -24.77
N LEU L 96 19.43 13.94 -26.00
CA LEU L 96 20.85 13.99 -26.29
C LEU L 96 21.25 15.42 -26.52
N ASN L 97 20.27 16.22 -26.87
CA ASN L 97 20.40 17.61 -27.19
C ASN L 97 21.33 17.83 -28.36
N GLY L 98 21.12 17.06 -29.45
CA GLY L 98 21.92 17.28 -30.65
C GLY L 98 21.92 16.22 -31.75
N TRP L 99 21.33 16.62 -32.87
CA TRP L 99 21.27 15.98 -34.19
C TRP L 99 21.40 14.48 -34.33
N VAL L 100 20.30 13.79 -34.23
CA VAL L 100 20.25 12.36 -34.41
C VAL L 100 19.94 11.96 -35.84
N PHE L 101 20.69 11.01 -36.37
CA PHE L 101 20.43 10.50 -37.71
C PHE L 101 19.82 9.10 -37.67
N GLY L 102 19.06 8.76 -38.70
CA GLY L 102 18.44 7.45 -38.83
C GLY L 102 19.21 6.41 -39.64
N GLY L 103 20.44 6.70 -40.01
CA GLY L 103 21.14 5.77 -40.88
C GLY L 103 20.56 6.10 -42.22
N GLY L 104 20.73 5.28 -43.23
CA GLY L 104 20.18 5.73 -44.49
C GLY L 104 19.42 4.65 -45.20
N THR L 105 18.71 5.08 -46.24
CA THR L 105 17.93 4.21 -47.09
C THR L 105 18.48 4.26 -48.49
N LYS L 106 18.72 3.11 -49.11
CA LYS L 106 19.21 3.14 -50.46
C LYS L 106 18.07 3.09 -51.46
N LEU L 107 17.94 4.16 -52.22
CA LEU L 107 16.90 4.24 -53.22
C LEU L 107 17.43 3.85 -54.57
N THR L 108 16.85 2.80 -55.12
CA THR L 108 17.25 2.26 -56.40
C THR L 108 16.25 2.54 -57.50
N VAL L 109 16.75 3.07 -58.60
CA VAL L 109 15.89 3.35 -59.72
C VAL L 109 16.05 2.16 -60.64
N LEU L 110 14.95 1.57 -61.01
CA LEU L 110 14.94 0.35 -61.78
C LEU L 110 14.93 0.62 -63.28
N GLY L 111 15.62 -0.23 -64.03
CA GLY L 111 15.66 -0.12 -65.48
C GLY L 111 17.01 -0.59 -66.01
C1 NAG M . -39.87 6.47 -6.98
C2 NAG M . -40.77 5.44 -7.55
C3 NAG M . -41.96 5.32 -6.69
C4 NAG M . -41.56 4.87 -5.24
C5 NAG M . -40.63 6.01 -4.69
C6 NAG M . -40.00 5.73 -3.36
C7 NAG M . -40.70 5.43 -9.98
C8 NAG M . -41.12 6.10 -11.25
N2 NAG M . -41.19 5.91 -8.86
O3 NAG M . -42.86 4.36 -7.28
O4 NAG M . -42.74 4.76 -4.47
O5 NAG M . -39.52 6.11 -5.55
O6 NAG M . -39.37 4.46 -3.35
O7 NAG M . -39.93 4.47 -9.96
C1 NAG M . -42.72 3.65 -3.60
C2 NAG M . -43.62 3.90 -2.45
C3 NAG M . -43.47 2.75 -1.55
C4 NAG M . -43.88 1.38 -2.19
C5 NAG M . -42.95 1.28 -3.42
C6 NAG M . -43.20 0.03 -4.19
C7 NAG M . -43.76 6.25 -1.87
C8 NAG M . -43.22 7.35 -1.03
N2 NAG M . -43.21 5.07 -1.71
O3 NAG M . -44.22 3.01 -0.34
O4 NAG M . -43.52 0.36 -1.28
O5 NAG M . -43.10 2.35 -4.34
O6 NAG M . -42.79 -1.09 -3.42
O7 NAG M . -44.66 6.43 -2.68
C1 BMA M . -44.65 -0.52 -0.93
C2 BMA M . -44.13 -1.61 -0.01
C3 BMA M . -45.20 -2.56 0.37
C4 BMA M . -46.26 -1.76 1.09
C5 BMA M . -46.78 -0.66 0.13
C6 BMA M . -47.85 0.23 0.85
O2 BMA M . -43.68 -1.03 1.11
O3 BMA M . -44.64 -3.60 1.23
O4 BMA M . -47.29 -2.61 1.47
O5 BMA M . -45.70 0.21 -0.23
O6 BMA M . -48.49 1.23 -0.04
C1 MAN M . -45.15 -4.92 0.85
C2 MAN M . -44.60 -5.99 1.79
C3 MAN M . -43.12 -6.12 1.62
C4 MAN M . -42.85 -6.53 0.20
C5 MAN M . -43.42 -5.45 -0.74
C6 MAN M . -43.23 -5.84 -2.23
O2 MAN M . -45.26 -7.08 1.34
O3 MAN M . -42.56 -7.10 2.53
O4 MAN M . -41.49 -6.67 0.01
O5 MAN M . -44.83 -5.31 -0.51
O6 MAN M . -42.01 -6.63 -2.50
C1 MAN M . -45.35 -8.20 2.29
C2 MAN M . -46.12 -9.33 1.64
C3 MAN M . -47.56 -9.01 1.51
C4 MAN M . -48.10 -8.74 2.89
C5 MAN M . -47.33 -7.54 3.49
C6 MAN M . -47.85 -7.24 4.93
O2 MAN M . -45.98 -10.43 2.42
O3 MAN M . -48.23 -10.13 0.90
O4 MAN M . -49.46 -8.45 2.82
O5 MAN M . -45.95 -7.89 3.58
O6 MAN M . -49.25 -7.64 5.15
C1 MAN M . -45.04 -11.43 1.86
C2 MAN M . -45.53 -12.81 2.26
C3 MAN M . -45.48 -13.02 3.72
C4 MAN M . -44.04 -12.88 4.15
C5 MAN M . -43.58 -11.46 3.72
C6 MAN M . -42.08 -11.27 4.09
O2 MAN M . -44.69 -13.69 1.69
O3 MAN M . -46.00 -14.33 4.00
O4 MAN M . -43.95 -13.01 5.53
O5 MAN M . -43.68 -11.28 2.31
O6 MAN M . -41.75 -11.70 5.47
C1 MAN M . -49.92 0.99 -0.30
C2 MAN M . -50.48 2.29 -0.86
C3 MAN M . -50.37 3.39 0.12
C4 MAN M . -51.16 2.99 1.36
C5 MAN M . -50.62 1.64 1.90
C6 MAN M . -51.52 1.10 3.07
O2 MAN M . -51.77 2.09 -1.13
O3 MAN M . -50.97 4.59 -0.45
O4 MAN M . -50.92 3.96 2.31
O5 MAN M . -50.69 0.63 0.88
O6 MAN M . -52.73 0.38 2.64
C1 MAN M . -49.99 5.67 -0.66
C2 MAN M . -50.73 6.94 -1.05
C3 MAN M . -51.42 6.80 -2.35
C4 MAN M . -50.38 6.50 -3.41
C5 MAN M . -49.65 5.21 -3.00
C6 MAN M . -48.51 4.86 -4.02
O2 MAN M . -49.82 7.92 -1.16
O3 MAN M . -52.10 8.04 -2.65
O4 MAN M . -51.03 6.26 -4.60
O5 MAN M . -49.03 5.38 -1.71
O6 MAN M . -48.88 5.14 -5.42
C1 MAN M . -53.70 0.25 3.73
C2 MAN M . -54.70 -0.84 3.34
C3 MAN M . -55.49 -0.46 2.14
C4 MAN M . -56.22 0.82 2.48
C5 MAN M . -55.19 1.91 2.85
C6 MAN M . -55.91 3.24 3.27
O2 MAN M . -55.55 -0.99 4.38
O3 MAN M . -56.42 -1.52 1.84
O4 MAN M . -56.94 1.24 1.38
O5 MAN M . -54.43 1.48 3.99
O6 MAN M . -56.99 3.64 2.34
C1 NAG N . -14.61 -8.49 -19.95
C2 NAG N . -14.05 -9.87 -20.28
C3 NAG N . -14.51 -10.27 -21.68
C4 NAG N . -16.03 -10.24 -21.74
C5 NAG N . -16.52 -8.85 -21.36
C6 NAG N . -18.02 -8.75 -21.29
C7 NAG N . -11.67 -9.21 -20.03
C8 NAG N . -10.27 -9.68 -20.29
N2 NAG N . -12.63 -10.11 -20.21
O3 NAG N . -14.02 -11.55 -22.00
O4 NAG N . -16.42 -10.48 -23.09
O5 NAG N . -16.04 -8.51 -20.05
O6 NAG N . -18.62 -9.05 -22.55
O7 NAG N . -11.90 -8.07 -19.66
C1 NAG N . -17.03 -11.77 -23.21
C2 NAG N . -17.59 -11.86 -24.63
C3 NAG N . -18.22 -13.23 -24.85
C4 NAG N . -17.18 -14.31 -24.57
C5 NAG N . -16.64 -14.14 -23.16
C6 NAG N . -15.53 -15.11 -22.84
C7 NAG N . -18.24 -9.80 -25.72
C8 NAG N . -19.32 -8.79 -25.94
N2 NAG N . -18.53 -10.79 -24.90
O3 NAG N . -18.70 -13.32 -26.18
O4 NAG N . -17.78 -15.59 -24.70
O5 NAG N . -16.09 -12.82 -23.01
O6 NAG N . -14.45 -14.96 -23.75
O7 NAG N . -17.14 -9.70 -26.26
C1 NAG O . -10.13 -20.31 34.13
C2 NAG O . -9.83 -21.75 34.34
C3 NAG O . -9.15 -21.91 35.64
C4 NAG O . -7.80 -21.11 35.67
C5 NAG O . -8.19 -19.60 35.46
C6 NAG O . -7.04 -18.67 35.30
C7 NAG O . -11.55 -23.17 33.39
C8 NAG O . -12.93 -23.74 33.53
N2 NAG O . -11.10 -22.45 34.40
O3 NAG O . -8.91 -23.32 35.86
O4 NAG O . -7.19 -21.31 36.92
O5 NAG O . -8.85 -19.50 34.22
O6 NAG O . -6.14 -19.13 34.32
O7 NAG O . -10.86 -23.37 32.40
C1 NAG O . -5.79 -21.47 36.83
C2 NAG O . -5.16 -21.08 38.12
C3 NAG O . -3.71 -21.18 37.91
C4 NAG O . -3.21 -22.61 37.55
C5 NAG O . -4.01 -22.95 36.27
C6 NAG O . -3.67 -24.32 35.77
C7 NAG O . -6.40 -19.34 39.27
C8 NAG O . -6.56 -17.88 39.50
N2 NAG O . -5.45 -19.70 38.45
O3 NAG O . -3.04 -20.67 39.09
O4 NAG O . -1.85 -22.52 37.22
O5 NAG O . -5.41 -22.91 36.44
O6 NAG O . -2.34 -24.34 35.30
O7 NAG O . -7.12 -20.18 39.81
C1 BMA O . -1.00 -23.43 38.01
C2 BMA O . 0.43 -23.29 37.51
C3 BMA O . 1.36 -24.20 38.24
C4 BMA O . 1.29 -23.80 39.70
C5 BMA O . -0.17 -23.96 40.19
C6 BMA O . -0.30 -23.52 41.69
O2 BMA O . 0.83 -22.03 37.73
O3 BMA O . 2.71 -24.04 37.71
O4 BMA O . 2.14 -24.62 40.43
O5 BMA O . -1.02 -23.09 39.42
O6 BMA O . -1.64 -23.75 42.26
C1 MAN O . 3.36 -25.34 37.55
C2 MAN O . 4.79 -25.17 37.04
C3 MAN O . 4.78 -24.61 35.66
C4 MAN O . 4.06 -25.57 34.76
C5 MAN O . 2.62 -25.75 35.30
C6 MAN O . 1.84 -26.80 34.45
O2 MAN O . 5.22 -26.45 37.06
O3 MAN O . 6.12 -24.38 35.16
O4 MAN O . 4.04 -25.08 33.47
O5 MAN O . 2.66 -26.24 36.64
O6 MAN O . 2.22 -26.83 33.02
C1 MAN O . 6.68 -26.61 37.10
C2 MAN O . 7.00 -28.10 37.13
C3 MAN O . 6.66 -28.70 38.44
C4 MAN O . 7.44 -27.98 39.50
C5 MAN O . 7.04 -26.49 39.48
C6 MAN O . 7.84 -25.70 40.55
O2 MAN O . 8.33 -28.24 36.91
O3 MAN O . 7.00 -30.10 38.40
O4 MAN O . 7.17 -28.53 40.74
O5 MAN O . 7.37 -25.95 38.20
O6 MAN O . 8.26 -26.52 41.70
C1 MAN O . 8.64 -28.73 35.54
C2 MAN O . 9.89 -29.58 35.62
C3 MAN O . 11.08 -28.81 36.04
C4 MAN O . 11.30 -27.74 35.00
C5 MAN O . 10.02 -26.88 34.94
C6 MAN O . 10.17 -25.78 33.85
O2 MAN O . 10.11 -30.04 34.38
O3 MAN O . 12.19 -29.72 36.13
O4 MAN O . 12.39 -26.95 35.39
O5 MAN O . 8.88 -27.67 34.59
O6 MAN O . 11.45 -25.06 33.92
C1 MAN O . -1.69 -24.78 43.32
C2 MAN O . -3.01 -24.59 44.05
C3 MAN O . -3.08 -23.26 44.70
C4 MAN O . -1.93 -23.17 45.69
C5 MAN O . -0.59 -23.41 44.95
C6 MAN O . 0.61 -23.49 45.97
O2 MAN O . -3.07 -25.53 45.00
O3 MAN O . -4.34 -23.17 45.43
O4 MAN O . -1.93 -21.87 46.17
O5 MAN O . -0.61 -24.68 44.29
O6 MAN O . 0.79 -24.81 46.60
C1 MAN O . -5.23 -22.13 44.89
C2 MAN O . -6.41 -21.95 45.83
C3 MAN O . -7.25 -23.16 45.90
C4 MAN O . -7.78 -23.45 44.52
C5 MAN O . -6.56 -23.64 43.58
C6 MAN O . -7.03 -23.90 42.10
O2 MAN O . -7.17 -20.95 45.35
O3 MAN O . -8.35 -22.92 46.81
O4 MAN O . -8.47 -24.65 44.55
O5 MAN O . -5.76 -22.45 43.57
O6 MAN O . -8.23 -24.75 42.01
C1 MAN O . 1.64 -24.73 47.78
C2 MAN O . 2.12 -26.14 48.13
C3 MAN O . 0.99 -27.03 48.51
C4 MAN O . 0.31 -26.39 49.71
C5 MAN O . -0.17 -24.97 49.33
C6 MAN O . -0.82 -24.27 50.58
O2 MAN O . 2.95 -26.04 49.18
O3 MAN O . 1.50 -28.33 48.82
O4 MAN O . -0.77 -27.16 50.08
O5 MAN O . 0.96 -24.18 48.94
O6 MAN O . -1.78 -25.12 51.31
C1 NAG P . -8.48 -24.62 2.37
C2 NAG P . -7.74 -25.40 1.28
C3 NAG P . -8.46 -26.71 1.03
C4 NAG P . -8.55 -27.50 2.33
C5 NAG P . -9.26 -26.66 3.38
C6 NAG P . -9.30 -27.31 4.73
C7 NAG P . -7.98 -23.62 -0.45
C8 NAG P . -7.82 -23.38 -1.92
N2 NAG P . -7.49 -24.78 0.00
O3 NAG P . -7.78 -27.45 0.04
O4 NAG P . -9.35 -28.65 2.09
O5 NAG P . -8.56 -25.41 3.56
O6 NAG P . -10.00 -28.55 4.68
O7 NAG P . -8.52 -22.81 0.29
C1 NAG P . -8.53 -29.83 2.12
C2 NAG P . -9.50 -31.02 2.05
C3 NAG P . -8.69 -32.32 2.04
C4 NAG P . -7.73 -32.30 0.87
C5 NAG P . -6.83 -31.07 0.97
C6 NAG P . -5.91 -30.92 -0.20
C7 NAG P . -11.73 -30.73 2.94
C8 NAG P . -12.61 -30.77 4.15
N2 NAG P . -10.45 -30.99 3.14
O3 NAG P . -9.59 -33.42 1.94
O4 NAG P . -6.93 -33.47 0.89
O5 NAG P . -7.64 -29.89 1.02
O6 NAG P . -6.64 -30.83 -1.42
O7 NAG P . -12.16 -30.44 1.83
C1 NAG Q . 38.40 2.76 14.05
C2 NAG Q . 39.57 2.15 13.37
C3 NAG Q . 40.61 3.17 13.20
C4 NAG Q . 40.09 4.37 12.32
C5 NAG Q . 38.88 4.99 13.11
C6 NAG Q . 38.13 6.06 12.39
C7 NAG Q . 39.87 -0.17 14.01
C8 NAG Q . 40.33 -1.13 15.05
N2 NAG Q . 40.08 1.11 14.24
O3 NAG Q . 41.77 2.56 12.58
O4 NAG Q . 41.14 5.31 12.18
O5 NAG Q . 37.92 3.97 13.27
O6 NAG Q . 37.77 5.63 11.09
O7 NAG Q . 39.30 -0.53 12.98
C1 NAG Q . 41.21 5.87 10.89
C2 NAG Q . 41.86 7.19 10.95
C3 NAG Q . 41.81 7.74 9.59
C4 NAG Q . 42.56 6.89 8.52
C5 NAG Q . 41.87 5.51 8.63
C6 NAG Q . 42.48 4.53 7.67
C7 NAG Q . 41.44 8.33 13.05
C8 NAG Q . 40.58 9.30 13.78
N2 NAG Q . 41.12 8.10 11.80
O3 NAG Q . 42.30 9.10 9.62
O4 NAG Q . 42.29 7.43 7.25
O5 NAG Q . 41.95 4.92 9.91
O6 NAG Q . 42.18 4.90 6.34
O7 NAG Q . 42.41 7.78 13.57
C1 BMA Q . 43.50 7.78 6.49
C2 BMA Q . 43.07 8.29 5.13
C3 BMA Q . 44.24 8.63 4.28
C4 BMA Q . 45.00 9.71 5.01
C5 BMA Q . 45.44 9.17 6.39
C6 BMA Q . 46.19 10.28 7.20
O2 BMA Q . 42.35 9.40 5.30
O3 BMA Q . 43.77 9.08 2.97
O4 BMA Q . 46.10 10.08 4.25
O5 BMA Q . 44.27 8.82 7.15
O6 BMA Q . 46.74 9.80 8.48
C1 MAN Q . 44.58 8.51 1.90
C2 MAN Q . 44.12 9.04 0.54
C3 MAN Q . 42.74 8.55 0.24
C4 MAN Q . 42.77 7.05 0.20
C5 MAN Q . 43.25 6.53 1.57
C6 MAN Q . 43.37 4.98 1.57
O2 MAN Q . 45.04 8.47 -0.27
O3 MAN Q . 42.24 9.07 -1.02
O4 MAN Q . 41.49 6.57 -0.08
O5 MAN Q . 44.55 7.06 1.85
O6 MAN Q . 42.38 4.30 0.71
C1 MAN Q . 45.20 9.13 -1.58
C2 MAN Q . 46.27 8.39 -2.37
C3 MAN Q . 47.62 8.63 -1.80
C4 MAN Q . 47.90 10.11 -1.84
C5 MAN Q . 46.81 10.82 -0.98
C6 MAN Q . 47.04 12.36 -1.00
O2 MAN Q . 46.23 8.84 -3.64
O3 MAN Q . 48.59 7.91 -2.60
O4 MAN Q . 49.15 10.38 -1.34
O5 MAN Q . 45.53 10.55 -1.54
O6 MAN Q . 48.44 12.75 -1.24
C1 MAN Q . 45.61 7.88 -4.58
C2 MAN Q . 46.29 8.03 -5.93
C3 MAN Q . 46.06 9.35 -6.53
C4 MAN Q . 44.58 9.51 -6.73
C5 MAN Q . 43.91 9.35 -5.34
C6 MAN Q . 42.36 9.46 -5.48
O2 MAN Q . 45.73 7.11 -6.73
O3 MAN Q . 46.78 9.40 -7.78
O4 MAN Q . 44.31 10.78 -7.25
O5 MAN Q . 44.19 8.08 -4.76
O6 MAN Q . 41.92 10.60 -6.31
C1 MAN Q . 48.22 9.77 8.55
C2 MAN Q . 48.58 9.67 10.02
C3 MAN Q . 48.12 10.85 10.79
C4 MAN Q . 48.78 12.07 10.18
C5 MAN Q . 48.44 12.16 8.67
C6 MAN Q . 49.23 13.32 7.98
O2 MAN Q . 49.92 9.62 10.09
O3 MAN Q . 48.54 10.70 12.17
O4 MAN Q . 48.20 13.17 10.81
O5 MAN Q . 48.86 10.96 8.00
O6 MAN Q . 50.61 12.98 7.60
C1 MAN Q . 47.42 10.57 13.11
C2 MAN Q . 47.94 10.65 14.53
C3 MAN Q . 48.83 9.52 14.86
C4 MAN Q . 48.04 8.24 14.70
C5 MAN Q . 47.52 8.18 13.25
C6 MAN Q . 46.65 6.89 13.03
O2 MAN Q . 46.89 10.60 15.36
O3 MAN Q . 49.30 9.66 16.22
O4 MAN Q . 48.90 7.17 14.90
O5 MAN Q . 46.70 9.32 12.97
O6 MAN Q . 47.16 5.70 13.73
C1 MAN Q . 51.41 14.17 7.32
C2 MAN Q . 52.66 13.74 6.54
C3 MAN Q . 53.53 12.84 7.34
C4 MAN Q . 53.93 13.62 8.58
C5 MAN Q . 52.65 14.03 9.36
C6 MAN Q . 53.04 14.89 10.63
O2 MAN Q . 53.35 14.85 6.24
O3 MAN Q . 54.68 12.48 6.56
O4 MAN Q . 54.71 12.81 9.39
O5 MAN Q . 51.84 14.86 8.52
O6 MAN Q . 54.14 14.31 11.42
C1 NAG R . 18.84 -18.13 -0.44
C2 NAG R . 18.62 -18.89 -1.75
C3 NAG R . 19.35 -20.22 -1.68
C4 NAG R . 20.82 -19.97 -1.40
C5 NAG R . 20.97 -19.18 -0.12
C6 NAG R . 22.39 -18.80 0.19
C7 NAG R . 16.14 -18.95 -1.55
C8 NAG R . 14.92 -19.60 -2.14
N2 NAG R . 17.27 -19.15 -2.22
O3 NAG R . 19.17 -20.93 -2.89
O4 NAG R . 21.45 -21.24 -1.21
O5 NAG R . 20.23 -17.95 -0.22
O6 NAG R . 23.21 -19.95 0.34
O7 NAG R . 16.08 -18.28 -0.53
C1 NAG R . 22.31 -21.54 -2.32
C2 NAG R . 23.09 -22.81 -1.93
C3 NAG R . 24.00 -23.22 -3.08
C4 NAG R . 23.16 -23.42 -4.33
C5 NAG R . 22.39 -22.14 -4.63
C6 NAG R . 21.46 -22.29 -5.81
C7 NAG R . 23.48 -23.22 0.43
C8 NAG R . 24.36 -22.97 1.61
N2 NAG R . 23.83 -22.62 -0.70
O3 NAG R . 24.69 -24.41 -2.72
O4 NAG R . 24.01 -23.73 -5.42
O5 NAG R . 21.57 -21.79 -3.50
O6 NAG R . 20.52 -23.33 -5.59
O7 NAG R . 22.48 -23.92 0.50
C1 NAG S . 8.67 29.54 -27.05
C2 NAG S . 8.63 29.34 -28.52
C3 NAG S . 7.81 30.40 -29.13
C4 NAG S . 6.33 30.36 -28.58
C5 NAG S . 6.45 30.60 -27.03
C6 NAG S . 5.17 30.45 -26.28
C7 NAG S . 10.72 28.44 -29.36
C8 NAG S . 12.14 28.70 -29.72
N2 NAG S . 9.99 29.48 -29.01
O3 NAG S . 7.82 30.23 -30.56
O4 NAG S . 5.59 31.38 -29.21
O5 NAG S . 7.26 29.58 -26.50
O6 NAG S . 4.54 29.23 -26.58
O7 NAG S . 10.23 27.31 -29.38
C1 NAG S . 4.28 30.98 -29.54
C2 NAG S . 3.40 32.17 -29.62
C3 NAG S . 2.05 31.67 -29.87
C4 NAG S . 1.90 30.88 -31.21
C5 NAG S . 2.92 29.74 -31.06
C6 NAG S . 2.95 28.87 -32.28
C7 NAG S . 4.09 33.93 -28.09
C8 NAG S . 3.92 34.53 -26.75
N2 NAG S . 3.36 32.87 -28.36
O3 NAG S . 1.12 32.78 -29.81
O4 NAG S . 0.61 30.32 -31.25
O5 NAG S . 4.26 30.19 -30.86
O6 NAG S . 1.73 28.15 -32.38
O7 NAG S . 4.87 34.39 -28.93
C1 BMA S . -0.16 30.69 -32.45
C2 BMA S . -1.49 29.97 -32.40
C3 BMA S . -2.32 30.26 -33.60
C4 BMA S . -2.55 31.75 -33.60
C5 BMA S . -1.18 32.47 -33.67
C6 BMA S . -1.36 34.02 -33.64
O2 BMA S . -2.16 30.40 -31.32
O3 BMA S . -3.58 29.53 -33.51
O4 BMA S . -3.33 32.08 -34.71
O5 BMA S . -0.41 32.12 -32.51
O6 BMA S . -0.11 34.78 -33.81
C1 MAN S . -3.93 28.93 -34.80
C2 MAN S . -5.27 28.21 -34.71
C3 MAN S . -5.16 27.03 -33.80
C4 MAN S . -4.14 26.09 -34.37
C5 MAN S . -2.79 26.84 -34.46
C6 MAN S . -1.70 25.93 -35.11
O2 MAN S . -5.44 27.84 -36.00
O3 MAN S . -6.43 26.35 -33.65
O4 MAN S . -4.02 24.98 -33.53
O5 MAN S . -2.94 27.99 -35.30
O6 MAN S . -1.85 24.50 -34.81
C1 MAN S . -6.82 27.54 -36.38
C2 MAN S . -6.85 27.15 -37.85
C3 MAN S . -6.60 28.32 -38.73
C4 MAN S . -7.66 29.36 -38.46
C5 MAN S . -7.56 29.76 -36.97
C6 MAN S . -8.65 30.82 -36.63
O2 MAN S . -8.07 26.65 -38.12
O3 MAN S . -6.64 27.88 -40.10
O4 MAN S . -7.47 30.45 -39.27
O5 MAN S . -7.79 28.61 -36.16
O6 MAN S . -9.07 31.62 -37.79
C1 MAN S . -8.08 25.17 -38.27
C2 MAN S . -9.13 24.79 -39.29
C3 MAN S . -10.50 25.14 -38.85
C4 MAN S . -10.77 24.37 -37.59
C5 MAN S . -9.68 24.77 -36.56
C6 MAN S . -9.88 23.97 -35.24
O2 MAN S . -9.07 23.46 -39.43
O3 MAN S . -11.41 24.79 -39.91
O4 MAN S . -12.03 24.71 -37.10
O5 MAN S . -8.37 24.47 -37.03
O6 MAN S . -11.28 23.96 -34.76
C1 MAN S . -0.02 35.54 -35.07
C2 MAN S . 1.11 36.55 -34.89
C3 MAN S . 0.82 37.50 -33.79
C4 MAN S . -0.46 38.23 -34.16
C5 MAN S . -1.61 37.21 -34.38
C6 MAN S . -2.90 37.92 -34.91
O2 MAN S . 1.22 37.23 -36.03
O3 MAN S . 1.91 38.46 -33.71
O4 MAN S . -0.79 39.00 -33.05
O5 MAN S . -1.23 36.28 -35.41
O6 MAN S . -2.91 38.17 -36.37
C1 MAN S . 2.66 38.37 -32.44
C2 MAN S . 3.62 39.54 -32.35
C3 MAN S . 4.66 39.48 -33.40
C4 MAN S . 5.44 38.20 -33.22
C5 MAN S . 4.45 37.03 -33.32
C6 MAN S . 5.17 35.65 -33.10
O2 MAN S . 4.22 39.47 -31.16
O3 MAN S . 5.54 40.62 -33.25
O4 MAN S . 6.34 38.08 -34.26
O5 MAN S . 3.43 37.15 -32.31
O6 MAN S . 6.51 35.59 -33.71
C1 MAN S . -3.93 39.14 -36.74
C2 MAN S . -4.16 39.04 -38.25
C3 MAN S . -2.95 39.41 -39.02
C4 MAN S . -2.60 40.84 -38.64
C5 MAN S . -2.35 40.91 -37.11
C6 MAN S . -2.05 42.40 -36.69
O2 MAN S . -5.15 39.90 -38.56
O3 MAN S . -3.24 39.30 -40.43
O4 MAN S . -1.45 41.21 -39.31
O5 MAN S . -3.55 40.51 -36.43
O6 MAN S . -1.07 43.07 -37.55
C1 NAG T . 12.70 -2.00 -22.77
C2 NAG T . 12.30 -3.37 -23.32
C3 NAG T . 13.30 -3.78 -24.39
C4 NAG T . 13.34 -2.72 -25.48
C5 NAG T . 13.70 -1.38 -24.86
C6 NAG T . 13.67 -0.24 -25.84
C7 NAG T . 12.45 -4.54 -21.13
C8 NAG T . 12.46 -5.91 -20.52
N2 NAG T . 12.13 -4.49 -22.42
O3 NAG T . 12.93 -5.03 -24.93
O4 NAG T . 14.38 -3.07 -26.39
O5 NAG T . 12.75 -1.05 -23.83
O6 NAG T . 14.60 -0.45 -26.89
O7 NAG T . 12.70 -3.54 -20.48
C1 NAG T . 13.81 -3.48 -27.64
C2 NAG T . 14.99 -3.64 -28.61
C3 NAG T . 14.47 -4.13 -29.96
C4 NAG T . 13.71 -5.43 -29.76
C5 NAG T . 12.59 -5.21 -28.77
C6 NAG T . 11.84 -6.47 -28.44
C7 NAG T . 16.97 -2.29 -28.24
C8 NAG T . 17.65 -0.98 -28.48
N2 NAG T . 15.75 -2.42 -28.74
O3 NAG T . 15.57 -4.31 -30.85
O4 NAG T . 13.17 -5.85 -31.01
O5 NAG T . 13.13 -4.72 -27.53
O6 NAG T . 12.71 -7.46 -27.92
O7 NAG T . 17.50 -3.19 -27.60
C1 NAG U . -18.54 40.24 2.35
C2 NAG U . -18.01 40.47 3.73
C3 NAG U . -19.13 40.70 4.66
C4 NAG U . -19.91 41.97 4.21
C5 NAG U . -20.44 41.70 2.78
C6 NAG U . -21.22 42.87 2.26
C7 NAG U . -16.24 39.41 4.93
C8 NAG U . -15.52 38.15 5.25
N2 NAG U . -17.28 39.31 4.15
O3 NAG U . -18.66 40.79 6.02
O4 NAG U . -20.97 42.19 5.09
O5 NAG U . -19.34 41.48 1.89
O6 NAG U . -22.10 43.37 3.26
O7 NAG U . -15.88 40.50 5.37
C1 NAG V . -26.85 17.01 30.96
C2 NAG V . -26.03 18.25 31.08
C3 NAG V . -25.54 18.39 32.46
C4 NAG V . -26.77 18.51 33.41
C5 NAG V . -27.61 17.21 33.26
C6 NAG V . -28.81 17.23 34.16
C7 NAG V . -24.40 19.20 29.62
C8 NAG V . -23.28 18.98 28.67
N2 NAG V . -24.90 18.15 30.19
O3 NAG V . -24.63 19.49 32.59
O4 NAG V . -26.31 18.64 34.73
O5 NAG V . -28.07 17.09 31.90
O6 NAG V . -28.46 17.70 35.46
O7 NAG V . -24.84 20.33 29.84
C1 NAG W . 9.70 15.57 40.40
C2 NAG W . 8.92 16.83 40.17
C3 NAG W . 9.82 17.99 40.30
C4 NAG W . 10.40 18.02 41.75
C5 NAG W . 11.18 16.69 41.96
C6 NAG W . 11.79 16.64 43.33
C7 NAG W . 7.24 17.36 38.56
C8 NAG W . 6.74 17.22 37.17
N2 NAG W . 8.38 16.80 38.84
O3 NAG W . 9.15 19.21 39.95
O4 NAG W . 11.24 19.11 41.88
O5 NAG W . 10.29 15.58 41.82
O6 NAG W . 12.39 17.88 43.67
O7 NAG W . 6.60 17.97 39.43
C1 NAG X . 18.00 38.81 11.79
C2 NAG X . 16.94 39.05 12.82
C3 NAG X . 16.24 40.30 12.50
C4 NAG X . 17.25 41.48 12.54
C5 NAG X . 18.34 41.18 11.48
C6 NAG X . 19.37 42.28 11.44
C7 NAG X . 15.39 37.57 13.88
C8 NAG X . 14.50 36.39 13.75
N2 NAG X . 16.00 37.96 12.80
O3 NAG X . 15.11 40.51 13.38
O4 NAG X . 16.59 42.67 12.24
O5 NAG X . 19.02 39.96 11.81
O6 NAG X . 18.75 43.56 11.48
O7 NAG X . 15.57 38.15 14.95
#